data_3VDC
#
_entry.id   3VDC
#
_cell.length_a   151.182
_cell.length_b   161.055
_cell.length_c   201.474
_cell.angle_alpha   90.00
_cell.angle_beta   90.00
_cell.angle_gamma   90.00
#
_symmetry.space_group_name_H-M   'P 21 21 21'
#
loop_
_entity.id
_entity.type
_entity.pdbx_description
1 polymer Beta-galactosidase
2 non-polymer '1-methylethyl 1-thio-beta-D-galactopyranoside'
3 non-polymer 'MAGNESIUM ION'
4 non-polymer 'SODIUM ION'
5 non-polymer 'DIMETHYL SULFOXIDE'
6 water water
#
_entity_poly.entity_id   1
_entity_poly.type   'polypeptide(L)'
_entity_poly.pdbx_seq_one_letter_code
;MGGSHHHHHHGMASMTGGQQMGRDLYDDDDKDPMIDPVVLQRRDWENPGVTQLNRLAAHPPFASWRNSEEARTDRPSQQL
RSLNGEWRFAWFPAPEAVPESWLECDLPEADTVVVPSNWQMHGYDAPIYTNVTYPITVNPPFVPTENPTGCYSLTFNVDE
SWLQEGQTRIIFDGVNSAFHLWCNGRWVGYGQDSRLPSEFDLSAFLRAGENRLAVMVLRWSDGSYLEDQDMWRMSGIFRD
VSLLHKPTTQISDFHVATRFNDDFSRAVLEAEVQMCGELRDYLRVTVSLWQGETQVASGTAPFGGEIIDERGGYADRVTL
RLNVENPKLWSAEIPNLYRAVVELHTADGTLIEAEACDVGFREVRIENGLLLLNGKPLLIRGVNRHEHHPLHGQVMDEQT
MVQDILLMKQNNFNAVRCSHYPNHPLWYTLCDRYGLYVVDEANIETHGMVPMNRLTDDPRWLPAMSERVTRMVQRDRNHP
SVIIWSLGTESGHGANHDALYRWIKSVDPSRPVQYEGGGADTTATDIICPMYARVDEDQPFPAVPKWSIKKWLSLPGETR
PLILCEYAHAMGNSLGGFAKYWQAFRQYPRLQGGFVWDWVDQSLIKYDENGNPWSAYGGDFGDTPNDRQFCMNGLVFADR
TPHPALTEAKHQQQFFQFRLSGQTIEVTSEYLFRHSDNELLHWMVALDGKPLASGEVPLDVAPQGKQLIELPELPQPESA
GQLWLTVRVVQPNATAWSEAGHISAWQQWRLAENLSVTLPAASHAIPHLTTSEMDFCIELGNKRWQFNRQSGFLSQMWIG
DKKQLLTPLRDQFTRAPLDNDIGVSEATRIDPNAWVERWKAAGHYQAEAALLQCTADTLADAVLITTAHAWQHQGKTLFI
SRKTYRIDGSGQMAITVDVEVASDTPHPARIGLNCQLAQVAERVNWLGLGPQENYPDRLTAACFDRWDLPLSDMYTPYVF
PSENGLRCGTRELNYGPHQWRGDFQFNISRYSQQQLMETSHRHLLHAEEGTWLNIDGFHMGIGGDDSWSPSVSAEFQLSA
GRYHYQLVWCQK
;
_entity_poly.pdbx_strand_id   A,B,C,D
#
loop_
_chem_comp.id
_chem_comp.type
_chem_comp.name
_chem_comp.formula
DMS non-polymer 'DIMETHYL SULFOXIDE' 'C2 H6 O S'
IPT D-saccharide '1-methylethyl 1-thio-beta-D-galactopyranoside' 'C9 H18 O5 S'
MG non-polymer 'MAGNESIUM ION' 'Mg 2'
NA non-polymer 'SODIUM ION' 'Na 1'
#
# COMPACT_ATOMS: atom_id res chain seq x y z
N VAL A 38 20.82 -34.14 43.33
CA VAL A 38 19.64 -33.44 42.72
C VAL A 38 19.76 -33.33 41.20
N VAL A 39 21.00 -33.39 40.71
CA VAL A 39 21.31 -33.21 39.29
C VAL A 39 20.84 -34.42 38.47
N LEU A 40 21.17 -35.63 38.93
CA LEU A 40 20.65 -36.86 38.33
C LEU A 40 19.14 -36.97 38.48
N GLN A 41 18.62 -36.41 39.58
CA GLN A 41 17.20 -36.44 39.88
C GLN A 41 16.35 -35.64 38.89
N ARG A 42 16.82 -34.43 38.54
CA ARG A 42 16.05 -33.52 37.68
C ARG A 42 15.97 -33.87 36.20
N ARG A 43 17.05 -34.41 35.64
CA ARG A 43 17.10 -34.73 34.20
C ARG A 43 16.73 -33.52 33.34
N ASP A 44 17.46 -32.43 33.53
CA ASP A 44 17.27 -31.20 32.77
C ASP A 44 17.51 -31.39 31.27
N TRP A 45 18.28 -32.43 30.93
CA TRP A 45 18.58 -32.78 29.56
C TRP A 45 17.41 -33.54 28.89
N GLU A 46 16.30 -33.66 29.60
CA GLU A 46 15.06 -34.19 29.01
C GLU A 46 13.89 -33.23 29.25
N ASN A 47 14.20 -31.94 29.29
CA ASN A 47 13.23 -30.90 29.60
C ASN A 47 13.49 -29.65 28.73
N PRO A 48 12.68 -29.47 27.65
CA PRO A 48 12.89 -28.34 26.75
C PRO A 48 12.53 -27.02 27.42
N GLY A 49 11.87 -27.11 28.57
CA GLY A 49 11.64 -25.96 29.44
C GLY A 49 12.86 -25.48 30.18
N VAL A 50 13.82 -26.38 30.43
CA VAL A 50 15.13 -26.04 31.01
C VAL A 50 16.23 -26.10 29.94
N THR A 51 16.72 -24.92 29.56
CA THR A 51 17.79 -24.81 28.54
C THR A 51 19.08 -24.23 29.13
N GLN A 52 19.00 -23.74 30.37
CA GLN A 52 20.16 -23.26 31.09
C GLN A 52 19.82 -23.14 32.56
N LEU A 53 20.84 -23.21 33.40
CA LEU A 53 20.70 -22.83 34.80
C LEU A 53 21.87 -21.93 35.20
N ASN A 54 21.52 -20.78 35.79
CA ASN A 54 22.49 -19.78 36.26
C ASN A 54 23.42 -19.20 35.18
N ARG A 55 22.98 -19.24 33.91
CA ARG A 55 23.76 -18.74 32.78
C ARG A 55 23.61 -17.24 32.61
N LEU A 56 24.74 -16.57 32.37
CA LEU A 56 24.73 -15.12 32.18
C LEU A 56 24.12 -14.75 30.83
N ALA A 57 23.66 -13.50 30.73
CA ALA A 57 23.13 -12.97 29.48
C ALA A 57 24.16 -13.07 28.35
N ALA A 58 23.67 -13.21 27.12
CA ALA A 58 24.53 -13.14 25.94
C ALA A 58 24.88 -11.68 25.68
N HIS A 59 25.91 -11.47 24.87
CA HIS A 59 26.48 -10.14 24.62
C HIS A 59 27.52 -10.22 23.49
N PRO A 60 27.94 -9.07 22.95
CA PRO A 60 28.97 -9.14 21.91
C PRO A 60 30.32 -9.49 22.52
N PRO A 61 31.30 -9.94 21.69
CA PRO A 61 32.64 -10.28 22.19
C PRO A 61 33.26 -9.24 23.13
N PHE A 62 33.59 -9.68 24.33
CA PHE A 62 34.20 -8.86 25.38
C PHE A 62 35.64 -9.28 25.60
N ALA A 63 36.49 -8.30 25.95
CA ALA A 63 37.87 -8.57 26.34
C ALA A 63 38.25 -7.87 27.65
N SER A 64 37.37 -6.98 28.11
CA SER A 64 37.60 -6.14 29.28
C SER A 64 39.00 -5.54 29.36
N TRP A 65 39.38 -4.81 28.32
CA TRP A 65 40.65 -4.09 28.32
C TRP A 65 40.63 -3.04 29.43
N ARG A 66 41.79 -2.78 30.03
CA ARG A 66 41.90 -1.75 31.06
C ARG A 66 42.82 -0.66 30.57
N ASN A 67 43.16 -0.76 29.30
CA ASN A 67 43.88 0.29 28.62
C ASN A 67 43.23 0.51 27.25
N SER A 68 42.79 1.74 27.02
CA SER A 68 42.04 2.11 25.82
C SER A 68 42.79 1.94 24.51
N GLU A 69 44.11 2.06 24.57
CA GLU A 69 44.96 1.89 23.40
C GLU A 69 45.02 0.43 22.95
N GLU A 70 45.07 -0.49 23.92
CA GLU A 70 45.12 -1.91 23.60
C GLU A 70 43.80 -2.31 22.94
N ALA A 71 42.71 -1.70 23.42
CA ALA A 71 41.38 -1.89 22.86
C ALA A 71 41.34 -1.44 21.39
N ARG A 72 41.85 -0.22 21.14
CA ARG A 72 41.93 0.31 19.78
C ARG A 72 42.66 -0.65 18.84
N THR A 73 43.82 -1.13 19.26
CA THR A 73 44.64 -1.94 18.40
C THR A 73 44.25 -3.40 18.44
N ASP A 74 43.33 -3.75 19.32
CA ASP A 74 42.83 -5.14 19.43
C ASP A 74 43.96 -6.10 19.80
N ARG A 75 44.89 -5.64 20.63
CA ARG A 75 45.95 -6.53 21.12
C ARG A 75 45.38 -7.48 22.17
N PRO A 76 46.13 -8.54 22.52
CA PRO A 76 45.65 -9.43 23.58
C PRO A 76 45.34 -8.69 24.88
N SER A 77 44.38 -9.18 25.63
CA SER A 77 44.01 -8.53 26.88
C SER A 77 44.35 -9.44 28.06
N GLN A 78 45.00 -8.87 29.07
CA GLN A 78 45.37 -9.60 30.30
C GLN A 78 44.16 -10.09 31.08
N GLN A 79 42.99 -9.53 30.76
CA GLN A 79 41.75 -9.89 31.47
C GLN A 79 40.99 -11.04 30.82
N LEU A 80 41.48 -11.53 29.67
CA LEU A 80 40.90 -12.69 28.97
C LEU A 80 41.94 -13.81 28.78
N ARG A 81 41.83 -14.86 29.60
CA ARG A 81 42.77 -15.98 29.62
C ARG A 81 42.18 -17.17 28.88
N SER A 82 43.00 -17.87 28.12
CA SER A 82 42.55 -19.12 27.50
C SER A 82 42.70 -20.26 28.50
N LEU A 83 41.73 -21.18 28.51
CA LEU A 83 41.86 -22.43 29.26
C LEU A 83 42.02 -23.62 28.32
N ASN A 84 42.42 -23.33 27.08
CA ASN A 84 42.67 -24.36 26.06
C ASN A 84 43.95 -25.12 26.38
N GLY A 85 43.97 -26.41 26.05
CA GLY A 85 45.15 -27.23 26.27
C GLY A 85 44.83 -28.58 26.89
N GLU A 86 45.74 -29.07 27.73
CA GLU A 86 45.59 -30.42 28.29
C GLU A 86 44.59 -30.48 29.43
N TRP A 87 43.50 -31.21 29.17
CA TRP A 87 42.44 -31.45 30.16
C TRP A 87 42.38 -32.94 30.49
N ARG A 88 41.69 -33.29 31.57
CA ARG A 88 41.47 -34.69 31.92
C ARG A 88 40.07 -35.14 31.50
N PHE A 89 40.00 -36.30 30.84
CA PHE A 89 38.75 -36.79 30.26
C PHE A 89 38.48 -38.25 30.59
N ALA A 90 37.24 -38.54 30.97
CA ALA A 90 36.77 -39.92 31.10
C ALA A 90 35.45 -40.09 30.35
N TRP A 91 35.26 -41.28 29.78
CA TRP A 91 34.02 -41.61 29.08
C TRP A 91 33.17 -42.54 29.93
N PHE A 92 31.84 -42.33 29.86
CA PHE A 92 30.87 -43.18 30.55
C PHE A 92 29.66 -43.43 29.65
N PRO A 93 29.03 -44.63 29.78
CA PRO A 93 27.88 -44.96 28.93
C PRO A 93 26.59 -44.21 29.28
N ALA A 94 26.51 -43.60 30.46
CA ALA A 94 25.33 -42.83 30.91
C ALA A 94 25.74 -41.87 32.04
N PRO A 95 24.92 -40.83 32.32
CA PRO A 95 25.25 -39.94 33.44
C PRO A 95 25.09 -40.60 34.83
N GLU A 96 24.27 -41.64 34.91
CA GLU A 96 24.12 -42.42 36.14
C GLU A 96 25.39 -43.19 36.49
N ALA A 97 26.24 -43.46 35.49
CA ALA A 97 27.48 -44.23 35.67
C ALA A 97 28.68 -43.40 36.15
N VAL A 98 28.45 -42.11 36.36
CA VAL A 98 29.50 -41.20 36.83
C VAL A 98 29.61 -41.27 38.37
N PRO A 99 30.81 -41.59 38.87
CA PRO A 99 31.05 -41.68 40.32
C PRO A 99 31.12 -40.31 41.00
N GLU A 100 30.58 -40.22 42.21
CA GLU A 100 30.47 -38.95 42.92
C GLU A 100 31.83 -38.35 43.34
N SER A 101 32.88 -39.19 43.33
CA SER A 101 34.21 -38.75 43.71
C SER A 101 34.81 -37.80 42.68
N TRP A 102 34.41 -37.97 41.42
CA TRP A 102 34.91 -37.19 40.28
C TRP A 102 34.75 -35.66 40.46
N LEU A 103 33.79 -35.25 41.30
CA LEU A 103 33.62 -33.85 41.62
C LEU A 103 34.74 -33.33 42.52
N GLU A 104 35.25 -34.22 43.39
CA GLU A 104 36.28 -33.85 44.36
C GLU A 104 37.69 -34.18 43.90
N CYS A 105 37.85 -35.35 43.27
CA CYS A 105 39.18 -35.81 42.84
C CYS A 105 39.21 -36.16 41.36
N ASP A 106 40.37 -35.95 40.75
CA ASP A 106 40.64 -36.44 39.41
C ASP A 106 40.48 -37.97 39.41
N LEU A 107 39.95 -38.53 38.33
CA LEU A 107 39.83 -39.98 38.18
C LEU A 107 41.11 -40.58 37.58
N PRO A 108 41.71 -41.57 38.26
CA PRO A 108 42.96 -42.17 37.77
C PRO A 108 42.81 -42.90 36.42
N GLU A 109 41.66 -43.53 36.18
CA GLU A 109 41.42 -44.25 34.91
C GLU A 109 41.23 -43.31 33.71
N ALA A 110 40.93 -42.04 33.99
CA ALA A 110 40.80 -41.00 32.96
C ALA A 110 42.11 -40.71 32.23
N ASP A 111 42.01 -40.14 31.04
CA ASP A 111 43.18 -39.81 30.24
C ASP A 111 43.43 -38.30 30.21
N THR A 112 44.48 -37.90 29.51
CA THR A 112 44.75 -36.49 29.29
C THR A 112 44.55 -36.21 27.81
N VAL A 113 43.56 -35.36 27.50
CA VAL A 113 43.28 -34.99 26.12
C VAL A 113 43.35 -33.48 25.88
N VAL A 114 43.56 -33.11 24.62
CA VAL A 114 43.54 -31.71 24.22
C VAL A 114 42.10 -31.20 24.22
N VAL A 115 41.91 -29.97 24.70
CA VAL A 115 40.64 -29.25 24.57
C VAL A 115 40.93 -27.89 23.91
N PRO A 116 40.12 -27.48 22.92
CA PRO A 116 38.88 -28.09 22.38
C PRO A 116 39.06 -29.36 21.55
N SER A 117 38.02 -30.19 21.55
CA SER A 117 37.99 -31.43 20.77
C SER A 117 36.60 -32.10 20.79
N ASN A 118 36.33 -32.93 19.79
CA ASN A 118 35.18 -33.84 19.83
C ASN A 118 35.68 -35.20 20.29
N TRP A 119 34.97 -35.85 21.21
CA TRP A 119 35.51 -37.08 21.79
C TRP A 119 35.48 -38.29 20.85
N GLN A 120 34.62 -38.24 19.84
CA GLN A 120 34.62 -39.21 18.74
C GLN A 120 35.95 -39.18 17.98
N MET A 121 36.62 -38.03 18.02
CA MET A 121 37.88 -37.85 17.29
C MET A 121 39.09 -38.42 18.03
N HIS A 122 38.86 -38.86 19.27
CA HIS A 122 39.90 -39.50 20.07
C HIS A 122 39.63 -41.01 20.21
N GLY A 123 38.58 -41.49 19.54
CA GLY A 123 38.23 -42.91 19.54
C GLY A 123 37.42 -43.43 20.72
N TYR A 124 36.87 -42.53 21.53
CA TYR A 124 36.08 -42.94 22.71
C TYR A 124 34.74 -43.58 22.36
N ASP A 125 34.07 -43.03 21.35
CA ASP A 125 32.97 -43.71 20.66
C ASP A 125 32.95 -43.32 19.17
N ALA A 126 31.94 -43.79 18.45
CA ALA A 126 31.85 -43.54 17.01
C ALA A 126 31.01 -42.29 16.70
N PRO A 127 31.46 -41.49 15.71
CA PRO A 127 30.60 -40.46 15.16
C PRO A 127 29.52 -41.12 14.30
N ILE A 128 28.34 -40.52 14.22
CA ILE A 128 27.25 -41.06 13.41
C ILE A 128 26.93 -40.09 12.26
N TYR A 129 26.98 -40.58 11.02
CA TYR A 129 26.46 -39.74 9.94
C TYR A 129 25.06 -40.13 9.50
N THR A 130 24.11 -39.26 9.83
CA THR A 130 22.75 -39.40 9.32
C THR A 130 22.25 -38.04 8.83
N ASN A 131 21.57 -38.06 7.69
CA ASN A 131 21.08 -36.83 7.06
C ASN A 131 19.78 -36.33 7.70
N VAL A 132 18.66 -36.87 7.24
CA VAL A 132 17.32 -36.47 7.67
C VAL A 132 16.94 -37.14 8.99
N THR A 133 16.90 -38.47 8.99
CA THR A 133 16.48 -39.27 10.14
C THR A 133 17.35 -38.94 11.36
N TYR A 134 16.69 -38.68 12.50
CA TYR A 134 17.37 -38.36 13.74
C TYR A 134 18.29 -39.51 14.16
N PRO A 135 19.44 -39.18 14.76
CA PRO A 135 20.40 -40.20 15.25
C PRO A 135 19.88 -40.98 16.48
N ILE A 136 18.76 -40.52 17.05
CA ILE A 136 18.08 -41.15 18.20
C ILE A 136 16.60 -41.39 17.87
N THR A 137 15.93 -42.22 18.65
CA THR A 137 14.49 -42.47 18.48
C THR A 137 13.67 -41.20 18.76
N VAL A 138 12.79 -40.84 17.83
CA VAL A 138 11.97 -39.62 17.90
C VAL A 138 10.86 -39.77 18.96
N ASN A 139 11.22 -39.46 20.21
CA ASN A 139 10.30 -39.54 21.34
C ASN A 139 10.44 -38.27 22.19
N PRO A 140 10.13 -37.09 21.60
CA PRO A 140 10.37 -35.86 22.35
C PRO A 140 9.58 -35.83 23.67
N PRO A 141 10.18 -35.30 24.74
CA PRO A 141 11.53 -34.70 24.81
C PRO A 141 12.63 -35.67 25.28
N PHE A 142 12.38 -36.97 25.17
CA PHE A 142 13.23 -37.97 25.80
C PHE A 142 14.39 -38.41 24.94
N VAL A 143 15.48 -38.78 25.62
CA VAL A 143 16.66 -39.29 24.95
C VAL A 143 16.94 -40.72 25.46
N PRO A 144 17.84 -41.47 24.77
CA PRO A 144 18.12 -42.83 25.25
C PRO A 144 18.75 -42.82 26.63
N THR A 145 18.46 -43.85 27.41
CA THR A 145 19.05 -44.02 28.75
C THR A 145 20.56 -44.25 28.64
N GLU A 146 20.97 -44.87 27.54
CA GLU A 146 22.36 -44.99 27.15
C GLU A 146 22.82 -43.70 26.48
N ASN A 147 23.26 -42.75 27.30
CA ASN A 147 23.60 -41.41 26.84
C ASN A 147 25.08 -41.14 27.11
N PRO A 148 25.94 -41.36 26.09
CA PRO A 148 27.38 -41.19 26.26
C PRO A 148 27.70 -39.88 27.00
N THR A 149 28.53 -39.98 28.03
CA THR A 149 28.78 -38.86 28.90
C THR A 149 30.27 -38.57 29.04
N GLY A 150 30.68 -37.40 28.57
CA GLY A 150 32.07 -36.99 28.68
C GLY A 150 32.29 -36.20 29.95
N CYS A 151 33.14 -36.73 30.82
CA CYS A 151 33.49 -36.02 32.03
C CYS A 151 34.83 -35.35 31.79
N TYR A 152 34.82 -34.02 31.78
CA TYR A 152 36.04 -33.24 31.58
C TYR A 152 36.43 -32.57 32.90
N SER A 153 37.73 -32.45 33.14
CA SER A 153 38.22 -31.72 34.31
C SER A 153 39.52 -30.96 34.01
N LEU A 154 39.80 -29.96 34.85
CA LEU A 154 40.97 -29.12 34.68
C LEU A 154 41.36 -28.53 36.02
N THR A 155 42.61 -28.78 36.41
CA THR A 155 43.20 -28.11 37.56
C THR A 155 44.00 -26.95 37.01
N PHE A 156 43.68 -25.75 37.47
CA PHE A 156 44.24 -24.54 36.90
C PHE A 156 44.43 -23.49 37.98
N ASN A 157 45.19 -22.46 37.64
CA ASN A 157 45.52 -21.45 38.60
C ASN A 157 44.70 -20.18 38.40
N VAL A 158 44.38 -19.50 39.49
CA VAL A 158 43.76 -18.17 39.44
C VAL A 158 44.59 -17.23 40.32
N ASP A 159 45.02 -16.11 39.74
CA ASP A 159 45.77 -15.10 40.47
C ASP A 159 44.93 -14.43 41.56
N GLU A 160 45.60 -13.95 42.60
CA GLU A 160 44.96 -13.21 43.69
C GLU A 160 44.15 -12.01 43.18
N SER A 161 44.78 -11.20 42.32
CA SER A 161 44.21 -9.94 41.82
C SER A 161 42.78 -10.08 41.29
N TRP A 162 42.49 -11.22 40.67
CA TRP A 162 41.18 -11.51 40.12
C TRP A 162 40.07 -11.71 41.14
N LEU A 163 40.44 -12.01 42.38
CA LEU A 163 39.46 -12.40 43.40
C LEU A 163 39.24 -11.37 44.48
N GLN A 164 40.07 -10.33 44.52
CA GLN A 164 39.90 -9.22 45.45
C GLN A 164 38.91 -8.17 44.91
N GLU A 165 38.91 -8.01 43.59
CA GLU A 165 38.05 -7.04 42.92
C GLU A 165 37.30 -7.68 41.74
N GLY A 166 36.08 -7.23 41.52
CA GLY A 166 35.33 -7.56 40.30
C GLY A 166 34.86 -8.99 40.10
N GLN A 167 34.66 -9.33 38.83
CA GLN A 167 33.88 -10.51 38.46
C GLN A 167 34.67 -11.44 37.55
N THR A 168 34.81 -12.69 37.98
CA THR A 168 35.50 -13.70 37.18
C THR A 168 34.48 -14.68 36.59
N ARG A 169 34.40 -14.72 35.26
CA ARG A 169 33.47 -15.64 34.58
C ARG A 169 34.23 -16.61 33.69
N ILE A 170 33.62 -17.79 33.50
CA ILE A 170 34.13 -18.74 32.54
C ILE A 170 33.20 -18.77 31.33
N ILE A 171 33.80 -18.95 30.15
CA ILE A 171 33.08 -18.94 28.89
C ILE A 171 33.38 -20.21 28.12
N PHE A 172 32.33 -21.00 27.86
CA PHE A 172 32.41 -22.16 26.99
C PHE A 172 31.78 -21.79 25.66
N ASP A 173 32.60 -21.62 24.63
CA ASP A 173 32.15 -21.17 23.31
C ASP A 173 31.37 -22.22 22.54
N GLY A 174 31.54 -23.49 22.90
CA GLY A 174 30.90 -24.62 22.21
C GLY A 174 30.94 -25.90 23.02
N VAL A 175 29.76 -26.37 23.43
CA VAL A 175 29.63 -27.65 24.15
C VAL A 175 28.45 -28.43 23.60
N ASN A 176 28.74 -29.64 23.14
CA ASN A 176 27.79 -30.45 22.40
C ASN A 176 27.40 -31.70 23.21
N SER A 177 26.14 -31.86 23.60
CA SER A 177 25.03 -30.96 23.28
C SER A 177 24.48 -30.24 24.52
N ALA A 178 24.80 -30.75 25.70
CA ALA A 178 24.41 -30.13 26.97
C ALA A 178 25.45 -30.46 28.03
N PHE A 179 25.44 -29.73 29.15
CA PHE A 179 26.45 -29.94 30.20
C PHE A 179 26.11 -29.30 31.54
N HIS A 180 26.56 -29.95 32.62
CA HIS A 180 26.52 -29.35 33.95
C HIS A 180 27.95 -28.95 34.30
N LEU A 181 28.08 -27.85 35.04
CA LEU A 181 29.40 -27.35 35.44
C LEU A 181 29.60 -27.33 36.97
N TRP A 182 30.73 -27.88 37.43
CA TRP A 182 31.12 -27.79 38.83
C TRP A 182 32.48 -27.11 38.96
N CYS A 183 32.64 -26.35 40.04
CA CYS A 183 33.89 -25.66 40.36
C CYS A 183 34.23 -25.95 41.82
N ASN A 184 35.38 -26.60 42.03
CA ASN A 184 35.88 -26.97 43.36
C ASN A 184 34.86 -27.81 44.14
N GLY A 185 34.18 -28.72 43.44
CA GLY A 185 33.17 -29.59 44.05
C GLY A 185 31.73 -29.08 44.09
N ARG A 186 31.54 -27.76 44.11
CA ARG A 186 30.21 -27.15 44.14
C ARG A 186 29.63 -26.91 42.72
N TRP A 187 28.32 -27.16 42.58
CA TRP A 187 27.60 -26.97 41.31
C TRP A 187 27.34 -25.52 40.94
N VAL A 188 27.74 -25.16 39.73
CA VAL A 188 27.62 -23.79 39.22
C VAL A 188 26.37 -23.61 38.37
N GLY A 189 26.21 -24.48 37.37
CA GLY A 189 25.11 -24.37 36.42
C GLY A 189 25.05 -25.38 35.28
N TYR A 190 24.09 -25.16 34.40
CA TYR A 190 23.77 -26.05 33.29
C TYR A 190 23.59 -25.24 31.99
N GLY A 191 23.84 -25.85 30.84
CA GLY A 191 23.68 -25.15 29.55
C GLY A 191 23.41 -26.04 28.35
N GLN A 192 22.61 -25.52 27.41
CA GLN A 192 22.34 -26.19 26.13
C GLN A 192 22.64 -25.24 24.96
N ASP A 193 22.36 -25.71 23.74
CA ASP A 193 22.75 -25.04 22.49
C ASP A 193 24.24 -25.25 22.24
N SER A 194 24.54 -26.13 21.29
CA SER A 194 25.91 -26.54 21.04
C SER A 194 26.78 -25.46 20.44
N ARG A 195 26.15 -24.41 19.94
CA ARG A 195 26.84 -23.54 18.99
C ARG A 195 26.94 -22.09 19.43
N LEU A 196 26.56 -21.82 20.68
CA LEU A 196 26.69 -20.48 21.24
C LEU A 196 27.39 -20.53 22.61
N PRO A 197 28.05 -19.43 23.00
CA PRO A 197 28.75 -19.40 24.28
C PRO A 197 27.82 -19.52 25.47
N SER A 198 28.17 -20.40 26.41
CA SER A 198 27.56 -20.39 27.73
C SER A 198 28.56 -19.80 28.71
N GLU A 199 28.11 -18.80 29.44
CA GLU A 199 28.98 -18.10 30.38
C GLU A 199 28.42 -18.16 31.81
N PHE A 200 29.31 -18.45 32.77
CA PHE A 200 28.93 -18.57 34.18
C PHE A 200 29.85 -17.76 35.08
N ASP A 201 29.24 -17.12 36.08
CA ASP A 201 29.97 -16.32 37.05
C ASP A 201 30.61 -17.25 38.07
N LEU A 202 31.93 -17.28 38.09
CA LEU A 202 32.67 -18.15 39.01
C LEU A 202 33.27 -17.41 40.21
N SER A 203 33.06 -16.09 40.26
CA SER A 203 33.61 -15.23 41.33
C SER A 203 33.47 -15.80 42.75
N ALA A 204 32.31 -16.40 43.06
CA ALA A 204 32.05 -16.92 44.40
C ALA A 204 32.57 -18.35 44.63
N PHE A 205 33.15 -18.97 43.61
CA PHE A 205 33.51 -20.39 43.66
C PHE A 205 35.02 -20.61 43.73
N LEU A 206 35.78 -19.66 43.21
CA LEU A 206 37.23 -19.80 43.09
C LEU A 206 37.99 -19.50 44.37
N ARG A 207 39.25 -19.92 44.41
CA ARG A 207 40.18 -19.60 45.48
C ARG A 207 41.51 -19.23 44.85
N ALA A 208 42.37 -18.54 45.59
CA ALA A 208 43.72 -18.26 45.09
C ALA A 208 44.50 -19.57 45.02
N GLY A 209 45.28 -19.74 43.96
CA GLY A 209 46.04 -20.97 43.77
C GLY A 209 45.35 -21.96 42.85
N GLU A 210 45.34 -23.24 43.24
CA GLU A 210 44.75 -24.30 42.42
C GLU A 210 43.22 -24.30 42.50
N ASN A 211 42.57 -24.54 41.35
CA ASN A 211 41.13 -24.76 41.28
C ASN A 211 40.78 -25.88 40.32
N ARG A 212 39.64 -26.52 40.55
CA ARG A 212 39.22 -27.63 39.70
C ARG A 212 37.81 -27.45 39.12
N LEU A 213 37.73 -27.46 37.80
CA LEU A 213 36.45 -27.52 37.09
C LEU A 213 36.12 -28.97 36.79
N ALA A 214 34.85 -29.31 36.91
CA ALA A 214 34.34 -30.59 36.44
C ALA A 214 33.13 -30.32 35.55
N VAL A 215 33.21 -30.81 34.33
CA VAL A 215 32.17 -30.53 33.34
C VAL A 215 31.57 -31.85 32.88
N MET A 216 30.27 -32.05 33.14
CA MET A 216 29.61 -33.26 32.66
C MET A 216 28.86 -32.99 31.36
N VAL A 217 29.46 -33.42 30.24
CA VAL A 217 28.91 -33.17 28.91
C VAL A 217 28.07 -34.34 28.42
N LEU A 218 26.80 -34.06 28.10
CA LEU A 218 25.87 -35.07 27.57
C LEU A 218 25.79 -35.05 26.04
N ARG A 219 25.95 -36.23 25.43
CA ARG A 219 25.86 -36.36 23.98
C ARG A 219 24.45 -36.02 23.51
N TRP A 220 23.44 -36.61 24.16
CA TRP A 220 22.06 -36.40 23.80
C TRP A 220 21.32 -35.63 24.88
N SER A 221 20.55 -34.63 24.46
CA SER A 221 19.62 -33.92 25.34
C SER A 221 18.41 -33.49 24.52
N ASP A 222 17.49 -32.73 25.11
CA ASP A 222 16.33 -32.21 24.38
C ASP A 222 16.75 -31.19 23.32
N GLY A 223 17.91 -30.59 23.50
CA GLY A 223 18.52 -29.75 22.47
C GLY A 223 18.78 -30.46 21.15
N SER A 224 19.08 -31.76 21.20
CA SER A 224 19.33 -32.58 20.01
C SER A 224 18.17 -32.53 19.02
N TYR A 225 16.94 -32.41 19.54
CA TYR A 225 15.75 -32.29 18.69
C TYR A 225 15.79 -31.07 17.79
N LEU A 226 16.53 -30.06 18.21
CA LEU A 226 16.70 -28.82 17.46
C LEU A 226 18.04 -28.77 16.72
N GLU A 227 18.78 -29.88 16.75
CA GLU A 227 20.09 -29.93 16.14
C GLU A 227 20.20 -31.14 15.20
N ASP A 228 19.24 -31.25 14.29
CA ASP A 228 19.24 -32.33 13.32
C ASP A 228 19.88 -31.96 11.98
N GLN A 229 20.98 -31.21 12.03
CA GLN A 229 21.67 -30.82 10.81
C GLN A 229 22.24 -32.02 10.05
N ASP A 230 22.23 -31.91 8.73
CA ASP A 230 22.78 -32.94 7.88
C ASP A 230 24.30 -32.90 7.94
N MET A 231 24.84 -33.58 8.94
CA MET A 231 26.28 -33.56 9.25
C MET A 231 26.62 -34.70 10.23
N TRP A 232 27.90 -34.88 10.52
CA TRP A 232 28.33 -35.87 11.50
C TRP A 232 27.78 -35.46 12.85
N ARG A 233 27.23 -36.42 13.58
CA ARG A 233 26.73 -36.18 14.93
C ARG A 233 27.85 -36.51 15.92
N MET A 234 28.43 -35.48 16.52
CA MET A 234 29.58 -35.60 17.43
C MET A 234 29.23 -34.97 18.79
N SER A 235 30.20 -34.83 19.67
CA SER A 235 29.96 -34.17 20.98
C SER A 235 31.23 -33.77 21.74
N GLY A 236 31.04 -33.05 22.85
CA GLY A 236 32.13 -32.66 23.73
C GLY A 236 32.42 -31.18 23.69
N ILE A 237 33.41 -30.76 24.48
CA ILE A 237 33.86 -29.37 24.51
C ILE A 237 34.68 -29.11 23.26
N PHE A 238 34.01 -28.65 22.21
CA PHE A 238 34.59 -28.56 20.87
C PHE A 238 34.96 -27.14 20.42
N ARG A 239 34.67 -26.16 21.27
CA ARG A 239 35.20 -24.82 21.05
C ARG A 239 35.97 -24.32 22.27
N ASP A 240 36.62 -23.18 22.08
CA ASP A 240 37.42 -22.52 23.10
C ASP A 240 36.73 -22.39 24.45
N VAL A 241 37.52 -22.53 25.51
CA VAL A 241 37.11 -22.23 26.89
C VAL A 241 38.01 -21.11 27.38
N SER A 242 37.46 -20.14 28.09
CA SER A 242 38.24 -19.03 28.59
C SER A 242 37.71 -18.45 29.89
N LEU A 243 38.55 -17.66 30.56
CA LEU A 243 38.16 -16.90 31.75
C LEU A 243 38.28 -15.41 31.46
N LEU A 244 37.23 -14.66 31.80
CA LEU A 244 37.19 -13.24 31.60
C LEU A 244 36.97 -12.56 32.92
N HIS A 245 37.81 -11.57 33.20
CA HIS A 245 37.64 -10.74 34.38
C HIS A 245 37.01 -9.42 33.97
N LYS A 246 35.89 -9.08 34.61
CA LYS A 246 35.22 -7.80 34.40
C LYS A 246 35.14 -7.06 35.73
N PRO A 247 35.24 -5.72 35.69
CA PRO A 247 34.98 -4.91 36.90
C PRO A 247 33.58 -5.14 37.45
N THR A 248 33.33 -4.73 38.69
CA THR A 248 32.01 -4.78 39.29
C THR A 248 31.06 -3.82 38.55
N THR A 249 31.56 -2.64 38.25
CA THR A 249 30.86 -1.69 37.43
C THR A 249 31.40 -1.85 36.02
N GLN A 250 30.55 -2.30 35.11
CA GLN A 250 30.99 -2.87 33.85
C GLN A 250 30.07 -2.50 32.69
N ILE A 251 30.63 -2.51 31.48
CA ILE A 251 29.87 -2.53 30.25
C ILE A 251 29.31 -3.96 30.11
N SER A 252 27.99 -4.10 30.13
CA SER A 252 27.33 -5.41 30.04
C SER A 252 26.74 -5.70 28.66
N ASP A 253 26.65 -4.67 27.82
CA ASP A 253 26.15 -4.83 26.47
C ASP A 253 26.40 -3.55 25.69
N PHE A 254 26.54 -3.67 24.37
CA PHE A 254 26.59 -2.49 23.50
C PHE A 254 26.23 -2.82 22.04
N HIS A 255 25.52 -1.89 21.39
CA HIS A 255 25.04 -2.07 20.02
C HIS A 255 25.52 -0.93 19.14
N VAL A 256 26.11 -1.25 17.99
CA VAL A 256 26.52 -0.22 17.05
C VAL A 256 25.64 -0.23 15.79
N ALA A 257 25.08 0.93 15.44
CA ALA A 257 24.32 1.08 14.21
C ALA A 257 24.94 2.19 13.36
N THR A 258 24.77 2.09 12.04
CA THR A 258 25.24 3.13 11.12
C THR A 258 24.15 3.45 10.13
N ARG A 259 23.69 4.71 10.13
CA ARG A 259 22.60 5.18 9.26
C ARG A 259 23.10 6.25 8.30
N PHE A 260 22.51 6.34 7.11
CA PHE A 260 23.05 7.21 6.09
C PHE A 260 22.02 8.14 5.49
N ASN A 261 22.50 9.25 4.92
CA ASN A 261 21.69 10.06 4.00
C ASN A 261 21.58 9.31 2.66
N ASP A 262 20.75 9.83 1.76
CA ASP A 262 20.38 9.13 0.52
C ASP A 262 21.54 8.82 -0.44
N ASP A 263 22.57 9.65 -0.43
CA ASP A 263 23.73 9.46 -1.31
C ASP A 263 25.01 8.97 -0.59
N PHE A 264 24.89 8.66 0.70
CA PHE A 264 25.96 8.04 1.50
C PHE A 264 27.19 8.93 1.74
N SER A 265 26.99 10.24 1.65
CA SER A 265 28.04 11.22 1.94
C SER A 265 28.12 11.57 3.43
N ARG A 266 27.08 11.25 4.19
CA ARG A 266 27.06 11.46 5.65
C ARG A 266 26.46 10.27 6.36
N ALA A 267 27.14 9.83 7.42
CA ALA A 267 26.61 8.79 8.29
C ALA A 267 26.47 9.31 9.72
N VAL A 268 25.58 8.67 10.47
CA VAL A 268 25.54 8.79 11.92
C VAL A 268 25.84 7.40 12.48
N LEU A 269 26.96 7.26 13.19
CA LEU A 269 27.17 6.10 14.04
C LEU A 269 26.36 6.29 15.32
N GLU A 270 25.49 5.34 15.62
CA GLU A 270 24.73 5.36 16.86
C GLU A 270 25.06 4.15 17.73
N ALA A 271 25.69 4.41 18.88
CA ALA A 271 26.12 3.36 19.79
C ALA A 271 25.36 3.40 21.11
N GLU A 272 24.65 2.33 21.41
CA GLU A 272 23.91 2.18 22.67
C GLU A 272 24.66 1.25 23.63
N VAL A 273 24.93 1.75 24.84
CA VAL A 273 25.78 1.07 25.82
C VAL A 273 25.02 0.87 27.11
N GLN A 274 25.14 -0.32 27.69
CA GLN A 274 24.49 -0.63 28.93
C GLN A 274 25.51 -1.06 30.00
N MET A 275 25.33 -0.59 31.22
CA MET A 275 26.21 -1.00 32.31
C MET A 275 25.49 -1.86 33.35
N CYS A 276 26.27 -2.62 34.12
CA CYS A 276 25.80 -3.22 35.36
C CYS A 276 26.71 -2.72 36.45
N GLY A 277 26.19 -2.70 37.68
CA GLY A 277 26.92 -2.19 38.83
C GLY A 277 26.14 -1.06 39.43
N GLU A 278 26.80 -0.24 40.24
CA GLU A 278 26.11 0.81 40.94
C GLU A 278 26.01 2.08 40.09
N LEU A 279 24.82 2.63 40.00
CA LEU A 279 24.59 3.84 39.21
C LEU A 279 25.03 5.12 39.91
N ARG A 280 26.02 5.81 39.34
CA ARG A 280 26.53 7.04 39.93
C ARG A 280 26.62 8.19 38.93
N ASP A 281 26.37 9.40 39.42
CA ASP A 281 26.50 10.63 38.64
C ASP A 281 27.76 10.77 37.82
N TYR A 282 28.91 10.37 38.37
CA TYR A 282 30.21 10.66 37.74
C TYR A 282 30.50 9.73 36.56
N LEU A 283 29.60 8.80 36.26
CA LEU A 283 29.83 7.82 35.22
C LEU A 283 29.60 8.36 33.81
N ARG A 284 30.50 8.00 32.90
CA ARG A 284 30.46 8.45 31.52
C ARG A 284 30.83 7.30 30.60
N VAL A 285 30.38 7.40 29.35
CA VAL A 285 30.86 6.55 28.28
C VAL A 285 31.40 7.45 27.18
N THR A 286 32.51 7.03 26.59
CA THR A 286 33.03 7.66 25.42
C THR A 286 33.13 6.60 24.32
N VAL A 287 32.38 6.84 23.25
CA VAL A 287 32.53 6.04 22.06
C VAL A 287 33.30 6.88 21.08
N SER A 288 34.44 6.35 20.67
CA SER A 288 35.33 7.06 19.77
C SER A 288 35.63 6.18 18.57
N LEU A 289 35.76 6.81 17.42
CA LEU A 289 35.87 6.09 16.16
C LEU A 289 37.20 6.34 15.50
N TRP A 290 37.91 5.27 15.18
CA TRP A 290 39.28 5.36 14.65
C TRP A 290 39.45 4.76 13.25
N GLN A 291 40.13 5.51 12.39
CA GLN A 291 40.58 5.03 11.08
C GLN A 291 42.09 4.97 11.16
N GLY A 292 42.62 3.77 11.35
CA GLY A 292 44.04 3.59 11.62
C GLY A 292 44.37 4.26 12.94
N GLU A 293 45.32 5.18 12.92
CA GLU A 293 45.70 5.93 14.12
C GLU A 293 44.97 7.28 14.26
N THR A 294 44.03 7.56 13.37
CA THR A 294 43.30 8.84 13.40
C THR A 294 41.92 8.70 14.04
N GLN A 295 41.64 9.52 15.04
CA GLN A 295 40.31 9.57 15.62
C GLN A 295 39.44 10.48 14.74
N VAL A 296 38.42 9.91 14.12
CA VAL A 296 37.58 10.69 13.22
C VAL A 296 36.40 11.33 13.94
N ALA A 297 35.90 10.69 15.00
CA ALA A 297 34.77 11.20 15.75
C ALA A 297 34.77 10.71 17.19
N SER A 298 34.01 11.39 18.04
CA SER A 298 33.96 11.08 19.46
C SER A 298 32.70 11.66 20.08
N GLY A 299 32.17 10.95 21.08
CA GLY A 299 31.06 11.44 21.88
C GLY A 299 31.12 10.90 23.30
N THR A 300 30.67 11.70 24.25
CA THR A 300 30.76 11.38 25.68
C THR A 300 29.49 11.82 26.35
N ALA A 301 28.92 10.94 27.18
CA ALA A 301 27.69 11.29 27.88
C ALA A 301 27.59 10.60 29.24
N PRO A 302 26.82 11.20 30.16
CA PRO A 302 26.47 10.50 31.38
C PRO A 302 25.41 9.44 31.07
N PHE A 303 25.25 8.47 31.97
CA PHE A 303 24.19 7.48 31.83
C PHE A 303 22.82 8.09 32.03
N GLY A 304 21.78 7.35 31.64
CA GLY A 304 20.42 7.85 31.64
C GLY A 304 20.02 8.21 30.23
N GLY A 305 19.40 7.24 29.53
CA GLY A 305 18.83 7.49 28.22
C GLY A 305 17.55 8.33 28.28
N GLU A 306 17.00 8.64 27.12
CA GLU A 306 15.76 9.41 27.04
C GLU A 306 14.61 8.70 27.80
N ILE A 307 13.59 9.45 28.19
CA ILE A 307 12.38 8.85 28.74
C ILE A 307 11.77 7.90 27.69
N ILE A 308 11.40 6.70 28.15
CA ILE A 308 10.96 5.59 27.31
C ILE A 308 9.46 5.35 27.49
N ASP A 309 9.01 5.37 28.74
CA ASP A 309 7.59 5.22 29.08
C ASP A 309 7.21 5.97 30.37
N GLU A 310 6.02 5.68 30.91
CA GLU A 310 5.49 6.37 32.10
C GLU A 310 6.36 6.25 33.36
N ARG A 311 7.31 5.30 33.35
CA ARG A 311 8.15 5.06 34.50
C ARG A 311 9.58 5.58 34.28
N GLY A 312 9.82 6.16 33.10
CA GLY A 312 11.05 6.87 32.82
C GLY A 312 11.89 6.22 31.74
N GLY A 313 13.20 6.20 31.96
CA GLY A 313 14.11 5.60 31.01
C GLY A 313 15.07 4.65 31.70
N TYR A 314 16.04 4.20 30.91
CA TYR A 314 17.09 3.34 31.40
C TYR A 314 18.19 4.22 32.01
N ALA A 315 18.25 4.23 33.33
CA ALA A 315 19.29 4.98 34.03
C ALA A 315 20.66 4.29 33.84
N ASP A 316 20.61 3.00 33.48
CA ASP A 316 21.79 2.19 33.18
C ASP A 316 22.15 2.10 31.70
N ARG A 317 21.57 2.99 30.89
CA ARG A 317 21.91 3.07 29.45
C ARG A 317 22.23 4.47 28.97
N VAL A 318 22.99 4.53 27.88
CA VAL A 318 23.31 5.77 27.22
C VAL A 318 23.46 5.53 25.72
N THR A 319 22.89 6.42 24.91
CA THR A 319 23.08 6.37 23.47
C THR A 319 24.00 7.49 23.03
N LEU A 320 25.07 7.11 22.35
CA LEU A 320 26.01 8.05 21.76
C LEU A 320 25.80 8.12 20.23
N ARG A 321 25.81 9.34 19.69
CA ARG A 321 25.62 9.52 18.26
C ARG A 321 26.78 10.32 17.67
N LEU A 322 27.55 9.73 16.78
CA LEU A 322 28.69 10.45 16.18
C LEU A 322 28.44 10.73 14.72
N ASN A 323 28.67 11.97 14.31
CA ASN A 323 28.50 12.35 12.92
C ASN A 323 29.76 12.00 12.14
N VAL A 324 29.57 11.34 11.01
CA VAL A 324 30.71 10.96 10.14
C VAL A 324 30.47 11.42 8.72
N GLU A 325 31.33 12.33 8.28
CA GLU A 325 31.29 12.89 6.93
C GLU A 325 32.09 11.99 6.00
N ASN A 326 31.55 11.80 4.79
CA ASN A 326 32.19 10.98 3.74
C ASN A 326 32.81 9.68 4.27
N PRO A 327 31.96 8.83 4.88
CA PRO A 327 32.45 7.59 5.45
C PRO A 327 33.01 6.65 4.39
N LYS A 328 34.10 5.95 4.71
CA LYS A 328 34.56 4.84 3.88
C LYS A 328 33.59 3.69 4.08
N LEU A 329 32.91 3.29 3.02
CA LEU A 329 31.88 2.24 3.11
C LEU A 329 32.44 0.81 3.10
N TRP A 330 31.81 -0.09 3.87
CA TRP A 330 32.20 -1.50 3.89
C TRP A 330 31.41 -2.34 2.88
N SER A 331 32.11 -3.17 2.13
CA SER A 331 31.50 -4.20 1.28
C SER A 331 32.46 -5.36 1.16
N ALA A 332 32.03 -6.46 0.53
CA ALA A 332 32.95 -7.58 0.27
C ALA A 332 34.03 -7.22 -0.75
N GLU A 333 33.74 -6.22 -1.57
CA GLU A 333 34.68 -5.77 -2.60
C GLU A 333 35.81 -4.97 -1.95
N ILE A 334 35.46 -4.04 -1.06
CA ILE A 334 36.42 -3.24 -0.28
C ILE A 334 35.98 -3.19 1.18
N PRO A 335 36.56 -4.05 2.03
CA PRO A 335 36.08 -4.15 3.40
C PRO A 335 36.65 -3.06 4.31
N ASN A 336 36.27 -1.81 4.07
CA ASN A 336 36.67 -0.69 4.92
C ASN A 336 36.16 -0.83 6.33
N LEU A 337 37.10 -0.82 7.28
CA LEU A 337 36.76 -0.91 8.69
C LEU A 337 37.27 0.28 9.49
N TYR A 338 36.48 0.65 10.48
CA TYR A 338 36.87 1.63 11.45
C TYR A 338 36.96 0.87 12.76
N ARG A 339 37.56 1.47 13.79
CA ARG A 339 37.57 0.85 15.10
C ARG A 339 36.73 1.69 16.03
N ALA A 340 35.75 1.06 16.67
CA ALA A 340 35.00 1.74 17.72
C ALA A 340 35.55 1.28 19.06
N VAL A 341 35.98 2.25 19.87
CA VAL A 341 36.38 1.95 21.23
C VAL A 341 35.30 2.49 22.12
N VAL A 342 34.77 1.62 22.98
CA VAL A 342 33.75 1.99 23.95
C VAL A 342 34.39 2.05 25.33
N GLU A 343 34.56 3.27 25.85
CA GLU A 343 35.20 3.46 27.16
C GLU A 343 34.19 3.73 28.26
N LEU A 344 34.25 2.95 29.33
CA LEU A 344 33.48 3.27 30.55
C LEU A 344 34.43 3.96 31.53
N HIS A 345 34.09 5.18 31.94
CA HIS A 345 34.99 5.99 32.75
C HIS A 345 34.28 7.01 33.65
N THR A 346 35.05 7.65 34.51
CA THR A 346 34.57 8.72 35.37
C THR A 346 34.57 10.04 34.62
N ALA A 347 33.76 11.01 35.08
CA ALA A 347 33.71 12.35 34.49
C ALA A 347 35.12 12.89 34.30
N ASP A 348 35.92 12.75 35.34
CA ASP A 348 37.29 13.24 35.38
C ASP A 348 38.21 12.58 34.35
N GLY A 349 37.82 11.40 33.85
CA GLY A 349 38.62 10.67 32.86
C GLY A 349 39.36 9.41 33.29
N THR A 350 39.04 8.86 34.47
CA THR A 350 39.67 7.60 34.90
C THR A 350 38.96 6.38 34.30
N LEU A 351 39.63 5.67 33.40
CA LEU A 351 39.06 4.48 32.79
C LEU A 351 38.65 3.38 33.79
N ILE A 352 37.46 2.82 33.60
CA ILE A 352 37.07 1.61 34.31
C ILE A 352 37.42 0.36 33.49
N GLU A 353 36.94 0.33 32.24
CA GLU A 353 37.27 -0.74 31.29
C GLU A 353 36.94 -0.21 29.91
N ALA A 354 37.43 -0.89 28.89
CA ALA A 354 37.07 -0.57 27.52
C ALA A 354 36.72 -1.86 26.78
N GLU A 355 35.65 -1.80 26.00
CA GLU A 355 35.42 -2.85 25.00
C GLU A 355 35.60 -2.20 23.62
N ALA A 356 35.51 -2.99 22.56
CA ALA A 356 35.67 -2.46 21.20
C ALA A 356 35.19 -3.44 20.13
N CYS A 357 35.01 -2.93 18.91
CA CYS A 357 34.74 -3.78 17.74
C CYS A 357 35.13 -3.08 16.48
N ASP A 358 35.18 -3.84 15.39
CA ASP A 358 35.38 -3.25 14.08
C ASP A 358 34.01 -2.85 13.58
N VAL A 359 33.93 -1.65 13.00
CA VAL A 359 32.72 -1.12 12.39
C VAL A 359 32.92 -1.05 10.90
N GLY A 360 32.01 -1.68 10.14
CA GLY A 360 31.89 -1.46 8.70
C GLY A 360 30.69 -0.57 8.43
N PHE A 361 30.90 0.57 7.79
CA PHE A 361 29.81 1.50 7.50
C PHE A 361 29.07 1.00 6.28
N ARG A 362 27.94 0.35 6.50
CA ARG A 362 27.15 -0.13 5.38
C ARG A 362 25.67 -0.25 5.72
N GLU A 363 24.84 0.01 4.71
CA GLU A 363 23.39 -0.14 4.82
C GLU A 363 22.92 -1.38 4.07
N VAL A 364 22.07 -2.16 4.73
CA VAL A 364 21.40 -3.28 4.07
C VAL A 364 19.91 -2.99 4.10
N ARG A 365 19.29 -2.87 2.92
CA ARG A 365 17.85 -2.63 2.84
C ARG A 365 17.23 -3.36 1.64
N ILE A 366 15.98 -3.77 1.79
CA ILE A 366 15.24 -4.31 0.68
C ILE A 366 14.30 -3.22 0.21
N GLU A 367 14.52 -2.75 -1.00
CA GLU A 367 13.68 -1.72 -1.58
C GLU A 367 13.18 -2.14 -2.94
N ASN A 368 11.88 -2.01 -3.14
CA ASN A 368 11.27 -2.22 -4.44
C ASN A 368 11.56 -3.62 -4.94
N GLY A 369 11.70 -4.55 -3.99
CA GLY A 369 11.99 -5.94 -4.32
C GLY A 369 13.43 -6.36 -4.56
N LEU A 370 14.37 -5.43 -4.37
CA LEU A 370 15.80 -5.76 -4.47
C LEU A 370 16.53 -5.61 -3.12
N LEU A 371 17.43 -6.55 -2.83
CA LEU A 371 18.33 -6.44 -1.70
C LEU A 371 19.43 -5.48 -2.15
N LEU A 372 19.58 -4.38 -1.42
CA LEU A 372 20.60 -3.38 -1.73
C LEU A 372 21.67 -3.33 -0.65
N LEU A 373 22.94 -3.21 -1.07
CA LEU A 373 24.00 -2.86 -0.13
C LEU A 373 24.50 -1.49 -0.54
N ASN A 374 24.40 -0.55 0.39
CA ASN A 374 24.85 0.80 0.13
C ASN A 374 24.20 1.33 -1.13
N GLY A 375 22.91 1.00 -1.29
CA GLY A 375 22.11 1.47 -2.40
C GLY A 375 22.29 0.76 -3.73
N LYS A 376 23.11 -0.29 -3.78
CA LYS A 376 23.36 -1.04 -5.02
C LYS A 376 22.90 -2.50 -4.91
N PRO A 377 22.33 -3.05 -6.00
CA PRO A 377 21.80 -4.41 -5.89
C PRO A 377 22.89 -5.48 -5.88
N LEU A 378 22.83 -6.38 -4.90
CA LEU A 378 23.84 -7.43 -4.72
C LEU A 378 23.63 -8.58 -5.69
N LEU A 379 24.73 -9.23 -6.05
CA LEU A 379 24.67 -10.51 -6.72
C LEU A 379 25.48 -11.45 -5.85
N ILE A 380 24.76 -12.26 -5.09
CA ILE A 380 25.36 -13.17 -4.13
C ILE A 380 26.08 -14.33 -4.81
N ARG A 381 27.41 -14.31 -4.74
CA ARG A 381 28.21 -15.44 -5.19
C ARG A 381 28.56 -16.23 -3.96
N GLY A 382 27.61 -17.00 -3.47
CA GLY A 382 27.74 -17.56 -2.13
C GLY A 382 27.98 -19.05 -2.01
N VAL A 383 28.41 -19.47 -0.83
CA VAL A 383 28.52 -20.89 -0.55
C VAL A 383 28.07 -21.19 0.87
N ASN A 384 27.44 -22.34 1.06
CA ASN A 384 27.21 -22.89 2.40
C ASN A 384 28.50 -23.47 2.95
N ARG A 385 28.79 -23.20 4.21
CA ARG A 385 30.01 -23.72 4.79
C ARG A 385 29.74 -24.23 6.18
N HIS A 386 29.72 -25.56 6.33
CA HIS A 386 29.77 -26.19 7.65
C HIS A 386 31.16 -26.03 8.22
N GLU A 387 31.27 -25.95 9.55
CA GLU A 387 32.56 -26.04 10.22
C GLU A 387 32.97 -27.50 10.26
N HIS A 388 33.96 -27.85 9.44
CA HIS A 388 34.42 -29.23 9.33
C HIS A 388 35.93 -29.36 9.08
N HIS A 389 36.56 -30.27 9.82
CA HIS A 389 37.98 -30.59 9.67
C HIS A 389 38.15 -32.12 9.65
N PRO A 390 38.88 -32.66 8.65
CA PRO A 390 38.99 -34.13 8.48
C PRO A 390 39.68 -34.86 9.65
N LEU A 391 40.51 -34.13 10.40
CA LEU A 391 41.24 -34.70 11.54
C LEU A 391 40.60 -34.32 12.88
N HIS A 392 40.33 -33.02 13.06
CA HIS A 392 39.83 -32.53 14.34
C HIS A 392 38.30 -32.51 14.46
N GLY A 393 37.62 -33.06 13.45
CA GLY A 393 36.16 -33.17 13.45
C GLY A 393 35.42 -31.86 13.18
N GLN A 394 34.86 -31.27 14.23
CA GLN A 394 34.12 -30.02 14.09
C GLN A 394 34.73 -28.89 14.91
N VAL A 395 35.95 -29.12 15.38
CA VAL A 395 36.78 -28.08 16.00
C VAL A 395 37.27 -27.16 14.90
N MET A 396 37.23 -25.85 15.15
CA MET A 396 37.76 -24.89 14.19
C MET A 396 38.99 -24.18 14.72
N ASP A 397 39.94 -23.90 13.83
CA ASP A 397 41.14 -23.12 14.15
C ASP A 397 41.36 -22.01 13.11
N GLU A 398 42.14 -21.01 13.49
CA GLU A 398 42.39 -19.84 12.64
C GLU A 398 42.92 -20.22 11.25
N GLN A 399 43.98 -21.04 11.23
CA GLN A 399 44.65 -21.43 9.99
C GLN A 399 43.66 -21.97 8.95
N THR A 400 42.81 -22.91 9.37
CA THR A 400 41.78 -23.49 8.50
C THR A 400 40.75 -22.47 8.02
N MET A 401 40.32 -21.59 8.91
CA MET A 401 39.34 -20.56 8.57
C MET A 401 39.91 -19.60 7.53
N VAL A 402 41.16 -19.17 7.74
CA VAL A 402 41.87 -18.29 6.81
C VAL A 402 42.07 -19.00 5.48
N GLN A 403 42.47 -20.28 5.52
CA GLN A 403 42.64 -21.06 4.32
C GLN A 403 41.33 -21.11 3.52
N ASP A 404 40.23 -21.32 4.22
CA ASP A 404 38.90 -21.38 3.60
C ASP A 404 38.52 -20.06 2.93
N ILE A 405 38.67 -18.96 3.67
CA ILE A 405 38.36 -17.64 3.14
C ILE A 405 39.14 -17.32 1.87
N LEU A 406 40.42 -17.67 1.84
CA LEU A 406 41.28 -17.33 0.69
C LEU A 406 40.87 -18.08 -0.57
N LEU A 407 40.63 -19.38 -0.40
CA LEU A 407 40.14 -20.21 -1.49
C LEU A 407 38.79 -19.67 -1.99
N MET A 408 37.91 -19.33 -1.05
CA MET A 408 36.62 -18.77 -1.42
C MET A 408 36.75 -17.55 -2.32
N LYS A 409 37.55 -16.58 -1.88
CA LYS A 409 37.71 -15.33 -2.62
C LYS A 409 38.48 -15.53 -3.93
N GLN A 410 39.46 -16.40 -3.92
CA GLN A 410 40.25 -16.68 -5.12
C GLN A 410 39.38 -17.30 -6.20
N ASN A 411 38.33 -17.98 -5.75
CA ASN A 411 37.36 -18.59 -6.65
C ASN A 411 36.07 -17.80 -6.81
N ASN A 412 36.17 -16.48 -6.62
CA ASN A 412 35.07 -15.54 -6.90
C ASN A 412 33.79 -15.67 -6.07
N PHE A 413 33.91 -16.15 -4.83
CA PHE A 413 32.79 -16.08 -3.91
C PHE A 413 32.85 -14.74 -3.15
N ASN A 414 31.67 -14.19 -2.84
CA ASN A 414 31.60 -12.99 -2.01
C ASN A 414 30.67 -13.14 -0.80
N ALA A 415 30.17 -14.36 -0.59
CA ALA A 415 29.20 -14.61 0.44
C ALA A 415 29.27 -16.03 1.00
N VAL A 416 28.90 -16.18 2.28
CA VAL A 416 28.86 -17.48 2.94
C VAL A 416 27.63 -17.58 3.85
N ARG A 417 26.98 -18.74 3.83
CA ARG A 417 25.90 -19.03 4.77
C ARG A 417 26.45 -19.95 5.84
N CYS A 418 26.20 -19.58 7.10
CA CYS A 418 26.68 -20.35 8.24
C CYS A 418 25.78 -21.54 8.50
N SER A 419 25.79 -22.50 7.58
CA SER A 419 24.92 -23.67 7.67
C SER A 419 25.34 -24.64 8.79
N HIS A 420 24.52 -24.83 9.81
CA HIS A 420 23.22 -24.23 10.01
C HIS A 420 23.21 -23.91 11.50
N TYR A 421 24.09 -23.01 11.90
CA TYR A 421 24.31 -22.70 13.31
C TYR A 421 25.26 -21.53 13.40
N PRO A 422 25.26 -20.81 14.52
CA PRO A 422 26.25 -19.74 14.63
C PRO A 422 27.66 -20.30 14.71
N ASN A 423 28.61 -19.63 14.07
CA ASN A 423 29.96 -20.14 13.89
C ASN A 423 30.86 -19.77 15.06
N HIS A 424 32.06 -20.33 15.05
CA HIS A 424 33.17 -19.89 15.88
C HIS A 424 33.30 -18.37 15.75
N PRO A 425 33.46 -17.65 16.87
CA PRO A 425 33.43 -16.17 16.80
C PRO A 425 34.52 -15.53 15.96
N LEU A 426 35.61 -16.24 15.72
CA LEU A 426 36.68 -15.65 14.91
C LEU A 426 36.25 -15.51 13.46
N TRP A 427 35.35 -16.39 13.02
CA TRP A 427 34.88 -16.43 11.63
C TRP A 427 34.30 -15.09 11.17
N TYR A 428 33.40 -14.54 11.98
CA TYR A 428 32.80 -13.26 11.67
C TYR A 428 33.87 -12.16 11.60
N THR A 429 34.83 -12.20 12.52
CA THR A 429 35.90 -11.22 12.55
C THR A 429 36.70 -11.25 11.26
N LEU A 430 37.04 -12.45 10.83
CA LEU A 430 37.78 -12.63 9.58
C LEU A 430 36.94 -12.23 8.37
N CYS A 431 35.65 -12.56 8.38
CA CYS A 431 34.75 -12.12 7.31
C CYS A 431 34.64 -10.61 7.21
N ASP A 432 34.60 -9.93 8.36
CA ASP A 432 34.65 -8.46 8.44
C ASP A 432 35.90 -7.92 7.75
N ARG A 433 37.02 -8.59 7.96
CA ARG A 433 38.35 -8.07 7.60
C ARG A 433 38.78 -8.37 6.18
N TYR A 434 38.42 -9.56 5.69
CA TYR A 434 38.72 -9.99 4.31
C TYR A 434 37.58 -9.59 3.39
N GLY A 435 36.37 -9.50 3.95
CA GLY A 435 35.21 -9.08 3.20
C GLY A 435 34.45 -10.22 2.57
N LEU A 436 33.50 -10.77 3.33
CA LEU A 436 32.46 -11.64 2.80
C LEU A 436 31.13 -11.23 3.45
N TYR A 437 30.05 -11.32 2.68
CA TYR A 437 28.71 -11.13 3.20
C TYR A 437 28.32 -12.42 3.90
N VAL A 438 27.80 -12.34 5.11
CA VAL A 438 27.46 -13.54 5.90
C VAL A 438 25.96 -13.64 6.17
N VAL A 439 25.44 -14.84 6.10
CA VAL A 439 24.11 -15.15 6.58
C VAL A 439 24.28 -15.87 7.92
N ASP A 440 23.88 -15.24 9.01
CA ASP A 440 24.03 -15.81 10.34
C ASP A 440 22.75 -16.55 10.66
N GLU A 441 22.90 -17.83 10.97
CA GLU A 441 21.77 -18.75 11.04
C GLU A 441 21.66 -19.33 12.44
N ALA A 442 20.47 -19.25 13.03
CA ALA A 442 20.23 -19.82 14.35
C ALA A 442 20.34 -21.35 14.31
N ASN A 443 20.71 -21.93 15.44
CA ASN A 443 20.97 -23.37 15.54
C ASN A 443 19.66 -24.11 15.76
N ILE A 444 18.80 -24.08 14.74
CA ILE A 444 17.53 -24.79 14.78
C ILE A 444 17.33 -25.56 13.48
N GLU A 445 17.34 -26.88 13.59
CA GLU A 445 16.96 -27.78 12.51
C GLU A 445 16.21 -28.97 13.10
N THR A 446 15.00 -29.20 12.61
CA THR A 446 14.16 -30.28 13.09
C THR A 446 13.72 -31.18 11.94
N HIS A 447 14.64 -31.46 11.01
CA HIS A 447 14.30 -32.03 9.71
C HIS A 447 13.56 -33.35 9.86
N GLY A 448 14.04 -34.21 10.77
CA GLY A 448 13.47 -35.54 10.94
C GLY A 448 12.08 -35.65 11.53
N MET A 449 11.53 -34.54 12.04
CA MET A 449 10.15 -34.49 12.53
C MET A 449 9.14 -34.79 11.42
N VAL A 450 7.99 -35.36 11.80
CA VAL A 450 6.89 -35.61 10.85
C VAL A 450 5.59 -35.01 11.38
N PRO A 451 5.04 -33.98 10.69
CA PRO A 451 5.69 -33.27 9.58
C PRO A 451 6.81 -32.36 10.10
N MET A 452 7.54 -31.72 9.20
CA MET A 452 8.76 -31.02 9.61
C MET A 452 8.53 -29.93 10.66
N ASN A 453 7.31 -29.40 10.76
CA ASN A 453 7.03 -28.31 11.70
C ASN A 453 6.40 -28.72 13.03
N ARG A 454 6.50 -30.01 13.38
CA ARG A 454 5.81 -30.51 14.59
C ARG A 454 6.26 -29.84 15.88
N LEU A 455 7.53 -29.44 15.94
CA LEU A 455 8.04 -28.73 17.11
C LEU A 455 7.88 -27.21 16.94
N THR A 456 8.28 -26.70 15.77
CA THR A 456 8.27 -25.27 15.51
C THR A 456 6.87 -24.64 15.48
N ASP A 457 5.82 -25.45 15.39
CA ASP A 457 4.44 -24.94 15.50
C ASP A 457 3.90 -25.04 16.92
N ASP A 458 4.64 -25.75 17.77
CA ASP A 458 4.24 -26.03 19.14
C ASP A 458 4.69 -24.90 20.07
N PRO A 459 3.73 -24.20 20.72
CA PRO A 459 4.17 -23.09 21.56
C PRO A 459 5.10 -23.54 22.67
N ARG A 460 5.08 -24.82 23.01
CA ARG A 460 5.92 -25.30 24.11
C ARG A 460 7.40 -25.35 23.77
N TRP A 461 7.73 -25.39 22.48
CA TRP A 461 9.12 -25.36 22.04
C TRP A 461 9.59 -23.97 21.68
N LEU A 462 8.71 -23.00 21.84
CA LEU A 462 9.05 -21.59 21.60
C LEU A 462 10.18 -21.06 22.51
N PRO A 463 10.12 -21.31 23.83
CA PRO A 463 11.24 -20.89 24.68
C PRO A 463 12.61 -21.37 24.19
N ALA A 464 12.76 -22.68 23.95
CA ALA A 464 14.04 -23.22 23.50
C ALA A 464 14.48 -22.64 22.17
N MET A 465 13.52 -22.44 21.27
CA MET A 465 13.76 -21.79 19.99
C MET A 465 14.13 -20.31 20.14
N SER A 466 13.43 -19.58 20.99
CA SER A 466 13.73 -18.16 21.11
C SER A 466 15.18 -17.95 21.52
N GLU A 467 15.66 -18.71 22.49
CA GLU A 467 17.04 -18.58 22.99
C GLU A 467 18.08 -18.83 21.93
N ARG A 468 17.76 -19.69 20.97
CA ARG A 468 18.70 -19.99 19.92
C ARG A 468 18.75 -18.89 18.86
N VAL A 469 17.71 -18.06 18.82
CA VAL A 469 17.69 -16.92 17.91
C VAL A 469 18.17 -15.65 18.61
N THR A 470 17.65 -15.40 19.80
CA THR A 470 17.97 -14.20 20.55
C THR A 470 19.45 -14.12 20.92
N ARG A 471 20.00 -15.24 21.38
CA ARG A 471 21.37 -15.27 21.84
C ARG A 471 22.35 -15.15 20.66
N MET A 472 21.88 -15.49 19.46
CA MET A 472 22.68 -15.28 18.28
C MET A 472 22.73 -13.78 17.96
N VAL A 473 21.56 -13.13 17.93
CA VAL A 473 21.51 -11.71 17.60
C VAL A 473 22.33 -10.89 18.60
N GLN A 474 22.14 -11.15 19.88
CA GLN A 474 22.84 -10.44 20.94
C GLN A 474 24.35 -10.54 20.81
N ARG A 475 24.83 -11.68 20.30
CA ARG A 475 26.27 -11.94 20.15
C ARG A 475 26.85 -11.33 18.86
N ASP A 476 26.15 -11.46 17.73
CA ASP A 476 26.76 -11.16 16.43
C ASP A 476 26.35 -9.86 15.77
N ARG A 477 25.43 -9.12 16.40
CA ARG A 477 24.81 -7.93 15.77
C ARG A 477 25.73 -6.76 15.43
N ASN A 478 26.98 -6.79 15.89
CA ASN A 478 27.91 -5.71 15.59
C ASN A 478 28.89 -6.00 14.46
N HIS A 479 28.82 -7.22 13.94
CA HIS A 479 29.65 -7.61 12.80
C HIS A 479 29.04 -7.11 11.48
N PRO A 480 29.74 -6.20 10.78
CA PRO A 480 29.25 -5.70 9.48
C PRO A 480 29.11 -6.80 8.43
N SER A 481 29.92 -7.85 8.53
CA SER A 481 29.86 -8.95 7.56
C SER A 481 28.52 -9.66 7.57
N VAL A 482 27.87 -9.68 8.74
CA VAL A 482 26.56 -10.28 8.87
C VAL A 482 25.55 -9.33 8.26
N ILE A 483 24.94 -9.73 7.13
CA ILE A 483 23.99 -8.86 6.44
C ILE A 483 22.55 -9.34 6.50
N ILE A 484 22.37 -10.63 6.77
CA ILE A 484 21.06 -11.28 6.81
C ILE A 484 21.02 -12.23 8.01
N TRP A 485 19.91 -12.23 8.75
CA TRP A 485 19.66 -13.24 9.80
C TRP A 485 18.82 -14.39 9.26
N SER A 486 19.13 -15.60 9.70
CA SER A 486 18.33 -16.76 9.33
C SER A 486 17.76 -17.46 10.54
N LEU A 487 16.50 -17.90 10.44
CA LEU A 487 15.80 -18.54 11.57
C LEU A 487 16.15 -20.02 11.75
N GLY A 488 17.11 -20.49 10.97
CA GLY A 488 17.51 -21.90 11.00
C GLY A 488 17.32 -22.53 9.65
N THR A 489 17.11 -23.84 9.64
CA THR A 489 16.86 -24.55 8.40
C THR A 489 16.01 -25.79 8.62
N GLU A 490 15.20 -26.11 7.60
CA GLU A 490 14.45 -27.36 7.53
C GLU A 490 13.75 -27.72 8.81
N SER A 491 12.83 -26.86 9.21
CA SER A 491 12.06 -27.04 10.43
C SER A 491 10.60 -26.80 10.14
N GLY A 492 10.26 -26.94 8.85
CA GLY A 492 8.94 -26.60 8.36
C GLY A 492 8.66 -25.14 8.65
N HIS A 493 7.39 -24.76 8.60
CA HIS A 493 7.02 -23.40 8.99
C HIS A 493 6.02 -23.41 10.11
N GLY A 494 6.46 -22.94 11.28
CA GLY A 494 5.56 -22.88 12.43
C GLY A 494 5.38 -21.50 12.99
N ALA A 495 4.32 -21.34 13.78
CA ALA A 495 4.01 -20.09 14.45
C ALA A 495 5.20 -19.51 15.22
N ASN A 496 6.04 -20.38 15.76
CA ASN A 496 7.25 -19.93 16.46
C ASN A 496 8.21 -19.17 15.55
N HIS A 497 8.30 -19.59 14.29
CA HIS A 497 9.11 -18.86 13.31
C HIS A 497 8.60 -17.44 13.16
N ASP A 498 7.28 -17.27 13.08
CA ASP A 498 6.68 -15.96 12.93
C ASP A 498 6.96 -15.03 14.08
N ALA A 499 6.89 -15.55 15.29
CA ALA A 499 7.16 -14.77 16.46
C ALA A 499 8.62 -14.26 16.43
N LEU A 500 9.54 -15.18 16.19
CA LEU A 500 10.96 -14.89 16.17
C LEU A 500 11.37 -14.02 14.98
N TYR A 501 10.71 -14.21 13.84
CA TYR A 501 10.91 -13.28 12.76
C TYR A 501 10.63 -11.86 13.25
N ARG A 502 9.45 -11.65 13.84
CA ARG A 502 9.05 -10.33 14.31
C ARG A 502 10.02 -9.80 15.37
N TRP A 503 10.45 -10.70 16.28
CA TRP A 503 11.42 -10.32 17.29
C TRP A 503 12.68 -9.72 16.67
N ILE A 504 13.27 -10.41 15.71
CA ILE A 504 14.49 -9.90 15.08
C ILE A 504 14.22 -8.55 14.38
N LYS A 505 13.14 -8.48 13.61
CA LYS A 505 12.77 -7.23 12.94
C LYS A 505 12.55 -6.13 13.96
N SER A 506 12.13 -6.53 15.16
CA SER A 506 11.88 -5.56 16.20
C SER A 506 13.17 -5.04 16.81
N VAL A 507 14.10 -5.93 17.13
CA VAL A 507 15.33 -5.48 17.80
C VAL A 507 16.42 -5.04 16.83
N ASP A 508 16.35 -5.46 15.57
CA ASP A 508 17.41 -5.12 14.62
C ASP A 508 16.87 -4.78 13.23
N PRO A 509 16.50 -3.52 12.99
CA PRO A 509 15.89 -3.19 11.69
C PRO A 509 16.93 -3.03 10.58
N SER A 510 18.19 -3.32 10.89
CA SER A 510 19.29 -3.07 9.96
C SER A 510 19.51 -4.23 9.01
N ARG A 511 18.90 -5.38 9.29
CA ARG A 511 19.15 -6.58 8.50
C ARG A 511 17.86 -7.31 8.17
N PRO A 512 17.73 -7.79 6.91
CA PRO A 512 16.64 -8.70 6.50
C PRO A 512 16.70 -10.01 7.26
N VAL A 513 15.53 -10.61 7.51
CA VAL A 513 15.42 -11.94 8.10
C VAL A 513 14.96 -12.91 7.01
N GLN A 514 15.65 -14.02 6.85
CA GLN A 514 15.23 -15.03 5.88
C GLN A 514 15.05 -16.35 6.57
N TYR A 515 14.27 -17.23 5.95
CA TYR A 515 14.03 -18.57 6.44
C TYR A 515 13.36 -19.36 5.34
N GLU A 516 13.90 -20.54 5.04
CA GLU A 516 13.45 -21.31 3.87
C GLU A 516 12.27 -22.23 4.15
N GLY A 517 12.16 -22.72 5.39
CA GLY A 517 11.22 -23.78 5.73
C GLY A 517 9.78 -23.54 5.36
N GLY A 518 9.05 -24.62 5.12
CA GLY A 518 7.63 -24.55 4.86
C GLY A 518 7.25 -23.87 3.57
N GLY A 519 8.14 -23.88 2.58
CA GLY A 519 7.78 -23.42 1.24
C GLY A 519 8.63 -22.28 0.72
N ALA A 520 9.54 -21.79 1.57
CA ALA A 520 10.56 -20.83 1.16
C ALA A 520 10.07 -19.40 0.87
N ASP A 521 8.77 -19.16 0.97
CA ASP A 521 8.23 -17.82 0.71
C ASP A 521 7.14 -17.43 1.70
N THR A 522 7.19 -18.04 2.88
CA THR A 522 6.23 -17.77 3.94
C THR A 522 6.34 -16.37 4.53
N THR A 523 5.49 -16.09 5.52
CA THR A 523 5.48 -14.81 6.20
C THR A 523 6.65 -14.63 7.18
N ALA A 524 7.51 -15.65 7.29
CA ALA A 524 8.68 -15.59 8.18
C ALA A 524 9.99 -15.35 7.42
N THR A 525 9.87 -14.83 6.20
CA THR A 525 11.04 -14.51 5.37
C THR A 525 10.85 -13.26 4.50
N ASP A 526 11.89 -12.43 4.46
CA ASP A 526 11.92 -11.18 3.70
C ASP A 526 12.42 -11.48 2.28
N ILE A 527 13.00 -12.66 2.11
CA ILE A 527 13.66 -13.05 0.89
C ILE A 527 13.15 -14.43 0.51
N ILE A 528 12.72 -14.60 -0.73
CA ILE A 528 12.37 -15.93 -1.25
C ILE A 528 13.67 -16.70 -1.36
N CYS A 529 13.83 -17.70 -0.50
CA CYS A 529 15.12 -18.37 -0.37
C CYS A 529 15.05 -19.90 -0.52
N PRO A 530 14.54 -20.40 -1.68
CA PRO A 530 14.35 -21.85 -1.78
C PRO A 530 15.65 -22.61 -1.83
N MET A 531 15.56 -23.91 -1.60
CA MET A 531 16.71 -24.77 -1.75
C MET A 531 16.48 -25.69 -2.95
N TYR A 532 17.45 -25.67 -3.87
CA TYR A 532 17.44 -26.56 -5.05
C TYR A 532 16.25 -26.36 -5.97
N ALA A 533 15.67 -25.16 -5.94
CA ALA A 533 14.69 -24.78 -6.95
C ALA A 533 15.44 -24.63 -8.25
N ARG A 534 14.90 -25.20 -9.32
CA ARG A 534 15.57 -25.20 -10.62
C ARG A 534 15.33 -23.90 -11.41
N VAL A 535 16.10 -23.69 -12.47
CA VAL A 535 16.06 -22.46 -13.27
C VAL A 535 14.78 -22.30 -14.08
N ASP A 536 14.47 -23.28 -14.94
CA ASP A 536 13.31 -23.20 -15.85
C ASP A 536 12.25 -24.23 -15.51
N GLU A 537 12.63 -25.22 -14.72
CA GLU A 537 11.80 -26.38 -14.47
C GLU A 537 11.07 -26.28 -13.14
N ASP A 538 9.75 -26.15 -13.22
CA ASP A 538 8.86 -26.27 -12.07
C ASP A 538 8.89 -27.68 -11.49
N GLN A 539 8.96 -27.77 -10.16
CA GLN A 539 8.71 -29.02 -9.44
C GLN A 539 7.56 -28.78 -8.47
N PRO A 540 6.31 -29.01 -8.93
CA PRO A 540 5.14 -28.54 -8.17
C PRO A 540 4.70 -29.51 -7.07
N PHE A 541 5.60 -29.85 -6.15
CA PHE A 541 5.23 -30.61 -4.95
C PHE A 541 3.98 -30.01 -4.29
N PRO A 542 3.10 -30.88 -3.75
CA PRO A 542 2.02 -30.37 -2.90
C PRO A 542 2.54 -29.56 -1.72
N ALA A 543 1.88 -28.42 -1.44
CA ALA A 543 2.14 -27.57 -0.26
C ALA A 543 3.48 -26.83 -0.24
N VAL A 544 4.55 -27.51 -0.66
CA VAL A 544 5.88 -26.89 -0.73
C VAL A 544 6.49 -26.91 -2.14
N PRO A 545 5.79 -26.34 -3.13
CA PRO A 545 6.35 -26.43 -4.48
C PRO A 545 7.68 -25.70 -4.58
N LYS A 546 8.57 -26.22 -5.40
CA LYS A 546 9.77 -25.50 -5.73
C LYS A 546 9.59 -25.03 -7.17
N TRP A 547 9.17 -23.78 -7.33
CA TRP A 547 8.91 -23.27 -8.64
C TRP A 547 10.23 -22.97 -9.34
N SER A 548 10.19 -22.96 -10.67
CA SER A 548 11.22 -22.34 -11.47
C SER A 548 11.49 -20.97 -10.87
N ILE A 549 12.76 -20.67 -10.58
CA ILE A 549 13.07 -19.44 -9.85
C ILE A 549 12.66 -18.19 -10.63
N LYS A 550 12.64 -18.30 -11.94
CA LYS A 550 12.19 -17.22 -12.80
C LYS A 550 10.67 -17.02 -12.67
N LYS A 551 9.94 -18.13 -12.63
CA LYS A 551 8.50 -18.11 -12.43
C LYS A 551 8.10 -17.63 -11.03
N TRP A 552 8.86 -18.10 -10.02
CA TRP A 552 8.62 -17.76 -8.62
C TRP A 552 8.55 -16.25 -8.36
N LEU A 553 9.44 -15.48 -8.98
CA LEU A 553 9.49 -14.04 -8.75
C LEU A 553 8.21 -13.31 -9.13
N SER A 554 7.51 -13.82 -10.14
CA SER A 554 6.36 -13.11 -10.69
C SER A 554 5.01 -13.76 -10.39
N LEU A 555 4.99 -14.63 -9.38
CA LEU A 555 3.71 -15.20 -8.93
C LEU A 555 2.82 -14.05 -8.48
N PRO A 556 1.50 -14.16 -8.69
CA PRO A 556 0.58 -13.09 -8.34
C PRO A 556 0.85 -12.53 -6.95
N GLY A 557 1.00 -11.22 -6.89
CA GLY A 557 1.21 -10.51 -5.63
C GLY A 557 2.62 -10.48 -5.08
N GLU A 558 3.51 -11.31 -5.63
CA GLU A 558 4.88 -11.47 -5.09
C GLU A 558 5.80 -10.31 -5.50
N THR A 559 6.64 -9.86 -4.59
CA THR A 559 7.52 -8.72 -4.86
C THR A 559 8.93 -8.90 -4.32
N ARG A 560 9.19 -9.99 -3.63
CA ARG A 560 10.42 -10.17 -2.87
C ARG A 560 11.61 -10.59 -3.76
N PRO A 561 12.85 -10.31 -3.29
CA PRO A 561 14.01 -10.83 -4.02
C PRO A 561 14.17 -12.31 -3.78
N LEU A 562 14.83 -12.99 -4.71
CA LEU A 562 15.08 -14.42 -4.58
C LEU A 562 16.59 -14.70 -4.56
N ILE A 563 17.04 -15.29 -3.46
CA ILE A 563 18.39 -15.79 -3.30
C ILE A 563 18.28 -17.21 -2.72
N LEU A 564 18.82 -18.20 -3.43
CA LEU A 564 18.70 -19.59 -3.00
C LEU A 564 19.58 -19.83 -1.79
N CYS A 565 19.00 -20.35 -0.70
CA CYS A 565 19.81 -20.67 0.48
C CYS A 565 20.72 -21.85 0.19
N GLU A 566 20.24 -22.75 -0.67
CA GLU A 566 21.08 -23.86 -1.16
C GLU A 566 20.71 -24.12 -2.62
N TYR A 567 21.73 -24.34 -3.45
CA TYR A 567 21.53 -24.76 -4.83
C TYR A 567 22.77 -25.46 -5.34
N ALA A 568 22.68 -26.10 -6.50
CA ALA A 568 23.82 -26.78 -7.15
C ALA A 568 24.56 -27.74 -6.21
N HIS A 569 23.90 -28.85 -5.85
CA HIS A 569 24.42 -29.86 -4.92
C HIS A 569 25.71 -30.48 -5.51
N ALA A 570 26.85 -30.13 -4.92
CA ALA A 570 28.15 -30.47 -5.49
C ALA A 570 28.65 -31.85 -5.05
N MET A 571 27.77 -32.84 -5.09
CA MET A 571 28.07 -34.18 -4.62
C MET A 571 28.71 -35.02 -5.72
N GLY A 572 29.93 -35.46 -5.46
CA GLY A 572 30.72 -36.18 -6.45
C GLY A 572 30.92 -35.37 -7.71
N ASN A 573 30.87 -36.08 -8.85
CA ASN A 573 31.00 -35.47 -10.15
C ASN A 573 29.69 -34.74 -10.43
N SER A 574 29.69 -33.44 -10.18
CA SER A 574 28.47 -32.65 -10.22
C SER A 574 28.67 -31.21 -10.67
N LEU A 575 27.64 -30.40 -10.42
CA LEU A 575 27.59 -29.00 -10.82
C LEU A 575 27.24 -28.87 -12.29
N GLY A 576 26.61 -29.91 -12.82
CA GLY A 576 26.04 -29.82 -14.17
C GLY A 576 24.90 -28.80 -14.17
N GLY A 577 24.88 -27.93 -15.18
CA GLY A 577 23.84 -26.91 -15.30
C GLY A 577 24.06 -25.67 -14.46
N PHE A 578 25.25 -25.54 -13.87
CA PHE A 578 25.60 -24.37 -13.03
C PHE A 578 25.55 -23.07 -13.84
N ALA A 579 26.01 -23.08 -15.09
CA ALA A 579 25.98 -21.90 -15.94
C ALA A 579 24.54 -21.37 -16.15
N LYS A 580 23.56 -22.27 -16.17
CA LYS A 580 22.16 -21.92 -16.38
C LYS A 580 21.65 -20.99 -15.27
N TYR A 581 22.11 -21.24 -14.04
CA TYR A 581 21.80 -20.37 -12.91
C TYR A 581 22.37 -18.98 -13.09
N TRP A 582 23.65 -18.89 -13.43
CA TRP A 582 24.29 -17.59 -13.51
C TRP A 582 23.80 -16.75 -14.68
N GLN A 583 23.43 -17.40 -15.78
CA GLN A 583 22.80 -16.72 -16.91
C GLN A 583 21.50 -16.07 -16.42
N ALA A 584 20.74 -16.78 -15.58
CA ALA A 584 19.46 -16.27 -15.09
C ALA A 584 19.65 -15.16 -14.05
N PHE A 585 20.58 -15.40 -13.12
CA PHE A 585 20.94 -14.40 -12.11
C PHE A 585 21.30 -13.10 -12.78
N ARG A 586 22.01 -13.16 -13.90
CA ARG A 586 22.44 -11.95 -14.57
C ARG A 586 21.31 -11.23 -15.29
N GLN A 587 20.38 -11.97 -15.88
CA GLN A 587 19.29 -11.41 -16.66
C GLN A 587 18.18 -10.86 -15.76
N TYR A 588 17.95 -11.50 -14.62
CA TYR A 588 16.84 -11.08 -13.74
C TYR A 588 17.33 -10.26 -12.58
N PRO A 589 16.95 -8.97 -12.55
CA PRO A 589 17.42 -8.13 -11.46
C PRO A 589 17.08 -8.73 -10.08
N ARG A 590 15.89 -9.28 -9.93
CA ARG A 590 15.46 -9.81 -8.63
C ARG A 590 15.97 -11.21 -8.28
N LEU A 591 16.60 -11.89 -9.23
CA LEU A 591 17.31 -13.13 -8.90
C LEU A 591 18.69 -12.70 -8.49
N GLN A 592 18.95 -12.74 -7.20
CA GLN A 592 20.16 -12.10 -6.69
C GLN A 592 21.22 -13.08 -6.24
N GLY A 593 21.15 -14.30 -6.79
CA GLY A 593 22.21 -15.29 -6.60
C GLY A 593 21.76 -16.44 -5.73
N GLY A 594 22.72 -17.00 -5.00
CA GLY A 594 22.45 -18.13 -4.09
C GLY A 594 23.69 -18.68 -3.44
N PHE A 595 23.51 -19.68 -2.58
CA PHE A 595 24.63 -20.29 -1.87
C PHE A 595 24.75 -21.76 -2.26
N VAL A 596 25.89 -22.11 -2.84
CA VAL A 596 26.16 -23.47 -3.28
C VAL A 596 26.19 -24.41 -2.09
N TRP A 597 25.61 -25.60 -2.27
CA TRP A 597 25.76 -26.67 -1.31
C TRP A 597 26.79 -27.69 -1.75
N ASP A 598 27.97 -27.71 -1.15
CA ASP A 598 28.41 -26.76 -0.14
C ASP A 598 29.92 -26.66 -0.27
N TRP A 599 30.58 -26.02 0.68
CA TRP A 599 32.02 -25.78 0.57
C TRP A 599 32.93 -27.01 0.58
N VAL A 600 32.90 -27.77 1.67
CA VAL A 600 33.87 -28.85 1.89
C VAL A 600 33.23 -30.20 2.24
N ASP A 601 33.64 -31.25 1.53
CA ASP A 601 33.29 -32.64 1.86
C ASP A 601 33.47 -32.91 3.36
N GLN A 602 32.50 -33.60 3.96
CA GLN A 602 32.60 -33.98 5.37
C GLN A 602 33.19 -35.37 5.55
N SER A 603 34.26 -35.67 4.79
CA SER A 603 34.99 -36.92 5.00
C SER A 603 35.90 -36.82 6.22
N LEU A 604 36.13 -37.96 6.85
CA LEU A 604 36.94 -38.06 8.08
C LEU A 604 38.05 -39.08 7.86
N ILE A 605 39.25 -38.77 8.35
CA ILE A 605 40.41 -39.64 8.17
C ILE A 605 40.35 -40.88 9.08
N LYS A 606 40.39 -42.06 8.46
CA LYS A 606 40.62 -43.34 9.15
C LYS A 606 41.97 -43.88 8.71
N TYR A 607 42.48 -44.88 9.44
CA TYR A 607 43.78 -45.49 9.12
C TYR A 607 43.65 -46.99 8.93
N ASP A 608 44.45 -47.55 8.02
CA ASP A 608 44.46 -49.01 7.79
C ASP A 608 45.59 -49.71 8.55
N GLU A 609 45.73 -51.02 8.33
CA GLU A 609 46.69 -51.85 9.07
C GLU A 609 48.15 -51.38 8.94
N ASN A 610 48.57 -51.03 7.73
CA ASN A 610 49.90 -50.46 7.48
C ASN A 610 50.10 -49.13 8.21
N GLY A 611 49.09 -48.28 8.18
CA GLY A 611 49.11 -46.98 8.88
C GLY A 611 48.89 -45.78 7.98
N ASN A 612 48.45 -46.05 6.76
CA ASN A 612 48.18 -45.00 5.77
C ASN A 612 46.74 -44.48 5.88
N PRO A 613 46.56 -43.16 5.78
CA PRO A 613 45.21 -42.56 5.87
C PRO A 613 44.31 -42.81 4.65
N TRP A 614 43.01 -42.88 4.90
CA TRP A 614 41.97 -42.87 3.85
C TRP A 614 40.74 -42.05 4.26
N SER A 615 39.99 -41.54 3.28
CA SER A 615 38.80 -40.72 3.54
C SER A 615 37.54 -41.56 3.75
N ALA A 616 36.85 -41.33 4.86
CA ALA A 616 35.69 -42.12 5.28
C ALA A 616 34.39 -41.33 5.37
N TYR A 617 33.29 -41.99 4.99
CA TYR A 617 31.95 -41.40 5.04
C TYR A 617 30.98 -42.17 5.94
N GLY A 618 29.68 -41.93 5.79
CA GLY A 618 28.67 -42.57 6.64
C GLY A 618 28.71 -44.09 6.61
N GLY A 619 28.65 -44.69 7.79
CA GLY A 619 28.68 -46.15 7.92
C GLY A 619 30.06 -46.77 8.08
N ASP A 620 31.09 -45.92 8.08
CA ASP A 620 32.49 -46.37 8.14
C ASP A 620 33.06 -46.43 9.57
N PHE A 621 32.28 -45.96 10.54
CA PHE A 621 32.69 -46.00 11.94
C PHE A 621 31.85 -47.01 12.73
N GLY A 622 31.07 -47.82 12.00
CA GLY A 622 30.13 -48.77 12.59
C GLY A 622 28.74 -48.18 12.66
N ASP A 623 28.67 -46.85 12.54
CA ASP A 623 27.44 -46.07 12.65
C ASP A 623 26.33 -46.54 11.71
N THR A 624 25.17 -46.80 12.30
CA THR A 624 24.01 -47.32 11.59
C THR A 624 22.73 -46.95 12.36
N PRO A 625 21.64 -46.56 11.66
CA PRO A 625 21.55 -46.32 10.21
C PRO A 625 22.39 -45.12 9.80
N ASN A 626 22.76 -45.06 8.51
CA ASN A 626 23.53 -43.95 7.98
C ASN A 626 23.13 -43.58 6.55
N ASP A 627 23.53 -42.38 6.13
CA ASP A 627 23.27 -41.92 4.78
C ASP A 627 24.57 -41.80 3.98
N ARG A 628 25.47 -42.75 4.24
CA ARG A 628 26.65 -43.03 3.40
C ARG A 628 27.36 -41.79 2.87
N GLN A 629 27.57 -41.71 1.54
CA GLN A 629 28.37 -40.65 0.94
C GLN A 629 27.67 -39.27 0.84
N PHE A 630 26.47 -39.16 1.38
CA PHE A 630 25.72 -37.91 1.34
C PHE A 630 26.31 -36.78 2.19
N CYS A 631 27.30 -37.11 3.02
CA CYS A 631 28.02 -36.11 3.82
C CYS A 631 29.12 -35.40 3.01
N MET A 632 29.29 -35.81 1.76
CA MET A 632 30.29 -35.21 0.87
C MET A 632 29.66 -34.50 -0.32
N ASN A 633 29.54 -33.18 -0.21
CA ASN A 633 28.86 -32.35 -1.21
C ASN A 633 29.73 -31.15 -1.57
N GLY A 634 31.03 -31.29 -1.30
CA GLY A 634 31.96 -30.16 -1.36
C GLY A 634 32.39 -29.73 -2.74
N LEU A 635 32.65 -28.43 -2.88
CA LEU A 635 33.39 -27.92 -4.02
C LEU A 635 34.86 -28.27 -3.81
N VAL A 636 35.23 -28.54 -2.55
CA VAL A 636 36.58 -28.99 -2.21
C VAL A 636 36.58 -30.23 -1.32
N PHE A 637 37.65 -31.02 -1.44
CA PHE A 637 37.91 -32.17 -0.59
C PHE A 637 38.15 -31.76 0.86
N ALA A 638 38.05 -32.72 1.78
CA ALA A 638 38.27 -32.43 3.21
C ALA A 638 39.61 -31.76 3.53
N ASP A 639 40.65 -32.06 2.74
CA ASP A 639 41.97 -31.44 2.90
C ASP A 639 42.09 -30.07 2.18
N ARG A 640 40.98 -29.62 1.60
CA ARG A 640 40.87 -28.33 0.89
C ARG A 640 41.50 -28.33 -0.51
N THR A 641 41.68 -29.53 -1.07
CA THR A 641 42.06 -29.68 -2.48
C THR A 641 40.79 -29.52 -3.29
N PRO A 642 40.84 -28.73 -4.38
CA PRO A 642 39.66 -28.50 -5.23
C PRO A 642 39.14 -29.75 -5.97
N HIS A 643 37.81 -29.84 -6.10
CA HIS A 643 37.16 -30.70 -7.07
C HIS A 643 37.22 -29.94 -8.39
N PRO A 644 37.08 -30.64 -9.52
CA PRO A 644 36.96 -29.93 -10.82
C PRO A 644 35.81 -28.90 -10.86
N ALA A 645 34.69 -29.18 -10.19
CA ALA A 645 33.57 -28.24 -10.19
C ALA A 645 33.93 -26.83 -9.70
N LEU A 646 34.85 -26.74 -8.75
CA LEU A 646 35.31 -25.43 -8.24
C LEU A 646 35.63 -24.43 -9.33
N THR A 647 36.38 -24.87 -10.35
CA THR A 647 36.80 -23.99 -11.45
C THR A 647 35.59 -23.50 -12.26
N GLU A 648 34.59 -24.36 -12.41
CA GLU A 648 33.35 -24.00 -13.08
C GLU A 648 32.62 -22.90 -12.32
N ALA A 649 32.67 -22.97 -10.98
CA ALA A 649 32.07 -21.95 -10.11
C ALA A 649 32.80 -20.63 -10.19
N LYS A 650 34.12 -20.67 -10.19
CA LYS A 650 34.94 -19.46 -10.29
C LYS A 650 34.69 -18.73 -11.60
N HIS A 651 34.58 -19.50 -12.67
CA HIS A 651 34.36 -18.92 -13.99
C HIS A 651 32.98 -18.28 -14.07
N GLN A 652 31.95 -19.02 -13.67
CA GLN A 652 30.57 -18.51 -13.77
C GLN A 652 30.34 -17.35 -12.81
N GLN A 653 31.13 -17.32 -11.72
CA GLN A 653 31.03 -16.27 -10.70
C GLN A 653 31.96 -15.09 -10.97
N GLN A 654 32.51 -15.05 -12.19
CA GLN A 654 33.37 -13.94 -12.60
C GLN A 654 32.72 -12.57 -12.38
N PHE A 655 33.55 -11.54 -12.29
CA PHE A 655 33.11 -10.18 -12.05
C PHE A 655 33.26 -9.31 -13.29
N PHE A 656 33.90 -9.85 -14.32
CA PHE A 656 34.00 -9.15 -15.58
C PHE A 656 33.33 -9.95 -16.68
N GLN A 657 32.45 -9.29 -17.41
CA GLN A 657 31.75 -9.89 -18.54
C GLN A 657 32.37 -9.41 -19.86
N PHE A 658 32.25 -10.24 -20.89
CA PHE A 658 32.96 -9.99 -22.14
C PHE A 658 32.10 -10.20 -23.37
N ARG A 659 32.22 -9.28 -24.32
CA ARG A 659 31.58 -9.43 -25.61
C ARG A 659 32.59 -9.08 -26.68
N LEU A 660 32.52 -9.80 -27.80
CA LEU A 660 33.42 -9.54 -28.91
C LEU A 660 32.66 -9.12 -30.16
N SER A 661 33.02 -7.96 -30.69
CA SER A 661 32.55 -7.53 -32.01
C SER A 661 33.74 -7.13 -32.87
N GLY A 662 33.96 -7.88 -33.94
CA GLY A 662 35.07 -7.63 -34.86
C GLY A 662 36.39 -7.83 -34.17
N GLN A 663 37.09 -6.72 -33.93
CA GLN A 663 38.36 -6.76 -33.21
C GLN A 663 38.25 -6.06 -31.85
N THR A 664 37.03 -5.70 -31.46
CA THR A 664 36.76 -5.04 -30.19
C THR A 664 36.25 -6.01 -29.11
N ILE A 665 37.02 -6.11 -28.02
CA ILE A 665 36.57 -6.74 -26.78
C ILE A 665 35.89 -5.66 -25.94
N GLU A 666 34.65 -5.93 -25.54
CA GLU A 666 33.94 -5.05 -24.60
C GLU A 666 34.00 -5.68 -23.22
N VAL A 667 34.62 -4.99 -22.28
CA VAL A 667 34.67 -5.45 -20.89
C VAL A 667 33.64 -4.71 -20.03
N THR A 668 32.77 -5.46 -19.34
CA THR A 668 31.80 -4.87 -18.41
C THR A 668 32.09 -5.35 -16.99
N SER A 669 32.11 -4.43 -16.05
CA SER A 669 32.36 -4.77 -14.66
C SER A 669 31.06 -5.05 -13.89
N GLU A 670 31.10 -6.10 -13.08
CA GLU A 670 29.94 -6.41 -12.24
C GLU A 670 30.18 -6.01 -10.79
N TYR A 671 31.29 -5.31 -10.55
CA TYR A 671 31.56 -4.71 -9.25
C TYR A 671 30.65 -3.53 -9.03
N LEU A 672 30.25 -3.33 -7.77
CA LEU A 672 29.31 -2.27 -7.41
C LEU A 672 30.00 -1.02 -6.88
N PHE A 673 31.23 -1.18 -6.42
CA PHE A 673 31.88 -0.11 -5.71
C PHE A 673 33.29 0.18 -6.22
N ARG A 674 34.04 -0.85 -6.57
CA ARG A 674 35.45 -0.64 -6.88
C ARG A 674 35.71 -0.54 -8.39
N HIS A 675 36.75 0.24 -8.72
CA HIS A 675 37.31 0.27 -10.07
C HIS A 675 38.26 -0.90 -10.19
N SER A 676 38.59 -1.26 -11.43
CA SER A 676 39.51 -2.35 -11.69
C SER A 676 40.95 -1.86 -11.59
N ASP A 677 41.34 -1.45 -10.38
CA ASP A 677 42.63 -0.81 -10.15
C ASP A 677 43.75 -1.81 -9.82
N ASN A 678 43.49 -3.07 -10.10
CA ASN A 678 44.46 -4.14 -9.86
C ASN A 678 44.19 -5.24 -10.86
N GLU A 679 44.11 -4.85 -12.13
CA GLU A 679 43.67 -5.74 -13.21
C GLU A 679 44.30 -5.39 -14.55
N LEU A 680 44.92 -6.37 -15.22
CA LEU A 680 45.12 -6.27 -16.68
C LEU A 680 44.49 -7.40 -17.46
N LEU A 681 44.22 -7.14 -18.73
CA LEU A 681 43.74 -8.14 -19.67
C LEU A 681 44.90 -8.68 -20.51
N HIS A 682 45.12 -10.00 -20.43
CA HIS A 682 46.04 -10.72 -21.33
C HIS A 682 45.22 -11.34 -22.42
N TRP A 683 45.45 -10.93 -23.66
CA TRP A 683 44.82 -11.63 -24.78
C TRP A 683 45.83 -12.55 -25.45
N MET A 684 45.30 -13.51 -26.23
CA MET A 684 46.10 -14.57 -26.83
C MET A 684 45.30 -15.17 -27.98
N VAL A 685 45.94 -15.30 -29.13
CA VAL A 685 45.33 -15.93 -30.30
C VAL A 685 46.16 -17.14 -30.70
N ALA A 686 45.53 -18.30 -30.80
CA ALA A 686 46.22 -19.53 -31.20
C ALA A 686 45.53 -20.23 -32.36
N LEU A 687 46.32 -20.92 -33.17
CA LEU A 687 45.77 -21.76 -34.24
C LEU A 687 45.91 -23.19 -33.81
N ASP A 688 44.77 -23.86 -33.60
CA ASP A 688 44.72 -25.21 -33.01
C ASP A 688 45.82 -25.35 -31.96
N GLY A 689 45.90 -24.40 -31.04
CA GLY A 689 46.84 -24.45 -29.92
C GLY A 689 48.22 -23.86 -30.13
N LYS A 690 48.54 -23.46 -31.36
CA LYS A 690 49.82 -22.83 -31.66
C LYS A 690 49.68 -21.30 -31.56
N PRO A 691 50.43 -20.67 -30.64
CA PRO A 691 50.36 -19.22 -30.42
C PRO A 691 50.84 -18.40 -31.61
N LEU A 692 50.08 -17.39 -31.99
CA LEU A 692 50.46 -16.51 -33.08
C LEU A 692 50.71 -15.06 -32.64
N ALA A 693 49.92 -14.61 -31.67
CA ALA A 693 50.05 -13.27 -31.11
C ALA A 693 49.50 -13.24 -29.68
N SER A 694 49.99 -12.28 -28.90
CA SER A 694 49.53 -12.06 -27.54
C SER A 694 49.89 -10.64 -27.13
N GLY A 695 49.21 -10.14 -26.11
CA GLY A 695 49.42 -8.77 -25.65
C GLY A 695 48.78 -8.54 -24.29
N GLU A 696 48.91 -7.30 -23.83
CA GLU A 696 48.40 -6.87 -22.53
C GLU A 696 47.80 -5.50 -22.70
N VAL A 697 46.66 -5.28 -22.05
CA VAL A 697 46.06 -3.95 -21.92
C VAL A 697 45.64 -3.82 -20.46
N PRO A 698 46.04 -2.72 -19.79
CA PRO A 698 45.51 -2.50 -18.43
C PRO A 698 43.98 -2.34 -18.45
N LEU A 699 43.32 -2.82 -17.40
CA LEU A 699 41.89 -2.65 -17.28
C LEU A 699 41.62 -1.42 -16.45
N ASP A 700 40.78 -0.55 -16.99
CA ASP A 700 40.40 0.68 -16.34
C ASP A 700 38.91 0.79 -16.54
N VAL A 701 38.17 0.01 -15.76
CA VAL A 701 36.73 0.02 -15.87
C VAL A 701 36.10 0.34 -14.52
N ALA A 702 35.12 1.23 -14.56
CA ALA A 702 34.44 1.69 -13.36
C ALA A 702 33.39 0.67 -12.94
N PRO A 703 32.99 0.69 -11.65
CA PRO A 703 31.96 -0.23 -11.19
C PRO A 703 30.70 -0.13 -12.06
N GLN A 704 30.21 -1.26 -12.55
CA GLN A 704 29.05 -1.34 -13.47
C GLN A 704 29.32 -0.70 -14.82
N GLY A 705 30.59 -0.42 -15.12
CA GLY A 705 30.96 0.33 -16.32
C GLY A 705 31.49 -0.53 -17.45
N LYS A 706 31.97 0.14 -18.49
CA LYS A 706 32.43 -0.53 -19.71
C LYS A 706 33.76 0.01 -20.18
N GLN A 707 34.56 -0.88 -20.75
CA GLN A 707 35.78 -0.49 -21.45
C GLN A 707 35.90 -1.26 -22.78
N LEU A 708 36.15 -0.53 -23.86
CA LEU A 708 36.36 -1.13 -25.17
C LEU A 708 37.85 -1.25 -25.43
N ILE A 709 38.28 -2.46 -25.80
CA ILE A 709 39.67 -2.73 -26.12
C ILE A 709 39.76 -3.11 -27.60
N GLU A 710 40.60 -2.38 -28.34
CA GLU A 710 40.77 -2.62 -29.77
C GLU A 710 42.04 -3.44 -30.00
N LEU A 711 41.86 -4.70 -30.39
CA LEU A 711 42.99 -5.60 -30.73
C LEU A 711 43.74 -5.10 -31.96
N PRO A 712 45.07 -5.30 -32.01
CA PRO A 712 45.82 -4.90 -33.20
C PRO A 712 45.54 -5.85 -34.37
N GLU A 713 45.96 -5.47 -35.58
CA GLU A 713 45.77 -6.32 -36.75
C GLU A 713 46.23 -7.72 -36.42
N LEU A 714 45.30 -8.67 -36.52
CA LEU A 714 45.61 -10.06 -36.29
C LEU A 714 46.19 -10.61 -37.58
N PRO A 715 47.29 -11.39 -37.49
CA PRO A 715 47.92 -11.88 -38.71
C PRO A 715 47.23 -13.13 -39.25
N GLN A 716 46.55 -12.98 -40.40
CA GLN A 716 45.84 -14.11 -41.04
C GLN A 716 46.83 -15.25 -41.30
N PRO A 717 46.59 -16.41 -40.67
CA PRO A 717 47.51 -17.52 -40.84
C PRO A 717 47.18 -18.27 -42.12
N GLU A 718 48.21 -18.58 -42.90
CA GLU A 718 48.01 -19.43 -44.07
C GLU A 718 48.35 -20.88 -43.68
N SER A 719 47.36 -21.50 -43.06
CA SER A 719 47.45 -22.84 -42.52
C SER A 719 46.04 -23.18 -42.02
N ALA A 720 45.62 -24.41 -42.28
CA ALA A 720 44.30 -24.89 -41.87
C ALA A 720 44.19 -24.92 -40.35
N GLY A 721 43.00 -24.60 -39.85
CA GLY A 721 42.70 -24.74 -38.42
C GLY A 721 41.71 -23.72 -37.93
N GLN A 722 41.38 -23.82 -36.64
CA GLN A 722 40.51 -22.85 -35.98
C GLN A 722 41.32 -21.85 -35.14
N LEU A 723 41.17 -20.57 -35.42
CA LEU A 723 41.74 -19.53 -34.58
C LEU A 723 40.88 -19.31 -33.34
N TRP A 724 41.51 -19.35 -32.17
CA TRP A 724 40.83 -19.13 -30.91
C TRP A 724 41.36 -17.88 -30.23
N LEU A 725 40.47 -17.07 -29.67
CA LEU A 725 40.87 -15.95 -28.83
C LEU A 725 40.60 -16.28 -27.36
N THR A 726 41.62 -16.09 -26.54
CA THR A 726 41.53 -16.31 -25.10
C THR A 726 41.92 -15.02 -24.40
N VAL A 727 41.06 -14.54 -23.50
CA VAL A 727 41.43 -13.43 -22.62
C VAL A 727 41.41 -13.88 -21.16
N ARG A 728 42.34 -13.37 -20.37
CA ARG A 728 42.45 -13.70 -18.96
C ARG A 728 42.64 -12.36 -18.22
N VAL A 729 41.86 -12.13 -17.18
CA VAL A 729 42.06 -10.97 -16.32
C VAL A 729 43.03 -11.36 -15.20
N VAL A 730 44.17 -10.68 -15.17
CA VAL A 730 45.24 -10.95 -14.21
C VAL A 730 45.36 -9.80 -13.21
N GLN A 731 45.48 -10.16 -11.93
CA GLN A 731 45.76 -9.19 -10.89
C GLN A 731 47.27 -9.12 -10.68
N PRO A 732 47.91 -8.01 -11.11
CA PRO A 732 49.38 -7.98 -11.06
C PRO A 732 49.95 -7.87 -9.64
N ASN A 733 49.24 -7.23 -8.72
CA ASN A 733 49.72 -7.14 -7.34
C ASN A 733 49.04 -8.13 -6.41
N ALA A 734 49.81 -8.62 -5.44
CA ALA A 734 49.28 -9.42 -4.33
C ALA A 734 48.22 -8.65 -3.54
N THR A 735 47.31 -9.39 -2.90
CA THR A 735 46.33 -8.81 -1.98
C THR A 735 46.37 -9.57 -0.67
N ALA A 736 45.47 -9.22 0.24
CA ALA A 736 45.30 -9.96 1.47
C ALA A 736 44.83 -11.38 1.19
N TRP A 737 44.22 -11.59 0.03
CA TRP A 737 43.55 -12.86 -0.27
C TRP A 737 44.11 -13.59 -1.50
N SER A 738 44.98 -12.92 -2.27
CA SER A 738 45.55 -13.50 -3.49
C SER A 738 47.03 -13.13 -3.71
N GLU A 739 47.72 -13.96 -4.49
CA GLU A 739 49.11 -13.68 -4.90
C GLU A 739 49.17 -12.83 -6.18
N ALA A 740 50.31 -12.20 -6.41
CA ALA A 740 50.59 -11.53 -7.69
C ALA A 740 50.41 -12.55 -8.81
N GLY A 741 49.78 -12.13 -9.90
CA GLY A 741 49.54 -13.04 -11.04
C GLY A 741 48.33 -13.95 -10.90
N HIS A 742 47.48 -13.67 -9.91
CA HIS A 742 46.23 -14.39 -9.73
C HIS A 742 45.28 -14.08 -10.87
N ILE A 743 44.69 -15.13 -11.46
CA ILE A 743 43.75 -14.98 -12.57
C ILE A 743 42.34 -14.98 -12.01
N SER A 744 41.58 -13.94 -12.31
CA SER A 744 40.25 -13.79 -11.72
C SER A 744 39.11 -14.04 -12.69
N ALA A 745 39.42 -14.04 -13.99
CA ALA A 745 38.41 -14.17 -15.03
C ALA A 745 39.03 -14.55 -16.36
N TRP A 746 38.26 -15.26 -17.18
CA TRP A 746 38.70 -15.61 -18.53
C TRP A 746 37.50 -15.89 -19.40
N GLN A 747 37.74 -15.91 -20.72
CA GLN A 747 36.73 -16.20 -21.73
C GLN A 747 37.40 -16.53 -23.08
N GLN A 748 36.70 -17.28 -23.93
CA GLN A 748 37.21 -17.64 -25.24
C GLN A 748 36.21 -17.34 -26.33
N TRP A 749 36.73 -17.12 -27.54
CA TRP A 749 35.91 -17.04 -28.75
C TRP A 749 36.62 -17.72 -29.91
N ARG A 750 35.84 -18.39 -30.76
CA ARG A 750 36.35 -18.79 -32.07
C ARG A 750 36.45 -17.54 -32.90
N LEU A 751 37.63 -17.32 -33.49
CA LEU A 751 37.80 -16.30 -34.51
C LEU A 751 37.66 -17.00 -35.86
N ALA A 752 38.41 -16.57 -36.87
CA ALA A 752 38.32 -17.17 -38.20
C ALA A 752 38.77 -18.63 -38.22
N GLU A 753 38.05 -19.44 -39.00
CA GLU A 753 38.41 -20.84 -39.21
C GLU A 753 38.83 -21.07 -40.66
N ASN A 754 39.90 -21.82 -40.84
CA ASN A 754 40.28 -22.25 -42.18
C ASN A 754 40.24 -23.77 -42.30
N LEU A 755 39.16 -24.26 -42.92
CA LEU A 755 38.92 -25.69 -43.10
C LEU A 755 39.94 -26.31 -44.06
N SER A 756 40.42 -27.50 -43.73
CA SER A 756 41.43 -28.18 -44.54
C SER A 756 40.84 -28.69 -45.86
N VAL A 757 41.31 -28.13 -46.98
CA VAL A 757 40.90 -28.62 -48.30
C VAL A 757 41.92 -29.55 -48.95
N THR A 758 43.06 -29.73 -48.32
CA THR A 758 44.13 -30.52 -48.93
C THR A 758 43.95 -32.02 -48.71
N LEU A 759 44.03 -32.79 -49.79
CA LEU A 759 44.07 -34.25 -49.72
C LEU A 759 45.45 -34.67 -49.20
N PRO A 760 45.50 -35.70 -48.33
CA PRO A 760 46.81 -36.25 -47.98
C PRO A 760 47.53 -36.78 -49.21
N ALA A 761 48.86 -36.67 -49.22
CA ALA A 761 49.67 -37.24 -50.30
C ALA A 761 49.43 -38.76 -50.34
N ALA A 762 48.88 -39.24 -51.46
CA ALA A 762 48.57 -40.66 -51.65
C ALA A 762 49.83 -41.53 -51.46
N SER A 763 49.63 -42.75 -50.98
CA SER A 763 50.75 -43.64 -50.66
C SER A 763 50.93 -44.73 -51.70
N HIS A 764 52.16 -45.23 -51.81
CA HIS A 764 52.48 -46.35 -52.70
C HIS A 764 51.81 -47.63 -52.19
N ALA A 765 52.01 -47.92 -50.91
CA ALA A 765 51.56 -49.17 -50.29
C ALA A 765 50.05 -49.30 -50.28
N ILE A 766 49.59 -50.55 -50.25
CA ILE A 766 48.17 -50.85 -50.12
C ILE A 766 48.01 -52.10 -49.25
N PRO A 767 47.20 -51.99 -48.18
CA PRO A 767 47.11 -52.99 -47.12
C PRO A 767 46.63 -54.36 -47.61
N HIS A 768 47.08 -55.42 -46.96
CA HIS A 768 46.69 -56.76 -47.37
C HIS A 768 45.71 -57.44 -46.41
N LEU A 769 44.63 -57.97 -46.98
CA LEU A 769 43.60 -58.68 -46.23
C LEU A 769 43.91 -60.18 -46.10
N THR A 770 43.81 -60.71 -44.88
CA THR A 770 44.13 -62.11 -44.59
C THR A 770 42.96 -62.81 -43.89
N THR A 771 42.01 -63.30 -44.69
CA THR A 771 40.77 -63.92 -44.22
C THR A 771 41.00 -65.28 -43.55
N SER A 772 40.33 -65.51 -42.43
CA SER A 772 40.38 -66.79 -41.74
C SER A 772 39.00 -67.23 -41.27
N GLU A 773 38.93 -68.42 -40.67
CA GLU A 773 37.69 -68.92 -40.06
C GLU A 773 37.20 -67.95 -38.98
N MET A 774 38.12 -67.55 -38.11
CA MET A 774 37.79 -66.74 -36.96
C MET A 774 38.23 -65.28 -37.07
N ASP A 775 39.08 -64.96 -38.04
CA ASP A 775 39.73 -63.64 -38.07
C ASP A 775 39.85 -62.97 -39.45
N PHE A 776 39.69 -61.65 -39.45
CA PHE A 776 40.11 -60.83 -40.57
C PHE A 776 41.35 -60.10 -40.11
N CYS A 777 42.49 -60.36 -40.76
CA CYS A 777 43.73 -59.63 -40.46
C CYS A 777 44.12 -58.68 -41.58
N ILE A 778 44.49 -57.46 -41.22
CA ILE A 778 45.00 -56.50 -42.19
C ILE A 778 46.46 -56.22 -41.86
N GLU A 779 47.31 -56.27 -42.90
CA GLU A 779 48.73 -55.98 -42.76
C GLU A 779 49.16 -54.75 -43.57
N LEU A 780 50.00 -53.93 -42.94
CA LEU A 780 50.69 -52.83 -43.62
C LEU A 780 51.98 -52.48 -42.87
N GLY A 781 53.11 -52.78 -43.48
CA GLY A 781 54.42 -52.58 -42.85
C GLY A 781 54.51 -53.25 -41.50
N ASN A 782 54.97 -52.51 -40.50
CA ASN A 782 55.05 -53.02 -39.14
C ASN A 782 53.68 -53.10 -38.44
N LYS A 783 52.67 -52.49 -39.06
CA LYS A 783 51.34 -52.38 -38.47
C LYS A 783 50.41 -53.52 -38.89
N ARG A 784 49.65 -54.03 -37.94
CA ARG A 784 48.70 -55.12 -38.18
C ARG A 784 47.41 -55.00 -37.34
N TRP A 785 46.26 -55.16 -38.00
CA TRP A 785 44.94 -55.12 -37.36
C TRP A 785 44.22 -56.47 -37.43
N GLN A 786 43.49 -56.83 -36.38
CA GLN A 786 42.74 -58.07 -36.37
C GLN A 786 41.30 -57.90 -35.87
N PHE A 787 40.36 -58.32 -36.71
CA PHE A 787 38.94 -58.31 -36.37
C PHE A 787 38.44 -59.75 -36.13
N ASN A 788 38.10 -60.07 -34.89
CA ASN A 788 37.52 -61.36 -34.52
C ASN A 788 36.11 -61.50 -35.11
N ARG A 789 35.92 -62.52 -35.95
CA ARG A 789 34.68 -62.71 -36.74
C ARG A 789 33.53 -63.32 -35.95
N GLN A 790 33.84 -63.78 -34.74
CA GLN A 790 32.84 -64.33 -33.84
C GLN A 790 32.28 -63.24 -32.92
N SER A 791 33.09 -62.22 -32.60
CA SER A 791 32.63 -61.12 -31.77
C SER A 791 32.26 -59.93 -32.64
N GLY A 792 33.07 -59.68 -33.68
CA GLY A 792 32.84 -58.60 -34.62
C GLY A 792 33.64 -57.33 -34.32
N PHE A 793 34.55 -57.44 -33.35
CA PHE A 793 35.31 -56.29 -32.86
C PHE A 793 36.79 -56.40 -33.15
N LEU A 794 37.47 -55.26 -33.14
CA LEU A 794 38.92 -55.21 -33.16
C LEU A 794 39.43 -55.89 -31.89
N SER A 795 39.93 -57.12 -32.03
CA SER A 795 40.40 -57.87 -30.87
C SER A 795 41.85 -57.54 -30.55
N GLN A 796 42.60 -57.12 -31.56
CA GLN A 796 44.02 -56.80 -31.40
C GLN A 796 44.57 -55.92 -32.53
N MET A 797 45.56 -55.11 -32.20
CA MET A 797 46.37 -54.36 -33.16
C MET A 797 47.82 -54.61 -32.80
N TRP A 798 48.68 -54.62 -33.82
CA TRP A 798 50.12 -54.78 -33.63
C TRP A 798 50.87 -53.65 -34.31
N ILE A 799 51.81 -53.06 -33.56
CA ILE A 799 52.81 -52.16 -34.15
C ILE A 799 54.14 -52.90 -34.07
N GLY A 800 54.65 -53.28 -35.23
CA GLY A 800 55.81 -54.15 -35.31
C GLY A 800 55.40 -55.50 -34.79
N ASP A 801 55.96 -55.85 -33.63
CA ASP A 801 55.68 -57.13 -33.00
C ASP A 801 54.63 -57.05 -31.87
N LYS A 802 54.68 -55.95 -31.10
CA LYS A 802 53.98 -55.83 -29.82
C LYS A 802 52.46 -55.64 -29.88
N LYS A 803 51.79 -56.26 -28.92
CA LYS A 803 50.33 -56.20 -28.81
C LYS A 803 49.91 -54.83 -28.26
N GLN A 804 48.87 -54.24 -28.82
CA GLN A 804 48.42 -52.91 -28.38
C GLN A 804 47.18 -52.94 -27.48
N LEU A 805 46.37 -53.98 -27.61
CA LEU A 805 45.15 -54.14 -26.80
C LEU A 805 45.27 -55.25 -25.76
N LEU A 806 44.67 -55.03 -24.59
CA LEU A 806 44.44 -56.07 -23.61
C LEU A 806 42.99 -56.53 -23.64
N THR A 807 42.10 -55.63 -24.06
CA THR A 807 40.68 -55.91 -24.21
C THR A 807 40.27 -55.38 -25.58
N PRO A 808 39.42 -56.11 -26.32
CA PRO A 808 39.01 -55.59 -27.64
C PRO A 808 38.26 -54.24 -27.58
N LEU A 809 38.34 -53.48 -28.68
CA LEU A 809 37.57 -52.27 -28.90
C LEU A 809 36.09 -52.60 -29.08
N ARG A 810 35.25 -52.18 -28.14
CA ARG A 810 33.82 -52.48 -28.17
C ARG A 810 32.99 -51.20 -27.87
N ASP A 811 31.75 -51.15 -28.37
CA ASP A 811 30.83 -50.07 -28.01
C ASP A 811 30.57 -50.08 -26.50
N GLN A 812 30.44 -48.89 -25.93
CA GLN A 812 30.01 -48.75 -24.54
C GLN A 812 28.84 -47.76 -24.45
N PHE A 813 27.80 -48.17 -23.76
CA PHE A 813 26.58 -47.38 -23.66
C PHE A 813 26.29 -47.00 -22.23
N THR A 814 27.18 -47.39 -21.33
CA THR A 814 26.99 -47.19 -19.91
C THR A 814 28.17 -46.45 -19.27
N ARG A 815 27.98 -46.01 -18.03
CA ARG A 815 29.05 -45.42 -17.24
C ARG A 815 28.95 -45.86 -15.78
N ALA A 816 30.09 -45.82 -15.08
CA ALA A 816 30.11 -46.05 -13.66
C ALA A 816 29.26 -44.94 -13.03
N PRO A 817 28.09 -45.31 -12.46
CA PRO A 817 27.08 -44.32 -12.06
C PRO A 817 27.61 -43.26 -11.11
N LEU A 818 27.28 -42.01 -11.39
CA LEU A 818 27.62 -40.88 -10.54
C LEU A 818 26.68 -40.81 -9.35
N ASP A 819 27.06 -40.03 -8.34
CA ASP A 819 26.16 -39.79 -7.23
C ASP A 819 24.78 -39.30 -7.72
N ASN A 820 24.79 -38.33 -8.65
CA ASN A 820 23.55 -37.88 -9.29
C ASN A 820 22.79 -38.96 -10.06
N ASP A 821 23.52 -39.94 -10.60
CA ASP A 821 22.85 -41.05 -11.30
C ASP A 821 22.15 -42.00 -10.30
N ILE A 822 22.64 -42.00 -9.07
CA ILE A 822 22.16 -42.92 -8.03
C ILE A 822 21.07 -42.29 -7.15
N GLY A 823 21.23 -41.02 -6.82
CA GLY A 823 20.28 -40.36 -5.93
C GLY A 823 20.25 -41.04 -4.57
N VAL A 824 19.04 -41.28 -4.05
CA VAL A 824 18.90 -41.95 -2.74
C VAL A 824 18.64 -43.44 -2.89
N SER A 825 18.85 -43.97 -4.08
CA SER A 825 18.66 -45.39 -4.31
C SER A 825 19.68 -46.24 -3.55
N GLU A 826 19.19 -47.31 -2.93
CA GLU A 826 20.05 -48.24 -2.20
C GLU A 826 19.73 -49.69 -2.53
N ALA A 827 20.66 -50.58 -2.16
CA ALA A 827 20.53 -52.02 -2.43
C ALA A 827 19.25 -52.62 -1.86
N THR A 828 18.83 -52.11 -0.70
CA THR A 828 17.67 -52.62 0.05
C THR A 828 16.46 -51.68 0.00
N ARG A 829 16.60 -50.56 -0.71
CA ARG A 829 15.48 -49.64 -0.95
C ARG A 829 15.69 -48.92 -2.29
N ILE A 830 15.23 -49.57 -3.35
CA ILE A 830 15.40 -49.10 -4.72
C ILE A 830 14.53 -47.87 -4.98
N ASP A 831 15.12 -46.83 -5.57
CA ASP A 831 14.33 -45.75 -6.17
C ASP A 831 14.27 -45.98 -7.67
N PRO A 832 13.13 -46.50 -8.17
CA PRO A 832 13.03 -46.82 -9.60
C PRO A 832 13.13 -45.59 -10.50
N ASN A 833 13.10 -44.39 -9.92
CA ASN A 833 13.19 -43.16 -10.71
C ASN A 833 14.63 -42.69 -11.02
N ALA A 834 15.59 -43.04 -10.16
CA ALA A 834 17.00 -42.71 -10.41
C ALA A 834 17.48 -43.23 -11.77
N TRP A 835 18.41 -42.52 -12.40
CA TRP A 835 18.89 -42.92 -13.72
C TRP A 835 19.51 -44.31 -13.69
N VAL A 836 20.26 -44.61 -12.64
CA VAL A 836 20.93 -45.90 -12.53
C VAL A 836 19.93 -47.08 -12.56
N GLU A 837 18.81 -46.92 -11.87
CA GLU A 837 17.81 -47.97 -11.78
C GLU A 837 17.04 -48.15 -13.08
N ARG A 838 16.78 -47.04 -13.78
CA ARG A 838 16.22 -47.07 -15.12
C ARG A 838 17.15 -47.85 -16.04
N TRP A 839 18.44 -47.59 -15.90
CA TRP A 839 19.46 -48.28 -16.69
C TRP A 839 19.52 -49.78 -16.38
N LYS A 840 19.61 -50.12 -15.09
CA LYS A 840 19.63 -51.51 -14.65
C LYS A 840 18.39 -52.25 -15.13
N ALA A 841 17.21 -51.71 -14.81
CA ALA A 841 15.95 -52.38 -15.14
C ALA A 841 15.74 -52.56 -16.64
N ALA A 842 16.40 -51.73 -17.45
CA ALA A 842 16.27 -51.86 -18.91
C ALA A 842 17.35 -52.77 -19.47
N GLY A 843 18.29 -53.17 -18.63
CA GLY A 843 19.29 -54.17 -18.98
C GLY A 843 20.58 -53.62 -19.56
N HIS A 844 20.72 -52.29 -19.49
CA HIS A 844 21.87 -51.59 -20.08
C HIS A 844 23.21 -52.11 -19.60
N TYR A 845 23.29 -52.43 -18.31
CA TYR A 845 24.56 -52.86 -17.73
C TYR A 845 24.95 -54.30 -18.06
N GLN A 846 23.97 -55.12 -18.45
CA GLN A 846 24.25 -56.51 -18.76
C GLN A 846 23.76 -56.97 -20.15
N ALA A 847 23.59 -56.01 -21.05
CA ALA A 847 23.25 -56.31 -22.44
C ALA A 847 24.42 -56.95 -23.16
N GLU A 848 24.13 -57.88 -24.06
CA GLU A 848 25.16 -58.62 -24.77
C GLU A 848 25.17 -58.29 -26.25
N ALA A 849 26.36 -57.97 -26.76
CA ALA A 849 26.53 -57.68 -28.16
C ALA A 849 26.21 -58.93 -28.97
N ALA A 850 25.36 -58.77 -29.98
CA ALA A 850 25.00 -59.86 -30.87
C ALA A 850 25.35 -59.44 -32.30
N LEU A 851 26.23 -60.22 -32.93
CA LEU A 851 26.72 -59.86 -34.25
C LEU A 851 25.68 -60.10 -35.35
N LEU A 852 25.33 -59.04 -36.07
CA LEU A 852 24.38 -59.15 -37.17
C LEU A 852 25.09 -59.26 -38.52
N GLN A 853 26.32 -58.78 -38.57
CA GLN A 853 27.05 -58.61 -39.83
C GLN A 853 28.54 -58.32 -39.59
N CYS A 854 29.40 -58.89 -40.44
CA CYS A 854 30.84 -58.70 -40.32
C CYS A 854 31.57 -59.06 -41.62
N THR A 855 31.60 -58.12 -42.57
CA THR A 855 32.23 -58.36 -43.88
C THR A 855 33.57 -57.63 -44.10
N ALA A 856 34.36 -58.17 -45.01
CA ALA A 856 35.62 -57.58 -45.44
C ALA A 856 35.64 -57.32 -46.95
N ASP A 857 36.22 -56.21 -47.37
CA ASP A 857 36.32 -55.88 -48.78
C ASP A 857 37.64 -55.19 -49.09
N THR A 858 38.38 -55.72 -50.06
CA THR A 858 39.60 -55.07 -50.54
C THR A 858 39.24 -54.03 -51.61
N LEU A 859 39.58 -52.78 -51.29
CA LEU A 859 39.37 -51.63 -52.18
C LEU A 859 40.67 -51.29 -52.91
N ALA A 860 40.64 -50.21 -53.70
CA ALA A 860 41.80 -49.77 -54.49
C ALA A 860 43.05 -49.43 -53.65
N ASP A 861 42.86 -48.69 -52.56
CA ASP A 861 43.99 -48.28 -51.74
C ASP A 861 43.75 -48.47 -50.23
N ALA A 862 42.91 -49.43 -49.90
CA ALA A 862 42.53 -49.67 -48.50
C ALA A 862 41.80 -51.00 -48.29
N VAL A 863 41.52 -51.33 -47.04
CA VAL A 863 40.63 -52.44 -46.69
C VAL A 863 39.49 -51.92 -45.83
N LEU A 864 38.25 -52.29 -46.20
CA LEU A 864 37.05 -51.83 -45.52
C LEU A 864 36.37 -52.95 -44.74
N ILE A 865 36.21 -52.76 -43.43
CA ILE A 865 35.50 -53.73 -42.59
C ILE A 865 34.17 -53.16 -42.11
N THR A 866 33.08 -53.81 -42.51
CA THR A 866 31.73 -53.38 -42.12
C THR A 866 31.25 -54.27 -40.98
N THR A 867 30.65 -53.67 -39.96
CA THR A 867 30.03 -54.47 -38.90
C THR A 867 28.66 -53.95 -38.50
N ALA A 868 27.91 -54.80 -37.81
CA ALA A 868 26.60 -54.46 -37.28
C ALA A 868 26.31 -55.31 -36.05
N HIS A 869 26.02 -54.66 -34.94
CA HIS A 869 25.68 -55.36 -33.71
C HIS A 869 24.31 -54.92 -33.19
N ALA A 870 23.65 -55.81 -32.47
CA ALA A 870 22.44 -55.46 -31.76
C ALA A 870 22.63 -55.83 -30.30
N TRP A 871 22.51 -54.85 -29.41
CA TRP A 871 22.56 -55.10 -27.98
C TRP A 871 21.15 -55.42 -27.48
N GLN A 872 21.01 -56.58 -26.87
CA GLN A 872 19.69 -57.06 -26.49
C GLN A 872 19.64 -57.47 -25.04
N HIS A 873 18.45 -57.34 -24.45
CA HIS A 873 18.21 -57.80 -23.09
C HIS A 873 16.77 -58.29 -23.03
N GLN A 874 16.61 -59.58 -22.74
CA GLN A 874 15.30 -60.23 -22.62
C GLN A 874 14.39 -59.99 -23.84
N GLY A 875 14.99 -60.12 -25.03
CA GLY A 875 14.26 -60.02 -26.30
C GLY A 875 14.02 -58.62 -26.83
N LYS A 876 14.41 -57.62 -26.06
CA LYS A 876 14.30 -56.22 -26.46
C LYS A 876 15.64 -55.76 -27.07
N THR A 877 15.59 -55.17 -28.26
CA THR A 877 16.80 -54.60 -28.86
C THR A 877 16.99 -53.16 -28.38
N LEU A 878 17.99 -52.97 -27.52
CA LEU A 878 18.28 -51.67 -26.92
C LEU A 878 18.99 -50.76 -27.91
N PHE A 879 20.13 -51.22 -28.42
CA PHE A 879 20.98 -50.44 -29.30
C PHE A 879 21.35 -51.22 -30.54
N ILE A 880 21.67 -50.52 -31.61
CA ILE A 880 22.26 -51.12 -32.80
C ILE A 880 23.43 -50.24 -33.21
N SER A 881 24.58 -50.87 -33.41
CA SER A 881 25.78 -50.16 -33.79
C SER A 881 26.20 -50.61 -35.17
N ARG A 882 26.26 -49.66 -36.11
CA ARG A 882 26.72 -49.92 -37.48
C ARG A 882 28.05 -49.21 -37.73
N LYS A 883 29.09 -49.99 -37.97
CA LYS A 883 30.44 -49.44 -38.11
C LYS A 883 31.13 -49.84 -39.42
N THR A 884 32.05 -48.99 -39.87
CA THR A 884 32.98 -49.34 -40.92
C THR A 884 34.35 -48.92 -40.46
N TYR A 885 35.33 -49.80 -40.68
CA TYR A 885 36.72 -49.47 -40.45
C TYR A 885 37.40 -49.45 -41.80
N ARG A 886 38.01 -48.32 -42.14
CA ARG A 886 38.75 -48.19 -43.39
C ARG A 886 40.22 -48.01 -43.08
N ILE A 887 41.01 -49.04 -43.36
CA ILE A 887 42.45 -49.00 -43.14
C ILE A 887 43.12 -48.73 -44.48
N ASP A 888 43.75 -47.56 -44.62
CA ASP A 888 44.36 -47.17 -45.89
C ASP A 888 45.89 -47.40 -45.91
N GLY A 889 46.49 -47.04 -47.04
CA GLY A 889 47.92 -47.27 -47.24
C GLY A 889 48.87 -46.38 -46.44
N SER A 890 48.33 -45.44 -45.67
CA SER A 890 49.17 -44.61 -44.82
C SER A 890 49.15 -45.10 -43.37
N GLY A 891 48.44 -46.20 -43.12
CA GLY A 891 48.39 -46.82 -41.79
C GLY A 891 47.39 -46.20 -40.84
N GLN A 892 46.46 -45.43 -41.38
CA GLN A 892 45.43 -44.79 -40.59
C GLN A 892 44.12 -45.55 -40.71
N MET A 893 43.43 -45.72 -39.59
CA MET A 893 42.16 -46.42 -39.59
C MET A 893 41.01 -45.44 -39.31
N ALA A 894 40.19 -45.19 -40.33
CA ALA A 894 39.01 -44.32 -40.22
C ALA A 894 37.79 -45.11 -39.74
N ILE A 895 37.33 -44.82 -38.53
CA ILE A 895 36.22 -45.54 -37.94
C ILE A 895 34.96 -44.69 -37.94
N THR A 896 33.89 -45.25 -38.50
CA THR A 896 32.63 -44.55 -38.68
C THR A 896 31.56 -45.32 -37.92
N VAL A 897 30.98 -44.69 -36.90
CA VAL A 897 29.95 -45.32 -36.05
C VAL A 897 28.59 -44.62 -36.17
N ASP A 898 27.55 -45.42 -36.41
CA ASP A 898 26.18 -44.95 -36.48
C ASP A 898 25.34 -45.81 -35.55
N VAL A 899 24.79 -45.19 -34.50
CA VAL A 899 24.04 -45.92 -33.48
C VAL A 899 22.54 -45.61 -33.52
N GLU A 900 21.71 -46.65 -33.41
CA GLU A 900 20.27 -46.49 -33.23
C GLU A 900 20.00 -46.79 -31.78
N VAL A 901 19.19 -45.94 -31.14
CA VAL A 901 18.83 -46.15 -29.74
C VAL A 901 17.33 -46.23 -29.70
N ALA A 902 16.82 -47.31 -29.10
CA ALA A 902 15.38 -47.52 -29.05
C ALA A 902 14.69 -46.36 -28.31
N SER A 903 13.74 -45.71 -28.97
CA SER A 903 13.05 -44.54 -28.39
C SER A 903 12.45 -44.80 -27.01
N ASP A 904 12.06 -46.04 -26.75
CA ASP A 904 11.40 -46.39 -25.50
C ASP A 904 12.32 -46.98 -24.42
N THR A 905 13.61 -47.15 -24.73
CA THR A 905 14.60 -47.45 -23.68
C THR A 905 15.04 -46.14 -23.04
N PRO A 906 15.39 -46.16 -21.74
CA PRO A 906 15.90 -44.94 -21.13
C PRO A 906 17.14 -44.45 -21.87
N HIS A 907 17.25 -43.13 -22.04
CA HIS A 907 18.38 -42.54 -22.77
C HIS A 907 19.68 -42.96 -22.12
N PRO A 908 20.66 -43.39 -22.93
CA PRO A 908 21.88 -43.97 -22.39
C PRO A 908 22.87 -42.93 -21.84
N ALA A 909 23.73 -43.37 -20.94
CA ALA A 909 24.74 -42.51 -20.32
C ALA A 909 25.76 -41.98 -21.32
N ARG A 910 25.95 -42.70 -22.42
CA ARG A 910 26.99 -42.38 -23.39
C ARG A 910 26.85 -43.24 -24.63
N ILE A 911 27.37 -42.73 -25.74
CA ILE A 911 27.51 -43.52 -26.95
C ILE A 911 28.94 -43.41 -27.41
N GLY A 912 29.72 -44.45 -27.13
CA GLY A 912 31.13 -44.45 -27.49
C GLY A 912 31.74 -45.84 -27.59
N LEU A 913 33.07 -45.87 -27.57
CA LEU A 913 33.82 -47.10 -27.65
C LEU A 913 34.75 -47.14 -26.48
N ASN A 914 35.09 -48.35 -26.05
CA ASN A 914 36.19 -48.50 -25.11
C ASN A 914 37.11 -49.68 -25.44
N CYS A 915 38.32 -49.61 -24.90
CA CYS A 915 39.27 -50.68 -24.99
C CYS A 915 40.25 -50.46 -23.86
N GLN A 916 41.04 -51.49 -23.59
CA GLN A 916 42.10 -51.40 -22.60
C GLN A 916 43.39 -51.56 -23.36
N LEU A 917 44.10 -50.44 -23.53
CA LEU A 917 45.40 -50.43 -24.19
C LEU A 917 46.45 -51.11 -23.32
N ALA A 918 47.45 -51.71 -23.98
CA ALA A 918 48.57 -52.37 -23.28
C ALA A 918 49.54 -51.37 -22.70
N GLN A 919 49.65 -50.23 -23.40
CA GLN A 919 50.55 -49.13 -23.07
C GLN A 919 50.22 -48.45 -21.73
N VAL A 920 51.25 -48.21 -20.93
CA VAL A 920 51.17 -47.28 -19.82
C VAL A 920 52.23 -46.19 -20.06
N ALA A 921 51.77 -45.01 -20.47
CA ALA A 921 52.67 -43.87 -20.72
C ALA A 921 52.57 -42.84 -19.61
N GLU A 922 53.56 -41.96 -19.53
CA GLU A 922 53.62 -40.97 -18.46
C GLU A 922 52.63 -39.84 -18.70
N ARG A 923 52.50 -39.43 -19.96
CA ARG A 923 51.78 -38.20 -20.31
C ARG A 923 50.57 -38.41 -21.20
N VAL A 924 49.57 -37.52 -21.05
CA VAL A 924 48.43 -37.43 -21.96
C VAL A 924 48.42 -36.03 -22.60
N ASN A 925 48.33 -36.01 -23.92
CA ASN A 925 48.36 -34.77 -24.68
C ASN A 925 47.14 -34.69 -25.59
N TRP A 926 46.38 -33.60 -25.48
CA TRP A 926 45.16 -33.46 -26.28
C TRP A 926 44.83 -32.04 -26.73
N LEU A 927 44.19 -31.93 -27.89
CA LEU A 927 43.67 -30.69 -28.38
C LEU A 927 42.16 -30.69 -28.11
N GLY A 928 41.76 -30.03 -27.05
CA GLY A 928 40.36 -29.91 -26.72
C GLY A 928 40.15 -29.04 -25.51
N LEU A 929 38.97 -29.18 -24.91
CA LEU A 929 38.63 -28.44 -23.70
C LEU A 929 39.38 -29.02 -22.52
N GLY A 930 39.89 -28.13 -21.67
CA GLY A 930 40.69 -28.53 -20.53
C GLY A 930 41.27 -27.31 -19.85
N PRO A 931 42.26 -27.50 -18.97
CA PRO A 931 42.92 -28.78 -18.73
C PRO A 931 42.13 -29.72 -17.79
N GLN A 932 41.24 -29.20 -16.97
CA GLN A 932 40.56 -30.04 -15.98
C GLN A 932 39.39 -30.82 -16.55
N GLU A 933 38.93 -31.78 -15.76
CA GLU A 933 37.76 -32.58 -16.04
C GLU A 933 36.55 -31.70 -16.41
N ASN A 934 35.87 -32.05 -17.50
CA ASN A 934 34.71 -31.30 -17.95
C ASN A 934 33.68 -32.18 -18.68
N TYR A 935 32.40 -31.85 -18.51
CA TYR A 935 31.30 -32.60 -19.06
C TYR A 935 30.38 -31.66 -19.85
N PRO A 936 29.54 -32.21 -20.74
CA PRO A 936 28.67 -31.37 -21.56
C PRO A 936 27.92 -30.27 -20.79
N ASP A 937 27.38 -30.56 -19.61
CA ASP A 937 26.70 -29.52 -18.81
C ASP A 937 27.59 -28.83 -17.77
N ARG A 938 28.89 -29.13 -17.81
CA ARG A 938 29.89 -28.49 -16.98
C ARG A 938 31.22 -28.35 -17.74
N LEU A 939 31.24 -27.48 -18.76
CA LEU A 939 32.45 -27.27 -19.56
C LEU A 939 32.75 -25.80 -19.86
N THR A 940 31.98 -24.88 -19.28
CA THR A 940 32.15 -23.46 -19.62
C THR A 940 33.51 -22.93 -19.18
N ALA A 941 34.04 -23.47 -18.09
CA ALA A 941 35.33 -23.03 -17.53
C ALA A 941 36.52 -23.61 -18.28
N ALA A 942 36.30 -24.71 -18.98
CA ALA A 942 37.34 -25.33 -19.77
C ALA A 942 37.61 -24.48 -21.03
N CYS A 943 38.87 -24.44 -21.44
CA CYS A 943 39.26 -23.68 -22.61
C CYS A 943 39.77 -24.62 -23.67
N PHE A 944 39.44 -24.33 -24.92
CA PHE A 944 39.99 -25.09 -26.03
C PHE A 944 41.44 -24.69 -26.23
N ASP A 945 42.34 -25.67 -26.15
CA ASP A 945 43.78 -25.46 -26.40
C ASP A 945 44.51 -26.80 -26.48
N ARG A 946 45.83 -26.76 -26.44
CA ARG A 946 46.66 -27.97 -26.42
C ARG A 946 47.12 -28.20 -25.00
N TRP A 947 46.65 -29.28 -24.38
CA TRP A 947 46.94 -29.56 -22.97
C TRP A 947 47.82 -30.78 -22.85
N ASP A 948 48.63 -30.83 -21.80
CA ASP A 948 49.57 -31.92 -21.57
C ASP A 948 49.72 -32.17 -20.08
N LEU A 949 49.20 -33.31 -19.62
CA LEU A 949 49.18 -33.63 -18.20
C LEU A 949 49.67 -35.05 -17.93
N PRO A 950 50.22 -35.30 -16.72
CA PRO A 950 50.56 -36.69 -16.38
C PRO A 950 49.28 -37.51 -16.25
N LEU A 951 49.33 -38.77 -16.67
CA LEU A 951 48.17 -39.65 -16.61
C LEU A 951 47.35 -39.50 -15.32
N SER A 952 48.03 -39.32 -14.18
CA SER A 952 47.37 -39.24 -12.87
C SER A 952 46.42 -38.05 -12.71
N ASP A 953 46.65 -36.98 -13.49
CA ASP A 953 45.76 -35.83 -13.52
C ASP A 953 44.48 -36.08 -14.32
N MET A 954 44.49 -37.13 -15.14
CA MET A 954 43.32 -37.48 -15.94
C MET A 954 42.36 -38.37 -15.14
N TYR A 955 42.73 -38.65 -13.90
CA TYR A 955 41.84 -39.32 -12.97
C TYR A 955 41.44 -38.34 -11.87
N THR A 956 40.13 -38.23 -11.63
CA THR A 956 39.63 -37.47 -10.51
C THR A 956 39.33 -38.38 -9.33
N PRO A 957 40.02 -38.16 -8.21
CA PRO A 957 39.85 -38.98 -7.01
C PRO A 957 38.60 -38.65 -6.20
N TYR A 958 37.41 -38.88 -6.76
CA TYR A 958 36.18 -38.77 -5.98
C TYR A 958 36.16 -39.87 -4.92
N VAL A 959 35.78 -39.51 -3.70
CA VAL A 959 35.78 -40.50 -2.61
C VAL A 959 34.84 -41.66 -2.93
N PHE A 960 33.63 -41.38 -3.41
CA PHE A 960 32.81 -42.44 -3.99
C PHE A 960 33.11 -42.50 -5.48
N PRO A 961 33.73 -43.60 -5.95
CA PRO A 961 34.15 -43.64 -7.35
C PRO A 961 33.01 -43.82 -8.35
N SER A 962 33.18 -43.16 -9.50
CA SER A 962 32.21 -43.14 -10.60
C SER A 962 32.96 -42.75 -11.87
N GLU A 963 32.25 -42.67 -13.00
CA GLU A 963 32.79 -42.09 -14.22
C GLU A 963 33.40 -40.73 -13.88
N ASN A 964 34.61 -40.50 -14.36
CA ASN A 964 35.36 -39.29 -14.03
C ASN A 964 36.40 -38.97 -15.09
N GLY A 965 36.89 -37.74 -15.06
CA GLY A 965 38.02 -37.35 -15.88
C GLY A 965 37.70 -37.10 -17.34
N LEU A 966 36.43 -37.07 -17.71
CA LEU A 966 36.07 -36.79 -19.10
C LEU A 966 36.58 -35.42 -19.55
N ARG A 967 36.98 -35.33 -20.81
CA ARG A 967 37.25 -34.05 -21.44
C ARG A 967 36.45 -34.02 -22.72
N CYS A 968 35.81 -32.89 -22.99
CA CYS A 968 34.89 -32.74 -24.10
C CYS A 968 35.48 -31.94 -25.25
N GLY A 969 34.74 -31.85 -26.35
CA GLY A 969 35.17 -31.09 -27.55
C GLY A 969 36.63 -31.30 -27.93
N THR A 970 37.06 -32.55 -27.98
CA THR A 970 38.43 -32.87 -28.26
C THR A 970 38.63 -33.31 -29.71
N ARG A 971 39.57 -32.67 -30.38
CA ARG A 971 39.82 -32.93 -31.79
C ARG A 971 41.00 -33.87 -32.00
N GLU A 972 41.83 -34.05 -30.97
CA GLU A 972 43.03 -34.87 -31.08
C GLU A 972 43.54 -35.33 -29.74
N LEU A 973 43.73 -36.64 -29.60
CA LEU A 973 44.22 -37.24 -28.37
C LEU A 973 45.51 -38.02 -28.65
N ASN A 974 46.51 -37.87 -27.78
CA ASN A 974 47.79 -38.54 -27.97
C ASN A 974 48.22 -39.29 -26.73
N TYR A 975 48.53 -40.58 -26.89
CA TYR A 975 48.94 -41.40 -25.75
C TYR A 975 49.93 -42.48 -26.23
N GLY A 976 51.19 -42.32 -25.83
CA GLY A 976 52.27 -43.11 -26.39
C GLY A 976 52.38 -42.90 -27.89
N PRO A 977 52.38 -44.01 -28.66
CA PRO A 977 52.45 -43.93 -30.11
C PRO A 977 51.08 -43.76 -30.76
N HIS A 978 50.02 -43.71 -29.94
CA HIS A 978 48.66 -43.59 -30.44
C HIS A 978 48.22 -42.14 -30.61
N GLN A 979 47.45 -41.89 -31.65
CA GLN A 979 46.77 -40.62 -31.89
C GLN A 979 45.37 -40.87 -32.41
N TRP A 980 44.38 -40.29 -31.75
CA TRP A 980 43.02 -40.30 -32.27
C TRP A 980 42.62 -38.88 -32.69
N ARG A 981 41.90 -38.79 -33.81
CA ARG A 981 41.40 -37.52 -34.32
C ARG A 981 39.92 -37.62 -34.63
N GLY A 982 39.22 -36.48 -34.51
CA GLY A 982 37.78 -36.39 -34.83
C GLY A 982 37.15 -35.28 -34.02
N ASP A 983 35.96 -35.56 -33.47
CA ASP A 983 35.28 -34.63 -32.58
C ASP A 983 34.55 -35.39 -31.47
N PHE A 984 35.28 -35.67 -30.39
CA PHE A 984 34.81 -36.63 -29.41
C PHE A 984 35.08 -36.15 -27.98
N GLN A 985 34.51 -36.84 -27.00
CA GLN A 985 34.87 -36.69 -25.59
C GLN A 985 35.61 -37.97 -25.17
N PHE A 986 36.51 -37.86 -24.19
CA PHE A 986 37.27 -39.03 -23.74
C PHE A 986 37.63 -38.98 -22.27
N ASN A 987 37.76 -40.14 -21.63
CA ASN A 987 38.54 -40.23 -20.39
C ASN A 987 39.62 -41.29 -20.55
N ILE A 988 40.68 -41.16 -19.77
CA ILE A 988 41.79 -42.11 -19.86
C ILE A 988 42.38 -42.35 -18.47
N SER A 989 42.44 -43.62 -18.06
CA SER A 989 42.89 -43.97 -16.70
C SER A 989 43.27 -45.44 -16.53
N ARG A 990 43.86 -45.75 -15.38
CA ARG A 990 44.19 -47.12 -15.00
C ARG A 990 43.01 -47.82 -14.34
N TYR A 991 41.79 -47.30 -14.50
CA TYR A 991 40.63 -47.94 -13.89
C TYR A 991 39.46 -48.12 -14.86
N SER A 992 39.00 -49.36 -14.98
CA SER A 992 37.86 -49.68 -15.82
C SER A 992 36.56 -49.08 -15.28
N GLN A 993 35.60 -48.84 -16.16
CA GLN A 993 34.28 -48.41 -15.74
C GLN A 993 33.71 -49.41 -14.76
N GLN A 994 33.99 -50.68 -15.02
CA GLN A 994 33.55 -51.77 -14.17
C GLN A 994 34.12 -51.74 -12.74
N GLN A 995 35.42 -51.45 -12.59
CA GLN A 995 36.01 -51.35 -11.24
C GLN A 995 35.51 -50.11 -10.52
N LEU A 996 35.34 -49.02 -11.27
CA LEU A 996 34.80 -47.79 -10.69
C LEU A 996 33.39 -48.01 -10.13
N MET A 997 32.61 -48.85 -10.81
CA MET A 997 31.22 -49.09 -10.38
C MET A 997 31.05 -50.18 -9.32
N GLU A 998 32.10 -50.98 -9.12
CA GLU A 998 32.08 -52.07 -8.13
C GLU A 998 32.80 -51.68 -6.83
N THR A 999 33.51 -50.55 -6.84
CA THR A 999 34.32 -50.11 -5.71
C THR A 999 33.66 -48.93 -4.99
N SER A 1000 33.60 -49.02 -3.66
CA SER A 1000 32.85 -48.04 -2.85
C SER A 1000 33.69 -46.84 -2.38
N HIS A 1001 34.99 -47.06 -2.19
CA HIS A 1001 35.88 -46.00 -1.71
C HIS A 1001 37.07 -45.87 -2.65
N ARG A 1002 37.65 -44.67 -2.72
CA ARG A 1002 38.75 -44.42 -3.64
C ARG A 1002 40.01 -45.23 -3.33
N HIS A 1003 40.27 -45.42 -2.04
CA HIS A 1003 41.50 -46.07 -1.58
C HIS A 1003 41.51 -47.57 -1.83
N LEU A 1004 40.33 -48.14 -2.09
CA LEU A 1004 40.19 -49.56 -2.37
C LEU A 1004 40.36 -49.89 -3.86
N LEU A 1005 40.67 -48.86 -4.65
CA LEU A 1005 40.92 -49.02 -6.09
C LEU A 1005 42.34 -49.52 -6.34
N HIS A 1006 42.48 -50.52 -7.19
CA HIS A 1006 43.80 -50.94 -7.64
C HIS A 1006 43.99 -50.65 -9.12
N ALA A 1007 45.16 -50.11 -9.46
CA ALA A 1007 45.50 -49.82 -10.86
C ALA A 1007 45.55 -51.12 -11.63
N GLU A 1008 44.77 -51.19 -12.70
CA GLU A 1008 44.77 -52.35 -13.59
C GLU A 1008 45.96 -52.26 -14.56
N GLU A 1009 46.28 -53.40 -15.19
CA GLU A 1009 47.31 -53.48 -16.22
C GLU A 1009 46.82 -52.65 -17.41
N GLY A 1010 47.72 -51.90 -18.03
CA GLY A 1010 47.34 -51.06 -19.18
C GLY A 1010 46.42 -49.90 -18.80
N THR A 1011 45.87 -49.24 -19.82
CA THR A 1011 45.13 -48.01 -19.60
C THR A 1011 43.74 -48.11 -20.21
N TRP A 1012 42.72 -47.94 -19.38
CA TRP A 1012 41.37 -47.94 -19.89
C TRP A 1012 41.06 -46.63 -20.62
N LEU A 1013 40.70 -46.78 -21.89
CA LEU A 1013 40.38 -45.65 -22.74
C LEU A 1013 38.93 -45.71 -23.14
N ASN A 1014 38.20 -44.67 -22.77
CA ASN A 1014 36.81 -44.50 -23.18
C ASN A 1014 36.73 -43.34 -24.15
N ILE A 1015 36.35 -43.62 -25.40
CA ILE A 1015 36.15 -42.53 -26.36
C ILE A 1015 34.67 -42.44 -26.72
N ASP A 1016 34.06 -41.31 -26.33
CA ASP A 1016 32.63 -41.09 -26.57
C ASP A 1016 32.39 -40.12 -27.72
N GLY A 1017 31.49 -40.50 -28.61
CA GLY A 1017 30.93 -39.53 -29.56
C GLY A 1017 29.98 -38.61 -28.78
N PHE A 1018 29.26 -39.19 -27.82
CA PHE A 1018 28.27 -38.43 -27.08
C PHE A 1018 28.21 -38.91 -25.65
N HIS A 1019 28.06 -37.96 -24.72
CA HIS A 1019 28.02 -38.29 -23.30
C HIS A 1019 26.93 -37.46 -22.62
N MET A 1020 26.13 -38.11 -21.79
CA MET A 1020 25.04 -37.44 -21.10
C MET A 1020 25.57 -36.46 -20.05
N GLY A 1021 24.82 -35.39 -19.80
CA GLY A 1021 25.11 -34.49 -18.70
C GLY A 1021 25.19 -35.18 -17.34
N ILE A 1022 25.84 -34.52 -16.39
CA ILE A 1022 26.03 -35.05 -15.05
C ILE A 1022 24.97 -34.58 -14.04
N GLY A 1023 24.32 -33.45 -14.35
CA GLY A 1023 23.31 -32.87 -13.47
C GLY A 1023 23.83 -32.36 -12.13
N GLY A 1024 22.94 -32.30 -11.14
CA GLY A 1024 23.29 -31.77 -9.84
C GLY A 1024 22.43 -30.61 -9.34
N ASP A 1025 21.39 -30.23 -10.08
CA ASP A 1025 20.42 -29.27 -9.52
C ASP A 1025 19.98 -29.76 -8.14
N ASP A 1026 19.85 -31.07 -8.01
CA ASP A 1026 19.91 -31.74 -6.71
C ASP A 1026 20.53 -33.11 -6.92
N SER A 1027 20.64 -33.88 -5.84
CA SER A 1027 21.23 -35.21 -5.90
C SER A 1027 20.29 -36.31 -5.41
N TRP A 1028 19.00 -36.11 -5.61
CA TRP A 1028 18.03 -37.11 -5.16
C TRP A 1028 16.85 -37.32 -6.09
N SER A 1029 16.78 -36.54 -7.16
CA SER A 1029 15.91 -36.86 -8.30
C SER A 1029 16.74 -36.77 -9.58
N PRO A 1030 16.24 -37.30 -10.71
CA PRO A 1030 16.92 -37.00 -11.97
C PRO A 1030 17.05 -35.49 -12.15
N SER A 1031 18.25 -35.02 -12.43
CA SER A 1031 18.53 -33.58 -12.47
C SER A 1031 19.22 -33.15 -13.77
N VAL A 1032 19.48 -34.11 -14.66
CA VAL A 1032 20.10 -33.82 -15.95
C VAL A 1032 19.05 -33.21 -16.87
N SER A 1033 19.32 -32.02 -17.35
CA SER A 1033 18.37 -31.27 -18.15
C SER A 1033 18.13 -31.91 -19.54
N ALA A 1034 16.91 -31.80 -20.06
CA ALA A 1034 16.51 -32.44 -21.32
C ALA A 1034 17.53 -32.30 -22.44
N GLU A 1035 18.16 -31.13 -22.55
CA GLU A 1035 19.04 -30.84 -23.69
C GLU A 1035 20.41 -31.51 -23.58
N PHE A 1036 20.66 -32.17 -22.44
CA PHE A 1036 21.89 -32.91 -22.20
C PHE A 1036 21.68 -34.42 -22.05
N GLN A 1037 20.49 -34.88 -22.46
CA GLN A 1037 20.16 -36.30 -22.47
C GLN A 1037 20.32 -36.83 -23.88
N LEU A 1038 20.68 -38.10 -24.00
CA LEU A 1038 20.95 -38.65 -25.33
C LEU A 1038 19.69 -39.25 -25.92
N SER A 1039 18.86 -38.36 -26.46
CA SER A 1039 17.50 -38.70 -26.83
C SER A 1039 17.22 -38.67 -28.33
N ALA A 1040 18.22 -38.34 -29.13
CA ALA A 1040 18.02 -38.13 -30.56
C ALA A 1040 17.65 -39.40 -31.33
N GLY A 1041 17.98 -40.56 -30.75
CA GLY A 1041 17.60 -41.85 -31.34
C GLY A 1041 18.62 -42.39 -32.34
N ARG A 1042 19.21 -41.48 -33.13
CA ARG A 1042 20.21 -41.82 -34.12
C ARG A 1042 21.42 -40.92 -33.96
N TYR A 1043 22.59 -41.54 -33.79
CA TYR A 1043 23.81 -40.82 -33.46
C TYR A 1043 24.99 -41.21 -34.34
N HIS A 1044 25.74 -40.20 -34.80
CA HIS A 1044 26.89 -40.41 -35.68
C HIS A 1044 28.18 -39.78 -35.15
N TYR A 1045 29.25 -40.58 -35.11
CA TYR A 1045 30.58 -40.07 -34.84
C TYR A 1045 31.64 -40.77 -35.69
N GLN A 1046 32.81 -40.14 -35.84
CA GLN A 1046 33.91 -40.71 -36.63
C GLN A 1046 35.29 -40.45 -36.01
N LEU A 1047 36.16 -41.45 -36.05
CA LEU A 1047 37.49 -41.33 -35.51
C LEU A 1047 38.53 -41.89 -36.46
N VAL A 1048 39.63 -41.18 -36.61
CA VAL A 1048 40.81 -41.70 -37.27
C VAL A 1048 41.82 -42.11 -36.20
N TRP A 1049 42.38 -43.30 -36.35
CA TRP A 1049 43.39 -43.85 -35.43
C TRP A 1049 44.67 -44.13 -36.20
N CYS A 1050 45.79 -43.57 -35.74
CA CYS A 1050 47.09 -43.83 -36.36
C CYS A 1050 48.24 -43.77 -35.37
N GLN A 1051 49.35 -44.42 -35.71
CA GLN A 1051 50.60 -44.25 -34.96
C GLN A 1051 51.28 -42.96 -35.44
N LYS A 1052 51.95 -42.25 -34.52
CA LYS A 1052 52.74 -41.08 -34.91
C LYS A 1052 54.23 -41.23 -34.52
N VAL B 38 -16.77 30.90 -47.64
CA VAL B 38 -16.72 30.76 -46.16
C VAL B 38 -16.10 29.42 -45.79
N VAL B 39 -16.50 28.38 -46.52
CA VAL B 39 -16.02 27.02 -46.31
C VAL B 39 -14.53 26.90 -46.68
N LEU B 40 -14.16 27.41 -47.86
CA LEU B 40 -12.78 27.41 -48.33
C LEU B 40 -11.91 28.46 -47.61
N GLN B 41 -12.58 29.35 -46.87
CA GLN B 41 -11.92 30.46 -46.17
C GLN B 41 -11.51 30.11 -44.73
N ARG B 42 -12.20 29.15 -44.13
CA ARG B 42 -11.89 28.74 -42.76
C ARG B 42 -10.88 27.60 -42.69
N ARG B 43 -10.78 26.82 -43.77
CA ARG B 43 -9.86 25.68 -43.86
C ARG B 43 -9.85 24.87 -42.57
N ASP B 44 -11.02 24.34 -42.22
CA ASP B 44 -11.23 23.56 -41.00
C ASP B 44 -10.50 22.22 -41.02
N TRP B 45 -10.18 21.74 -42.23
CA TRP B 45 -9.46 20.48 -42.38
C TRP B 45 -7.95 20.59 -42.07
N GLU B 46 -7.52 21.78 -41.69
CA GLU B 46 -6.12 22.03 -41.30
C GLU B 46 -6.10 22.75 -39.94
N ASN B 47 -6.95 22.28 -39.04
CA ASN B 47 -7.13 22.89 -37.73
C ASN B 47 -7.49 21.83 -36.69
N PRO B 48 -6.52 21.46 -35.82
CA PRO B 48 -6.78 20.40 -34.86
C PRO B 48 -7.75 20.86 -33.76
N GLY B 49 -7.93 22.18 -33.66
CA GLY B 49 -8.92 22.75 -32.76
C GLY B 49 -10.35 22.54 -33.24
N VAL B 50 -10.53 22.34 -34.55
CA VAL B 50 -11.86 22.06 -35.12
C VAL B 50 -11.93 20.65 -35.70
N THR B 51 -12.69 19.79 -35.04
CA THR B 51 -12.83 18.39 -35.46
C THR B 51 -14.24 18.09 -35.89
N GLN B 52 -15.15 19.01 -35.58
CA GLN B 52 -16.55 18.91 -35.99
C GLN B 52 -17.18 20.28 -35.89
N LEU B 53 -18.22 20.48 -36.70
CA LEU B 53 -19.11 21.63 -36.56
C LEU B 53 -20.54 21.13 -36.66
N ASN B 54 -21.34 21.45 -35.63
CA ASN B 54 -22.77 21.08 -35.56
C ASN B 54 -23.03 19.57 -35.50
N ARG B 55 -22.03 18.81 -35.06
CA ARG B 55 -22.18 17.37 -34.88
C ARG B 55 -22.87 17.02 -33.57
N LEU B 56 -23.78 16.04 -33.62
CA LEU B 56 -24.49 15.57 -32.42
C LEU B 56 -23.60 14.72 -31.51
N ALA B 57 -24.04 14.59 -30.26
CA ALA B 57 -23.35 13.76 -29.29
C ALA B 57 -23.33 12.29 -29.69
N ALA B 58 -22.20 11.63 -29.44
CA ALA B 58 -22.11 10.18 -29.60
C ALA B 58 -23.00 9.47 -28.57
N HIS B 59 -23.34 8.20 -28.84
CA HIS B 59 -24.29 7.44 -28.05
C HIS B 59 -24.25 5.97 -28.46
N PRO B 60 -24.87 5.08 -27.66
CA PRO B 60 -24.94 3.70 -28.12
C PRO B 60 -25.89 3.56 -29.31
N PRO B 61 -25.77 2.46 -30.08
CA PRO B 61 -26.62 2.22 -31.25
C PRO B 61 -28.10 2.42 -30.95
N PHE B 62 -28.74 3.30 -31.74
CA PHE B 62 -30.20 3.58 -31.66
C PHE B 62 -30.96 3.07 -32.88
N ALA B 63 -32.23 2.73 -32.67
CA ALA B 63 -33.14 2.35 -33.77
C ALA B 63 -34.46 3.13 -33.72
N SER B 64 -34.72 3.80 -32.59
CA SER B 64 -35.98 4.49 -32.34
C SER B 64 -37.20 3.66 -32.73
N TRP B 65 -37.33 2.49 -32.10
CA TRP B 65 -38.49 1.65 -32.30
C TRP B 65 -39.71 2.32 -31.69
N ARG B 66 -40.89 2.03 -32.22
CA ARG B 66 -42.14 2.56 -31.67
C ARG B 66 -43.03 1.42 -31.24
N ASN B 67 -42.39 0.27 -31.04
CA ASN B 67 -43.07 -0.95 -30.66
C ASN B 67 -42.09 -1.74 -29.82
N SER B 68 -42.48 -2.04 -28.59
CA SER B 68 -41.56 -2.67 -27.64
C SER B 68 -41.14 -4.06 -28.05
N GLU B 69 -42.04 -4.78 -28.72
CA GLU B 69 -41.74 -6.15 -29.11
C GLU B 69 -40.66 -6.20 -30.19
N GLU B 70 -40.66 -5.20 -31.07
CA GLU B 70 -39.64 -5.09 -32.11
C GLU B 70 -38.29 -4.80 -31.48
N ALA B 71 -38.31 -3.98 -30.43
CA ALA B 71 -37.11 -3.66 -29.68
C ALA B 71 -36.59 -4.89 -28.94
N ARG B 72 -37.48 -5.66 -28.32
CA ARG B 72 -37.06 -6.89 -27.64
C ARG B 72 -36.35 -7.87 -28.56
N THR B 73 -36.88 -8.04 -29.76
CA THR B 73 -36.45 -9.12 -30.66
C THR B 73 -35.43 -8.67 -31.67
N ASP B 74 -35.01 -7.40 -31.56
CA ASP B 74 -34.02 -6.81 -32.47
C ASP B 74 -34.46 -6.90 -33.96
N ARG B 75 -35.76 -6.72 -34.22
CA ARG B 75 -36.28 -6.68 -35.58
C ARG B 75 -35.93 -5.33 -36.22
N PRO B 76 -35.95 -5.25 -37.57
CA PRO B 76 -35.70 -3.96 -38.25
C PRO B 76 -36.67 -2.85 -37.82
N SER B 77 -36.17 -1.62 -37.79
CA SER B 77 -37.00 -0.48 -37.39
C SER B 77 -37.26 0.46 -38.56
N GLN B 78 -38.52 0.83 -38.72
CA GLN B 78 -38.92 1.74 -39.80
C GLN B 78 -38.38 3.16 -39.58
N GLN B 79 -37.96 3.44 -38.35
CA GLN B 79 -37.44 4.75 -37.99
C GLN B 79 -35.95 4.87 -38.26
N LEU B 80 -35.35 3.79 -38.76
CA LEU B 80 -33.95 3.77 -39.17
C LEU B 80 -33.82 3.32 -40.64
N ARG B 81 -33.68 4.28 -41.54
CA ARG B 81 -33.63 4.02 -42.98
C ARG B 81 -32.21 3.97 -43.48
N SER B 82 -31.89 2.98 -44.30
CA SER B 82 -30.59 2.95 -44.96
C SER B 82 -30.57 3.86 -46.17
N LEU B 83 -29.56 4.73 -46.27
CA LEU B 83 -29.35 5.49 -47.51
C LEU B 83 -28.24 4.86 -48.37
N ASN B 84 -27.87 3.62 -48.06
CA ASN B 84 -26.95 2.85 -48.90
C ASN B 84 -27.52 2.56 -50.29
N GLY B 85 -26.63 2.31 -51.25
CA GLY B 85 -27.03 1.98 -52.61
C GLY B 85 -26.24 2.80 -53.61
N GLU B 86 -26.91 3.28 -54.64
CA GLU B 86 -26.24 4.07 -55.68
C GLU B 86 -26.33 5.57 -55.44
N TRP B 87 -25.17 6.21 -55.44
CA TRP B 87 -25.03 7.65 -55.25
C TRP B 87 -24.39 8.26 -56.50
N ARG B 88 -24.16 9.57 -56.46
CA ARG B 88 -23.39 10.24 -57.51
C ARG B 88 -22.03 10.70 -56.96
N PHE B 89 -20.99 10.60 -57.79
CA PHE B 89 -19.63 10.92 -57.36
C PHE B 89 -18.80 11.63 -58.42
N ALA B 90 -18.11 12.68 -58.01
CA ALA B 90 -17.15 13.38 -58.85
C ALA B 90 -15.84 13.61 -58.10
N TRP B 91 -14.74 13.12 -58.67
CA TRP B 91 -13.39 13.27 -58.13
C TRP B 91 -12.76 14.61 -58.55
N PHE B 92 -12.04 15.25 -57.62
CA PHE B 92 -11.36 16.53 -57.88
C PHE B 92 -9.95 16.55 -57.26
N PRO B 93 -9.01 17.29 -57.86
CA PRO B 93 -7.65 17.37 -57.30
C PRO B 93 -7.53 18.19 -56.00
N ALA B 94 -8.51 19.03 -55.71
CA ALA B 94 -8.52 19.91 -54.53
C ALA B 94 -9.94 20.40 -54.21
N PRO B 95 -10.19 20.85 -52.95
CA PRO B 95 -11.51 21.40 -52.63
C PRO B 95 -11.80 22.71 -53.36
N GLU B 96 -10.75 23.42 -53.77
CA GLU B 96 -10.90 24.66 -54.53
C GLU B 96 -11.38 24.39 -55.97
N ALA B 97 -11.00 23.23 -56.52
CA ALA B 97 -11.42 22.83 -57.87
C ALA B 97 -12.90 22.42 -57.97
N VAL B 98 -13.63 22.50 -56.86
CA VAL B 98 -15.05 22.13 -56.82
C VAL B 98 -15.93 23.31 -57.19
N PRO B 99 -16.74 23.17 -58.27
CA PRO B 99 -17.59 24.25 -58.73
C PRO B 99 -18.81 24.41 -57.82
N GLU B 100 -19.21 25.65 -57.61
CA GLU B 100 -20.32 25.99 -56.69
C GLU B 100 -21.69 25.48 -57.14
N SER B 101 -21.82 25.09 -58.41
CA SER B 101 -23.07 24.53 -58.94
C SER B 101 -23.45 23.19 -58.31
N TRP B 102 -22.43 22.46 -57.85
CA TRP B 102 -22.59 21.14 -57.24
C TRP B 102 -23.40 21.16 -55.92
N LEU B 103 -23.26 22.23 -55.14
CA LEU B 103 -24.05 22.44 -53.94
C LEU B 103 -25.55 22.38 -54.24
N GLU B 104 -25.97 23.03 -55.31
CA GLU B 104 -27.40 23.10 -55.64
C GLU B 104 -27.91 22.03 -56.61
N CYS B 105 -27.14 21.68 -57.63
CA CYS B 105 -27.60 20.68 -58.60
C CYS B 105 -26.51 19.74 -59.11
N ASP B 106 -26.93 18.58 -59.61
CA ASP B 106 -26.03 17.52 -60.05
C ASP B 106 -25.04 17.96 -61.13
N LEU B 107 -23.82 17.46 -61.03
CA LEU B 107 -22.83 17.61 -62.11
C LEU B 107 -23.08 16.52 -63.14
N PRO B 108 -23.10 16.90 -64.43
CA PRO B 108 -23.27 15.94 -65.54
C PRO B 108 -22.10 14.97 -65.68
N GLU B 109 -20.90 15.43 -65.31
CA GLU B 109 -19.66 14.68 -65.46
C GLU B 109 -19.45 13.59 -64.40
N ALA B 110 -20.36 13.53 -63.44
CA ALA B 110 -20.31 12.54 -62.35
C ALA B 110 -20.82 11.19 -62.81
N ASP B 111 -20.22 10.13 -62.27
CA ASP B 111 -20.67 8.76 -62.54
C ASP B 111 -21.58 8.31 -61.41
N THR B 112 -22.17 7.13 -61.57
CA THR B 112 -22.98 6.53 -60.52
C THR B 112 -22.19 5.40 -59.83
N VAL B 113 -21.90 5.60 -58.54
CA VAL B 113 -21.15 4.61 -57.77
C VAL B 113 -21.94 4.08 -56.58
N VAL B 114 -21.55 2.89 -56.11
CA VAL B 114 -22.13 2.31 -54.90
C VAL B 114 -21.50 2.96 -53.66
N VAL B 115 -22.36 3.22 -52.67
CA VAL B 115 -21.94 3.68 -51.34
C VAL B 115 -22.55 2.71 -50.30
N PRO B 116 -21.76 2.26 -49.31
CA PRO B 116 -20.37 2.68 -49.02
C PRO B 116 -19.35 2.12 -50.00
N SER B 117 -18.27 2.88 -50.18
CA SER B 117 -17.12 2.46 -50.98
C SER B 117 -15.90 3.30 -50.66
N ASN B 118 -14.73 2.77 -51.00
CA ASN B 118 -13.50 3.57 -51.12
C ASN B 118 -13.29 3.94 -52.59
N TRP B 119 -13.16 5.23 -52.87
CA TRP B 119 -13.05 5.71 -54.25
C TRP B 119 -11.76 5.30 -54.97
N GLN B 120 -10.83 4.70 -54.23
CA GLN B 120 -9.66 4.09 -54.82
C GLN B 120 -10.01 2.71 -55.40
N MET B 121 -11.02 2.07 -54.81
CA MET B 121 -11.48 0.75 -55.26
C MET B 121 -12.29 0.86 -56.54
N HIS B 122 -12.69 2.08 -56.89
CA HIS B 122 -13.44 2.34 -58.11
C HIS B 122 -12.56 2.96 -59.19
N GLY B 123 -11.25 3.02 -58.93
CA GLY B 123 -10.27 3.51 -59.90
C GLY B 123 -9.92 4.99 -59.87
N TYR B 124 -10.69 5.79 -59.13
CA TYR B 124 -10.58 7.25 -59.17
C TYR B 124 -9.20 7.85 -58.81
N ASP B 125 -8.51 7.21 -57.87
CA ASP B 125 -7.07 7.40 -57.70
C ASP B 125 -6.48 6.13 -57.08
N ALA B 126 -5.20 6.17 -56.72
CA ALA B 126 -4.51 4.99 -56.23
C ALA B 126 -4.57 4.85 -54.70
N PRO B 127 -4.74 3.61 -54.20
CA PRO B 127 -4.50 3.36 -52.78
C PRO B 127 -2.99 3.41 -52.47
N ILE B 128 -2.63 4.02 -51.35
CA ILE B 128 -1.23 4.11 -50.95
C ILE B 128 -0.95 3.14 -49.80
N TYR B 129 0.06 2.28 -49.96
CA TYR B 129 0.53 1.51 -48.80
C TYR B 129 1.87 1.98 -48.25
N THR B 130 1.81 2.60 -47.08
CA THR B 130 2.98 2.92 -46.31
C THR B 130 2.76 2.48 -44.87
N ASN B 131 3.83 2.02 -44.24
CA ASN B 131 3.80 1.54 -42.87
C ASN B 131 3.91 2.68 -41.85
N VAL B 132 5.13 3.11 -41.57
CA VAL B 132 5.43 4.15 -40.58
C VAL B 132 5.37 5.57 -41.15
N THR B 133 6.10 5.80 -42.24
CA THR B 133 6.16 7.11 -42.90
C THR B 133 4.77 7.60 -43.30
N TYR B 134 4.43 8.81 -42.85
CA TYR B 134 3.20 9.46 -43.25
C TYR B 134 3.12 9.55 -44.78
N PRO B 135 1.92 9.33 -45.34
CA PRO B 135 1.72 9.43 -46.80
C PRO B 135 1.73 10.89 -47.32
N ILE B 136 1.75 11.86 -46.41
CA ILE B 136 1.88 13.29 -46.74
C ILE B 136 3.13 13.88 -46.05
N THR B 137 3.58 15.06 -46.47
CA THR B 137 4.70 15.73 -45.82
C THR B 137 4.31 16.11 -44.40
N VAL B 138 5.16 15.73 -43.44
CA VAL B 138 4.93 15.97 -42.01
C VAL B 138 5.05 17.45 -41.68
N ASN B 139 3.92 18.15 -41.70
CA ASN B 139 3.88 19.58 -41.36
C ASN B 139 2.58 19.94 -40.65
N PRO B 140 2.36 19.44 -39.42
CA PRO B 140 1.08 19.65 -38.73
C PRO B 140 0.83 21.13 -38.46
N PRO B 141 -0.45 21.58 -38.56
CA PRO B 141 -1.65 20.83 -38.98
C PRO B 141 -1.93 20.79 -40.49
N PHE B 142 -0.98 21.30 -41.29
CA PHE B 142 -1.18 21.49 -42.74
C PHE B 142 -1.10 20.21 -43.56
N VAL B 143 -1.98 20.12 -44.55
CA VAL B 143 -1.95 19.01 -45.52
C VAL B 143 -1.63 19.58 -46.91
N PRO B 144 -1.26 18.70 -47.88
CA PRO B 144 -0.99 19.21 -49.22
C PRO B 144 -2.19 20.00 -49.76
N THR B 145 -1.91 20.97 -50.63
CA THR B 145 -2.97 21.72 -51.28
C THR B 145 -3.61 20.86 -52.38
N GLU B 146 -2.83 19.94 -52.95
CA GLU B 146 -3.37 18.91 -53.85
C GLU B 146 -3.97 17.78 -53.01
N ASN B 147 -5.25 17.93 -52.72
CA ASN B 147 -5.96 17.12 -51.75
C ASN B 147 -7.16 16.47 -52.44
N PRO B 148 -7.01 15.20 -52.87
CA PRO B 148 -8.10 14.45 -53.50
C PRO B 148 -9.44 14.61 -52.75
N THR B 149 -10.35 15.32 -53.42
CA THR B 149 -11.65 15.67 -52.87
C THR B 149 -12.71 14.79 -53.52
N GLY B 150 -13.49 14.10 -52.71
CA GLY B 150 -14.59 13.29 -53.21
C GLY B 150 -15.90 14.01 -53.02
N CYS B 151 -16.55 14.33 -54.13
CA CYS B 151 -17.87 14.96 -54.09
C CYS B 151 -18.95 13.91 -54.31
N TYR B 152 -19.56 13.52 -53.19
CA TYR B 152 -20.69 12.61 -53.21
C TYR B 152 -21.97 13.43 -53.17
N SER B 153 -23.03 12.90 -53.76
CA SER B 153 -24.34 13.54 -53.74
C SER B 153 -25.45 12.52 -53.93
N LEU B 154 -26.52 12.68 -53.17
CA LEU B 154 -27.66 11.80 -53.28
C LEU B 154 -28.94 12.61 -53.39
N THR B 155 -29.81 12.16 -54.27
CA THR B 155 -31.18 12.66 -54.34
C THR B 155 -32.07 11.54 -53.86
N PHE B 156 -32.90 11.86 -52.88
CA PHE B 156 -33.69 10.86 -52.20
C PHE B 156 -34.97 11.48 -51.70
N ASN B 157 -35.87 10.60 -51.25
CA ASN B 157 -37.21 10.95 -50.86
C ASN B 157 -37.38 10.87 -49.34
N VAL B 158 -37.92 11.92 -48.74
CA VAL B 158 -38.29 11.92 -47.32
C VAL B 158 -39.80 12.09 -47.21
N ASP B 159 -40.44 11.23 -46.43
CA ASP B 159 -41.88 11.35 -46.15
C ASP B 159 -42.20 12.57 -45.30
N GLU B 160 -43.26 13.28 -45.67
CA GLU B 160 -43.80 14.40 -44.90
C GLU B 160 -44.01 14.06 -43.41
N SER B 161 -44.43 12.81 -43.12
CA SER B 161 -44.65 12.34 -41.75
C SER B 161 -43.41 12.44 -40.86
N TRP B 162 -42.23 12.30 -41.48
CA TRP B 162 -40.97 12.43 -40.76
C TRP B 162 -40.64 13.87 -40.34
N LEU B 163 -41.25 14.84 -41.01
CA LEU B 163 -40.98 16.26 -40.75
C LEU B 163 -42.04 16.97 -39.92
N GLN B 164 -43.29 16.51 -40.02
CA GLN B 164 -44.41 17.05 -39.20
C GLN B 164 -44.12 16.99 -37.70
N GLU B 165 -43.37 15.97 -37.29
CA GLU B 165 -43.06 15.75 -35.89
C GLU B 165 -41.61 15.30 -35.74
N GLY B 166 -41.03 15.55 -34.58
CA GLY B 166 -39.77 14.95 -34.19
C GLY B 166 -38.53 15.38 -34.96
N GLN B 167 -37.52 14.53 -34.91
CA GLN B 167 -36.15 14.89 -35.28
C GLN B 167 -35.62 13.90 -36.30
N THR B 168 -35.11 14.43 -37.41
CA THR B 168 -34.53 13.59 -38.45
C THR B 168 -33.05 13.87 -38.60
N ARG B 169 -32.24 12.87 -38.27
CA ARG B 169 -30.80 13.02 -38.31
C ARG B 169 -30.18 12.11 -39.37
N ILE B 170 -29.08 12.57 -39.96
CA ILE B 170 -28.30 11.73 -40.86
C ILE B 170 -27.09 11.14 -40.12
N ILE B 171 -26.82 9.86 -40.36
CA ILE B 171 -25.72 9.18 -39.69
C ILE B 171 -24.73 8.67 -40.73
N PHE B 172 -23.52 9.23 -40.70
CA PHE B 172 -22.42 8.75 -41.50
C PHE B 172 -21.53 7.93 -40.60
N ASP B 173 -21.61 6.60 -40.73
CA ASP B 173 -20.84 5.71 -39.89
C ASP B 173 -19.33 5.79 -40.16
N GLY B 174 -18.95 6.13 -41.38
CA GLY B 174 -17.54 6.13 -41.73
C GLY B 174 -17.19 6.99 -42.91
N VAL B 175 -16.49 8.09 -42.64
CA VAL B 175 -16.00 8.96 -43.70
C VAL B 175 -14.52 9.28 -43.48
N ASN B 176 -13.70 9.00 -44.49
CA ASN B 176 -12.26 9.02 -44.39
C ASN B 176 -11.74 10.13 -45.31
N SER B 177 -11.15 11.21 -44.77
CA SER B 177 -10.88 11.42 -43.34
C SER B 177 -11.70 12.55 -42.72
N ALA B 178 -12.13 13.49 -43.54
CA ALA B 178 -12.95 14.62 -43.10
C ALA B 178 -13.98 14.91 -44.18
N PHE B 179 -14.96 15.77 -43.86
CA PHE B 179 -16.00 16.11 -44.83
C PHE B 179 -16.87 17.27 -44.39
N HIS B 180 -17.37 18.02 -45.37
CA HIS B 180 -18.42 19.01 -45.16
C HIS B 180 -19.71 18.44 -45.75
N LEU B 181 -20.83 18.73 -45.10
CA LEU B 181 -22.15 18.26 -45.56
C LEU B 181 -23.09 19.42 -45.89
N TRP B 182 -23.73 19.34 -47.07
CA TRP B 182 -24.83 20.25 -47.41
C TRP B 182 -26.10 19.46 -47.65
N CYS B 183 -27.23 20.07 -47.30
CA CYS B 183 -28.53 19.50 -47.58
C CYS B 183 -29.36 20.54 -48.34
N ASN B 184 -29.81 20.18 -49.54
CA ASN B 184 -30.57 21.09 -50.42
C ASN B 184 -29.90 22.47 -50.55
N GLY B 185 -28.59 22.45 -50.82
CA GLY B 185 -27.80 23.69 -51.00
C GLY B 185 -27.39 24.45 -49.74
N ARG B 186 -27.97 24.10 -48.59
CA ARG B 186 -27.63 24.73 -47.31
C ARG B 186 -26.59 23.90 -46.55
N TRP B 187 -25.57 24.58 -46.02
CA TRP B 187 -24.51 23.94 -45.24
C TRP B 187 -25.00 23.47 -43.86
N VAL B 188 -24.74 22.19 -43.54
CA VAL B 188 -25.13 21.60 -42.27
C VAL B 188 -23.98 21.56 -41.26
N GLY B 189 -22.88 20.93 -41.64
CA GLY B 189 -21.76 20.78 -40.73
C GLY B 189 -20.51 20.10 -41.26
N TYR B 190 -19.62 19.82 -40.33
CA TYR B 190 -18.29 19.32 -40.62
C TYR B 190 -17.98 18.18 -39.65
N GLY B 191 -17.13 17.24 -40.08
CA GLY B 191 -16.78 16.12 -39.23
C GLY B 191 -15.42 15.50 -39.50
N GLN B 192 -14.78 15.02 -38.45
CA GLN B 192 -13.52 14.28 -38.55
C GLN B 192 -13.63 12.95 -37.80
N ASP B 193 -12.53 12.19 -37.79
CA ASP B 193 -12.44 10.82 -37.27
C ASP B 193 -13.14 9.80 -38.18
N SER B 194 -12.30 9.10 -38.94
CA SER B 194 -12.72 8.20 -40.00
C SER B 194 -13.44 6.96 -39.51
N ARG B 195 -13.39 6.70 -38.20
CA ARG B 195 -13.82 5.40 -37.70
C ARG B 195 -14.96 5.44 -36.69
N LEU B 196 -15.50 6.63 -36.43
CA LEU B 196 -16.69 6.76 -35.60
C LEU B 196 -17.83 7.45 -36.35
N PRO B 197 -19.08 7.11 -36.01
CA PRO B 197 -20.19 7.74 -36.72
C PRO B 197 -20.24 9.25 -36.48
N SER B 198 -20.55 10.01 -37.52
CA SER B 198 -20.82 11.44 -37.41
C SER B 198 -22.29 11.68 -37.68
N GLU B 199 -22.91 12.47 -36.82
CA GLU B 199 -24.38 12.68 -36.87
C GLU B 199 -24.76 14.15 -36.86
N PHE B 200 -25.79 14.47 -37.65
CA PHE B 200 -26.23 15.86 -37.86
C PHE B 200 -27.75 15.91 -37.98
N ASP B 201 -28.36 16.89 -37.30
CA ASP B 201 -29.80 17.14 -37.41
C ASP B 201 -30.21 17.86 -38.71
N LEU B 202 -30.93 17.13 -39.55
CA LEU B 202 -31.41 17.64 -40.83
C LEU B 202 -32.86 18.14 -40.78
N SER B 203 -33.46 18.15 -39.58
CA SER B 203 -34.88 18.47 -39.43
C SER B 203 -35.29 19.79 -40.06
N ALA B 204 -34.49 20.83 -39.83
CA ALA B 204 -34.75 22.14 -40.41
C ALA B 204 -34.27 22.26 -41.86
N PHE B 205 -33.66 21.21 -42.40
CA PHE B 205 -33.02 21.29 -43.72
C PHE B 205 -33.82 20.54 -44.81
N LEU B 206 -34.57 19.53 -44.40
CA LEU B 206 -35.31 18.73 -45.35
C LEU B 206 -36.64 19.38 -45.75
N ARG B 207 -37.15 18.96 -46.90
CA ARG B 207 -38.48 19.33 -47.37
C ARG B 207 -39.22 18.04 -47.69
N ALA B 208 -40.54 18.10 -47.74
CA ALA B 208 -41.32 16.94 -48.16
C ALA B 208 -41.04 16.63 -49.63
N GLY B 209 -40.77 15.36 -49.93
CA GLY B 209 -40.50 14.92 -51.31
C GLY B 209 -39.02 14.81 -51.64
N GLU B 210 -38.60 15.52 -52.69
CA GLU B 210 -37.24 15.42 -53.22
C GLU B 210 -36.23 16.26 -52.45
N ASN B 211 -35.15 15.61 -52.03
CA ASN B 211 -34.05 16.28 -51.36
C ASN B 211 -32.72 15.91 -51.98
N ARG B 212 -31.72 16.76 -51.77
CA ARG B 212 -30.38 16.45 -52.23
C ARG B 212 -29.30 16.74 -51.18
N LEU B 213 -28.49 15.70 -50.91
CA LEU B 213 -27.33 15.79 -50.03
C LEU B 213 -26.12 15.99 -50.87
N ALA B 214 -25.20 16.85 -50.41
CA ALA B 214 -23.92 17.05 -51.06
C ALA B 214 -22.82 16.92 -50.01
N VAL B 215 -21.99 15.88 -50.17
CA VAL B 215 -20.92 15.58 -49.22
C VAL B 215 -19.54 15.74 -49.87
N MET B 216 -18.76 16.70 -49.38
CA MET B 216 -17.42 16.94 -49.89
C MET B 216 -16.39 16.28 -48.95
N VAL B 217 -15.94 15.08 -49.31
CA VAL B 217 -15.02 14.29 -48.49
C VAL B 217 -13.58 14.64 -48.85
N LEU B 218 -12.81 15.11 -47.87
CA LEU B 218 -11.39 15.39 -48.07
C LEU B 218 -10.52 14.20 -47.68
N ARG B 219 -9.62 13.79 -48.58
CA ARG B 219 -8.72 12.67 -48.32
C ARG B 219 -7.77 12.97 -47.14
N TRP B 220 -7.14 14.15 -47.16
CA TRP B 220 -6.21 14.55 -46.09
C TRP B 220 -6.78 15.68 -45.24
N SER B 221 -6.56 15.60 -43.93
CA SER B 221 -6.97 16.65 -42.99
C SER B 221 -6.06 16.59 -41.78
N ASP B 222 -6.29 17.46 -40.79
CA ASP B 222 -5.47 17.40 -39.57
C ASP B 222 -5.68 16.08 -38.79
N GLY B 223 -6.81 15.42 -39.06
CA GLY B 223 -7.11 14.10 -38.52
C GLY B 223 -6.18 13.01 -39.03
N SER B 224 -5.59 13.24 -40.20
CA SER B 224 -4.68 12.30 -40.84
C SER B 224 -3.42 12.09 -40.00
N TYR B 225 -3.04 13.11 -39.24
CA TYR B 225 -1.88 13.03 -38.36
C TYR B 225 -2.12 12.05 -37.21
N LEU B 226 -3.40 11.71 -36.98
CA LEU B 226 -3.80 10.78 -35.94
C LEU B 226 -4.24 9.43 -36.50
N GLU B 227 -4.11 9.26 -37.81
CA GLU B 227 -4.58 8.08 -38.52
C GLU B 227 -3.45 7.38 -39.30
N ASP B 228 -2.32 7.22 -38.64
CA ASP B 228 -1.16 6.65 -39.33
C ASP B 228 -0.99 5.13 -39.14
N GLN B 229 -2.12 4.42 -39.11
CA GLN B 229 -2.08 2.95 -39.06
C GLN B 229 -1.34 2.32 -40.24
N ASP B 230 -0.61 1.25 -39.96
CA ASP B 230 0.04 0.44 -40.97
C ASP B 230 -1.01 -0.37 -41.74
N MET B 231 -1.58 0.32 -42.75
CA MET B 231 -2.61 -0.25 -43.62
C MET B 231 -2.64 0.56 -44.92
N TRP B 232 -3.49 0.15 -45.85
CA TRP B 232 -3.72 0.95 -47.05
C TRP B 232 -4.33 2.30 -46.70
N ARG B 233 -3.84 3.34 -47.36
CA ARG B 233 -4.35 4.69 -47.16
C ARG B 233 -5.40 4.99 -48.22
N MET B 234 -6.65 5.06 -47.78
CA MET B 234 -7.80 5.19 -48.67
C MET B 234 -8.72 6.30 -48.18
N SER B 235 -9.83 6.50 -48.87
CA SER B 235 -10.74 7.59 -48.51
C SER B 235 -12.14 7.37 -49.06
N GLY B 236 -13.06 8.23 -48.63
CA GLY B 236 -14.43 8.21 -49.13
C GLY B 236 -15.42 7.82 -48.06
N ILE B 237 -16.66 7.58 -48.49
CA ILE B 237 -17.71 7.17 -47.58
C ILE B 237 -17.76 5.65 -47.57
N PHE B 238 -17.13 5.04 -46.56
CA PHE B 238 -16.86 3.60 -46.56
C PHE B 238 -17.65 2.76 -45.55
N ARG B 239 -18.50 3.42 -44.77
CA ARG B 239 -19.46 2.71 -43.93
C ARG B 239 -20.87 3.21 -44.21
N ASP B 240 -21.86 2.53 -43.65
CA ASP B 240 -23.26 2.84 -43.88
C ASP B 240 -23.59 4.31 -43.66
N VAL B 241 -24.43 4.85 -44.55
CA VAL B 241 -25.10 6.13 -44.33
C VAL B 241 -26.55 5.79 -44.02
N SER B 242 -27.15 6.51 -43.10
CA SER B 242 -28.54 6.25 -42.76
C SER B 242 -29.32 7.45 -42.22
N LEU B 243 -30.63 7.30 -42.12
CA LEU B 243 -31.52 8.31 -41.56
C LEU B 243 -32.25 7.76 -40.36
N LEU B 244 -32.13 8.47 -39.25
CA LEU B 244 -32.75 8.04 -38.01
C LEU B 244 -33.77 9.07 -37.52
N HIS B 245 -35.01 8.65 -37.37
CA HIS B 245 -36.05 9.51 -36.82
C HIS B 245 -36.29 9.23 -35.32
N LYS B 246 -36.21 10.27 -34.51
CA LYS B 246 -36.50 10.14 -33.08
C LYS B 246 -37.64 11.11 -32.76
N PRO B 247 -38.45 10.81 -31.72
CA PRO B 247 -39.39 11.82 -31.26
C PRO B 247 -38.63 13.01 -30.67
N THR B 248 -39.30 14.15 -30.49
CA THR B 248 -38.68 15.32 -29.85
C THR B 248 -38.30 14.98 -28.40
N THR B 249 -39.24 14.40 -27.67
CA THR B 249 -38.99 13.86 -26.36
C THR B 249 -38.46 12.45 -26.59
N GLN B 250 -37.17 12.25 -26.29
CA GLN B 250 -36.40 11.06 -26.73
C GLN B 250 -35.43 10.54 -25.68
N ILE B 251 -35.09 9.25 -25.77
CA ILE B 251 -33.94 8.68 -25.09
C ILE B 251 -32.70 9.13 -25.85
N SER B 252 -31.87 9.93 -25.20
CA SER B 252 -30.66 10.45 -25.83
C SER B 252 -29.39 9.66 -25.45
N ASP B 253 -29.47 8.88 -24.37
CA ASP B 253 -28.33 8.07 -23.90
C ASP B 253 -28.84 7.00 -22.93
N PHE B 254 -28.12 5.89 -22.82
CA PHE B 254 -28.33 4.91 -21.74
C PHE B 254 -27.09 4.05 -21.51
N HIS B 255 -26.78 3.78 -20.25
CA HIS B 255 -25.60 3.01 -19.85
C HIS B 255 -26.04 1.78 -19.06
N VAL B 256 -25.59 0.60 -19.47
CA VAL B 256 -25.91 -0.60 -18.71
C VAL B 256 -24.70 -1.09 -17.95
N ALA B 257 -24.88 -1.36 -16.65
CA ALA B 257 -23.84 -1.97 -15.82
C ALA B 257 -24.38 -3.21 -15.12
N THR B 258 -23.49 -4.17 -14.86
CA THR B 258 -23.83 -5.34 -14.07
C THR B 258 -22.81 -5.54 -12.96
N ARG B 259 -23.28 -5.55 -11.71
CA ARG B 259 -22.42 -5.85 -10.54
C ARG B 259 -22.84 -7.15 -9.84
N PHE B 260 -21.87 -7.80 -9.20
CA PHE B 260 -22.06 -9.15 -8.68
C PHE B 260 -21.70 -9.27 -7.21
N ASN B 261 -22.21 -10.29 -6.52
CA ASN B 261 -21.65 -10.66 -5.21
C ASN B 261 -20.42 -11.53 -5.43
N ASP B 262 -19.72 -11.89 -4.36
CA ASP B 262 -18.44 -12.62 -4.47
C ASP B 262 -18.45 -13.94 -5.25
N ASP B 263 -19.54 -14.70 -5.23
CA ASP B 263 -19.61 -15.97 -5.99
C ASP B 263 -20.47 -15.94 -7.28
N PHE B 264 -20.87 -14.75 -7.69
CA PHE B 264 -21.61 -14.54 -8.96
C PHE B 264 -22.97 -15.22 -9.03
N SER B 265 -23.59 -15.43 -7.88
CA SER B 265 -24.92 -16.02 -7.80
C SER B 265 -26.01 -14.95 -7.75
N ARG B 266 -25.60 -13.69 -7.60
CA ARG B 266 -26.52 -12.55 -7.57
C ARG B 266 -25.92 -11.39 -8.32
N ALA B 267 -26.73 -10.71 -9.12
CA ALA B 267 -26.29 -9.52 -9.83
C ALA B 267 -27.27 -8.38 -9.65
N VAL B 268 -26.79 -7.17 -9.89
CA VAL B 268 -27.67 -6.04 -10.01
C VAL B 268 -27.39 -5.40 -11.36
N LEU B 269 -28.44 -5.30 -12.18
CA LEU B 269 -28.31 -4.60 -13.45
C LEU B 269 -28.72 -3.17 -13.23
N GLU B 270 -27.82 -2.25 -13.58
CA GLU B 270 -28.06 -0.85 -13.38
C GLU B 270 -28.10 -0.15 -14.72
N ALA B 271 -29.18 0.60 -14.97
CA ALA B 271 -29.39 1.26 -16.26
C ALA B 271 -29.63 2.74 -16.08
N GLU B 272 -28.69 3.55 -16.52
CA GLU B 272 -28.86 5.00 -16.43
C GLU B 272 -29.40 5.46 -17.76
N VAL B 273 -30.52 6.17 -17.70
CA VAL B 273 -31.19 6.62 -18.91
C VAL B 273 -31.25 8.13 -18.89
N GLN B 274 -30.93 8.73 -20.04
CA GLN B 274 -30.98 10.18 -20.22
C GLN B 274 -31.97 10.54 -21.33
N MET B 275 -32.66 11.65 -21.17
CA MET B 275 -33.63 12.07 -22.17
C MET B 275 -33.31 13.46 -22.73
N CYS B 276 -33.85 13.76 -23.90
CA CYS B 276 -33.90 15.14 -24.40
C CYS B 276 -35.34 15.47 -24.72
N GLY B 277 -35.64 16.77 -24.80
CA GLY B 277 -36.99 17.25 -25.09
C GLY B 277 -37.65 17.93 -23.91
N GLU B 278 -38.98 17.97 -23.94
CA GLU B 278 -39.75 18.71 -22.96
C GLU B 278 -40.05 17.84 -21.75
N LEU B 279 -39.53 18.24 -20.60
CA LEU B 279 -39.73 17.48 -19.36
C LEU B 279 -41.14 17.60 -18.78
N ARG B 280 -41.76 16.44 -18.52
CA ARG B 280 -43.11 16.38 -17.96
C ARG B 280 -43.16 15.37 -16.82
N ASP B 281 -44.07 15.60 -15.87
CA ASP B 281 -44.20 14.73 -14.70
C ASP B 281 -44.84 13.39 -15.05
N TYR B 282 -45.60 13.36 -16.15
CA TYR B 282 -46.22 12.11 -16.60
C TYR B 282 -45.25 11.17 -17.30
N LEU B 283 -44.05 11.66 -17.63
CA LEU B 283 -43.01 10.83 -18.26
C LEU B 283 -42.47 9.74 -17.34
N ARG B 284 -42.07 8.62 -17.93
CA ARG B 284 -41.63 7.44 -17.21
C ARG B 284 -40.60 6.70 -18.07
N VAL B 285 -39.77 5.88 -17.42
CA VAL B 285 -38.86 4.98 -18.11
C VAL B 285 -39.05 3.60 -17.51
N THR B 286 -39.26 2.61 -18.37
CA THR B 286 -39.27 1.23 -17.94
C THR B 286 -38.08 0.53 -18.56
N VAL B 287 -37.29 -0.13 -17.72
CA VAL B 287 -36.24 -1.02 -18.19
C VAL B 287 -36.60 -2.44 -17.77
N SER B 288 -36.77 -3.30 -18.76
CA SER B 288 -37.10 -4.68 -18.50
C SER B 288 -36.02 -5.57 -19.08
N LEU B 289 -35.81 -6.72 -18.44
CA LEU B 289 -34.73 -7.62 -18.78
C LEU B 289 -35.28 -8.98 -19.16
N TRP B 290 -34.80 -9.51 -20.28
CA TRP B 290 -35.36 -10.70 -20.88
C TRP B 290 -34.30 -11.79 -21.09
N GLN B 291 -34.71 -13.03 -20.88
CA GLN B 291 -33.90 -14.15 -21.29
C GLN B 291 -34.73 -14.89 -22.31
N GLY B 292 -34.32 -14.76 -23.58
CA GLY B 292 -35.12 -15.21 -24.71
C GLY B 292 -36.54 -14.65 -24.65
N GLU B 293 -37.48 -15.54 -24.36
CA GLU B 293 -38.89 -15.22 -24.33
C GLU B 293 -39.37 -14.70 -22.98
N THR B 294 -38.61 -14.99 -21.93
CA THR B 294 -39.04 -14.76 -20.55
C THR B 294 -38.51 -13.45 -19.99
N GLN B 295 -39.40 -12.61 -19.48
CA GLN B 295 -38.98 -11.42 -18.74
C GLN B 295 -38.53 -11.83 -17.33
N VAL B 296 -37.27 -11.54 -16.97
CA VAL B 296 -36.73 -11.90 -15.64
C VAL B 296 -36.79 -10.77 -14.62
N ALA B 297 -36.88 -9.53 -15.10
CA ALA B 297 -36.98 -8.36 -14.20
C ALA B 297 -37.49 -7.14 -14.94
N SER B 298 -38.06 -6.21 -14.16
CA SER B 298 -38.54 -4.94 -14.72
C SER B 298 -38.58 -3.87 -13.64
N GLY B 299 -38.26 -2.64 -14.02
CA GLY B 299 -38.39 -1.51 -13.12
C GLY B 299 -38.88 -0.31 -13.89
N THR B 300 -39.67 0.52 -13.21
CA THR B 300 -40.23 1.74 -13.79
C THR B 300 -40.01 2.87 -12.82
N ALA B 301 -39.71 4.06 -13.34
CA ALA B 301 -39.51 5.24 -12.50
C ALA B 301 -39.77 6.52 -13.31
N PRO B 302 -40.12 7.62 -12.61
CA PRO B 302 -40.25 8.88 -13.34
C PRO B 302 -38.86 9.52 -13.45
N PHE B 303 -38.70 10.55 -14.28
CA PHE B 303 -37.42 11.22 -14.38
C PHE B 303 -37.04 11.98 -13.11
N GLY B 304 -35.74 12.14 -12.88
CA GLY B 304 -35.21 12.78 -11.69
C GLY B 304 -34.28 11.86 -10.91
N GLY B 305 -32.98 12.03 -11.11
CA GLY B 305 -31.99 11.22 -10.42
C GLY B 305 -31.77 11.67 -8.98
N GLU B 306 -30.90 10.96 -8.27
CA GLU B 306 -30.56 11.32 -6.90
C GLU B 306 -29.72 12.62 -6.86
N ILE B 307 -29.70 13.29 -5.70
CA ILE B 307 -28.95 14.53 -5.57
C ILE B 307 -27.47 14.26 -5.78
N ILE B 308 -26.85 15.06 -6.65
CA ILE B 308 -25.45 14.87 -7.07
C ILE B 308 -24.51 15.81 -6.31
N ASP B 309 -24.90 17.08 -6.21
CA ASP B 309 -24.09 18.12 -5.57
C ASP B 309 -24.98 19.26 -5.05
N GLU B 310 -24.39 20.41 -4.75
CA GLU B 310 -25.07 21.51 -4.07
C GLU B 310 -26.25 22.08 -4.85
N ARG B 311 -26.26 21.82 -6.16
CA ARG B 311 -27.31 22.33 -7.06
C ARG B 311 -28.42 21.32 -7.36
N GLY B 312 -28.39 20.17 -6.70
CA GLY B 312 -29.41 19.13 -6.87
C GLY B 312 -28.98 17.95 -7.73
N GLY B 313 -29.90 17.45 -8.54
CA GLY B 313 -29.61 16.33 -9.42
C GLY B 313 -29.94 16.59 -10.88
N TYR B 314 -29.84 15.52 -11.68
CA TYR B 314 -30.24 15.53 -13.07
C TYR B 314 -31.75 15.29 -13.17
N ALA B 315 -32.50 16.36 -13.42
CA ALA B 315 -33.94 16.28 -13.70
C ALA B 315 -34.22 15.37 -14.91
N ASP B 316 -33.27 15.33 -15.85
CA ASP B 316 -33.42 14.63 -17.12
C ASP B 316 -32.76 13.25 -17.17
N ARG B 317 -32.60 12.62 -16.00
CA ARG B 317 -32.05 11.27 -15.90
C ARG B 317 -32.79 10.45 -14.85
N VAL B 318 -32.67 9.14 -14.97
CA VAL B 318 -33.21 8.23 -13.98
C VAL B 318 -32.35 7.00 -14.09
N THR B 319 -32.15 6.32 -12.99
CA THR B 319 -31.39 5.09 -12.95
C THR B 319 -32.30 3.99 -12.45
N LEU B 320 -32.35 2.90 -13.20
CA LEU B 320 -33.13 1.74 -12.78
C LEU B 320 -32.17 0.64 -12.30
N ARG B 321 -32.58 -0.04 -11.23
CA ARG B 321 -31.81 -1.13 -10.67
C ARG B 321 -32.66 -2.38 -10.63
N LEU B 322 -32.16 -3.44 -11.24
CA LEU B 322 -32.89 -4.69 -11.33
C LEU B 322 -32.10 -5.81 -10.71
N ASN B 323 -32.72 -6.51 -9.76
CA ASN B 323 -32.12 -7.68 -9.14
C ASN B 323 -32.26 -8.91 -10.05
N VAL B 324 -31.17 -9.66 -10.19
CA VAL B 324 -31.20 -10.88 -10.98
C VAL B 324 -30.53 -12.00 -10.17
N GLU B 325 -31.26 -13.06 -9.89
CA GLU B 325 -30.75 -14.17 -9.10
C GLU B 325 -30.23 -15.24 -10.06
N ASN B 326 -29.11 -15.86 -9.71
CA ASN B 326 -28.46 -16.92 -10.51
C ASN B 326 -28.35 -16.59 -12.00
N PRO B 327 -27.79 -15.42 -12.33
CA PRO B 327 -27.79 -15.01 -13.73
C PRO B 327 -26.89 -15.91 -14.58
N LYS B 328 -27.30 -16.14 -15.82
CA LYS B 328 -26.47 -16.86 -16.75
C LYS B 328 -25.37 -15.92 -17.17
N LEU B 329 -24.12 -16.32 -16.90
CA LEU B 329 -22.97 -15.46 -17.14
C LEU B 329 -22.42 -15.52 -18.58
N TRP B 330 -21.90 -14.39 -19.05
CA TRP B 330 -21.39 -14.29 -20.40
C TRP B 330 -19.89 -14.50 -20.41
N SER B 331 -19.43 -15.29 -21.37
CA SER B 331 -18.01 -15.43 -21.64
C SER B 331 -17.87 -15.80 -23.10
N ALA B 332 -16.63 -15.94 -23.59
CA ALA B 332 -16.43 -16.44 -24.94
C ALA B 332 -16.62 -17.97 -25.00
N GLU B 333 -16.66 -18.61 -23.84
CA GLU B 333 -16.88 -20.05 -23.76
C GLU B 333 -18.37 -20.38 -23.86
N ILE B 334 -19.18 -19.62 -23.13
CA ILE B 334 -20.64 -19.70 -23.18
C ILE B 334 -21.20 -18.27 -23.19
N PRO B 335 -21.50 -17.75 -24.40
CA PRO B 335 -21.90 -16.33 -24.51
C PRO B 335 -23.38 -16.06 -24.20
N ASN B 336 -23.82 -16.45 -23.01
CA ASN B 336 -25.19 -16.18 -22.56
C ASN B 336 -25.54 -14.70 -22.69
N LEU B 337 -26.67 -14.41 -23.35
CA LEU B 337 -27.11 -13.02 -23.50
C LEU B 337 -28.53 -12.82 -22.98
N TYR B 338 -28.71 -11.69 -22.30
CA TYR B 338 -30.03 -11.18 -21.94
C TYR B 338 -30.34 -9.99 -22.84
N ARG B 339 -31.58 -9.55 -22.83
CA ARG B 339 -31.98 -8.39 -23.61
C ARG B 339 -32.52 -7.34 -22.68
N ALA B 340 -31.98 -6.13 -22.76
CA ALA B 340 -32.53 -5.01 -21.98
C ALA B 340 -33.28 -4.10 -22.92
N VAL B 341 -34.53 -3.82 -22.56
CA VAL B 341 -35.41 -2.94 -23.33
C VAL B 341 -35.65 -1.67 -22.54
N VAL B 342 -35.33 -0.54 -23.15
CA VAL B 342 -35.48 0.75 -22.49
C VAL B 342 -36.64 1.50 -23.13
N GLU B 343 -37.73 1.63 -22.38
CA GLU B 343 -38.95 2.27 -22.89
C GLU B 343 -39.14 3.66 -22.30
N LEU B 344 -39.22 4.66 -23.16
CA LEU B 344 -39.65 5.97 -22.75
C LEU B 344 -41.15 6.00 -22.99
N HIS B 345 -41.91 6.28 -21.93
CA HIS B 345 -43.37 6.26 -22.01
C HIS B 345 -44.11 7.25 -21.08
N THR B 346 -45.44 7.26 -21.15
CA THR B 346 -46.29 8.07 -20.26
C THR B 346 -46.85 7.19 -19.15
N ALA B 347 -47.24 7.82 -18.05
CA ALA B 347 -47.81 7.11 -16.91
C ALA B 347 -49.01 6.24 -17.29
N ASP B 348 -49.82 6.68 -18.26
CA ASP B 348 -51.02 5.92 -18.65
C ASP B 348 -50.74 4.81 -19.66
N GLY B 349 -49.48 4.63 -20.03
CA GLY B 349 -49.05 3.46 -20.81
C GLY B 349 -48.75 3.67 -22.27
N THR B 350 -48.81 4.91 -22.73
CA THR B 350 -48.51 5.20 -24.12
C THR B 350 -46.99 5.20 -24.30
N LEU B 351 -46.53 4.38 -25.26
CA LEU B 351 -45.12 4.33 -25.64
C LEU B 351 -44.75 5.54 -26.50
N ILE B 352 -43.58 6.11 -26.25
CA ILE B 352 -43.07 7.22 -27.02
C ILE B 352 -41.98 6.68 -27.94
N GLU B 353 -41.01 5.98 -27.35
CA GLU B 353 -40.02 5.20 -28.11
C GLU B 353 -39.35 4.17 -27.23
N ALA B 354 -38.68 3.22 -27.85
CA ALA B 354 -37.90 2.21 -27.15
C ALA B 354 -36.55 2.03 -27.83
N GLU B 355 -35.54 1.76 -27.01
CA GLU B 355 -34.22 1.40 -27.50
C GLU B 355 -33.87 0.13 -26.73
N ALA B 356 -32.75 -0.50 -27.08
CA ALA B 356 -32.42 -1.81 -26.50
C ALA B 356 -30.99 -2.25 -26.78
N CYS B 357 -30.53 -3.26 -26.05
CA CYS B 357 -29.24 -3.88 -26.33
C CYS B 357 -29.16 -5.30 -25.77
N ASP B 358 -28.22 -6.09 -26.27
CA ASP B 358 -27.88 -7.38 -25.69
C ASP B 358 -27.06 -7.11 -24.45
N VAL B 359 -27.34 -7.84 -23.38
CA VAL B 359 -26.60 -7.69 -22.14
C VAL B 359 -25.87 -8.98 -21.82
N GLY B 360 -24.59 -8.86 -21.51
CA GLY B 360 -23.80 -10.01 -21.10
C GLY B 360 -23.44 -9.78 -19.66
N PHE B 361 -23.90 -10.68 -18.79
CA PHE B 361 -23.56 -10.57 -17.40
C PHE B 361 -22.13 -11.06 -17.17
N ARG B 362 -21.18 -10.14 -17.15
CA ARG B 362 -19.81 -10.47 -16.79
C ARG B 362 -19.11 -9.36 -16.04
N GLU B 363 -18.16 -9.75 -15.21
CA GLU B 363 -17.31 -8.80 -14.50
C GLU B 363 -15.90 -8.91 -15.04
N VAL B 364 -15.28 -7.77 -15.33
CA VAL B 364 -13.86 -7.72 -15.62
C VAL B 364 -13.11 -6.90 -14.55
N ARG B 365 -12.11 -7.51 -13.93
CA ARG B 365 -11.21 -6.81 -13.00
C ARG B 365 -9.77 -7.38 -12.99
N ILE B 366 -8.81 -6.54 -12.65
CA ILE B 366 -7.44 -6.98 -12.37
C ILE B 366 -7.23 -7.04 -10.85
N GLU B 367 -6.85 -8.21 -10.36
CA GLU B 367 -6.64 -8.38 -8.93
C GLU B 367 -5.38 -9.16 -8.67
N ASN B 368 -4.52 -8.62 -7.82
CA ASN B 368 -3.30 -9.31 -7.42
C ASN B 368 -2.51 -9.69 -8.66
N GLY B 369 -2.51 -8.78 -9.63
CA GLY B 369 -1.76 -8.94 -10.87
C GLY B 369 -2.34 -9.82 -11.97
N LEU B 370 -3.57 -10.32 -11.79
CA LEU B 370 -4.22 -11.16 -12.82
C LEU B 370 -5.49 -10.53 -13.38
N LEU B 371 -5.65 -10.59 -14.70
CA LEU B 371 -6.88 -10.19 -15.36
C LEU B 371 -7.91 -11.29 -15.15
N LEU B 372 -9.05 -10.92 -14.56
CA LEU B 372 -10.08 -11.90 -14.24
C LEU B 372 -11.36 -11.58 -14.95
N LEU B 373 -11.97 -12.63 -15.51
CA LEU B 373 -13.29 -12.57 -16.07
C LEU B 373 -14.15 -13.46 -15.19
N ASN B 374 -15.21 -12.88 -14.64
CA ASN B 374 -16.06 -13.59 -13.69
C ASN B 374 -15.24 -14.35 -12.62
N GLY B 375 -14.25 -13.67 -12.04
CA GLY B 375 -13.41 -14.26 -10.99
C GLY B 375 -12.32 -15.24 -11.41
N LYS B 376 -12.23 -15.56 -12.70
CA LYS B 376 -11.29 -16.55 -13.20
C LYS B 376 -10.22 -15.96 -14.15
N PRO B 377 -8.96 -16.38 -13.99
CA PRO B 377 -7.86 -15.78 -14.76
C PRO B 377 -7.86 -16.15 -16.25
N LEU B 378 -7.95 -15.16 -17.12
CA LEU B 378 -8.09 -15.41 -18.57
C LEU B 378 -6.81 -15.88 -19.22
N LEU B 379 -6.94 -16.64 -20.30
CA LEU B 379 -5.82 -16.94 -21.17
C LEU B 379 -6.18 -16.48 -22.58
N ILE B 380 -5.65 -15.31 -22.95
CA ILE B 380 -6.04 -14.62 -24.18
C ILE B 380 -5.41 -15.27 -25.41
N ARG B 381 -6.23 -16.06 -26.11
CA ARG B 381 -5.87 -16.66 -27.38
C ARG B 381 -6.39 -15.71 -28.46
N GLY B 382 -5.62 -14.67 -28.75
CA GLY B 382 -6.13 -13.54 -29.52
C GLY B 382 -5.45 -13.26 -30.84
N VAL B 383 -6.10 -12.41 -31.63
CA VAL B 383 -5.55 -11.95 -32.89
C VAL B 383 -5.95 -10.50 -33.18
N ASN B 384 -5.08 -9.79 -33.92
CA ASN B 384 -5.40 -8.43 -34.37
C ASN B 384 -6.16 -8.51 -35.68
N ARG B 385 -7.19 -7.69 -35.83
CA ARG B 385 -7.95 -7.75 -37.06
C ARG B 385 -8.24 -6.37 -37.58
N HIS B 386 -7.59 -6.05 -38.69
CA HIS B 386 -7.94 -4.90 -39.51
C HIS B 386 -9.22 -5.22 -40.27
N GLU B 387 -9.99 -4.18 -40.54
CA GLU B 387 -11.12 -4.29 -41.46
C GLU B 387 -10.61 -4.24 -42.90
N HIS B 388 -10.53 -5.40 -43.53
CA HIS B 388 -9.97 -5.50 -44.89
C HIS B 388 -10.65 -6.51 -45.81
N HIS B 389 -11.06 -6.01 -46.98
CA HIS B 389 -11.57 -6.85 -48.06
C HIS B 389 -10.74 -6.69 -49.35
N PRO B 390 -10.34 -7.82 -49.98
CA PRO B 390 -9.51 -7.81 -51.19
C PRO B 390 -10.12 -7.05 -52.39
N LEU B 391 -11.46 -7.00 -52.44
CA LEU B 391 -12.20 -6.36 -53.53
C LEU B 391 -12.82 -5.00 -53.14
N HIS B 392 -13.41 -4.92 -51.95
CA HIS B 392 -14.14 -3.71 -51.53
C HIS B 392 -13.33 -2.76 -50.65
N GLY B 393 -12.04 -3.08 -50.46
CA GLY B 393 -11.11 -2.25 -49.71
C GLY B 393 -11.37 -2.28 -48.21
N GLN B 394 -11.66 -1.12 -47.64
CA GLN B 394 -11.93 -1.04 -46.21
C GLN B 394 -13.41 -1.03 -45.85
N VAL B 395 -14.25 -1.31 -46.84
CA VAL B 395 -15.68 -1.53 -46.64
C VAL B 395 -15.92 -2.90 -46.01
N MET B 396 -16.68 -2.93 -44.93
CA MET B 396 -17.00 -4.18 -44.24
C MET B 396 -18.44 -4.62 -44.45
N ASP B 397 -18.67 -5.93 -44.40
CA ASP B 397 -19.99 -6.52 -44.63
C ASP B 397 -20.22 -7.72 -43.73
N GLU B 398 -21.48 -7.98 -43.40
CA GLU B 398 -21.84 -9.02 -42.42
C GLU B 398 -21.19 -10.38 -42.72
N GLN B 399 -21.27 -10.80 -43.98
CA GLN B 399 -20.82 -12.12 -44.42
C GLN B 399 -19.33 -12.35 -44.12
N THR B 400 -18.48 -11.40 -44.51
CA THR B 400 -17.05 -11.44 -44.21
C THR B 400 -16.75 -11.50 -42.70
N MET B 401 -17.47 -10.66 -41.92
CA MET B 401 -17.41 -10.68 -40.45
C MET B 401 -17.73 -12.05 -39.83
N VAL B 402 -18.83 -12.66 -40.25
CA VAL B 402 -19.22 -14.00 -39.77
C VAL B 402 -18.16 -15.04 -40.15
N GLN B 403 -17.66 -14.94 -41.38
CA GLN B 403 -16.63 -15.84 -41.86
C GLN B 403 -15.39 -15.75 -40.96
N ASP B 404 -14.96 -14.52 -40.69
CA ASP B 404 -13.81 -14.28 -39.84
C ASP B 404 -14.01 -14.87 -38.45
N ILE B 405 -15.15 -14.57 -37.84
CA ILE B 405 -15.46 -15.06 -36.51
C ILE B 405 -15.48 -16.59 -36.45
N LEU B 406 -16.07 -17.23 -37.47
CA LEU B 406 -16.15 -18.70 -37.48
C LEU B 406 -14.77 -19.32 -37.59
N LEU B 407 -13.96 -18.80 -38.51
CA LEU B 407 -12.59 -19.27 -38.67
C LEU B 407 -11.79 -19.04 -37.39
N MET B 408 -12.01 -17.90 -36.72
CA MET B 408 -11.29 -17.61 -35.49
C MET B 408 -11.59 -18.62 -34.40
N LYS B 409 -12.89 -18.86 -34.19
CA LYS B 409 -13.34 -19.76 -33.14
C LYS B 409 -12.94 -21.20 -33.44
N GLN B 410 -13.09 -21.60 -34.70
CA GLN B 410 -12.70 -22.92 -35.18
C GLN B 410 -11.21 -23.17 -35.02
N ASN B 411 -10.43 -22.10 -34.89
CA ASN B 411 -9.00 -22.23 -34.68
C ASN B 411 -8.56 -21.78 -33.28
N ASN B 412 -9.48 -21.96 -32.33
CA ASN B 412 -9.21 -21.78 -30.91
C ASN B 412 -8.78 -20.38 -30.51
N PHE B 413 -9.25 -19.39 -31.24
CA PHE B 413 -9.10 -18.01 -30.84
C PHE B 413 -10.28 -17.65 -29.98
N ASN B 414 -10.05 -16.84 -28.95
CA ASN B 414 -11.12 -16.39 -28.09
C ASN B 414 -11.17 -14.88 -27.93
N ALA B 415 -10.32 -14.17 -28.66
CA ALA B 415 -10.20 -12.73 -28.47
C ALA B 415 -9.73 -12.02 -29.72
N VAL B 416 -10.21 -10.78 -29.89
CA VAL B 416 -9.80 -9.95 -31.01
C VAL B 416 -9.50 -8.53 -30.57
N ARG B 417 -8.40 -7.97 -31.09
CA ARG B 417 -8.09 -6.56 -30.94
C ARG B 417 -8.52 -5.77 -32.18
N CYS B 418 -9.21 -4.65 -31.97
CA CYS B 418 -9.63 -3.79 -33.06
C CYS B 418 -8.51 -2.86 -33.48
N SER B 419 -7.49 -3.44 -34.09
CA SER B 419 -6.35 -2.67 -34.55
C SER B 419 -6.72 -1.85 -35.79
N HIS B 420 -6.60 -0.53 -35.76
CA HIS B 420 -6.26 0.30 -34.61
C HIS B 420 -7.25 1.46 -34.64
N TYR B 421 -8.53 1.13 -34.49
CA TYR B 421 -9.65 2.06 -34.64
C TYR B 421 -10.96 1.36 -34.24
N PRO B 422 -11.97 2.13 -33.82
CA PRO B 422 -13.22 1.45 -33.55
C PRO B 422 -13.78 0.85 -34.83
N ASN B 423 -14.32 -0.36 -34.74
CA ASN B 423 -14.83 -1.09 -35.89
C ASN B 423 -16.26 -0.71 -36.31
N HIS B 424 -16.65 -1.21 -37.50
CA HIS B 424 -18.03 -1.20 -37.97
C HIS B 424 -18.89 -1.75 -36.83
N PRO B 425 -20.01 -1.07 -36.53
CA PRO B 425 -20.81 -1.34 -35.33
C PRO B 425 -21.32 -2.76 -35.20
N LEU B 426 -21.57 -3.43 -36.33
CA LEU B 426 -22.10 -4.79 -36.31
C LEU B 426 -21.09 -5.81 -35.77
N TRP B 427 -19.82 -5.48 -35.87
CA TRP B 427 -18.75 -6.33 -35.36
C TRP B 427 -18.97 -6.69 -33.88
N TYR B 428 -19.29 -5.67 -33.08
CA TYR B 428 -19.43 -5.86 -31.63
C TYR B 428 -20.63 -6.74 -31.29
N THR B 429 -21.67 -6.63 -32.11
CA THR B 429 -22.88 -7.42 -31.94
C THR B 429 -22.55 -8.87 -32.19
N LEU B 430 -21.82 -9.11 -33.27
CA LEU B 430 -21.42 -10.46 -33.61
C LEU B 430 -20.52 -11.07 -32.54
N CYS B 431 -19.65 -10.26 -31.95
CA CYS B 431 -18.76 -10.74 -30.87
C CYS B 431 -19.49 -11.00 -29.57
N ASP B 432 -20.47 -10.15 -29.23
CA ASP B 432 -21.42 -10.43 -28.11
C ASP B 432 -22.09 -11.80 -28.27
N ARG B 433 -22.54 -12.11 -29.49
CA ARG B 433 -23.40 -13.26 -29.75
C ARG B 433 -22.66 -14.57 -29.96
N TYR B 434 -21.53 -14.53 -30.68
CA TYR B 434 -20.71 -15.74 -30.91
C TYR B 434 -19.74 -16.00 -29.77
N GLY B 435 -19.42 -14.94 -29.03
CA GLY B 435 -18.48 -15.02 -27.93
C GLY B 435 -17.04 -14.81 -28.37
N LEU B 436 -16.57 -13.58 -28.26
CA LEU B 436 -15.16 -13.26 -28.41
C LEU B 436 -14.87 -12.08 -27.51
N TYR B 437 -13.78 -12.15 -26.75
CA TYR B 437 -13.29 -11.02 -25.96
C TYR B 437 -12.73 -9.97 -26.90
N VAL B 438 -13.11 -8.72 -26.71
CA VAL B 438 -12.69 -7.63 -27.62
C VAL B 438 -11.88 -6.52 -26.92
N VAL B 439 -10.77 -6.14 -27.55
CA VAL B 439 -10.06 -4.91 -27.20
C VAL B 439 -10.53 -3.79 -28.16
N ASP B 440 -11.25 -2.82 -27.62
CA ASP B 440 -11.78 -1.72 -28.43
C ASP B 440 -10.81 -0.55 -28.38
N GLU B 441 -10.37 -0.10 -29.55
CA GLU B 441 -9.23 0.80 -29.62
C GLU B 441 -9.55 2.15 -30.23
N ALA B 442 -9.11 3.21 -29.55
CA ALA B 442 -9.26 4.57 -30.07
C ALA B 442 -8.56 4.74 -31.43
N ASN B 443 -9.18 5.48 -32.32
CA ASN B 443 -8.56 5.79 -33.62
C ASN B 443 -7.47 6.86 -33.46
N ILE B 444 -6.39 6.51 -32.75
CA ILE B 444 -5.23 7.38 -32.61
C ILE B 444 -3.96 6.60 -32.88
N GLU B 445 -3.26 6.94 -33.96
CA GLU B 445 -1.91 6.46 -34.20
C GLU B 445 -1.09 7.56 -34.85
N THR B 446 0.05 7.88 -34.22
CA THR B 446 0.91 8.92 -34.74
C THR B 446 2.35 8.44 -34.98
N HIS B 447 2.46 7.21 -35.51
CA HIS B 447 3.73 6.49 -35.61
C HIS B 447 4.86 7.28 -36.28
N GLY B 448 4.57 7.91 -37.41
CA GLY B 448 5.58 8.60 -38.21
C GLY B 448 6.11 9.93 -37.67
N MET B 449 5.62 10.36 -36.51
CA MET B 449 6.11 11.57 -35.87
C MET B 449 7.49 11.31 -35.29
N VAL B 450 8.29 12.37 -35.17
CA VAL B 450 9.61 12.29 -34.55
C VAL B 450 9.68 13.36 -33.45
N PRO B 451 9.82 12.97 -32.18
CA PRO B 451 9.71 11.57 -31.75
C PRO B 451 8.24 11.15 -31.76
N MET B 452 7.97 9.87 -31.52
CA MET B 452 6.60 9.35 -31.64
C MET B 452 5.52 10.08 -30.81
N ASN B 453 5.89 10.72 -29.70
CA ASN B 453 4.92 11.39 -28.83
C ASN B 453 4.80 12.92 -29.03
N ARG B 454 5.21 13.38 -30.20
CA ARG B 454 5.26 14.80 -30.50
C ARG B 454 3.89 15.47 -30.41
N LEU B 455 2.85 14.76 -30.84
CA LEU B 455 1.50 15.31 -30.82
C LEU B 455 0.79 14.95 -29.52
N THR B 456 0.98 13.73 -29.04
CA THR B 456 0.32 13.22 -27.85
C THR B 456 0.77 13.84 -26.53
N ASP B 457 1.92 14.51 -26.52
CA ASP B 457 2.39 15.25 -25.33
C ASP B 457 2.02 16.73 -25.42
N ASP B 458 1.46 17.10 -26.57
CA ASP B 458 1.10 18.49 -26.87
C ASP B 458 -0.35 18.81 -26.46
N PRO B 459 -0.55 19.71 -25.49
CA PRO B 459 -1.91 19.95 -25.01
C PRO B 459 -2.84 20.47 -26.10
N ARG B 460 -2.27 21.09 -27.13
CA ARG B 460 -3.06 21.57 -28.25
C ARG B 460 -3.69 20.45 -29.07
N TRP B 461 -3.10 19.26 -29.02
CA TRP B 461 -3.69 18.09 -29.67
C TRP B 461 -4.53 17.23 -28.73
N LEU B 462 -4.69 17.67 -27.48
CA LEU B 462 -5.55 17.00 -26.52
C LEU B 462 -7.03 16.94 -26.90
N PRO B 463 -7.64 18.08 -27.35
CA PRO B 463 -9.07 17.95 -27.66
C PRO B 463 -9.34 16.90 -28.75
N ALA B 464 -8.59 16.98 -29.84
CA ALA B 464 -8.79 16.10 -30.98
C ALA B 464 -8.59 14.66 -30.57
N MET B 465 -7.64 14.44 -29.64
CA MET B 465 -7.38 13.10 -29.12
C MET B 465 -8.53 12.65 -28.24
N SER B 466 -8.97 13.53 -27.35
CA SER B 466 -10.05 13.20 -26.43
C SER B 466 -11.31 12.72 -27.15
N GLU B 467 -11.65 13.39 -28.26
CA GLU B 467 -12.86 13.02 -29.01
C GLU B 467 -12.80 11.63 -29.59
N ARG B 468 -11.61 11.20 -29.97
CA ARG B 468 -11.42 9.87 -30.51
C ARG B 468 -11.59 8.79 -29.45
N VAL B 469 -11.28 9.12 -28.19
CA VAL B 469 -11.44 8.19 -27.08
C VAL B 469 -12.85 8.21 -26.53
N THR B 470 -13.33 9.41 -26.19
CA THR B 470 -14.62 9.57 -25.55
C THR B 470 -15.77 9.09 -26.42
N ARG B 471 -15.74 9.44 -27.70
CA ARG B 471 -16.81 9.05 -28.61
C ARG B 471 -16.84 7.53 -28.85
N MET B 472 -15.68 6.89 -28.73
CA MET B 472 -15.62 5.43 -28.81
C MET B 472 -16.30 4.82 -27.60
N VAL B 473 -15.92 5.29 -26.41
CA VAL B 473 -16.49 4.81 -25.18
C VAL B 473 -18.00 5.04 -25.15
N GLN B 474 -18.44 6.20 -25.64
CA GLN B 474 -19.87 6.52 -25.64
C GLN B 474 -20.66 5.61 -26.56
N ARG B 475 -20.01 5.10 -27.60
CA ARG B 475 -20.70 4.30 -28.60
C ARG B 475 -20.71 2.83 -28.26
N ASP B 476 -19.64 2.38 -27.61
CA ASP B 476 -19.41 0.94 -27.46
C ASP B 476 -19.55 0.40 -26.05
N ARG B 477 -19.80 1.27 -25.08
CA ARG B 477 -19.79 0.88 -23.65
C ARG B 477 -20.81 -0.18 -23.20
N ASN B 478 -21.85 -0.42 -23.99
CA ASN B 478 -22.86 -1.37 -23.56
C ASN B 478 -22.61 -2.80 -24.08
N HIS B 479 -21.57 -2.98 -24.90
CA HIS B 479 -21.24 -4.31 -25.42
C HIS B 479 -20.50 -5.18 -24.39
N PRO B 480 -21.04 -6.36 -24.08
CA PRO B 480 -20.33 -7.26 -23.17
C PRO B 480 -19.00 -7.78 -23.73
N SER B 481 -18.88 -7.86 -25.06
CA SER B 481 -17.68 -8.44 -25.68
C SER B 481 -16.47 -7.55 -25.56
N VAL B 482 -16.69 -6.24 -25.39
CA VAL B 482 -15.59 -5.32 -25.10
C VAL B 482 -15.19 -5.46 -23.62
N ILE B 483 -13.99 -5.95 -23.37
CA ILE B 483 -13.52 -6.20 -22.00
C ILE B 483 -12.36 -5.25 -21.62
N ILE B 484 -11.70 -4.69 -22.63
CA ILE B 484 -10.59 -3.76 -22.43
C ILE B 484 -10.72 -2.60 -23.41
N TRP B 485 -10.45 -1.38 -22.93
CA TRP B 485 -10.27 -0.21 -23.79
C TRP B 485 -8.80 -0.01 -24.11
N SER B 486 -8.52 0.47 -25.31
CA SER B 486 -7.17 0.82 -25.70
C SER B 486 -7.14 2.26 -26.15
N LEU B 487 -6.13 2.99 -25.69
CA LEU B 487 -6.00 4.41 -26.02
C LEU B 487 -5.44 4.66 -27.42
N GLY B 488 -5.24 3.59 -28.18
CA GLY B 488 -4.69 3.72 -29.52
C GLY B 488 -3.44 2.88 -29.68
N THR B 489 -2.60 3.25 -30.64
CA THR B 489 -1.35 2.54 -30.87
C THR B 489 -0.22 3.45 -31.35
N GLU B 490 1.01 3.03 -31.07
CA GLU B 490 2.21 3.63 -31.62
C GLU B 490 2.08 5.15 -31.76
N SER B 491 2.00 5.82 -30.62
CA SER B 491 1.97 7.27 -30.57
C SER B 491 2.83 7.77 -29.42
N GLY B 492 3.84 6.98 -29.08
CA GLY B 492 4.68 7.23 -27.91
C GLY B 492 3.85 7.34 -26.63
N HIS B 493 4.40 8.02 -25.64
CA HIS B 493 3.65 8.30 -24.43
C HIS B 493 3.65 9.78 -24.11
N GLY B 494 2.49 10.39 -24.32
CA GLY B 494 2.31 11.81 -24.01
C GLY B 494 1.40 11.96 -22.82
N ALA B 495 1.44 13.14 -22.21
CA ALA B 495 0.55 13.49 -21.10
C ALA B 495 -0.94 13.40 -21.52
N ASN B 496 -1.22 13.57 -22.81
CA ASN B 496 -2.57 13.38 -23.31
C ASN B 496 -3.07 11.95 -23.06
N HIS B 497 -2.17 10.97 -23.07
CA HIS B 497 -2.51 9.58 -22.79
C HIS B 497 -2.91 9.38 -21.33
N ASP B 498 -2.15 9.98 -20.42
CA ASP B 498 -2.44 9.92 -19.00
C ASP B 498 -3.81 10.54 -18.69
N ALA B 499 -4.07 11.72 -19.27
CA ALA B 499 -5.35 12.42 -19.09
C ALA B 499 -6.53 11.59 -19.57
N LEU B 500 -6.35 10.88 -20.67
CA LEU B 500 -7.45 10.13 -21.27
C LEU B 500 -7.63 8.78 -20.60
N TYR B 501 -6.52 8.19 -20.17
CA TYR B 501 -6.52 6.99 -19.36
C TYR B 501 -7.43 7.26 -18.17
N ARG B 502 -7.14 8.31 -17.43
CA ARG B 502 -7.88 8.63 -16.23
C ARG B 502 -9.35 8.93 -16.53
N TRP B 503 -9.63 9.59 -17.66
CA TRP B 503 -11.02 9.83 -18.11
C TRP B 503 -11.82 8.53 -18.17
N ILE B 504 -11.29 7.54 -18.87
CA ILE B 504 -11.96 6.24 -19.05
C ILE B 504 -12.21 5.54 -17.72
N LYS B 505 -11.19 5.51 -16.87
CA LYS B 505 -11.29 4.88 -15.55
C LYS B 505 -12.35 5.56 -14.69
N SER B 506 -12.64 6.81 -15.01
CA SER B 506 -13.58 7.59 -14.23
C SER B 506 -15.00 7.36 -14.69
N VAL B 507 -15.24 7.30 -16.00
CA VAL B 507 -16.57 7.06 -16.54
C VAL B 507 -16.93 5.57 -16.70
N ASP B 508 -15.92 4.72 -16.78
CA ASP B 508 -16.14 3.28 -16.90
C ASP B 508 -15.20 2.45 -16.02
N PRO B 509 -15.54 2.27 -14.73
CA PRO B 509 -14.74 1.40 -13.88
C PRO B 509 -14.80 -0.07 -14.29
N SER B 510 -15.72 -0.43 -15.18
CA SER B 510 -15.98 -1.85 -15.48
C SER B 510 -14.94 -2.52 -16.38
N ARG B 511 -14.05 -1.75 -16.99
CA ARG B 511 -13.09 -2.29 -17.96
C ARG B 511 -11.69 -1.71 -17.76
N PRO B 512 -10.67 -2.57 -17.69
CA PRO B 512 -9.30 -2.10 -17.61
C PRO B 512 -8.94 -1.31 -18.87
N VAL B 513 -8.03 -0.35 -18.73
CA VAL B 513 -7.50 0.39 -19.87
C VAL B 513 -6.10 -0.09 -20.20
N GLN B 514 -5.81 -0.23 -21.50
CA GLN B 514 -4.44 -0.52 -21.90
C GLN B 514 -3.93 0.44 -22.95
N TYR B 515 -2.61 0.50 -23.08
CA TYR B 515 -1.96 1.26 -24.13
C TYR B 515 -0.50 0.87 -24.18
N GLU B 516 0.01 0.66 -25.38
CA GLU B 516 1.35 0.13 -25.57
C GLU B 516 2.46 1.19 -25.67
N GLY B 517 2.12 2.43 -26.02
CA GLY B 517 3.13 3.43 -26.37
C GLY B 517 4.07 3.76 -25.25
N GLY B 518 5.27 4.24 -25.60
CA GLY B 518 6.24 4.71 -24.62
C GLY B 518 6.90 3.63 -23.76
N GLY B 519 6.79 2.38 -24.20
CA GLY B 519 7.51 1.28 -23.55
C GLY B 519 6.65 0.20 -22.89
N ALA B 520 5.34 0.22 -23.20
CA ALA B 520 4.39 -0.84 -22.88
C ALA B 520 4.02 -0.99 -21.41
N ASP B 521 4.67 -0.25 -20.54
CA ASP B 521 4.39 -0.36 -19.12
C ASP B 521 4.31 1.00 -18.45
N THR B 522 3.94 2.03 -19.22
CA THR B 522 3.81 3.39 -18.71
C THR B 522 2.63 3.48 -17.76
N THR B 523 2.45 4.67 -17.17
CA THR B 523 1.36 4.96 -16.25
C THR B 523 0.00 5.08 -16.92
N ALA B 524 -0.07 4.89 -18.22
CA ALA B 524 -1.34 4.96 -18.94
C ALA B 524 -1.84 3.58 -19.35
N THR B 525 -1.33 2.53 -18.71
CA THR B 525 -1.82 1.18 -18.98
C THR B 525 -1.94 0.28 -17.75
N ASP B 526 -3.06 -0.43 -17.66
CA ASP B 526 -3.33 -1.36 -16.57
C ASP B 526 -2.65 -2.70 -16.84
N ILE B 527 -2.25 -2.89 -18.10
CA ILE B 527 -1.71 -4.15 -18.57
C ILE B 527 -0.41 -3.89 -19.32
N ILE B 528 0.66 -4.60 -18.91
CA ILE B 528 1.90 -4.57 -19.65
C ILE B 528 1.59 -5.26 -20.96
N CYS B 529 1.57 -4.49 -22.04
CA CYS B 529 1.10 -4.97 -23.32
C CYS B 529 2.08 -4.69 -24.44
N PRO B 530 3.28 -5.28 -24.39
CA PRO B 530 4.31 -5.01 -25.39
C PRO B 530 3.98 -5.56 -26.77
N MET B 531 4.74 -5.15 -27.78
CA MET B 531 4.58 -5.70 -29.11
C MET B 531 5.88 -6.33 -29.58
N TYR B 532 5.79 -7.64 -29.87
CA TYR B 532 6.89 -8.44 -30.40
C TYR B 532 8.02 -8.60 -29.39
N ALA B 533 7.66 -8.50 -28.11
CA ALA B 533 8.58 -8.83 -27.04
C ALA B 533 8.73 -10.33 -27.09
N ARG B 534 9.97 -10.81 -26.96
CA ARG B 534 10.26 -12.22 -27.08
C ARG B 534 10.09 -12.96 -25.74
N VAL B 535 10.09 -14.29 -25.79
CA VAL B 535 9.87 -15.09 -24.60
C VAL B 535 11.06 -15.07 -23.66
N ASP B 536 12.25 -15.30 -24.20
CA ASP B 536 13.44 -15.45 -23.35
C ASP B 536 14.51 -14.38 -23.58
N GLU B 537 14.49 -13.77 -24.76
CA GLU B 537 15.53 -12.86 -25.18
C GLU B 537 15.15 -11.39 -24.99
N ASP B 538 16.01 -10.66 -24.28
CA ASP B 538 15.87 -9.21 -24.11
C ASP B 538 16.22 -8.49 -25.41
N GLN B 539 15.51 -7.40 -25.67
CA GLN B 539 15.90 -6.45 -26.69
C GLN B 539 15.96 -5.10 -25.99
N PRO B 540 17.11 -4.79 -25.36
CA PRO B 540 17.20 -3.62 -24.48
C PRO B 540 17.39 -2.31 -25.24
N PHE B 541 16.45 -1.99 -26.14
CA PHE B 541 16.39 -0.69 -26.80
C PHE B 541 16.47 0.46 -25.78
N PRO B 542 17.22 1.53 -26.11
CA PRO B 542 17.25 2.69 -25.22
C PRO B 542 15.86 3.31 -25.09
N ALA B 543 15.53 3.75 -23.88
CA ALA B 543 14.27 4.45 -23.55
C ALA B 543 13.00 3.59 -23.54
N VAL B 544 12.93 2.63 -24.46
CA VAL B 544 11.76 1.76 -24.60
C VAL B 544 12.15 0.29 -24.83
N PRO B 545 12.91 -0.31 -23.89
CA PRO B 545 13.35 -1.69 -24.10
C PRO B 545 12.17 -2.65 -24.27
N LYS B 546 12.40 -3.74 -25.01
CA LYS B 546 11.46 -4.86 -25.09
C LYS B 546 12.06 -6.06 -24.38
N TRP B 547 11.82 -6.15 -23.07
CA TRP B 547 12.35 -7.26 -22.26
C TRP B 547 11.67 -8.54 -22.67
N SER B 548 12.32 -9.65 -22.34
CA SER B 548 11.66 -10.92 -22.44
C SER B 548 10.45 -10.83 -21.51
N ILE B 549 9.32 -11.33 -21.97
CA ILE B 549 8.09 -11.23 -21.23
C ILE B 549 8.17 -11.90 -19.87
N LYS B 550 8.95 -12.96 -19.76
CA LYS B 550 9.20 -13.62 -18.48
C LYS B 550 9.99 -12.73 -17.51
N LYS B 551 10.97 -12.00 -18.04
CA LYS B 551 11.72 -11.03 -17.24
C LYS B 551 10.86 -9.83 -16.85
N TRP B 552 10.06 -9.34 -17.80
CA TRP B 552 9.27 -8.11 -17.62
C TRP B 552 8.37 -8.14 -16.39
N LEU B 553 7.71 -9.28 -16.16
CA LEU B 553 6.78 -9.41 -15.05
C LEU B 553 7.40 -9.12 -13.69
N SER B 554 8.66 -9.52 -13.52
CA SER B 554 9.31 -9.46 -12.22
C SER B 554 10.30 -8.30 -12.09
N LEU B 555 10.24 -7.35 -13.00
CA LEU B 555 11.09 -6.17 -12.86
C LEU B 555 10.80 -5.51 -11.52
N PRO B 556 11.83 -4.92 -10.89
CA PRO B 556 11.62 -4.35 -9.58
C PRO B 556 10.34 -3.53 -9.52
N GLY B 557 9.45 -3.91 -8.62
CA GLY B 557 8.25 -3.13 -8.33
C GLY B 557 7.05 -3.34 -9.23
N GLU B 558 7.20 -4.19 -10.25
CA GLU B 558 6.11 -4.45 -11.18
C GLU B 558 5.18 -5.53 -10.67
N THR B 559 3.87 -5.34 -10.88
CA THR B 559 2.86 -6.24 -10.36
C THR B 559 1.80 -6.61 -11.40
N ARG B 560 1.76 -5.88 -12.50
CA ARG B 560 0.63 -5.95 -13.46
C ARG B 560 0.66 -7.23 -14.34
N PRO B 561 -0.50 -7.61 -14.95
CA PRO B 561 -0.52 -8.72 -15.88
C PRO B 561 0.07 -8.33 -17.23
N LEU B 562 0.55 -9.31 -17.99
CA LEU B 562 1.17 -9.05 -19.28
C LEU B 562 0.44 -9.82 -20.36
N ILE B 563 -0.05 -9.09 -21.37
CA ILE B 563 -0.73 -9.67 -22.51
C ILE B 563 -0.22 -8.91 -23.74
N LEU B 564 0.45 -9.59 -24.67
CA LEU B 564 1.02 -8.87 -25.82
C LEU B 564 -0.07 -8.32 -26.73
N CYS B 565 -0.05 -7.00 -26.97
CA CYS B 565 -1.02 -6.42 -27.89
C CYS B 565 -0.74 -6.83 -29.34
N GLU B 566 0.52 -7.20 -29.62
CA GLU B 566 0.94 -7.77 -30.90
C GLU B 566 2.13 -8.73 -30.68
N TYR B 567 2.11 -9.89 -31.31
CA TYR B 567 3.21 -10.85 -31.25
C TYR B 567 3.07 -11.85 -32.37
N ALA B 568 4.09 -12.68 -32.57
CA ALA B 568 4.11 -13.65 -33.68
C ALA B 568 3.70 -13.05 -35.03
N HIS B 569 4.48 -12.09 -35.49
CA HIS B 569 4.28 -11.45 -36.79
C HIS B 569 4.20 -12.47 -37.94
N ALA B 570 2.99 -12.75 -38.41
CA ALA B 570 2.76 -13.84 -39.34
C ALA B 570 3.01 -13.49 -40.82
N MET B 571 4.12 -12.81 -41.08
CA MET B 571 4.46 -12.36 -42.44
C MET B 571 5.05 -13.46 -43.34
N GLY B 572 4.29 -13.82 -44.38
CA GLY B 572 4.71 -14.88 -45.28
C GLY B 572 4.88 -16.20 -44.53
N ASN B 573 5.98 -16.88 -44.82
CA ASN B 573 6.31 -18.15 -44.17
C ASN B 573 6.81 -17.90 -42.76
N SER B 574 5.90 -17.95 -41.79
CA SER B 574 6.20 -17.46 -40.44
C SER B 574 5.54 -18.26 -39.31
N LEU B 575 5.50 -17.65 -38.12
CA LEU B 575 4.99 -18.26 -36.88
C LEU B 575 5.94 -19.32 -36.31
N GLY B 576 7.21 -19.23 -36.69
CA GLY B 576 8.25 -20.07 -36.11
C GLY B 576 8.53 -19.59 -34.71
N GLY B 577 8.52 -20.52 -33.76
CA GLY B 577 8.74 -20.19 -32.35
C GLY B 577 7.44 -19.93 -31.61
N PHE B 578 6.31 -20.11 -32.28
CA PHE B 578 4.98 -19.87 -31.71
C PHE B 578 4.74 -20.68 -30.45
N ALA B 579 5.15 -21.95 -30.48
CA ALA B 579 5.01 -22.83 -29.31
C ALA B 579 5.73 -22.26 -28.09
N LYS B 580 6.85 -21.59 -28.30
CA LYS B 580 7.59 -20.99 -27.19
C LYS B 580 6.74 -20.02 -26.37
N TYR B 581 5.91 -19.22 -27.04
CA TYR B 581 5.01 -18.29 -26.35
C TYR B 581 3.99 -19.03 -25.50
N TRP B 582 3.37 -20.05 -26.09
CA TRP B 582 2.32 -20.79 -25.41
C TRP B 582 2.76 -21.63 -24.23
N GLN B 583 3.92 -22.26 -24.34
CA GLN B 583 4.53 -22.93 -23.20
C GLN B 583 4.69 -21.91 -22.07
N ALA B 584 5.18 -20.72 -22.36
CA ALA B 584 5.34 -19.66 -21.34
C ALA B 584 4.02 -19.08 -20.80
N PHE B 585 3.04 -18.85 -21.69
CA PHE B 585 1.68 -18.47 -21.25
C PHE B 585 1.15 -19.46 -20.23
N ARG B 586 1.30 -20.77 -20.52
CA ARG B 586 0.75 -21.79 -19.61
C ARG B 586 1.51 -21.86 -18.30
N GLN B 587 2.81 -21.62 -18.34
CA GLN B 587 3.66 -21.78 -17.16
C GLN B 587 3.59 -20.62 -16.17
N TYR B 588 3.37 -19.42 -16.70
CA TYR B 588 3.36 -18.21 -15.87
C TYR B 588 1.94 -17.68 -15.73
N PRO B 589 1.41 -17.67 -14.49
CA PRO B 589 0.05 -17.16 -14.28
C PRO B 589 -0.17 -15.75 -14.84
N ARG B 590 0.77 -14.83 -14.57
CA ARG B 590 0.66 -13.46 -15.03
C ARG B 590 0.97 -13.22 -16.53
N LEU B 591 1.48 -14.23 -17.24
CA LEU B 591 1.52 -14.17 -18.70
C LEU B 591 0.19 -14.67 -19.24
N GLN B 592 -0.66 -13.74 -19.65
CA GLN B 592 -2.03 -14.11 -19.94
C GLN B 592 -2.33 -14.08 -21.42
N GLY B 593 -1.28 -14.29 -22.22
CA GLY B 593 -1.42 -14.53 -23.66
C GLY B 593 -1.16 -13.31 -24.51
N GLY B 594 -1.86 -13.21 -25.63
CA GLY B 594 -1.71 -12.05 -26.49
C GLY B 594 -2.45 -12.13 -27.81
N PHE B 595 -2.21 -11.13 -28.65
CA PHE B 595 -2.87 -11.04 -29.94
C PHE B 595 -1.87 -11.20 -31.09
N VAL B 596 -2.06 -12.25 -31.86
CA VAL B 596 -1.21 -12.47 -33.02
C VAL B 596 -1.35 -11.31 -34.02
N TRP B 597 -0.24 -10.89 -34.62
CA TRP B 597 -0.33 -9.94 -35.72
C TRP B 597 -0.05 -10.58 -37.07
N ASP B 598 -1.06 -10.67 -37.94
CA ASP B 598 -2.46 -10.36 -37.62
C ASP B 598 -3.35 -11.36 -38.36
N TRP B 599 -4.63 -11.02 -38.52
CA TRP B 599 -5.59 -11.97 -39.06
C TRP B 599 -5.44 -12.19 -40.57
N VAL B 600 -5.70 -11.16 -41.37
CA VAL B 600 -5.83 -11.30 -42.82
C VAL B 600 -4.86 -10.40 -43.61
N ASP B 601 -4.18 -10.98 -44.59
CA ASP B 601 -3.36 -10.25 -45.56
C ASP B 601 -4.13 -9.05 -46.14
N GLN B 602 -3.49 -7.88 -46.14
CA GLN B 602 -4.02 -6.70 -46.84
C GLN B 602 -3.58 -6.61 -48.31
N SER B 603 -3.78 -7.69 -49.07
CA SER B 603 -3.55 -7.65 -50.51
C SER B 603 -4.82 -7.24 -51.26
N LEU B 604 -4.64 -6.51 -52.36
CA LEU B 604 -5.78 -6.16 -53.21
C LEU B 604 -5.74 -6.93 -54.53
N ILE B 605 -6.90 -7.11 -55.13
CA ILE B 605 -7.04 -7.79 -56.42
C ILE B 605 -6.79 -6.81 -57.58
N LYS B 606 -5.93 -7.20 -58.52
CA LYS B 606 -5.74 -6.50 -59.79
C LYS B 606 -5.97 -7.51 -60.90
N TYR B 607 -6.04 -7.03 -62.14
CA TYR B 607 -6.30 -7.93 -63.29
C TYR B 607 -5.27 -7.76 -64.41
N ASP B 608 -5.12 -8.80 -65.23
CA ASP B 608 -4.22 -8.76 -66.40
C ASP B 608 -4.99 -8.61 -67.73
N GLU B 609 -4.36 -8.98 -68.85
CA GLU B 609 -5.00 -8.90 -70.17
C GLU B 609 -6.12 -9.93 -70.37
N ASN B 610 -5.94 -11.14 -69.85
CA ASN B 610 -6.96 -12.19 -69.96
C ASN B 610 -8.08 -12.04 -68.93
N GLY B 611 -8.01 -10.98 -68.14
CA GLY B 611 -8.98 -10.72 -67.06
C GLY B 611 -8.77 -11.57 -65.82
N ASN B 612 -7.57 -12.16 -65.69
CA ASN B 612 -7.22 -12.98 -64.53
C ASN B 612 -6.87 -12.16 -63.30
N PRO B 613 -7.46 -12.49 -62.14
CA PRO B 613 -7.23 -11.70 -60.92
C PRO B 613 -5.93 -12.11 -60.20
N TRP B 614 -5.12 -11.12 -59.83
CA TRP B 614 -3.91 -11.40 -59.03
C TRP B 614 -3.77 -10.54 -57.77
N SER B 615 -3.14 -11.13 -56.74
CA SER B 615 -2.94 -10.48 -55.44
C SER B 615 -1.79 -9.47 -55.48
N ALA B 616 -2.10 -8.23 -55.08
CA ALA B 616 -1.16 -7.12 -55.10
C ALA B 616 -0.83 -6.58 -53.71
N TYR B 617 0.39 -6.07 -53.56
CA TYR B 617 0.79 -5.40 -52.32
C TYR B 617 1.27 -3.97 -52.58
N GLY B 618 1.97 -3.39 -51.60
CA GLY B 618 2.48 -2.02 -51.72
C GLY B 618 3.30 -1.76 -52.97
N GLY B 619 2.93 -0.71 -53.69
CA GLY B 619 3.68 -0.30 -54.88
C GLY B 619 3.15 -0.81 -56.21
N ASP B 620 2.12 -1.65 -56.16
CA ASP B 620 1.49 -2.21 -57.37
C ASP B 620 0.41 -1.29 -57.97
N PHE B 621 0.26 -0.09 -57.40
CA PHE B 621 -0.76 0.87 -57.85
C PHE B 621 -0.19 2.21 -58.34
N GLY B 622 1.12 2.40 -58.18
CA GLY B 622 1.82 3.63 -58.59
C GLY B 622 2.25 4.43 -57.38
N ASP B 623 1.87 3.92 -56.22
CA ASP B 623 2.11 4.57 -54.92
C ASP B 623 3.57 4.46 -54.48
N THR B 624 4.20 5.61 -54.23
CA THR B 624 5.60 5.67 -53.82
C THR B 624 5.88 6.98 -53.05
N PRO B 625 6.53 6.90 -51.86
CA PRO B 625 7.15 5.71 -51.24
C PRO B 625 6.14 4.64 -50.81
N ASN B 626 6.58 3.40 -50.82
CA ASN B 626 5.76 2.29 -50.33
C ASN B 626 6.54 1.31 -49.46
N ASP B 627 5.80 0.43 -48.78
CA ASP B 627 6.42 -0.59 -47.95
C ASP B 627 6.09 -2.00 -48.43
N ARG B 628 6.05 -2.15 -49.75
CA ARG B 628 5.94 -3.45 -50.44
C ARG B 628 5.02 -4.49 -49.75
N GLN B 629 5.54 -5.70 -49.51
CA GLN B 629 4.72 -6.78 -49.00
C GLN B 629 4.41 -6.70 -47.49
N PHE B 630 4.80 -5.60 -46.84
CA PHE B 630 4.59 -5.44 -45.39
C PHE B 630 3.13 -5.31 -44.94
N CYS B 631 2.23 -5.07 -45.89
CA CYS B 631 0.80 -5.03 -45.60
C CYS B 631 0.23 -6.44 -45.47
N MET B 632 1.07 -7.45 -45.69
CA MET B 632 0.65 -8.85 -45.70
C MET B 632 1.29 -9.65 -44.57
N ASN B 633 0.58 -9.75 -43.43
CA ASN B 633 1.07 -10.42 -42.24
C ASN B 633 0.04 -11.41 -41.70
N GLY B 634 -0.84 -11.88 -42.59
CA GLY B 634 -2.02 -12.60 -42.16
C GLY B 634 -1.81 -14.05 -41.84
N LEU B 635 -2.69 -14.59 -41.01
CA LEU B 635 -2.79 -16.02 -40.78
C LEU B 635 -3.63 -16.63 -41.88
N VAL B 636 -4.46 -15.79 -42.49
CA VAL B 636 -5.27 -16.19 -43.65
C VAL B 636 -4.96 -15.25 -44.81
N PHE B 637 -5.10 -15.76 -46.04
CA PHE B 637 -4.98 -14.91 -47.24
C PHE B 637 -6.17 -13.96 -47.29
N ALA B 638 -6.11 -12.97 -48.18
CA ALA B 638 -7.20 -11.98 -48.29
C ALA B 638 -8.57 -12.59 -48.57
N ASP B 639 -8.61 -13.78 -49.17
CA ASP B 639 -9.88 -14.47 -49.46
C ASP B 639 -10.24 -15.50 -48.39
N ARG B 640 -9.54 -15.42 -47.25
CA ARG B 640 -9.78 -16.26 -46.05
C ARG B 640 -9.37 -17.74 -46.17
N THR B 641 -8.59 -18.05 -47.19
CA THR B 641 -7.88 -19.32 -47.31
C THR B 641 -6.80 -19.29 -46.26
N PRO B 642 -6.72 -20.35 -45.43
CA PRO B 642 -5.70 -20.48 -44.37
C PRO B 642 -4.26 -20.55 -44.88
N HIS B 643 -3.37 -19.75 -44.29
CA HIS B 643 -1.93 -20.00 -44.38
C HIS B 643 -1.63 -21.23 -43.52
N PRO B 644 -0.52 -21.96 -43.81
CA PRO B 644 -0.25 -23.14 -42.99
C PRO B 644 -0.07 -22.82 -41.50
N ALA B 645 0.33 -21.58 -41.20
CA ALA B 645 0.59 -21.16 -39.82
C ALA B 645 -0.64 -21.28 -38.94
N LEU B 646 -1.82 -21.16 -39.57
CA LEU B 646 -3.09 -21.18 -38.86
C LEU B 646 -3.30 -22.45 -38.04
N THR B 647 -2.93 -23.59 -38.61
CA THR B 647 -3.05 -24.86 -37.91
C THR B 647 -2.12 -24.92 -36.68
N GLU B 648 -0.92 -24.35 -36.78
CA GLU B 648 -0.02 -24.26 -35.62
C GLU B 648 -0.66 -23.42 -34.51
N ALA B 649 -1.28 -22.31 -34.88
CA ALA B 649 -2.02 -21.49 -33.92
C ALA B 649 -3.12 -22.30 -33.25
N LYS B 650 -3.89 -23.01 -34.07
CA LYS B 650 -4.99 -23.84 -33.59
C LYS B 650 -4.50 -24.82 -32.54
N HIS B 651 -3.39 -25.47 -32.84
CA HIS B 651 -2.87 -26.52 -31.98
C HIS B 651 -2.34 -25.96 -30.66
N GLN B 652 -1.55 -24.88 -30.73
CA GLN B 652 -1.04 -24.27 -29.51
C GLN B 652 -2.12 -23.61 -28.65
N GLN B 653 -3.19 -23.14 -29.28
CA GLN B 653 -4.28 -22.51 -28.56
C GLN B 653 -5.33 -23.52 -28.08
N GLN B 654 -5.05 -24.82 -28.24
CA GLN B 654 -5.92 -25.89 -27.73
C GLN B 654 -6.42 -25.69 -26.28
N PHE B 655 -7.63 -26.14 -26.03
CA PHE B 655 -8.27 -25.96 -24.73
C PHE B 655 -8.15 -27.18 -23.84
N PHE B 656 -7.56 -28.25 -24.38
CA PHE B 656 -7.28 -29.43 -23.60
C PHE B 656 -5.80 -29.79 -23.68
N GLN B 657 -5.22 -30.11 -22.52
CA GLN B 657 -3.83 -30.51 -22.41
C GLN B 657 -3.77 -31.99 -22.09
N PHE B 658 -2.69 -32.63 -22.52
CA PHE B 658 -2.60 -34.06 -22.36
C PHE B 658 -1.24 -34.46 -21.84
N ARG B 659 -1.24 -35.44 -20.95
CA ARG B 659 -0.01 -36.10 -20.53
C ARG B 659 -0.20 -37.61 -20.66
N LEU B 660 0.91 -38.32 -20.89
CA LEU B 660 0.88 -39.77 -20.96
C LEU B 660 1.80 -40.34 -19.90
N SER B 661 1.33 -41.40 -19.25
CA SER B 661 2.06 -42.07 -18.18
C SER B 661 1.65 -43.53 -18.21
N GLY B 662 2.46 -44.34 -18.90
CA GLY B 662 2.14 -45.74 -19.14
C GLY B 662 1.07 -45.87 -20.22
N GLN B 663 -0.09 -46.41 -19.83
CA GLN B 663 -1.24 -46.50 -20.72
C GLN B 663 -2.40 -45.60 -20.27
N THR B 664 -2.09 -44.63 -19.42
CA THR B 664 -3.08 -43.69 -18.92
C THR B 664 -2.91 -42.31 -19.54
N ILE B 665 -3.95 -41.87 -20.25
CA ILE B 665 -4.05 -40.50 -20.75
C ILE B 665 -4.68 -39.65 -19.65
N GLU B 666 -4.02 -38.53 -19.33
CA GLU B 666 -4.56 -37.50 -18.46
C GLU B 666 -4.96 -36.28 -19.30
N VAL B 667 -6.23 -35.92 -19.26
CA VAL B 667 -6.76 -34.78 -20.00
C VAL B 667 -7.02 -33.66 -19.03
N THR B 668 -6.48 -32.47 -19.31
CA THR B 668 -6.73 -31.30 -18.45
C THR B 668 -7.50 -30.24 -19.22
N SER B 669 -8.59 -29.76 -18.63
CA SER B 669 -9.40 -28.71 -19.26
C SER B 669 -8.83 -27.34 -18.93
N GLU B 670 -8.75 -26.49 -19.94
CA GLU B 670 -8.32 -25.12 -19.72
C GLU B 670 -9.50 -24.16 -19.84
N TYR B 671 -10.70 -24.72 -19.95
CA TYR B 671 -11.89 -23.89 -19.89
C TYR B 671 -12.10 -23.40 -18.48
N LEU B 672 -12.67 -22.21 -18.36
CA LEU B 672 -12.88 -21.60 -17.06
C LEU B 672 -14.28 -21.88 -16.54
N PHE B 673 -15.21 -22.06 -17.49
CA PHE B 673 -16.64 -22.08 -17.17
C PHE B 673 -17.41 -23.31 -17.63
N ARG B 674 -17.12 -23.81 -18.82
CA ARG B 674 -17.92 -24.91 -19.36
C ARG B 674 -17.33 -26.28 -19.03
N HIS B 675 -18.23 -27.24 -18.85
CA HIS B 675 -17.85 -28.64 -18.88
C HIS B 675 -17.60 -29.04 -20.33
N SER B 676 -16.82 -30.09 -20.55
CA SER B 676 -16.66 -30.64 -21.90
C SER B 676 -17.90 -31.39 -22.40
N ASP B 677 -19.02 -30.68 -22.54
CA ASP B 677 -20.31 -31.33 -22.86
C ASP B 677 -20.66 -31.45 -24.35
N ASN B 678 -19.64 -31.29 -25.20
CA ASN B 678 -19.74 -31.50 -26.65
C ASN B 678 -18.35 -31.95 -27.13
N GLU B 679 -17.83 -32.98 -26.47
CA GLU B 679 -16.45 -33.44 -26.65
C GLU B 679 -16.35 -34.94 -26.41
N LEU B 680 -15.80 -35.66 -27.37
CA LEU B 680 -15.40 -37.02 -27.09
C LEU B 680 -13.96 -37.18 -27.59
N LEU B 681 -13.24 -38.14 -27.00
CA LEU B 681 -11.85 -38.37 -27.35
C LEU B 681 -11.65 -39.62 -28.25
N HIS B 682 -11.14 -39.38 -29.47
CA HIS B 682 -10.74 -40.45 -30.38
C HIS B 682 -9.26 -40.75 -30.16
N TRP B 683 -8.95 -42.00 -29.87
CA TRP B 683 -7.55 -42.42 -29.79
C TRP B 683 -7.24 -43.38 -30.92
N MET B 684 -5.96 -43.52 -31.23
CA MET B 684 -5.49 -44.29 -32.37
C MET B 684 -4.03 -44.71 -32.12
N VAL B 685 -3.74 -45.98 -32.39
CA VAL B 685 -2.35 -46.47 -32.34
C VAL B 685 -2.00 -47.03 -33.72
N ALA B 686 -0.97 -46.46 -34.33
CA ALA B 686 -0.49 -46.88 -35.65
C ALA B 686 0.99 -47.25 -35.61
N LEU B 687 1.32 -48.30 -36.34
CA LEU B 687 2.70 -48.71 -36.54
C LEU B 687 3.13 -48.18 -37.90
N ASP B 688 4.08 -47.26 -37.89
CA ASP B 688 4.59 -46.60 -39.11
C ASP B 688 3.49 -46.46 -40.18
N GLY B 689 2.38 -45.84 -39.80
CA GLY B 689 1.27 -45.54 -40.72
C GLY B 689 0.10 -46.51 -40.66
N LYS B 690 0.39 -47.79 -40.42
CA LYS B 690 -0.63 -48.84 -40.42
C LYS B 690 -1.38 -48.85 -39.10
N PRO B 691 -2.70 -48.62 -39.15
CA PRO B 691 -3.55 -48.62 -37.94
C PRO B 691 -3.56 -49.98 -37.26
N LEU B 692 -3.34 -50.02 -35.96
CA LEU B 692 -3.43 -51.27 -35.22
C LEU B 692 -4.59 -51.32 -34.23
N ALA B 693 -4.88 -50.18 -33.61
CA ALA B 693 -6.01 -50.06 -32.67
C ALA B 693 -6.55 -48.63 -32.62
N SER B 694 -7.80 -48.51 -32.19
CA SER B 694 -8.47 -47.21 -32.04
C SER B 694 -9.69 -47.35 -31.14
N GLY B 695 -10.23 -46.22 -30.71
CA GLY B 695 -11.44 -46.19 -29.87
C GLY B 695 -11.91 -44.80 -29.50
N GLU B 696 -13.06 -44.74 -28.85
CA GLU B 696 -13.65 -43.49 -28.42
C GLU B 696 -13.92 -43.56 -26.94
N VAL B 697 -13.78 -42.42 -26.26
CA VAL B 697 -14.15 -42.27 -24.86
C VAL B 697 -14.82 -40.91 -24.76
N PRO B 698 -16.03 -40.84 -24.16
CA PRO B 698 -16.59 -39.50 -24.00
C PRO B 698 -15.76 -38.72 -22.99
N LEU B 699 -15.66 -37.41 -23.20
CA LEU B 699 -14.95 -36.53 -22.26
C LEU B 699 -15.89 -35.88 -21.25
N ASP B 700 -15.60 -36.07 -19.99
CA ASP B 700 -16.43 -35.54 -18.93
C ASP B 700 -15.49 -34.86 -17.94
N VAL B 701 -15.12 -33.64 -18.28
CA VAL B 701 -14.12 -32.92 -17.53
C VAL B 701 -14.62 -31.52 -17.23
N ALA B 702 -14.59 -31.19 -15.94
CA ALA B 702 -15.03 -29.90 -15.41
C ALA B 702 -14.07 -28.80 -15.87
N PRO B 703 -14.51 -27.51 -15.80
CA PRO B 703 -13.54 -26.43 -16.09
C PRO B 703 -12.33 -26.51 -15.15
N GLN B 704 -11.13 -26.45 -15.71
CA GLN B 704 -9.87 -26.54 -14.94
C GLN B 704 -9.60 -27.92 -14.35
N GLY B 705 -10.46 -28.90 -14.65
CA GLY B 705 -10.34 -30.23 -14.06
C GLY B 705 -9.60 -31.24 -14.92
N LYS B 706 -9.50 -32.47 -14.41
CA LYS B 706 -8.79 -33.55 -15.06
C LYS B 706 -9.66 -34.79 -15.21
N GLN B 707 -9.38 -35.58 -16.25
CA GLN B 707 -10.01 -36.87 -16.44
C GLN B 707 -8.90 -37.83 -16.78
N LEU B 708 -8.94 -39.01 -16.18
CA LEU B 708 -7.98 -40.07 -16.48
C LEU B 708 -8.62 -41.05 -17.43
N ILE B 709 -7.91 -41.36 -18.51
CA ILE B 709 -8.39 -42.33 -19.48
C ILE B 709 -7.42 -43.50 -19.59
N GLU B 710 -7.89 -44.66 -19.15
CA GLU B 710 -7.09 -45.88 -19.15
C GLU B 710 -7.27 -46.62 -20.48
N LEU B 711 -6.18 -46.68 -21.25
CA LEU B 711 -6.22 -47.39 -22.52
C LEU B 711 -6.27 -48.92 -22.34
N PRO B 712 -7.10 -49.60 -23.14
CA PRO B 712 -7.20 -51.06 -23.06
C PRO B 712 -5.89 -51.72 -23.46
N GLU B 713 -5.74 -52.99 -23.10
CA GLU B 713 -4.60 -53.79 -23.51
C GLU B 713 -4.33 -53.62 -25.01
N LEU B 714 -3.10 -53.23 -25.34
CA LEU B 714 -2.72 -52.97 -26.73
C LEU B 714 -2.00 -54.18 -27.32
N PRO B 715 -2.52 -54.71 -28.45
CA PRO B 715 -1.91 -55.88 -29.07
C PRO B 715 -0.51 -55.55 -29.58
N GLN B 716 0.43 -56.48 -29.36
CA GLN B 716 1.82 -56.29 -29.82
C GLN B 716 1.91 -56.24 -31.34
N PRO B 717 2.78 -55.36 -31.86
CA PRO B 717 2.88 -55.21 -33.31
C PRO B 717 3.50 -56.44 -33.95
N GLU B 718 2.93 -56.86 -35.08
CA GLU B 718 3.39 -58.04 -35.78
C GLU B 718 4.53 -57.74 -36.76
N SER B 719 5.42 -56.83 -36.36
CA SER B 719 6.55 -56.41 -37.22
C SER B 719 7.59 -55.61 -36.42
N ALA B 720 8.16 -54.61 -37.08
CA ALA B 720 9.14 -53.71 -36.51
C ALA B 720 8.82 -52.27 -36.90
N GLY B 721 9.27 -51.34 -36.06
CA GLY B 721 9.03 -49.91 -36.27
C GLY B 721 8.55 -49.21 -35.02
N GLN B 722 8.04 -48.00 -35.20
CA GLN B 722 7.67 -47.16 -34.09
C GLN B 722 6.15 -47.04 -34.01
N LEU B 723 5.60 -47.41 -32.85
CA LEU B 723 4.17 -47.20 -32.57
C LEU B 723 3.90 -45.76 -32.15
N TRP B 724 2.89 -45.16 -32.75
CA TRP B 724 2.48 -43.80 -32.43
C TRP B 724 1.06 -43.77 -31.89
N LEU B 725 0.85 -43.02 -30.81
CA LEU B 725 -0.49 -42.75 -30.31
C LEU B 725 -0.92 -41.36 -30.78
N THR B 726 -2.13 -41.26 -31.30
CA THR B 726 -2.72 -39.98 -31.66
C THR B 726 -4.04 -39.88 -30.92
N VAL B 727 -4.31 -38.73 -30.31
CA VAL B 727 -5.64 -38.46 -29.77
C VAL B 727 -6.15 -37.18 -30.39
N ARG B 728 -7.42 -37.16 -30.74
CA ARG B 728 -8.07 -35.98 -31.30
C ARG B 728 -9.28 -35.73 -30.42
N VAL B 729 -9.55 -34.48 -30.08
CA VAL B 729 -10.80 -34.18 -29.41
C VAL B 729 -11.81 -33.79 -30.48
N VAL B 730 -12.92 -34.53 -30.54
CA VAL B 730 -13.96 -34.32 -31.54
C VAL B 730 -15.25 -33.79 -30.90
N GLN B 731 -15.86 -32.79 -31.54
CA GLN B 731 -17.15 -32.25 -31.12
C GLN B 731 -18.26 -32.93 -31.93
N PRO B 732 -19.03 -33.83 -31.30
CA PRO B 732 -20.04 -34.57 -32.06
C PRO B 732 -21.18 -33.70 -32.59
N ASN B 733 -21.59 -32.70 -31.81
CA ASN B 733 -22.72 -31.88 -32.22
C ASN B 733 -22.25 -30.57 -32.83
N ALA B 734 -23.02 -30.09 -33.79
CA ALA B 734 -22.81 -28.79 -34.41
C ALA B 734 -23.04 -27.72 -33.37
N THR B 735 -22.42 -26.56 -33.59
CA THR B 735 -22.65 -25.36 -32.75
C THR B 735 -23.04 -24.17 -33.64
N ALA B 736 -23.15 -23.01 -33.03
CA ALA B 736 -23.32 -21.78 -33.79
C ALA B 736 -22.07 -21.48 -34.63
N TRP B 737 -20.93 -22.03 -34.21
CA TRP B 737 -19.64 -21.69 -34.82
C TRP B 737 -18.89 -22.87 -35.49
N SER B 738 -19.40 -24.09 -35.31
CA SER B 738 -18.73 -25.28 -35.87
C SER B 738 -19.71 -26.37 -36.37
N GLU B 739 -19.20 -27.23 -37.24
CA GLU B 739 -19.96 -28.36 -37.78
C GLU B 739 -19.72 -29.59 -36.94
N ALA B 740 -20.65 -30.55 -36.98
CA ALA B 740 -20.49 -31.79 -36.26
C ALA B 740 -19.19 -32.47 -36.71
N GLY B 741 -18.48 -33.09 -35.77
CA GLY B 741 -17.23 -33.76 -36.09
C GLY B 741 -16.03 -32.84 -36.14
N HIS B 742 -16.22 -31.60 -35.68
CA HIS B 742 -15.17 -30.61 -35.69
C HIS B 742 -14.07 -31.05 -34.76
N ILE B 743 -12.83 -30.98 -35.22
CA ILE B 743 -11.71 -31.36 -34.39
C ILE B 743 -11.13 -30.10 -33.73
N SER B 744 -11.17 -30.08 -32.40
CA SER B 744 -10.80 -28.92 -31.57
C SER B 744 -9.41 -29.05 -30.96
N ALA B 745 -8.90 -30.28 -30.86
CA ALA B 745 -7.58 -30.52 -30.29
C ALA B 745 -6.98 -31.87 -30.67
N TRP B 746 -5.65 -31.98 -30.62
CA TRP B 746 -4.97 -33.24 -30.84
C TRP B 746 -3.57 -33.26 -30.23
N GLN B 747 -2.99 -34.46 -30.13
CA GLN B 747 -1.66 -34.64 -29.55
C GLN B 747 -1.14 -35.99 -29.99
N GLN B 748 0.17 -36.17 -29.91
CA GLN B 748 0.81 -37.43 -30.32
C GLN B 748 1.91 -37.83 -29.37
N TRP B 749 2.12 -39.15 -29.24
CA TRP B 749 3.26 -39.67 -28.48
C TRP B 749 3.86 -40.88 -29.20
N ARG B 750 5.13 -41.13 -28.90
CA ARG B 750 5.76 -42.38 -29.26
C ARG B 750 5.49 -43.39 -28.17
N LEU B 751 5.02 -44.58 -28.57
CA LEU B 751 4.88 -45.69 -27.65
C LEU B 751 6.11 -46.59 -27.80
N ALA B 752 5.93 -47.91 -27.80
CA ALA B 752 7.04 -48.83 -27.98
C ALA B 752 7.62 -48.72 -29.39
N GLU B 753 8.94 -48.83 -29.50
CA GLU B 753 9.61 -48.92 -30.79
C GLU B 753 10.34 -50.26 -30.89
N ASN B 754 10.15 -50.96 -32.00
CA ASN B 754 10.88 -52.19 -32.24
C ASN B 754 11.88 -52.01 -33.36
N LEU B 755 13.16 -51.99 -33.00
CA LEU B 755 14.22 -51.76 -33.97
C LEU B 755 14.38 -52.95 -34.93
N SER B 756 14.56 -52.64 -36.20
CA SER B 756 14.79 -53.63 -37.24
C SER B 756 16.16 -54.27 -37.04
N VAL B 757 16.17 -55.56 -36.70
CA VAL B 757 17.40 -56.32 -36.48
C VAL B 757 17.68 -57.37 -37.56
N THR B 758 16.61 -57.88 -38.15
CA THR B 758 16.72 -58.96 -39.12
C THR B 758 17.54 -58.57 -40.36
N LEU B 759 18.62 -59.31 -40.57
CA LEU B 759 19.52 -59.15 -41.71
C LEU B 759 18.78 -59.38 -43.05
N PRO B 760 18.76 -58.37 -43.94
CA PRO B 760 18.06 -58.39 -45.25
C PRO B 760 18.28 -59.65 -46.10
N ALA B 761 17.33 -59.90 -47.03
CA ALA B 761 17.35 -61.09 -47.90
C ALA B 761 18.56 -61.13 -48.83
N ALA B 762 19.39 -62.18 -48.68
CA ALA B 762 20.64 -62.37 -49.43
C ALA B 762 20.64 -61.77 -50.84
N SER B 763 21.58 -60.85 -51.08
CA SER B 763 21.73 -60.17 -52.38
C SER B 763 22.33 -61.11 -53.42
N HIS B 764 21.47 -61.73 -54.22
CA HIS B 764 21.90 -62.64 -55.27
C HIS B 764 22.56 -61.85 -56.40
N ALA B 765 21.90 -60.78 -56.83
CA ALA B 765 22.41 -59.92 -57.89
C ALA B 765 23.61 -59.11 -57.42
N ILE B 766 24.51 -58.81 -58.35
CA ILE B 766 25.62 -57.88 -58.09
C ILE B 766 25.78 -56.87 -59.22
N PRO B 767 25.82 -55.57 -58.89
CA PRO B 767 25.97 -54.54 -59.92
C PRO B 767 27.41 -54.43 -60.37
N HIS B 768 27.64 -54.07 -61.63
CA HIS B 768 29.01 -53.95 -62.10
C HIS B 768 29.38 -52.52 -62.44
N LEU B 769 30.64 -52.18 -62.16
CA LEU B 769 31.22 -50.86 -62.42
C LEU B 769 31.84 -50.75 -63.80
N THR B 770 31.41 -49.74 -64.56
CA THR B 770 31.96 -49.39 -65.87
C THR B 770 32.66 -48.02 -65.82
N THR B 771 33.98 -48.03 -65.73
CA THR B 771 34.80 -46.82 -65.59
C THR B 771 35.25 -46.21 -66.93
N SER B 772 34.85 -44.97 -67.15
CA SER B 772 35.33 -44.16 -68.26
C SER B 772 36.17 -43.01 -67.69
N GLU B 773 36.88 -42.27 -68.54
CA GLU B 773 37.70 -41.15 -68.05
C GLU B 773 36.82 -39.98 -67.60
N MET B 774 35.61 -39.90 -68.15
CA MET B 774 34.71 -38.80 -67.88
C MET B 774 33.63 -39.18 -66.86
N ASP B 775 33.38 -40.47 -66.69
CA ASP B 775 32.23 -40.94 -65.92
C ASP B 775 32.48 -42.24 -65.19
N PHE B 776 31.79 -42.40 -64.06
CA PHE B 776 31.63 -43.71 -63.44
C PHE B 776 30.20 -44.15 -63.72
N CYS B 777 30.03 -45.40 -64.15
CA CYS B 777 28.72 -45.93 -64.53
C CYS B 777 28.44 -47.26 -63.82
N ILE B 778 27.35 -47.31 -63.06
CA ILE B 778 26.93 -48.53 -62.37
C ILE B 778 25.69 -49.07 -63.06
N GLU B 779 25.71 -50.36 -63.40
CA GLU B 779 24.50 -51.02 -63.90
C GLU B 779 24.13 -52.28 -63.10
N LEU B 780 22.86 -52.35 -62.71
CA LEU B 780 22.26 -53.57 -62.12
C LEU B 780 21.04 -53.92 -62.95
N GLY B 781 21.11 -55.07 -63.63
CA GLY B 781 20.10 -55.43 -64.59
C GLY B 781 20.01 -54.30 -65.60
N ASN B 782 18.85 -53.64 -65.67
CA ASN B 782 18.62 -52.55 -66.62
C ASN B 782 18.62 -51.16 -65.98
N LYS B 783 18.86 -51.11 -64.67
CA LYS B 783 18.99 -49.83 -63.95
C LYS B 783 20.39 -49.26 -64.16
N ARG B 784 20.47 -47.95 -64.37
CA ARG B 784 21.77 -47.31 -64.66
C ARG B 784 22.02 -46.05 -63.82
N TRP B 785 23.21 -45.98 -63.22
CA TRP B 785 23.64 -44.83 -62.40
C TRP B 785 24.89 -44.16 -62.97
N GLN B 786 24.77 -42.89 -63.31
CA GLN B 786 25.90 -42.15 -63.90
C GLN B 786 26.49 -41.06 -62.98
N PHE B 787 27.68 -41.35 -62.47
CA PHE B 787 28.46 -40.37 -61.70
C PHE B 787 29.51 -39.66 -62.57
N ASN B 788 29.29 -38.37 -62.82
CA ASN B 788 30.23 -37.53 -63.57
C ASN B 788 31.56 -37.35 -62.80
N ARG B 789 32.69 -37.46 -63.49
CA ARG B 789 34.00 -37.38 -62.83
C ARG B 789 34.59 -35.96 -62.78
N GLN B 790 34.06 -35.07 -63.62
CA GLN B 790 34.47 -33.66 -63.66
C GLN B 790 33.76 -32.82 -62.59
N SER B 791 32.52 -33.18 -62.27
CA SER B 791 31.71 -32.42 -61.33
C SER B 791 31.62 -33.09 -59.96
N GLY B 792 31.76 -34.42 -59.93
CA GLY B 792 31.65 -35.17 -58.69
C GLY B 792 30.24 -35.59 -58.27
N PHE B 793 29.23 -35.21 -59.06
CA PHE B 793 27.84 -35.51 -58.74
C PHE B 793 27.24 -36.64 -59.60
N LEU B 794 26.22 -37.28 -59.06
CA LEU B 794 25.37 -38.16 -59.84
C LEU B 794 24.61 -37.26 -60.79
N SER B 795 24.95 -37.32 -62.08
CA SER B 795 24.37 -36.43 -63.08
C SER B 795 23.19 -37.02 -63.85
N GLN B 796 23.06 -38.35 -63.81
CA GLN B 796 21.95 -39.03 -64.48
C GLN B 796 21.68 -40.43 -63.92
N MET B 797 20.40 -40.80 -63.91
CA MET B 797 19.99 -42.16 -63.63
C MET B 797 19.05 -42.66 -64.72
N TRP B 798 19.20 -43.93 -65.08
CA TRP B 798 18.33 -44.55 -66.07
C TRP B 798 17.64 -45.79 -65.52
N ILE B 799 16.35 -45.87 -65.79
CA ILE B 799 15.60 -47.13 -65.64
C ILE B 799 15.20 -47.62 -67.03
N GLY B 800 16.00 -48.57 -67.54
CA GLY B 800 15.87 -49.01 -68.93
C GLY B 800 16.13 -47.83 -69.86
N ASP B 801 15.06 -47.37 -70.49
CA ASP B 801 15.14 -46.28 -71.47
C ASP B 801 15.04 -44.91 -70.81
N LYS B 802 14.29 -44.84 -69.72
CA LYS B 802 13.90 -43.58 -69.09
C LYS B 802 15.01 -42.83 -68.34
N LYS B 803 15.22 -41.56 -68.71
CA LYS B 803 16.09 -40.64 -67.99
C LYS B 803 15.35 -40.20 -66.73
N GLN B 804 16.00 -40.29 -65.58
CA GLN B 804 15.37 -39.89 -64.32
C GLN B 804 15.64 -38.44 -63.88
N LEU B 805 16.81 -37.90 -64.23
CA LEU B 805 17.21 -36.54 -63.82
C LEU B 805 17.33 -35.55 -64.98
N LEU B 806 16.91 -34.31 -64.73
CA LEU B 806 17.10 -33.18 -65.66
C LEU B 806 18.29 -32.31 -65.23
N THR B 807 18.35 -32.00 -63.94
CA THR B 807 19.51 -31.36 -63.31
C THR B 807 20.12 -32.39 -62.39
N PRO B 808 21.46 -32.45 -62.28
CA PRO B 808 22.07 -33.46 -61.39
C PRO B 808 21.85 -33.22 -59.88
N LEU B 809 22.11 -34.26 -59.08
CA LEU B 809 21.97 -34.24 -57.64
C LEU B 809 23.16 -33.53 -56.99
N ARG B 810 22.93 -32.31 -56.53
CA ARG B 810 23.98 -31.47 -55.95
C ARG B 810 23.64 -31.09 -54.50
N ASP B 811 24.68 -30.84 -53.68
CA ASP B 811 24.51 -30.28 -52.33
C ASP B 811 23.82 -28.93 -52.43
N GLN B 812 23.04 -28.58 -51.41
CA GLN B 812 22.43 -27.27 -51.32
C GLN B 812 22.44 -26.72 -49.88
N PHE B 813 22.89 -25.49 -49.74
CA PHE B 813 23.07 -24.87 -48.44
C PHE B 813 22.26 -23.58 -48.29
N THR B 814 21.43 -23.29 -49.28
CA THR B 814 20.74 -22.02 -49.35
C THR B 814 19.24 -22.24 -49.52
N ARG B 815 18.46 -21.18 -49.32
CA ARG B 815 17.02 -21.24 -49.53
C ARG B 815 16.51 -19.92 -50.11
N ALA B 816 15.44 -19.98 -50.88
CA ALA B 816 14.80 -18.76 -51.37
C ALA B 816 14.33 -18.00 -50.13
N PRO B 817 14.85 -16.78 -49.93
CA PRO B 817 14.69 -16.09 -48.66
C PRO B 817 13.23 -15.83 -48.31
N LEU B 818 12.86 -16.19 -47.08
CA LEU B 818 11.53 -15.89 -46.55
C LEU B 818 11.51 -14.44 -46.15
N ASP B 819 10.31 -13.90 -45.99
CA ASP B 819 10.18 -12.53 -45.47
C ASP B 819 11.02 -12.30 -44.20
N ASN B 820 11.03 -13.28 -43.29
CA ASN B 820 11.85 -13.22 -42.07
C ASN B 820 13.37 -13.21 -42.29
N ASP B 821 13.82 -13.77 -43.42
CA ASP B 821 15.25 -13.75 -43.76
C ASP B 821 15.63 -12.38 -44.32
N ILE B 822 14.64 -11.71 -44.90
CA ILE B 822 14.85 -10.44 -45.58
C ILE B 822 14.69 -9.28 -44.61
N GLY B 823 13.65 -9.34 -43.78
CA GLY B 823 13.35 -8.23 -42.88
C GLY B 823 13.02 -6.97 -43.66
N VAL B 824 13.62 -5.84 -43.25
CA VAL B 824 13.40 -4.55 -43.91
C VAL B 824 14.44 -4.21 -44.98
N SER B 825 15.28 -5.18 -45.35
CA SER B 825 16.35 -4.95 -46.31
C SER B 825 15.82 -4.72 -47.72
N GLU B 826 16.37 -3.71 -48.39
CA GLU B 826 16.01 -3.38 -49.78
C GLU B 826 17.26 -3.13 -50.61
N ALA B 827 17.13 -3.25 -51.93
CA ALA B 827 18.24 -3.05 -52.87
C ALA B 827 18.84 -1.64 -52.82
N THR B 828 18.01 -0.67 -52.44
CA THR B 828 18.42 0.73 -52.28
C THR B 828 18.93 1.04 -50.86
N ARG B 829 18.46 0.26 -49.87
CA ARG B 829 18.91 0.42 -48.49
C ARG B 829 19.15 -0.95 -47.83
N ILE B 830 20.39 -1.41 -47.87
CA ILE B 830 20.78 -2.72 -47.35
C ILE B 830 20.73 -2.75 -45.82
N ASP B 831 20.15 -3.82 -45.26
CA ASP B 831 20.30 -4.11 -43.84
C ASP B 831 21.32 -5.20 -43.66
N PRO B 832 22.57 -4.83 -43.35
CA PRO B 832 23.66 -5.80 -43.20
C PRO B 832 23.37 -6.90 -42.17
N ASN B 833 22.47 -6.62 -41.23
CA ASN B 833 22.19 -7.57 -40.16
C ASN B 833 21.20 -8.69 -40.54
N ALA B 834 20.40 -8.47 -41.59
CA ALA B 834 19.40 -9.44 -42.09
C ALA B 834 20.01 -10.74 -42.62
N TRP B 835 19.37 -11.87 -42.27
CA TRP B 835 19.91 -13.18 -42.62
C TRP B 835 20.25 -13.30 -44.12
N VAL B 836 19.40 -12.75 -44.97
CA VAL B 836 19.61 -12.82 -46.41
C VAL B 836 20.93 -12.12 -46.79
N GLU B 837 21.21 -11.01 -46.11
CA GLU B 837 22.35 -10.16 -46.43
C GLU B 837 23.64 -10.74 -45.86
N ARG B 838 23.57 -11.34 -44.68
CA ARG B 838 24.72 -12.07 -44.18
C ARG B 838 25.09 -13.17 -45.19
N TRP B 839 24.07 -13.86 -45.72
CA TRP B 839 24.24 -14.96 -46.69
C TRP B 839 24.79 -14.50 -48.03
N LYS B 840 24.19 -13.45 -48.58
CA LYS B 840 24.67 -12.84 -49.82
C LYS B 840 26.14 -12.44 -49.68
N ALA B 841 26.47 -11.74 -48.59
CA ALA B 841 27.80 -11.16 -48.44
C ALA B 841 28.86 -12.24 -48.21
N ALA B 842 28.46 -13.35 -47.61
CA ALA B 842 29.37 -14.47 -47.43
C ALA B 842 29.50 -15.31 -48.70
N GLY B 843 28.76 -14.93 -49.74
CA GLY B 843 28.76 -15.62 -51.02
C GLY B 843 28.09 -16.98 -51.03
N HIS B 844 27.09 -17.17 -50.18
CA HIS B 844 26.37 -18.45 -50.11
C HIS B 844 25.60 -18.76 -51.39
N TYR B 845 24.92 -17.76 -51.93
CA TYR B 845 24.17 -17.93 -53.18
C TYR B 845 25.03 -18.03 -54.45
N GLN B 846 26.34 -17.89 -54.31
CA GLN B 846 27.23 -17.91 -55.47
C GLN B 846 28.34 -18.97 -55.37
N ALA B 847 28.35 -19.69 -54.26
CA ALA B 847 29.42 -20.62 -53.95
C ALA B 847 29.61 -21.64 -55.07
N GLU B 848 30.85 -21.76 -55.53
CA GLU B 848 31.19 -22.66 -56.63
C GLU B 848 31.76 -23.96 -56.07
N ALA B 849 31.19 -25.08 -56.49
CA ALA B 849 31.68 -26.39 -56.07
C ALA B 849 33.00 -26.73 -56.74
N ALA B 850 33.95 -27.19 -55.93
CA ALA B 850 35.28 -27.51 -56.40
C ALA B 850 35.59 -28.93 -55.93
N LEU B 851 35.79 -29.82 -56.88
CA LEU B 851 35.96 -31.23 -56.57
C LEU B 851 37.30 -31.48 -55.91
N LEU B 852 37.29 -32.22 -54.81
CA LEU B 852 38.53 -32.61 -54.17
C LEU B 852 38.83 -34.06 -54.48
N GLN B 853 37.82 -34.91 -54.35
CA GLN B 853 38.01 -36.35 -54.49
C GLN B 853 36.82 -36.93 -55.24
N CYS B 854 37.09 -38.00 -55.98
CA CYS B 854 36.06 -38.74 -56.70
C CYS B 854 36.57 -40.12 -57.07
N THR B 855 36.22 -41.12 -56.27
CA THR B 855 36.76 -42.45 -56.48
C THR B 855 35.65 -43.49 -56.56
N ALA B 856 35.99 -44.65 -57.13
CA ALA B 856 35.09 -45.79 -57.27
C ALA B 856 35.72 -47.04 -56.68
N ASP B 857 34.89 -47.92 -56.12
CA ASP B 857 35.39 -49.19 -55.62
C ASP B 857 34.42 -50.32 -55.88
N THR B 858 34.99 -51.52 -56.02
CA THR B 858 34.21 -52.73 -56.21
C THR B 858 34.28 -53.54 -54.91
N LEU B 859 33.09 -53.73 -54.32
CA LEU B 859 32.91 -54.55 -53.12
C LEU B 859 32.28 -55.88 -53.50
N ALA B 860 32.31 -56.83 -52.57
CA ALA B 860 31.75 -58.17 -52.78
C ALA B 860 30.35 -58.17 -53.42
N ASP B 861 29.45 -57.34 -52.89
CA ASP B 861 28.06 -57.30 -53.35
C ASP B 861 27.53 -55.89 -53.66
N ALA B 862 28.43 -54.95 -53.94
CA ALA B 862 28.06 -53.54 -54.18
C ALA B 862 29.17 -52.70 -54.85
N VAL B 863 28.78 -51.52 -55.33
CA VAL B 863 29.74 -50.52 -55.84
C VAL B 863 29.71 -49.25 -55.00
N LEU B 864 30.88 -48.82 -54.52
CA LEU B 864 31.05 -47.67 -53.62
C LEU B 864 31.63 -46.45 -54.34
N ILE B 865 30.86 -45.37 -54.38
CA ILE B 865 31.36 -44.09 -54.93
C ILE B 865 31.61 -43.04 -53.83
N THR B 866 32.88 -42.69 -53.62
CA THR B 866 33.30 -41.71 -52.63
C THR B 866 33.60 -40.39 -53.31
N THR B 867 33.04 -39.30 -52.79
CA THR B 867 33.34 -37.97 -53.30
C THR B 867 33.60 -36.98 -52.17
N ALA B 868 34.28 -35.89 -52.51
CA ALA B 868 34.46 -34.76 -51.60
C ALA B 868 34.42 -33.46 -52.37
N HIS B 869 33.64 -32.50 -51.86
CA HIS B 869 33.57 -31.18 -52.46
C HIS B 869 33.91 -30.09 -51.46
N ALA B 870 34.36 -28.95 -51.98
CA ALA B 870 34.51 -27.75 -51.17
C ALA B 870 33.74 -26.63 -51.85
N TRP B 871 32.80 -26.03 -51.14
CA TRP B 871 32.15 -24.83 -51.65
C TRP B 871 32.93 -23.62 -51.24
N GLN B 872 33.34 -22.83 -52.23
CA GLN B 872 34.21 -21.70 -51.96
C GLN B 872 33.61 -20.43 -52.53
N HIS B 873 34.06 -19.31 -51.97
CA HIS B 873 33.69 -18.01 -52.45
C HIS B 873 34.89 -17.10 -52.31
N GLN B 874 35.45 -16.76 -53.47
CA GLN B 874 36.60 -15.89 -53.58
C GLN B 874 37.69 -16.31 -52.58
N GLY B 875 38.07 -17.59 -52.66
CA GLY B 875 39.17 -18.12 -51.85
C GLY B 875 38.78 -18.80 -50.53
N LYS B 876 37.73 -18.30 -49.88
CA LYS B 876 37.28 -18.84 -48.59
C LYS B 876 36.44 -20.11 -48.73
N THR B 877 36.77 -21.12 -47.95
CA THR B 877 35.99 -22.36 -47.93
C THR B 877 34.87 -22.29 -46.90
N LEU B 878 33.64 -22.27 -47.41
CA LEU B 878 32.45 -22.21 -46.59
C LEU B 878 32.04 -23.59 -46.10
N PHE B 879 31.90 -24.53 -47.03
CA PHE B 879 31.42 -25.89 -46.74
C PHE B 879 32.26 -26.98 -47.41
N ILE B 880 32.43 -28.10 -46.72
CA ILE B 880 32.99 -29.31 -47.30
C ILE B 880 31.94 -30.41 -47.20
N SER B 881 31.64 -31.06 -48.32
CA SER B 881 30.70 -32.18 -48.36
C SER B 881 31.42 -33.50 -48.66
N ARG B 882 31.38 -34.42 -47.71
CA ARG B 882 31.96 -35.75 -47.92
C ARG B 882 30.86 -36.80 -48.07
N LYS B 883 30.90 -37.52 -49.19
CA LYS B 883 29.84 -38.46 -49.54
C LYS B 883 30.32 -39.87 -49.87
N THR B 884 29.48 -40.85 -49.52
CA THR B 884 29.59 -42.19 -50.09
C THR B 884 28.25 -42.59 -50.70
N TYR B 885 28.32 -43.24 -51.85
CA TYR B 885 27.16 -43.85 -52.49
C TYR B 885 27.38 -45.36 -52.51
N ARG B 886 26.38 -46.12 -52.06
CA ARG B 886 26.51 -47.56 -51.98
C ARG B 886 25.32 -48.21 -52.69
N ILE B 887 25.58 -48.67 -53.91
CA ILE B 887 24.58 -49.33 -54.74
C ILE B 887 24.80 -50.84 -54.67
N ASP B 888 23.81 -51.56 -54.14
CA ASP B 888 23.93 -53.01 -53.90
C ASP B 888 23.04 -53.88 -54.81
N GLY B 889 22.98 -55.16 -54.46
CA GLY B 889 22.24 -56.18 -55.21
C GLY B 889 20.75 -55.94 -55.40
N SER B 890 20.10 -55.42 -54.37
CA SER B 890 18.65 -55.18 -54.42
C SER B 890 18.29 -53.87 -55.14
N GLY B 891 19.29 -53.13 -55.62
CA GLY B 891 19.06 -51.89 -56.37
C GLY B 891 18.88 -50.64 -55.52
N GLN B 892 19.31 -50.71 -54.26
CA GLN B 892 19.25 -49.56 -53.36
C GLN B 892 20.55 -48.77 -53.40
N MET B 893 20.43 -47.46 -53.52
CA MET B 893 21.58 -46.56 -53.45
C MET B 893 21.64 -45.87 -52.06
N ALA B 894 22.47 -46.41 -51.18
CA ALA B 894 22.66 -45.80 -49.86
C ALA B 894 23.61 -44.60 -49.95
N ILE B 895 23.11 -43.42 -49.58
CA ILE B 895 23.92 -42.20 -49.58
C ILE B 895 24.22 -41.72 -48.16
N THR B 896 25.50 -41.69 -47.81
CA THR B 896 25.95 -41.06 -46.56
C THR B 896 26.49 -39.67 -46.90
N VAL B 897 26.13 -38.65 -46.11
CA VAL B 897 26.64 -37.29 -46.32
C VAL B 897 27.16 -36.66 -45.02
N ASP B 898 28.42 -36.28 -45.02
CA ASP B 898 29.03 -35.60 -43.88
C ASP B 898 29.55 -34.23 -44.28
N VAL B 899 28.96 -33.19 -43.70
CA VAL B 899 29.24 -31.80 -44.07
C VAL B 899 30.02 -31.05 -42.98
N GLU B 900 31.01 -30.26 -43.40
CA GLU B 900 31.73 -29.32 -42.52
C GLU B 900 31.31 -27.91 -42.85
N VAL B 901 31.00 -27.12 -41.82
CA VAL B 901 30.61 -25.72 -42.02
C VAL B 901 31.58 -24.85 -41.27
N ALA B 902 32.20 -23.90 -41.97
CA ALA B 902 33.20 -23.03 -41.36
C ALA B 902 32.54 -22.21 -40.26
N SER B 903 33.14 -22.27 -39.08
CA SER B 903 32.56 -21.69 -37.88
C SER B 903 32.31 -20.20 -38.02
N ASP B 904 33.04 -19.56 -38.92
CA ASP B 904 32.98 -18.12 -39.10
C ASP B 904 32.13 -17.66 -40.30
N THR B 905 31.48 -18.60 -40.98
CA THR B 905 30.48 -18.21 -41.98
C THR B 905 29.11 -18.18 -41.28
N PRO B 906 28.20 -17.30 -41.74
CA PRO B 906 26.87 -17.29 -41.13
C PRO B 906 26.21 -18.64 -41.31
N HIS B 907 25.57 -19.14 -40.26
CA HIS B 907 24.91 -20.44 -40.29
C HIS B 907 24.01 -20.55 -41.52
N PRO B 908 24.18 -21.64 -42.29
CA PRO B 908 23.48 -21.82 -43.54
C PRO B 908 21.97 -22.05 -43.34
N ALA B 909 21.19 -21.72 -44.37
CA ALA B 909 19.75 -21.93 -44.33
C ALA B 909 19.36 -23.41 -44.26
N ARG B 910 20.15 -24.26 -44.90
CA ARG B 910 19.85 -25.69 -44.97
C ARG B 910 21.11 -26.48 -45.26
N ILE B 911 21.06 -27.76 -44.93
CA ILE B 911 22.08 -28.68 -45.37
C ILE B 911 21.38 -29.89 -45.95
N GLY B 912 21.28 -29.90 -47.27
CA GLY B 912 20.64 -31.01 -47.97
C GLY B 912 21.16 -31.21 -49.38
N LEU B 913 20.37 -31.92 -50.17
CA LEU B 913 20.68 -32.16 -51.57
C LEU B 913 19.50 -31.71 -52.38
N ASN B 914 19.76 -31.25 -53.60
CA ASN B 914 18.67 -31.03 -54.52
C ASN B 914 18.91 -31.58 -55.92
N CYS B 915 17.82 -31.77 -56.67
CA CYS B 915 17.86 -32.18 -58.07
C CYS B 915 16.53 -31.93 -58.76
N GLN B 916 16.58 -31.75 -60.08
CA GLN B 916 15.39 -31.66 -60.91
C GLN B 916 15.06 -33.05 -61.46
N LEU B 917 13.92 -33.61 -61.04
CA LEU B 917 13.47 -34.91 -61.50
C LEU B 917 12.72 -34.79 -62.82
N ALA B 918 12.89 -35.76 -63.71
CA ALA B 918 12.24 -35.75 -65.02
C ALA B 918 10.76 -36.05 -64.93
N GLN B 919 10.42 -37.12 -64.20
CA GLN B 919 9.05 -37.55 -63.97
C GLN B 919 8.16 -36.44 -63.38
N VAL B 920 6.87 -36.44 -63.72
CA VAL B 920 5.87 -35.59 -63.05
C VAL B 920 4.67 -36.43 -62.61
N ALA B 921 4.62 -36.79 -61.33
CA ALA B 921 3.53 -37.60 -60.81
C ALA B 921 2.45 -36.70 -60.25
N GLU B 922 1.35 -37.30 -59.82
CA GLU B 922 0.19 -36.51 -59.40
C GLU B 922 0.05 -36.48 -57.91
N ARG B 923 0.53 -37.52 -57.26
CA ARG B 923 0.40 -37.67 -55.83
C ARG B 923 1.77 -37.63 -55.17
N VAL B 924 1.83 -37.06 -53.97
CA VAL B 924 3.01 -37.16 -53.14
C VAL B 924 2.65 -37.91 -51.87
N ASN B 925 3.35 -39.02 -51.63
CA ASN B 925 3.06 -39.90 -50.51
C ASN B 925 4.25 -40.01 -49.55
N TRP B 926 4.04 -39.75 -48.26
CA TRP B 926 5.15 -39.83 -47.31
C TRP B 926 4.78 -40.24 -45.90
N LEU B 927 5.72 -40.91 -45.23
CA LEU B 927 5.61 -41.25 -43.84
C LEU B 927 6.42 -40.21 -43.06
N GLY B 928 5.71 -39.28 -42.43
CA GLY B 928 6.36 -38.19 -41.74
C GLY B 928 5.36 -37.21 -41.18
N LEU B 929 5.83 -36.00 -40.91
CA LEU B 929 5.01 -35.00 -40.29
C LEU B 929 4.19 -34.35 -41.37
N GLY B 930 2.92 -34.10 -41.05
CA GLY B 930 2.05 -33.43 -42.00
C GLY B 930 0.64 -33.35 -41.47
N PRO B 931 -0.33 -33.17 -42.37
CA PRO B 931 -0.17 -33.07 -43.83
C PRO B 931 0.38 -31.73 -44.35
N GLN B 932 0.14 -30.65 -43.60
CA GLN B 932 0.51 -29.33 -44.07
C GLN B 932 1.99 -29.05 -43.88
N GLU B 933 2.47 -28.04 -44.60
CA GLU B 933 3.81 -27.49 -44.46
C GLU B 933 4.21 -27.29 -42.98
N ASN B 934 5.35 -27.86 -42.61
CA ASN B 934 5.89 -27.67 -41.27
C ASN B 934 7.41 -27.48 -41.29
N TYR B 935 7.92 -26.62 -40.41
CA TYR B 935 9.35 -26.36 -40.28
C TYR B 935 9.83 -26.65 -38.87
N PRO B 936 11.16 -26.72 -38.66
CA PRO B 936 11.66 -27.17 -37.36
C PRO B 936 11.10 -26.40 -36.17
N ASP B 937 10.92 -25.09 -36.32
CA ASP B 937 10.34 -24.27 -35.26
C ASP B 937 8.85 -24.01 -35.45
N ARG B 938 8.24 -24.72 -36.38
CA ARG B 938 6.81 -24.67 -36.58
C ARG B 938 6.28 -26.03 -37.04
N LEU B 939 6.48 -27.04 -36.22
CA LEU B 939 5.99 -28.39 -36.55
C LEU B 939 5.18 -29.09 -35.45
N THR B 940 4.74 -28.34 -34.43
CA THR B 940 4.09 -29.01 -33.30
C THR B 940 2.70 -29.49 -33.68
N ALA B 941 2.02 -28.72 -34.53
CA ALA B 941 0.70 -29.08 -35.05
C ALA B 941 0.73 -30.28 -35.98
N ALA B 942 1.77 -30.39 -36.80
CA ALA B 942 1.91 -31.51 -37.73
C ALA B 942 1.94 -32.85 -36.97
N CYS B 943 1.34 -33.87 -37.58
CA CYS B 943 1.31 -35.21 -36.99
C CYS B 943 2.12 -36.20 -37.82
N PHE B 944 2.70 -37.18 -37.15
CA PHE B 944 3.42 -38.25 -37.82
C PHE B 944 2.42 -39.30 -38.27
N ASP B 945 2.27 -39.44 -39.58
CA ASP B 945 1.47 -40.49 -40.17
C ASP B 945 1.87 -40.65 -41.62
N ARG B 946 1.18 -41.56 -42.31
CA ARG B 946 1.33 -41.73 -43.74
C ARG B 946 0.40 -40.73 -44.42
N TRP B 947 0.95 -39.83 -45.21
CA TRP B 947 0.16 -38.80 -45.86
C TRP B 947 0.19 -38.94 -47.39
N ASP B 948 -0.89 -38.54 -48.05
CA ASP B 948 -0.97 -38.58 -49.51
C ASP B 948 -1.71 -37.38 -50.05
N LEU B 949 -1.00 -36.50 -50.74
CA LEU B 949 -1.61 -35.29 -51.26
C LEU B 949 -1.30 -35.11 -52.74
N PRO B 950 -2.12 -34.34 -53.47
CA PRO B 950 -1.73 -33.93 -54.82
C PRO B 950 -0.45 -33.10 -54.74
N LEU B 951 0.33 -33.07 -55.83
CA LEU B 951 1.59 -32.33 -55.85
C LEU B 951 1.38 -30.86 -55.56
N SER B 952 0.26 -30.31 -56.03
CA SER B 952 0.02 -28.88 -55.88
C SER B 952 -0.17 -28.49 -54.41
N ASP B 953 -0.61 -29.45 -53.58
CA ASP B 953 -0.74 -29.26 -52.15
C ASP B 953 0.61 -29.24 -51.39
N MET B 954 1.69 -29.55 -52.09
CA MET B 954 3.04 -29.54 -51.50
C MET B 954 3.76 -28.23 -51.76
N TYR B 955 3.03 -27.27 -52.33
CA TYR B 955 3.48 -25.91 -52.59
C TYR B 955 2.55 -24.97 -51.84
N THR B 956 3.09 -23.90 -51.27
CA THR B 956 2.29 -22.93 -50.54
C THR B 956 2.33 -21.59 -51.30
N PRO B 957 1.17 -21.12 -51.78
CA PRO B 957 1.10 -19.89 -52.58
C PRO B 957 1.26 -18.57 -51.83
N TYR B 958 2.36 -18.43 -51.06
CA TYR B 958 2.65 -17.12 -50.46
C TYR B 958 2.73 -16.07 -51.56
N VAL B 959 2.05 -14.95 -51.36
CA VAL B 959 1.96 -13.90 -52.39
C VAL B 959 3.36 -13.45 -52.81
N PHE B 960 4.24 -13.20 -51.85
CA PHE B 960 5.66 -12.99 -52.13
C PHE B 960 6.39 -14.32 -51.98
N PRO B 961 6.83 -14.90 -53.10
CA PRO B 961 7.39 -16.25 -53.14
C PRO B 961 8.71 -16.43 -52.39
N SER B 962 8.83 -17.58 -51.76
CA SER B 962 9.99 -17.95 -50.95
C SER B 962 10.00 -19.46 -50.80
N GLU B 963 11.10 -19.99 -50.24
CA GLU B 963 11.13 -21.39 -49.81
C GLU B 963 9.85 -21.70 -49.05
N ASN B 964 9.23 -22.82 -49.39
CA ASN B 964 7.91 -23.17 -48.87
C ASN B 964 7.63 -24.64 -49.03
N GLY B 965 6.63 -25.12 -48.30
CA GLY B 965 6.13 -26.46 -48.48
C GLY B 965 6.96 -27.54 -47.83
N LEU B 966 7.91 -27.15 -46.99
CA LEU B 966 8.69 -28.17 -46.27
C LEU B 966 7.80 -28.99 -45.35
N ARG B 967 8.18 -30.25 -45.22
CA ARG B 967 7.60 -31.17 -44.27
C ARG B 967 8.80 -31.82 -43.60
N CYS B 968 8.72 -31.99 -42.29
CA CYS B 968 9.85 -32.45 -41.48
C CYS B 968 9.73 -33.86 -40.93
N GLY B 969 10.81 -34.36 -40.36
CA GLY B 969 10.82 -35.65 -39.70
C GLY B 969 10.27 -36.78 -40.55
N THR B 970 10.59 -36.74 -41.83
CA THR B 970 10.14 -37.76 -42.79
C THR B 970 11.08 -38.99 -42.87
N ARG B 971 10.50 -40.15 -42.61
CA ARG B 971 11.23 -41.42 -42.68
C ARG B 971 11.16 -42.10 -44.06
N GLU B 972 10.23 -41.65 -44.90
CA GLU B 972 9.99 -42.26 -46.22
C GLU B 972 9.19 -41.35 -47.14
N LEU B 973 9.69 -41.14 -48.36
CA LEU B 973 9.05 -40.31 -49.36
C LEU B 973 8.83 -41.07 -50.68
N ASN B 974 7.60 -41.03 -51.18
CA ASN B 974 7.25 -41.71 -52.43
C ASN B 974 6.73 -40.74 -53.47
N TYR B 975 7.38 -40.74 -54.63
CA TYR B 975 6.99 -39.91 -55.76
C TYR B 975 7.26 -40.65 -57.06
N GLY B 976 6.23 -40.79 -57.88
CA GLY B 976 6.29 -41.59 -59.09
C GLY B 976 6.92 -42.94 -58.78
N PRO B 977 8.04 -43.26 -59.45
CA PRO B 977 8.76 -44.53 -59.25
C PRO B 977 9.74 -44.51 -58.06
N HIS B 978 9.97 -43.33 -57.50
CA HIS B 978 11.04 -43.11 -56.51
C HIS B 978 10.60 -43.26 -55.06
N GLN B 979 11.37 -44.02 -54.29
CA GLN B 979 11.27 -44.03 -52.84
C GLN B 979 12.57 -43.55 -52.19
N TRP B 980 12.44 -42.64 -51.22
CA TRP B 980 13.57 -42.21 -50.38
C TRP B 980 13.28 -42.54 -48.92
N ARG B 981 14.25 -43.19 -48.26
CA ARG B 981 14.13 -43.53 -46.84
C ARG B 981 15.26 -42.94 -45.98
N GLY B 982 14.91 -42.54 -44.76
CA GLY B 982 15.90 -42.06 -43.79
C GLY B 982 15.30 -41.29 -42.62
N ASP B 983 15.77 -40.04 -42.47
CA ASP B 983 15.26 -39.12 -41.47
C ASP B 983 15.57 -37.71 -41.94
N PHE B 984 14.66 -37.13 -42.71
CA PHE B 984 14.96 -35.90 -43.44
C PHE B 984 13.79 -34.92 -43.53
N GLN B 985 14.05 -33.75 -44.09
CA GLN B 985 13.04 -32.75 -44.30
C GLN B 985 13.00 -32.59 -45.80
N PHE B 986 11.82 -32.32 -46.38
CA PHE B 986 11.73 -32.20 -47.83
C PHE B 986 10.65 -31.23 -48.27
N ASN B 987 10.85 -30.67 -49.46
CA ASN B 987 9.75 -30.07 -50.20
C ASN B 987 9.84 -30.51 -51.65
N ILE B 988 8.74 -30.37 -52.38
CA ILE B 988 8.65 -30.87 -53.73
C ILE B 988 7.64 -30.05 -54.52
N SER B 989 8.04 -29.58 -55.69
CA SER B 989 7.20 -28.65 -56.46
C SER B 989 7.72 -28.47 -57.88
N ARG B 990 6.93 -27.79 -58.72
CA ARG B 990 7.34 -27.45 -60.08
C ARG B 990 8.17 -26.15 -60.12
N TYR B 991 8.62 -25.70 -58.95
CA TYR B 991 9.37 -24.45 -58.86
C TYR B 991 10.73 -24.66 -58.21
N SER B 992 11.73 -23.97 -58.75
CA SER B 992 13.08 -24.07 -58.23
C SER B 992 13.32 -23.01 -57.16
N GLN B 993 14.23 -23.29 -56.24
CA GLN B 993 14.69 -22.28 -55.30
C GLN B 993 15.11 -21.01 -56.03
N GLN B 994 15.73 -21.16 -57.20
CA GLN B 994 16.14 -20.02 -58.01
C GLN B 994 14.98 -19.18 -58.54
N GLN B 995 13.95 -19.82 -59.11
CA GLN B 995 12.79 -19.06 -59.60
C GLN B 995 12.04 -18.37 -58.46
N LEU B 996 11.92 -19.08 -57.33
CA LEU B 996 11.19 -18.59 -56.14
C LEU B 996 11.79 -17.31 -55.59
N MET B 997 13.13 -17.25 -55.57
CA MET B 997 13.82 -16.09 -55.04
C MET B 997 13.97 -14.96 -56.06
N GLU B 998 13.81 -15.29 -57.33
CA GLU B 998 13.91 -14.30 -58.41
C GLU B 998 12.59 -13.59 -58.72
N THR B 999 11.50 -14.11 -58.16
CA THR B 999 10.15 -13.70 -58.55
C THR B 999 9.41 -12.97 -57.42
N SER B 1000 8.90 -11.78 -57.73
CA SER B 1000 8.33 -10.90 -56.72
C SER B 1000 6.88 -11.21 -56.35
N HIS B 1001 6.17 -11.91 -57.24
CA HIS B 1001 4.76 -12.27 -57.03
C HIS B 1001 4.50 -13.70 -57.46
N ARG B 1002 3.57 -14.37 -56.79
CA ARG B 1002 3.22 -15.75 -57.09
C ARG B 1002 2.61 -15.91 -58.49
N HIS B 1003 1.82 -14.92 -58.92
CA HIS B 1003 1.14 -15.01 -60.21
C HIS B 1003 2.12 -15.02 -61.39
N LEU B 1004 3.34 -14.53 -61.15
CA LEU B 1004 4.38 -14.44 -62.19
C LEU B 1004 5.21 -15.72 -62.31
N LEU B 1005 4.85 -16.74 -61.55
CA LEU B 1005 5.56 -18.02 -61.56
C LEU B 1005 5.08 -18.94 -62.68
N HIS B 1006 6.00 -19.77 -63.17
CA HIS B 1006 5.71 -20.74 -64.21
C HIS B 1006 6.28 -22.10 -63.83
N ALA B 1007 5.44 -23.13 -63.91
CA ALA B 1007 5.88 -24.51 -63.67
C ALA B 1007 7.08 -24.80 -64.55
N GLU B 1008 8.10 -25.43 -63.96
CA GLU B 1008 9.29 -25.78 -64.71
C GLU B 1008 9.18 -27.21 -65.18
N GLU B 1009 9.96 -27.58 -66.20
CA GLU B 1009 9.96 -28.94 -66.71
C GLU B 1009 10.36 -29.86 -65.57
N GLY B 1010 9.63 -30.97 -65.41
CA GLY B 1010 9.93 -31.92 -64.35
C GLY B 1010 9.53 -31.46 -62.96
N THR B 1011 10.17 -32.03 -61.94
CA THR B 1011 9.78 -31.78 -60.56
C THR B 1011 11.03 -31.52 -59.73
N TRP B 1012 11.08 -30.35 -59.10
CA TRP B 1012 12.22 -29.97 -58.25
C TRP B 1012 12.12 -30.58 -56.86
N LEU B 1013 13.15 -31.29 -56.44
CA LEU B 1013 13.15 -31.98 -55.16
C LEU B 1013 14.25 -31.51 -54.23
N ASN B 1014 13.85 -31.06 -53.04
CA ASN B 1014 14.79 -30.64 -52.00
C ASN B 1014 14.73 -31.57 -50.80
N ILE B 1015 15.76 -32.39 -50.62
CA ILE B 1015 15.85 -33.25 -49.44
C ILE B 1015 16.94 -32.74 -48.49
N ASP B 1016 16.51 -32.21 -47.35
CA ASP B 1016 17.42 -31.63 -46.36
C ASP B 1016 17.66 -32.57 -45.17
N GLY B 1017 18.92 -32.81 -44.85
CA GLY B 1017 19.28 -33.43 -43.57
C GLY B 1017 18.89 -32.49 -42.44
N PHE B 1018 19.03 -31.20 -42.69
CA PHE B 1018 18.84 -30.16 -41.68
C PHE B 1018 18.37 -28.84 -42.33
N HIS B 1019 17.50 -28.12 -41.65
CA HIS B 1019 16.94 -26.88 -42.18
C HIS B 1019 16.79 -25.87 -41.04
N MET B 1020 17.24 -24.64 -41.27
CA MET B 1020 17.16 -23.58 -40.26
C MET B 1020 15.71 -23.24 -39.96
N GLY B 1021 15.47 -22.73 -38.74
CA GLY B 1021 14.16 -22.26 -38.37
C GLY B 1021 13.72 -21.11 -39.26
N ILE B 1022 12.44 -20.74 -39.16
CA ILE B 1022 11.88 -19.68 -39.98
C ILE B 1022 11.65 -18.38 -39.21
N GLY B 1023 11.60 -18.50 -37.88
CA GLY B 1023 11.39 -17.34 -37.01
C GLY B 1023 10.05 -16.65 -37.20
N GLY B 1024 9.98 -15.38 -36.81
CA GLY B 1024 8.75 -14.62 -36.93
C GLY B 1024 8.32 -13.85 -35.71
N ASP B 1025 9.13 -13.88 -34.65
CA ASP B 1025 8.88 -13.04 -33.47
C ASP B 1025 8.73 -11.58 -33.90
N ASP B 1026 9.44 -11.24 -34.97
CA ASP B 1026 9.11 -10.09 -35.81
C ASP B 1026 9.64 -10.33 -37.21
N SER B 1027 9.47 -9.34 -38.09
CA SER B 1027 9.90 -9.48 -39.48
C SER B 1027 10.80 -8.33 -39.91
N TRP B 1028 11.50 -7.76 -38.93
CA TRP B 1028 12.41 -6.65 -39.22
C TRP B 1028 13.77 -6.78 -38.50
N SER B 1029 13.98 -7.92 -37.86
CA SER B 1029 15.27 -8.28 -37.28
C SER B 1029 15.38 -9.80 -37.19
N PRO B 1030 16.61 -10.36 -37.25
CA PRO B 1030 16.72 -11.81 -37.10
C PRO B 1030 15.97 -12.29 -35.88
N SER B 1031 15.18 -13.35 -36.04
CA SER B 1031 14.31 -13.82 -35.00
C SER B 1031 14.37 -15.34 -34.82
N VAL B 1032 15.20 -16.01 -35.62
CA VAL B 1032 15.36 -17.46 -35.50
C VAL B 1032 16.20 -17.78 -34.27
N SER B 1033 15.62 -18.53 -33.33
CA SER B 1033 16.23 -18.82 -32.04
C SER B 1033 17.50 -19.69 -32.16
N ALA B 1034 18.48 -19.47 -31.30
CA ALA B 1034 19.77 -20.18 -31.35
C ALA B 1034 19.65 -21.69 -31.61
N GLU B 1035 18.70 -22.34 -30.96
CA GLU B 1035 18.55 -23.81 -31.07
C GLU B 1035 18.00 -24.29 -32.42
N PHE B 1036 17.57 -23.34 -33.26
CA PHE B 1036 17.07 -23.65 -34.61
C PHE B 1036 17.97 -23.12 -35.74
N GLN B 1037 19.12 -22.54 -35.35
CA GLN B 1037 20.17 -22.11 -36.28
C GLN B 1037 21.13 -23.27 -36.49
N LEU B 1038 21.63 -23.41 -37.71
CA LEU B 1038 22.49 -24.52 -38.06
C LEU B 1038 23.95 -24.23 -37.70
N SER B 1039 24.27 -24.42 -36.41
CA SER B 1039 25.53 -23.94 -35.83
C SER B 1039 26.49 -25.04 -35.34
N ALA B 1040 26.14 -26.30 -35.54
CA ALA B 1040 26.95 -27.41 -35.00
C ALA B 1040 28.33 -27.54 -35.64
N GLY B 1041 28.47 -27.04 -36.87
CA GLY B 1041 29.76 -27.08 -37.55
C GLY B 1041 29.99 -28.36 -38.35
N ARG B 1042 29.66 -29.50 -37.76
CA ARG B 1042 29.69 -30.80 -38.45
C ARG B 1042 28.29 -31.43 -38.48
N TYR B 1043 27.84 -31.81 -39.68
CA TYR B 1043 26.51 -32.39 -39.89
C TYR B 1043 26.55 -33.69 -40.66
N HIS B 1044 25.69 -34.63 -40.26
CA HIS B 1044 25.62 -35.94 -40.89
C HIS B 1044 24.17 -36.37 -41.16
N TYR B 1045 23.89 -36.77 -42.39
CA TYR B 1045 22.64 -37.43 -42.69
C TYR B 1045 22.86 -38.55 -43.68
N GLN B 1046 21.92 -39.49 -43.70
CA GLN B 1046 21.98 -40.62 -44.63
C GLN B 1046 20.63 -40.89 -45.28
N LEU B 1047 20.69 -41.27 -46.55
CA LEU B 1047 19.51 -41.63 -47.34
C LEU B 1047 19.70 -42.97 -48.02
N VAL B 1048 18.59 -43.62 -48.33
CA VAL B 1048 18.57 -44.77 -49.22
C VAL B 1048 17.63 -44.42 -50.35
N TRP B 1049 18.14 -44.46 -51.58
CA TRP B 1049 17.35 -44.18 -52.77
C TRP B 1049 17.19 -45.45 -53.60
N CYS B 1050 15.98 -45.99 -53.62
CA CYS B 1050 15.67 -47.06 -54.55
C CYS B 1050 14.37 -46.78 -55.27
N GLN B 1051 14.21 -47.39 -56.44
CA GLN B 1051 12.92 -47.45 -57.10
C GLN B 1051 12.07 -48.49 -56.35
N LYS B 1052 10.83 -48.14 -56.01
CA LYS B 1052 9.93 -49.09 -55.35
C LYS B 1052 8.89 -49.66 -56.32
N VAL C 38 -18.35 35.97 -43.09
CA VAL C 38 -17.65 34.76 -42.54
C VAL C 38 -17.64 34.82 -41.02
N VAL C 39 -17.18 35.96 -40.49
CA VAL C 39 -17.12 36.21 -39.05
C VAL C 39 -18.54 36.29 -38.48
N LEU C 40 -19.38 37.13 -39.08
CA LEU C 40 -20.82 37.18 -38.78
C LEU C 40 -21.48 35.78 -38.83
N GLN C 41 -21.04 34.99 -39.80
CA GLN C 41 -21.71 33.74 -40.18
C GLN C 41 -21.38 32.53 -39.28
N ARG C 42 -20.14 32.43 -38.83
CA ARG C 42 -19.72 31.27 -38.04
C ARG C 42 -20.22 31.24 -36.61
N ARG C 43 -20.37 32.43 -36.00
CA ARG C 43 -20.82 32.54 -34.61
C ARG C 43 -19.96 31.66 -33.67
N ASP C 44 -18.66 31.92 -33.67
CA ASP C 44 -17.71 31.14 -32.88
C ASP C 44 -17.87 31.34 -31.36
N TRP C 45 -18.55 32.40 -30.95
CA TRP C 45 -18.82 32.67 -29.54
C TRP C 45 -20.04 31.92 -28.97
N GLU C 46 -20.64 31.06 -29.79
CA GLU C 46 -21.71 30.16 -29.34
C GLU C 46 -21.36 28.71 -29.63
N ASN C 47 -20.08 28.39 -29.52
CA ASN C 47 -19.56 27.07 -29.85
C ASN C 47 -18.38 26.75 -28.94
N PRO C 48 -18.56 25.79 -28.01
CA PRO C 48 -17.46 25.49 -27.09
C PRO C 48 -16.37 24.63 -27.76
N GLY C 49 -16.60 24.21 -29.00
CA GLY C 49 -15.61 23.50 -29.78
C GLY C 49 -14.57 24.46 -30.35
N VAL C 50 -15.01 25.71 -30.56
CA VAL C 50 -14.12 26.78 -31.01
C VAL C 50 -13.85 27.72 -29.84
N THR C 51 -12.65 27.63 -29.26
CA THR C 51 -12.27 28.53 -28.17
C THR C 51 -11.25 29.55 -28.66
N GLN C 52 -10.63 29.23 -29.79
CA GLN C 52 -9.68 30.13 -30.40
C GLN C 52 -9.52 29.82 -31.88
N LEU C 53 -9.01 30.81 -32.62
CA LEU C 53 -8.53 30.61 -33.99
C LEU C 53 -7.22 31.37 -34.16
N ASN C 54 -6.24 30.65 -34.69
CA ASN C 54 -4.91 31.19 -34.97
C ASN C 54 -4.13 31.72 -33.76
N ARG C 55 -4.56 31.35 -32.57
CA ARG C 55 -3.83 31.70 -31.35
C ARG C 55 -2.50 30.93 -31.22
N LEU C 56 -1.47 31.63 -30.76
CA LEU C 56 -0.17 31.01 -30.53
C LEU C 56 -0.19 30.25 -29.20
N ALA C 57 0.74 29.31 -29.09
CA ALA C 57 0.84 28.45 -27.92
C ALA C 57 1.15 29.25 -26.66
N ALA C 58 0.64 28.81 -25.51
CA ALA C 58 0.94 29.43 -24.22
C ALA C 58 2.39 29.18 -23.80
N HIS C 59 2.94 30.05 -22.94
CA HIS C 59 4.35 29.96 -22.56
C HIS C 59 4.62 30.81 -21.33
N PRO C 60 5.75 30.58 -20.64
CA PRO C 60 6.02 31.48 -19.52
C PRO C 60 6.34 32.89 -20.05
N PRO C 61 6.37 33.90 -19.16
CA PRO C 61 6.63 35.28 -19.62
C PRO C 61 7.90 35.44 -20.46
N PHE C 62 7.75 35.93 -21.69
CA PHE C 62 8.92 36.25 -22.53
C PHE C 62 9.13 37.75 -22.60
N ALA C 63 10.37 38.16 -22.91
CA ALA C 63 10.68 39.56 -23.20
C ALA C 63 11.60 39.69 -24.42
N SER C 64 12.21 38.58 -24.82
CA SER C 64 13.16 38.53 -25.93
C SER C 64 14.27 39.56 -25.87
N TRP C 65 14.96 39.63 -24.74
CA TRP C 65 16.15 40.46 -24.64
C TRP C 65 17.12 40.08 -25.75
N ARG C 66 17.89 41.06 -26.22
CA ARG C 66 18.96 40.78 -27.17
C ARG C 66 20.27 41.15 -26.49
N ASN C 67 20.19 41.33 -25.18
CA ASN C 67 21.36 41.60 -24.37
C ASN C 67 21.23 40.79 -23.09
N SER C 68 22.12 39.81 -22.93
CA SER C 68 22.10 38.92 -21.79
C SER C 68 22.01 39.61 -20.42
N GLU C 69 22.85 40.63 -20.21
CA GLU C 69 22.92 41.35 -18.94
C GLU C 69 21.60 42.04 -18.61
N GLU C 70 20.90 42.51 -19.63
CA GLU C 70 19.57 43.12 -19.44
C GLU C 70 18.58 42.07 -18.93
N ALA C 71 18.74 40.84 -19.40
CA ALA C 71 17.94 39.71 -18.91
C ALA C 71 18.28 39.33 -17.47
N ARG C 72 19.57 39.32 -17.14
CA ARG C 72 20.01 38.92 -15.80
C ARG C 72 19.45 39.85 -14.72
N THR C 73 19.34 41.13 -15.04
CA THR C 73 18.94 42.14 -14.07
C THR C 73 17.46 42.49 -14.16
N ASP C 74 16.72 41.78 -15.01
CA ASP C 74 15.27 42.01 -15.23
C ASP C 74 14.95 43.47 -15.60
N ARG C 75 15.84 44.07 -16.37
CA ARG C 75 15.60 45.40 -16.90
C ARG C 75 14.67 45.28 -18.12
N PRO C 76 14.06 46.40 -18.55
CA PRO C 76 13.09 46.33 -19.64
C PRO C 76 13.71 45.89 -20.96
N SER C 77 12.89 45.30 -21.83
CA SER C 77 13.36 44.85 -23.12
C SER C 77 12.81 45.76 -24.22
N GLN C 78 13.70 46.20 -25.10
CA GLN C 78 13.32 46.97 -26.29
C GLN C 78 12.42 46.16 -27.24
N GLN C 79 12.40 44.85 -27.04
CA GLN C 79 11.67 43.92 -27.88
C GLN C 79 10.28 43.62 -27.34
N LEU C 80 9.94 44.23 -26.21
CA LEU C 80 8.62 44.15 -25.59
C LEU C 80 8.03 45.54 -25.35
N ARG C 81 7.09 45.95 -26.21
CA ARG C 81 6.48 47.28 -26.16
C ARG C 81 5.10 47.21 -25.55
N SER C 82 4.76 48.21 -24.74
CA SER C 82 3.42 48.33 -24.17
C SER C 82 2.53 49.11 -25.13
N LEU C 83 1.33 48.60 -25.41
CA LEU C 83 0.35 49.34 -26.21
C LEU C 83 -0.80 49.88 -25.37
N ASN C 84 -0.57 49.97 -24.06
CA ASN C 84 -1.56 50.57 -23.18
C ASN C 84 -1.65 52.07 -23.42
N GLY C 85 -2.79 52.67 -23.13
CA GLY C 85 -2.96 54.09 -23.30
C GLY C 85 -4.23 54.41 -24.04
N GLU C 86 -4.15 55.37 -24.97
CA GLU C 86 -5.36 55.91 -25.60
C GLU C 86 -5.80 55.15 -26.86
N TRP C 87 -6.97 54.53 -26.74
CA TRP C 87 -7.56 53.74 -27.80
C TRP C 87 -8.87 54.41 -28.21
N ARG C 88 -9.41 53.99 -29.34
CA ARG C 88 -10.71 54.45 -29.79
C ARG C 88 -11.73 53.32 -29.54
N PHE C 89 -12.94 53.69 -29.13
CA PHE C 89 -13.92 52.71 -28.68
C PHE C 89 -15.37 53.13 -28.94
N ALA C 90 -16.16 52.17 -29.43
CA ALA C 90 -17.58 52.37 -29.68
C ALA C 90 -18.36 51.16 -29.21
N TRP C 91 -19.54 51.40 -28.64
CA TRP C 91 -20.41 50.36 -28.08
C TRP C 91 -21.57 50.05 -29.01
N PHE C 92 -21.94 48.78 -29.08
CA PHE C 92 -23.05 48.34 -29.90
C PHE C 92 -23.87 47.31 -29.16
N PRO C 93 -25.18 47.21 -29.46
CA PRO C 93 -25.99 46.24 -28.73
C PRO C 93 -25.67 44.79 -29.12
N ALA C 94 -25.15 44.59 -30.32
CA ALA C 94 -24.86 43.25 -30.83
C ALA C 94 -23.75 43.33 -31.87
N PRO C 95 -23.04 42.21 -32.11
CA PRO C 95 -22.01 42.14 -33.16
C PRO C 95 -22.56 42.45 -34.57
N GLU C 96 -23.85 42.17 -34.77
CA GLU C 96 -24.54 42.45 -36.03
C GLU C 96 -24.68 43.95 -36.35
N ALA C 97 -24.66 44.77 -35.30
CA ALA C 97 -24.78 46.23 -35.42
C ALA C 97 -23.51 46.90 -35.93
N VAL C 98 -22.39 46.17 -35.90
CA VAL C 98 -21.08 46.73 -36.22
C VAL C 98 -20.95 47.05 -37.73
N PRO C 99 -20.73 48.33 -38.07
CA PRO C 99 -20.46 48.72 -39.44
C PRO C 99 -19.16 48.13 -39.96
N GLU C 100 -19.16 47.61 -41.19
CA GLU C 100 -17.96 47.04 -41.80
C GLU C 100 -16.86 48.07 -42.05
N SER C 101 -17.24 49.34 -42.18
CA SER C 101 -16.28 50.41 -42.43
C SER C 101 -15.28 50.44 -41.29
N TRP C 102 -15.78 50.14 -40.08
CA TRP C 102 -14.99 50.09 -38.86
C TRP C 102 -13.73 49.24 -38.99
N LEU C 103 -13.76 48.23 -39.87
CA LEU C 103 -12.60 47.39 -40.11
C LEU C 103 -11.41 48.14 -40.74
N GLU C 104 -11.70 49.13 -41.58
CA GLU C 104 -10.62 49.90 -42.20
C GLU C 104 -10.52 51.34 -41.74
N CYS C 105 -11.61 51.89 -41.22
CA CYS C 105 -11.64 53.29 -40.80
C CYS C 105 -12.17 53.51 -39.41
N ASP C 106 -11.57 54.48 -38.72
CA ASP C 106 -12.06 54.93 -37.44
C ASP C 106 -13.48 55.48 -37.57
N LEU C 107 -14.40 54.97 -36.76
CA LEU C 107 -15.74 55.55 -36.66
C LEU C 107 -15.63 56.89 -35.94
N PRO C 108 -16.14 57.98 -36.55
CA PRO C 108 -15.98 59.29 -35.89
C PRO C 108 -16.80 59.47 -34.60
N GLU C 109 -17.86 58.67 -34.43
CA GLU C 109 -18.71 58.74 -33.21
C GLU C 109 -18.10 58.03 -31.98
N ALA C 110 -17.05 57.25 -32.19
CA ALA C 110 -16.32 56.59 -31.12
C ALA C 110 -15.56 57.58 -30.23
N ASP C 111 -15.31 57.19 -28.97
CA ASP C 111 -14.61 58.08 -28.04
C ASP C 111 -13.15 57.65 -27.85
N THR C 112 -12.33 58.52 -27.25
CA THR C 112 -10.97 58.15 -26.91
C THR C 112 -10.93 57.75 -25.43
N VAL C 113 -10.63 56.48 -25.19
CA VAL C 113 -10.64 55.93 -23.83
C VAL C 113 -9.32 55.27 -23.50
N VAL C 114 -9.08 55.05 -22.20
CA VAL C 114 -7.87 54.37 -21.76
C VAL C 114 -8.09 52.86 -21.76
N VAL C 115 -7.07 52.15 -22.23
CA VAL C 115 -6.98 50.69 -22.19
C VAL C 115 -5.65 50.34 -21.52
N PRO C 116 -5.66 49.38 -20.57
CA PRO C 116 -6.78 48.55 -20.13
C PRO C 116 -7.87 49.26 -19.33
N SER C 117 -9.10 48.78 -19.53
CA SER C 117 -10.25 49.21 -18.76
C SER C 117 -11.43 48.26 -18.96
N ASN C 118 -12.32 48.24 -17.96
CA ASN C 118 -13.63 47.61 -18.10
C ASN C 118 -14.59 48.69 -18.59
N TRP C 119 -15.26 48.44 -19.72
CA TRP C 119 -16.06 49.48 -20.37
C TRP C 119 -17.29 49.93 -19.56
N GLN C 120 -17.68 49.12 -18.58
CA GLN C 120 -18.72 49.48 -17.63
C GLN C 120 -18.23 50.57 -16.67
N MET C 121 -16.92 50.62 -16.43
CA MET C 121 -16.35 51.62 -15.53
C MET C 121 -16.32 52.98 -16.20
N HIS C 122 -16.45 52.97 -17.52
CA HIS C 122 -16.58 54.19 -18.32
C HIS C 122 -18.04 54.57 -18.53
N GLY C 123 -18.96 53.67 -18.19
CA GLY C 123 -20.39 53.97 -18.20
C GLY C 123 -21.19 53.65 -19.45
N TYR C 124 -20.65 52.80 -20.32
CA TYR C 124 -21.35 52.42 -21.57
C TYR C 124 -22.53 51.48 -21.36
N ASP C 125 -22.39 50.54 -20.42
CA ASP C 125 -23.53 49.77 -19.90
C ASP C 125 -23.30 49.44 -18.42
N ALA C 126 -24.25 48.74 -17.81
CA ALA C 126 -24.17 48.47 -16.39
C ALA C 126 -23.38 47.19 -16.10
N PRO C 127 -22.54 47.21 -15.05
CA PRO C 127 -21.97 45.96 -14.53
C PRO C 127 -23.04 45.19 -13.75
N ILE C 128 -23.06 43.87 -13.90
CA ILE C 128 -24.03 43.05 -13.19
C ILE C 128 -23.38 42.33 -12.01
N TYR C 129 -23.97 42.48 -10.83
CA TYR C 129 -23.58 41.63 -9.70
C TYR C 129 -24.60 40.54 -9.40
N THR C 130 -24.23 39.31 -9.75
CA THR C 130 -24.95 38.12 -9.34
C THR C 130 -23.97 37.08 -8.79
N ASN C 131 -24.40 36.36 -7.76
CA ASN C 131 -23.56 35.36 -7.11
C ASN C 131 -23.58 34.02 -7.86
N VAL C 132 -24.58 33.19 -7.57
CA VAL C 132 -24.69 31.84 -8.13
C VAL C 132 -25.36 31.84 -9.51
N THR C 133 -26.59 32.36 -9.58
CA THR C 133 -27.36 32.40 -10.83
C THR C 133 -26.60 33.11 -11.95
N TYR C 134 -26.57 32.51 -13.13
CA TYR C 134 -25.89 33.09 -14.30
C TYR C 134 -26.51 34.46 -14.65
N PRO C 135 -25.67 35.41 -15.15
CA PRO C 135 -26.19 36.72 -15.59
C PRO C 135 -27.07 36.62 -16.83
N ILE C 136 -26.88 35.56 -17.61
CA ILE C 136 -27.66 35.29 -18.82
C ILE C 136 -28.57 34.05 -18.66
N THR C 137 -29.42 33.80 -19.64
CA THR C 137 -30.29 32.62 -19.59
C THR C 137 -29.46 31.34 -19.79
N VAL C 138 -29.69 30.34 -18.92
CA VAL C 138 -28.96 29.06 -19.00
C VAL C 138 -29.46 28.22 -20.18
N ASN C 139 -28.67 28.23 -21.25
CA ASN C 139 -28.99 27.51 -22.48
C ASN C 139 -27.70 27.20 -23.27
N PRO C 140 -26.78 26.41 -22.68
CA PRO C 140 -25.50 26.17 -23.34
C PRO C 140 -25.66 25.56 -24.73
N PRO C 141 -24.87 26.02 -25.72
CA PRO C 141 -23.78 27.01 -25.64
C PRO C 141 -24.18 28.44 -26.01
N PHE C 142 -25.49 28.72 -26.04
CA PHE C 142 -26.02 29.94 -26.63
C PHE C 142 -25.98 31.14 -25.69
N VAL C 143 -25.74 32.31 -26.26
CA VAL C 143 -25.82 33.54 -25.51
C VAL C 143 -26.95 34.40 -26.07
N PRO C 144 -27.38 35.44 -25.33
CA PRO C 144 -28.46 36.30 -25.85
C PRO C 144 -28.10 36.89 -27.21
N THR C 145 -29.12 37.18 -28.01
CA THR C 145 -28.89 37.87 -29.29
C THR C 145 -28.51 39.34 -29.07
N GLU C 146 -28.98 39.93 -27.98
CA GLU C 146 -28.48 41.23 -27.53
C GLU C 146 -27.20 41.06 -26.68
N ASN C 147 -26.06 41.16 -27.34
CA ASN C 147 -24.78 40.89 -26.72
C ASN C 147 -23.85 42.10 -26.79
N PRO C 148 -23.82 42.93 -25.73
CA PRO C 148 -22.99 44.13 -25.74
C PRO C 148 -21.61 43.90 -26.38
N THR C 149 -21.30 44.71 -27.41
CA THR C 149 -20.13 44.50 -28.24
C THR C 149 -19.20 45.71 -28.25
N GLY C 150 -18.02 45.55 -27.68
CA GLY C 150 -17.05 46.64 -27.59
C GLY C 150 -16.07 46.68 -28.75
N CYS C 151 -16.22 47.70 -29.60
CA CYS C 151 -15.35 47.88 -30.74
C CYS C 151 -14.18 48.76 -30.35
N TYR C 152 -13.04 48.12 -30.15
CA TYR C 152 -11.83 48.84 -29.83
C TYR C 152 -10.97 48.89 -31.08
N SER C 153 -10.18 49.95 -31.18
CA SER C 153 -9.21 50.12 -32.26
C SER C 153 -8.04 50.95 -31.78
N LEU C 154 -6.91 50.79 -32.45
CA LEU C 154 -5.72 51.56 -32.13
C LEU C 154 -4.91 51.82 -33.39
N THR C 155 -4.56 53.08 -33.62
CA THR C 155 -3.59 53.44 -34.64
C THR C 155 -2.24 53.58 -33.94
N PHE C 156 -1.24 52.83 -34.41
CA PHE C 156 0.07 52.79 -33.75
C PHE C 156 1.20 52.60 -34.75
N ASN C 157 2.42 52.85 -34.30
CA ASN C 157 3.59 52.71 -35.16
C ASN C 157 4.38 51.43 -34.91
N VAL C 158 5.06 50.96 -35.97
CA VAL C 158 5.93 49.80 -35.90
C VAL C 158 7.25 50.12 -36.63
N ASP C 159 8.37 49.92 -35.93
CA ASP C 159 9.70 50.17 -36.50
C ASP C 159 9.99 49.26 -37.68
N GLU C 160 10.74 49.78 -38.64
CA GLU C 160 11.20 49.05 -39.83
C GLU C 160 11.90 47.76 -39.41
N SER C 161 12.80 47.87 -38.43
CA SER C 161 13.66 46.75 -38.01
C SER C 161 12.91 45.52 -37.46
N TRP C 162 11.67 45.72 -37.02
CA TRP C 162 10.86 44.64 -36.48
C TRP C 162 10.24 43.80 -37.58
N LEU C 163 10.04 44.40 -38.75
CA LEU C 163 9.42 43.72 -39.87
C LEU C 163 10.41 43.16 -40.87
N GLN C 164 11.66 43.63 -40.78
CA GLN C 164 12.76 43.15 -41.63
C GLN C 164 13.30 41.78 -41.18
N GLU C 165 13.12 41.47 -39.90
CA GLU C 165 13.58 40.20 -39.32
C GLU C 165 12.56 39.69 -38.31
N GLY C 166 12.56 38.37 -38.13
CA GLY C 166 11.82 37.73 -37.07
C GLY C 166 10.31 37.89 -37.05
N GLN C 167 9.75 37.83 -35.85
CA GLN C 167 8.33 37.61 -35.65
C GLN C 167 7.78 38.67 -34.70
N THR C 168 6.71 39.34 -35.11
CA THR C 168 6.08 40.35 -34.28
C THR C 168 4.70 39.84 -33.87
N ARG C 169 4.54 39.63 -32.57
CA ARG C 169 3.26 39.15 -32.04
C ARG C 169 2.61 40.19 -31.14
N ILE C 170 1.28 40.25 -31.18
CA ILE C 170 0.49 41.04 -30.25
C ILE C 170 0.01 40.13 -29.11
N ILE C 171 -0.05 40.69 -27.90
CA ILE C 171 -0.40 39.91 -26.73
C ILE C 171 -1.49 40.61 -25.97
N PHE C 172 -2.64 39.94 -25.80
CA PHE C 172 -3.75 40.45 -24.98
C PHE C 172 -3.84 39.69 -23.66
N ASP C 173 -3.34 40.29 -22.59
CA ASP C 173 -3.27 39.63 -21.27
C ASP C 173 -4.66 39.31 -20.70
N GLY C 174 -5.66 40.07 -21.12
CA GLY C 174 -7.04 39.88 -20.64
C GLY C 174 -8.10 40.55 -21.48
N VAL C 175 -8.99 39.76 -22.08
CA VAL C 175 -10.14 40.25 -22.82
C VAL C 175 -11.35 39.45 -22.39
N ASN C 176 -12.40 40.14 -21.98
CA ASN C 176 -13.56 39.54 -21.33
C ASN C 176 -14.82 39.78 -22.16
N SER C 177 -15.41 38.77 -22.80
CA SER C 177 -15.06 37.35 -22.64
C SER C 177 -14.53 36.66 -23.91
N ALA C 178 -14.76 37.27 -25.07
CA ALA C 178 -14.29 36.73 -26.35
C ALA C 178 -14.07 37.88 -27.32
N PHE C 179 -13.24 37.66 -28.34
CA PHE C 179 -12.97 38.72 -29.31
C PHE C 179 -12.44 38.20 -30.65
N HIS C 180 -12.80 38.91 -31.72
CA HIS C 180 -12.12 38.77 -33.02
C HIS C 180 -11.12 39.92 -33.18
N LEU C 181 -10.02 39.63 -33.87
CA LEU C 181 -8.96 40.59 -34.07
C LEU C 181 -8.72 40.83 -35.55
N TRP C 182 -8.61 42.10 -35.95
CA TRP C 182 -8.17 42.49 -37.30
C TRP C 182 -6.98 43.40 -37.20
N CYS C 183 -6.09 43.28 -38.19
CA CYS C 183 -4.97 44.17 -38.31
C CYS C 183 -4.97 44.71 -39.72
N ASN C 184 -4.97 46.05 -39.83
CA ASN C 184 -5.06 46.79 -41.10
C ASN C 184 -6.18 46.27 -42.00
N GLY C 185 -7.34 46.02 -41.40
CA GLY C 185 -8.50 45.52 -42.13
C GLY C 185 -8.56 44.01 -42.35
N ARG C 186 -7.42 43.34 -42.29
CA ARG C 186 -7.36 41.90 -42.52
C ARG C 186 -7.61 41.11 -41.22
N TRP C 187 -8.47 40.09 -41.29
CA TRP C 187 -8.77 39.26 -40.14
C TRP C 187 -7.55 38.44 -39.66
N VAL C 188 -7.29 38.49 -38.36
CA VAL C 188 -6.15 37.81 -37.77
C VAL C 188 -6.54 36.52 -37.05
N GLY C 189 -7.54 36.59 -36.19
CA GLY C 189 -7.87 35.45 -35.36
C GLY C 189 -8.91 35.74 -34.30
N TYR C 190 -9.05 34.79 -33.37
CA TYR C 190 -10.13 34.78 -32.39
C TYR C 190 -9.65 34.15 -31.08
N GLY C 191 -10.23 34.59 -29.97
CA GLY C 191 -9.84 34.08 -28.66
C GLY C 191 -10.89 34.11 -27.57
N GLN C 192 -10.81 33.15 -26.67
CA GLN C 192 -11.63 33.07 -25.46
C GLN C 192 -10.75 32.84 -24.21
N ASP C 193 -11.39 32.76 -23.05
CA ASP C 193 -10.76 32.69 -21.71
C ASP C 193 -10.23 34.05 -21.30
N SER C 194 -10.96 34.65 -20.36
CA SER C 194 -10.81 36.06 -20.01
C SER C 194 -9.58 36.30 -19.16
N ARG C 195 -8.93 35.23 -18.73
CA ARG C 195 -7.97 35.39 -17.67
C ARG C 195 -6.57 34.93 -18.03
N LEU C 196 -6.37 34.58 -19.30
CA LEU C 196 -5.05 34.21 -19.78
C LEU C 196 -4.69 34.99 -21.04
N PRO C 197 -3.38 35.16 -21.30
CA PRO C 197 -2.98 35.97 -22.45
C PRO C 197 -3.30 35.30 -23.79
N SER C 198 -3.96 36.03 -24.68
CA SER C 198 -4.18 35.53 -26.06
C SER C 198 -3.18 36.20 -26.98
N GLU C 199 -2.39 35.39 -27.68
CA GLU C 199 -1.32 35.88 -28.56
C GLU C 199 -1.51 35.48 -30.02
N PHE C 200 -1.20 36.42 -30.91
CA PHE C 200 -1.33 36.23 -32.36
C PHE C 200 -0.12 36.78 -33.09
N ASP C 201 0.26 36.10 -34.17
CA ASP C 201 1.37 36.52 -34.99
C ASP C 201 0.91 37.58 -35.98
N LEU C 202 1.49 38.77 -35.88
CA LEU C 202 1.11 39.89 -36.72
C LEU C 202 2.12 40.18 -37.83
N SER C 203 3.15 39.35 -37.97
CA SER C 203 4.25 39.60 -38.90
C SER C 203 3.78 39.87 -40.33
N ALA C 204 2.89 39.03 -40.82
CA ALA C 204 2.37 39.16 -42.18
C ALA C 204 1.28 40.25 -42.33
N PHE C 205 0.86 40.85 -41.22
CA PHE C 205 -0.26 41.79 -41.24
C PHE C 205 0.17 43.23 -41.11
N LEU C 206 1.37 43.46 -40.54
CA LEU C 206 1.84 44.80 -40.25
C LEU C 206 2.66 45.42 -41.38
N ARG C 207 2.55 46.75 -41.51
CA ARG C 207 3.39 47.53 -42.42
C ARG C 207 4.25 48.47 -41.58
N ALA C 208 5.38 48.92 -42.14
CA ALA C 208 6.26 49.89 -41.44
C ALA C 208 5.58 51.26 -41.34
N GLY C 209 5.70 51.89 -40.18
CA GLY C 209 4.96 53.12 -39.90
C GLY C 209 3.66 52.78 -39.22
N GLU C 210 2.58 53.45 -39.60
CA GLU C 210 1.27 53.33 -38.94
C GLU C 210 0.51 52.04 -39.26
N ASN C 211 -0.16 51.49 -38.25
CA ASN C 211 -1.04 50.34 -38.42
C ASN C 211 -2.31 50.57 -37.64
N ARG C 212 -3.38 49.87 -38.00
CA ARG C 212 -4.62 49.97 -37.26
C ARG C 212 -5.19 48.61 -36.87
N LEU C 213 -5.34 48.40 -35.56
CA LEU C 213 -6.00 47.20 -35.05
C LEU C 213 -7.48 47.44 -34.91
N ALA C 214 -8.25 46.40 -35.15
CA ALA C 214 -9.66 46.38 -34.82
C ALA C 214 -9.94 45.15 -33.96
N VAL C 215 -10.47 45.36 -32.76
CA VAL C 215 -10.77 44.27 -31.81
C VAL C 215 -12.26 44.29 -31.46
N MET C 216 -12.99 43.25 -31.87
CA MET C 216 -14.41 43.17 -31.55
C MET C 216 -14.64 42.29 -30.34
N VAL C 217 -14.83 42.92 -29.19
CA VAL C 217 -14.98 42.22 -27.91
C VAL C 217 -16.47 41.95 -27.65
N LEU C 218 -16.80 40.69 -27.37
CA LEU C 218 -18.16 40.32 -27.04
C LEU C 218 -18.30 40.07 -25.53
N ARG C 219 -19.35 40.62 -24.93
CA ARG C 219 -19.60 40.47 -23.50
C ARG C 219 -19.93 39.01 -23.11
N TRP C 220 -20.76 38.36 -23.91
CA TRP C 220 -21.13 36.97 -23.64
C TRP C 220 -20.68 36.02 -24.75
N SER C 221 -20.18 34.87 -24.33
CA SER C 221 -19.74 33.82 -25.24
C SER C 221 -19.98 32.48 -24.56
N ASP C 222 -19.75 31.39 -25.26
CA ASP C 222 -19.79 30.07 -24.64
C ASP C 222 -18.83 30.00 -23.45
N GLY C 223 -17.71 30.72 -23.56
CA GLY C 223 -16.78 30.94 -22.46
C GLY C 223 -17.40 31.38 -21.14
N SER C 224 -18.45 32.19 -21.22
CA SER C 224 -19.21 32.67 -20.05
C SER C 224 -19.73 31.56 -19.14
N TYR C 225 -20.13 30.44 -19.74
CA TYR C 225 -20.59 29.28 -18.97
C TYR C 225 -19.54 28.72 -18.02
N LEU C 226 -18.27 29.06 -18.26
CA LEU C 226 -17.15 28.61 -17.42
C LEU C 226 -16.62 29.74 -16.53
N GLU C 227 -17.28 30.89 -16.59
CA GLU C 227 -16.82 32.07 -15.84
C GLU C 227 -17.90 32.62 -14.91
N ASP C 228 -18.52 31.73 -14.14
CA ASP C 228 -19.58 32.11 -13.22
C ASP C 228 -19.10 32.41 -11.80
N GLN C 229 -17.98 33.13 -11.69
CA GLN C 229 -17.47 33.59 -10.39
C GLN C 229 -18.38 34.61 -9.71
N ASP C 230 -18.52 34.45 -8.40
CA ASP C 230 -19.23 35.41 -7.56
C ASP C 230 -18.49 36.74 -7.56
N MET C 231 -18.79 37.57 -8.55
CA MET C 231 -18.16 38.87 -8.71
C MET C 231 -18.94 39.70 -9.73
N TRP C 232 -18.63 41.00 -9.80
CA TRP C 232 -19.19 41.86 -10.85
C TRP C 232 -18.88 41.29 -12.20
N ARG C 233 -19.90 41.28 -13.06
CA ARG C 233 -19.77 40.78 -14.41
C ARG C 233 -19.52 41.97 -15.30
N MET C 234 -18.27 42.12 -15.72
CA MET C 234 -17.87 43.23 -16.56
C MET C 234 -17.38 42.70 -17.91
N SER C 235 -16.64 43.51 -18.65
CA SER C 235 -16.13 43.09 -19.97
C SER C 235 -15.13 44.10 -20.53
N GLY C 236 -14.57 43.79 -21.70
CA GLY C 236 -13.64 44.67 -22.38
C GLY C 236 -12.21 44.20 -22.30
N ILE C 237 -11.31 45.07 -22.71
CA ILE C 237 -9.89 44.77 -22.72
C ILE C 237 -9.32 45.35 -21.43
N PHE C 238 -9.25 44.50 -20.41
CA PHE C 238 -9.03 44.94 -19.03
C PHE C 238 -7.64 44.61 -18.45
N ARG C 239 -6.81 43.91 -19.22
CA ARG C 239 -5.40 43.74 -18.85
C ARG C 239 -4.51 44.24 -20.00
N ASP C 240 -3.19 44.23 -19.77
CA ASP C 240 -2.23 44.84 -20.69
C ASP C 240 -2.34 44.31 -22.11
N VAL C 241 -2.05 45.19 -23.07
CA VAL C 241 -1.81 44.79 -24.44
C VAL C 241 -0.34 45.12 -24.71
N SER C 242 0.32 44.29 -25.51
CA SER C 242 1.71 44.55 -25.87
C SER C 242 2.12 43.94 -27.20
N LEU C 243 3.25 44.37 -27.74
CA LEU C 243 3.85 43.71 -28.89
C LEU C 243 5.20 43.16 -28.47
N LEU C 244 5.48 41.94 -28.89
CA LEU C 244 6.73 41.29 -28.57
C LEU C 244 7.39 40.91 -29.88
N HIS C 245 8.66 41.30 -30.03
CA HIS C 245 9.41 40.84 -31.18
C HIS C 245 10.30 39.67 -30.79
N LYS C 246 10.28 38.63 -31.62
CA LYS C 246 11.10 37.44 -31.42
C LYS C 246 11.82 37.15 -32.72
N PRO C 247 13.04 36.57 -32.63
CA PRO C 247 13.72 36.20 -33.87
C PRO C 247 13.04 34.99 -34.50
N THR C 248 13.36 34.72 -35.76
CA THR C 248 12.79 33.58 -36.48
C THR C 248 13.22 32.28 -35.82
N THR C 249 14.49 32.19 -35.47
CA THR C 249 15.01 31.12 -34.64
C THR C 249 14.89 31.60 -33.19
N GLN C 250 14.07 30.91 -32.38
CA GLN C 250 13.65 31.44 -31.07
C GLN C 250 13.50 30.40 -29.98
N ILE C 251 13.61 30.88 -28.73
CA ILE C 251 13.19 30.12 -27.57
C ILE C 251 11.66 30.19 -27.53
N SER C 252 11.02 29.04 -27.72
CA SER C 252 9.54 28.98 -27.72
C SER C 252 8.96 28.54 -26.39
N ASP C 253 9.80 27.97 -25.53
CA ASP C 253 9.34 27.46 -24.24
C ASP C 253 10.57 27.09 -23.41
N PHE C 254 10.44 27.16 -22.09
CA PHE C 254 11.45 26.63 -21.17
C PHE C 254 10.82 26.31 -19.81
N HIS C 255 11.31 25.24 -19.18
CA HIS C 255 10.80 24.70 -17.90
C HIS C 255 11.93 24.63 -16.90
N VAL C 256 11.72 25.19 -15.71
CA VAL C 256 12.73 25.16 -14.66
C VAL C 256 12.25 24.31 -13.49
N ALA C 257 13.04 23.32 -13.13
CA ALA C 257 12.75 22.44 -12.01
C ALA C 257 13.92 22.51 -11.07
N THR C 258 13.67 22.34 -9.79
CA THR C 258 14.73 22.22 -8.80
C THR C 258 14.48 21.02 -7.90
N ARG C 259 15.36 20.02 -7.97
CA ARG C 259 15.29 18.80 -7.16
C ARG C 259 16.37 18.75 -6.09
N PHE C 260 16.10 18.05 -4.99
CA PHE C 260 16.97 18.13 -3.81
C PHE C 260 17.37 16.78 -3.23
N ASN C 261 18.52 16.75 -2.55
CA ASN C 261 18.85 15.62 -1.67
C ASN C 261 18.03 15.76 -0.41
N ASP C 262 18.08 14.73 0.45
CA ASP C 262 17.16 14.66 1.57
C ASP C 262 17.34 15.72 2.68
N ASP C 263 18.55 16.26 2.86
CA ASP C 263 18.72 17.34 3.85
C ASP C 263 18.84 18.75 3.25
N PHE C 264 18.58 18.86 1.94
CA PHE C 264 18.49 20.13 1.21
C PHE C 264 19.81 20.89 1.05
N SER C 265 20.92 20.22 1.34
CA SER C 265 22.23 20.79 1.16
C SER C 265 22.68 20.77 -0.31
N ARG C 266 21.99 20.01 -1.17
CA ARG C 266 22.35 19.95 -2.59
C ARG C 266 21.12 19.98 -3.48
N ALA C 267 21.23 20.72 -4.59
CA ALA C 267 20.16 20.77 -5.59
C ALA C 267 20.68 20.54 -6.99
N VAL C 268 19.79 20.11 -7.88
CA VAL C 268 20.02 20.13 -9.31
C VAL C 268 18.96 21.03 -9.91
N LEU C 269 19.39 22.04 -10.66
CA LEU C 269 18.46 22.88 -11.41
C LEU C 269 18.41 22.35 -12.81
N GLU C 270 17.23 21.90 -13.20
CA GLU C 270 17.04 21.29 -14.50
C GLU C 270 16.22 22.22 -15.35
N ALA C 271 16.78 22.61 -16.49
CA ALA C 271 16.12 23.55 -17.40
C ALA C 271 15.88 22.93 -18.78
N GLU C 272 14.61 22.67 -19.09
CA GLU C 272 14.21 22.17 -20.41
C GLU C 272 13.89 23.35 -21.34
N VAL C 273 14.65 23.45 -22.42
CA VAL C 273 14.53 24.57 -23.34
C VAL C 273 14.08 24.04 -24.69
N GLN C 274 13.07 24.68 -25.28
CA GLN C 274 12.53 24.31 -26.60
C GLN C 274 12.65 25.47 -27.59
N MET C 275 12.94 25.15 -28.85
CA MET C 275 13.14 26.18 -29.86
C MET C 275 12.18 26.05 -31.05
N CYS C 276 12.04 27.14 -31.79
CA CYS C 276 11.36 27.13 -33.09
C CYS C 276 12.23 27.83 -34.11
N GLY C 277 12.02 27.50 -35.39
CA GLY C 277 12.83 28.06 -36.46
C GLY C 277 13.79 27.02 -37.01
N GLU C 278 14.78 27.46 -37.78
CA GLU C 278 15.66 26.52 -38.48
C GLU C 278 16.76 25.93 -37.61
N LEU C 279 16.65 24.62 -37.35
CA LEU C 279 17.66 23.87 -36.60
C LEU C 279 19.02 23.87 -37.31
N ARG C 280 20.00 24.40 -36.61
CA ARG C 280 21.37 24.41 -37.10
C ARG C 280 22.29 23.74 -36.09
N ASP C 281 23.38 23.17 -36.61
CA ASP C 281 24.37 22.51 -35.78
C ASP C 281 25.19 23.47 -34.92
N TYR C 282 25.34 24.70 -35.41
CA TYR C 282 26.06 25.73 -34.65
C TYR C 282 25.21 26.38 -33.55
N LEU C 283 23.92 26.05 -33.50
CA LEU C 283 23.05 26.58 -32.45
C LEU C 283 23.40 25.98 -31.10
N ARG C 284 23.24 26.78 -30.04
CA ARG C 284 23.57 26.39 -28.68
C ARG C 284 22.59 27.06 -27.73
N VAL C 285 22.47 26.49 -26.54
CA VAL C 285 21.72 27.10 -25.45
C VAL C 285 22.63 27.16 -24.25
N THR C 286 22.66 28.29 -23.57
CA THR C 286 23.37 28.39 -22.31
C THR C 286 22.39 28.81 -21.23
N VAL C 287 22.38 28.04 -20.15
CA VAL C 287 21.62 28.40 -18.97
C VAL C 287 22.61 28.62 -17.84
N SER C 288 22.56 29.83 -17.30
CA SER C 288 23.38 30.20 -16.17
C SER C 288 22.47 30.64 -15.03
N LEU C 289 22.96 30.41 -13.82
CA LEU C 289 22.21 30.69 -12.63
C LEU C 289 22.98 31.70 -11.80
N TRP C 290 22.28 32.75 -11.40
CA TRP C 290 22.86 33.87 -10.70
C TRP C 290 22.24 34.06 -9.32
N GLN C 291 23.08 34.33 -8.33
CA GLN C 291 22.64 34.79 -7.01
C GLN C 291 23.21 36.18 -6.81
N GLY C 292 22.34 37.18 -6.84
CA GLY C 292 22.78 38.57 -6.90
C GLY C 292 23.67 38.77 -8.11
N GLU C 293 24.88 39.25 -7.88
CA GLU C 293 25.89 39.43 -8.94
C GLU C 293 26.80 38.19 -9.09
N THR C 294 26.58 37.18 -8.25
CA THR C 294 27.41 35.99 -8.26
C THR C 294 26.81 34.92 -9.15
N GLN C 295 27.54 34.54 -10.19
CA GLN C 295 27.18 33.39 -11.02
C GLN C 295 27.50 32.14 -10.24
N VAL C 296 26.48 31.32 -9.97
CA VAL C 296 26.70 30.13 -9.15
C VAL C 296 26.90 28.90 -10.00
N ALA C 297 26.46 28.96 -11.26
CA ALA C 297 26.60 27.83 -12.17
C ALA C 297 26.21 28.24 -13.56
N SER C 298 26.68 27.49 -14.54
CA SER C 298 26.39 27.75 -15.95
C SER C 298 26.71 26.51 -16.77
N GLY C 299 25.85 26.20 -17.73
CA GLY C 299 26.05 25.04 -18.62
C GLY C 299 25.63 25.38 -20.04
N THR C 300 26.24 24.71 -21.02
CA THR C 300 25.96 24.99 -22.41
C THR C 300 25.83 23.69 -23.17
N ALA C 301 24.87 23.64 -24.09
CA ALA C 301 24.67 22.42 -24.86
C ALA C 301 24.15 22.69 -26.27
N PRO C 302 24.48 21.80 -27.22
CA PRO C 302 23.81 21.93 -28.52
C PRO C 302 22.40 21.36 -28.41
N PHE C 303 21.56 21.68 -29.38
CA PHE C 303 20.21 21.12 -29.45
C PHE C 303 20.25 19.64 -29.77
N GLY C 304 19.24 18.92 -29.29
CA GLY C 304 19.17 17.47 -29.42
C GLY C 304 19.03 16.81 -28.06
N GLY C 305 17.80 16.45 -27.72
CA GLY C 305 17.49 15.81 -26.44
C GLY C 305 17.80 14.33 -26.44
N GLU C 306 17.64 13.68 -25.29
CA GLU C 306 17.85 12.25 -25.19
C GLU C 306 16.72 11.48 -25.89
N ILE C 307 17.03 10.26 -26.33
CA ILE C 307 16.05 9.39 -26.97
C ILE C 307 14.83 9.21 -26.06
N ILE C 308 13.66 9.45 -26.63
CA ILE C 308 12.41 9.44 -25.89
C ILE C 308 11.65 8.14 -26.13
N ASP C 309 11.62 7.72 -27.40
CA ASP C 309 10.89 6.52 -27.83
C ASP C 309 11.52 5.96 -29.12
N GLU C 310 10.80 5.05 -29.78
CA GLU C 310 11.32 4.32 -30.95
C GLU C 310 11.71 5.22 -32.13
N ARG C 311 11.19 6.46 -32.13
CA ARG C 311 11.43 7.37 -33.25
C ARG C 311 12.53 8.39 -32.95
N GLY C 312 13.09 8.32 -31.73
CA GLY C 312 14.21 9.15 -31.34
C GLY C 312 13.88 10.12 -30.22
N GLY C 313 14.35 11.36 -30.37
CA GLY C 313 14.09 12.39 -29.36
C GLY C 313 13.62 13.67 -30.01
N TYR C 314 13.69 14.76 -29.24
CA TYR C 314 13.36 16.07 -29.73
C TYR C 314 14.63 16.77 -30.19
N ALA C 315 14.80 16.87 -31.51
CA ALA C 315 15.96 17.51 -32.10
C ALA C 315 15.89 19.01 -31.85
N ASP C 316 14.73 19.47 -31.39
CA ASP C 316 14.50 20.86 -31.11
C ASP C 316 14.33 21.18 -29.62
N ARG C 317 14.88 20.32 -28.76
CA ARG C 317 14.90 20.56 -27.32
C ARG C 317 16.25 20.24 -26.74
N VAL C 318 16.49 20.79 -25.55
CA VAL C 318 17.73 20.54 -24.83
C VAL C 318 17.49 20.74 -23.34
N THR C 319 18.05 19.84 -22.54
CA THR C 319 17.94 19.96 -21.11
C THR C 319 19.31 20.26 -20.54
N LEU C 320 19.40 21.35 -19.78
CA LEU C 320 20.61 21.68 -19.04
C LEU C 320 20.42 21.35 -17.54
N ARG C 321 21.45 20.72 -16.95
CA ARG C 321 21.44 20.38 -15.54
C ARG C 321 22.60 21.04 -14.80
N LEU C 322 22.27 21.89 -13.84
CA LEU C 322 23.29 22.60 -13.09
C LEU C 322 23.30 22.19 -11.62
N ASN C 323 24.48 21.89 -11.10
CA ASN C 323 24.61 21.52 -9.69
C ASN C 323 24.70 22.77 -8.83
N VAL C 324 24.01 22.75 -7.69
CA VAL C 324 24.03 23.86 -6.75
C VAL C 324 24.23 23.32 -5.35
N GLU C 325 25.34 23.72 -4.73
CA GLU C 325 25.68 23.29 -3.37
C GLU C 325 25.16 24.29 -2.34
N ASN C 326 24.65 23.78 -1.23
CA ASN C 326 24.02 24.60 -0.17
C ASN C 326 23.11 25.73 -0.69
N PRO C 327 22.11 25.38 -1.52
CA PRO C 327 21.24 26.43 -2.04
C PRO C 327 20.53 27.23 -0.94
N LYS C 328 20.36 28.53 -1.18
CA LYS C 328 19.52 29.38 -0.36
C LYS C 328 18.07 29.10 -0.77
N LEU C 329 17.31 28.55 0.17
CA LEU C 329 15.98 28.01 -0.10
C LEU C 329 14.89 29.07 -0.04
N TRP C 330 14.01 29.05 -1.03
CA TRP C 330 12.88 29.98 -1.09
C TRP C 330 11.81 29.54 -0.11
N SER C 331 11.21 30.52 0.55
CA SER C 331 10.00 30.31 1.34
C SER C 331 9.32 31.65 1.55
N ALA C 332 8.11 31.66 2.11
CA ALA C 332 7.44 32.93 2.45
C ALA C 332 8.16 33.65 3.60
N GLU C 333 8.84 32.87 4.44
CA GLU C 333 9.57 33.41 5.58
C GLU C 333 10.81 34.17 5.11
N ILE C 334 11.56 33.56 4.20
CA ILE C 334 12.72 34.18 3.55
C ILE C 334 12.69 33.84 2.07
N PRO C 335 12.30 34.80 1.22
CA PRO C 335 12.11 34.51 -0.22
C PRO C 335 13.38 34.63 -1.06
N ASN C 336 14.40 33.85 -0.70
CA ASN C 336 15.64 33.77 -1.49
C ASN C 336 15.37 33.46 -2.96
N LEU C 337 15.97 34.27 -3.83
CA LEU C 337 15.73 34.11 -5.27
C LEU C 337 17.01 34.16 -6.05
N TYR C 338 17.09 33.26 -7.01
CA TYR C 338 18.17 33.23 -7.98
C TYR C 338 17.61 33.74 -9.29
N ARG C 339 18.47 33.98 -10.25
CA ARG C 339 18.05 34.38 -11.58
C ARG C 339 18.54 33.33 -12.55
N ALA C 340 17.67 32.84 -13.40
CA ALA C 340 18.12 31.94 -14.45
C ALA C 340 17.99 32.62 -15.80
N VAL C 341 19.10 32.63 -16.54
CA VAL C 341 19.16 33.29 -17.85
C VAL C 341 19.29 32.20 -18.91
N VAL C 342 18.40 32.22 -19.89
CA VAL C 342 18.46 31.24 -20.96
C VAL C 342 18.83 31.95 -22.25
N GLU C 343 20.04 31.66 -22.74
CA GLU C 343 20.55 32.26 -23.96
C GLU C 343 20.46 31.30 -25.14
N LEU C 344 19.78 31.73 -26.19
CA LEU C 344 19.88 31.08 -27.48
C LEU C 344 20.99 31.77 -28.28
N HIS C 345 22.02 31.01 -28.65
CA HIS C 345 23.17 31.61 -29.36
C HIS C 345 23.83 30.67 -30.38
N THR C 346 24.81 31.19 -31.12
CA THR C 346 25.60 30.34 -32.01
C THR C 346 26.88 29.89 -31.30
N ALA C 347 27.58 28.95 -31.92
CA ALA C 347 28.82 28.38 -31.36
C ALA C 347 29.94 29.40 -31.20
N ASP C 348 29.97 30.42 -32.06
CA ASP C 348 31.01 31.46 -32.03
C ASP C 348 30.77 32.57 -30.99
N GLY C 349 29.58 32.63 -30.41
CA GLY C 349 29.34 33.50 -29.27
C GLY C 349 28.26 34.55 -29.46
N THR C 350 27.79 34.68 -30.70
CA THR C 350 26.75 35.63 -31.07
C THR C 350 25.41 35.29 -30.41
N LEU C 351 24.88 36.23 -29.62
CA LEU C 351 23.56 36.06 -28.99
C LEU C 351 22.41 36.25 -29.99
N ILE C 352 21.44 35.35 -29.96
CA ILE C 352 20.22 35.50 -30.76
C ILE C 352 19.16 36.14 -29.88
N GLU C 353 18.88 35.52 -28.73
CA GLU C 353 18.00 36.10 -27.71
C GLU C 353 18.23 35.44 -26.38
N ALA C 354 17.81 36.11 -25.31
CA ALA C 354 17.83 35.54 -23.98
C ALA C 354 16.46 35.68 -23.37
N GLU C 355 16.05 34.66 -22.63
CA GLU C 355 14.89 34.78 -21.76
C GLU C 355 15.36 34.50 -20.34
N ALA C 356 14.50 34.72 -19.35
CA ALA C 356 14.93 34.64 -17.96
C ALA C 356 13.76 34.50 -17.00
N CYS C 357 14.06 34.10 -15.76
CA CYS C 357 13.06 34.10 -14.69
C CYS C 357 13.75 34.05 -13.33
N ASP C 358 13.00 34.43 -12.31
CA ASP C 358 13.45 34.24 -10.95
C ASP C 358 13.21 32.78 -10.63
N VAL C 359 14.08 32.23 -9.79
CA VAL C 359 14.04 30.83 -9.44
C VAL C 359 14.08 30.75 -7.93
N GLY C 360 13.11 30.03 -7.38
CA GLY C 360 13.06 29.77 -5.96
C GLY C 360 13.34 28.32 -5.72
N PHE C 361 14.42 28.03 -4.99
CA PHE C 361 14.75 26.65 -4.67
C PHE C 361 13.87 26.19 -3.53
N ARG C 362 12.77 25.52 -3.88
CA ARG C 362 11.89 24.89 -2.88
C ARG C 362 11.27 23.62 -3.42
N GLU C 363 10.90 22.74 -2.48
CA GLU C 363 10.26 21.48 -2.80
C GLU C 363 8.89 21.46 -2.13
N VAL C 364 7.87 21.11 -2.92
CA VAL C 364 6.51 20.96 -2.44
C VAL C 364 6.07 19.52 -2.67
N ARG C 365 5.81 18.84 -1.56
CA ARG C 365 5.35 17.46 -1.59
C ARG C 365 4.40 17.21 -0.42
N ILE C 366 3.50 16.25 -0.63
CA ILE C 366 2.67 15.73 0.44
C ILE C 366 3.26 14.38 0.88
N GLU C 367 3.46 14.22 2.18
CA GLU C 367 3.99 12.97 2.70
C GLU C 367 3.38 12.65 4.05
N ASN C 368 2.91 11.41 4.16
CA ASN C 368 2.39 10.88 5.41
C ASN C 368 1.28 11.78 5.93
N GLY C 369 0.47 12.29 5.00
CA GLY C 369 -0.66 13.14 5.31
C GLY C 369 -0.43 14.64 5.42
N LEU C 370 0.81 15.08 5.30
CA LEU C 370 1.15 16.51 5.47
C LEU C 370 1.73 17.18 4.22
N LEU C 371 1.30 18.43 4.00
CA LEU C 371 1.88 19.27 2.97
C LEU C 371 3.21 19.83 3.47
N LEU C 372 4.29 19.58 2.74
CA LEU C 372 5.61 19.97 3.18
C LEU C 372 6.25 20.93 2.20
N LEU C 373 6.77 22.03 2.71
CA LEU C 373 7.65 22.88 1.95
C LEU C 373 9.04 22.72 2.53
N ASN C 374 9.98 22.32 1.66
CA ASN C 374 11.34 22.02 2.07
C ASN C 374 11.39 21.10 3.30
N GLY C 375 10.57 20.05 3.29
CA GLY C 375 10.56 19.07 4.38
C GLY C 375 9.82 19.43 5.66
N LYS C 376 9.27 20.64 5.74
CA LYS C 376 8.62 21.15 6.95
C LYS C 376 7.12 21.37 6.76
N PRO C 377 6.31 21.01 7.77
CA PRO C 377 4.86 21.10 7.57
C PRO C 377 4.34 22.53 7.60
N LEU C 378 3.67 22.94 6.53
CA LEU C 378 3.19 24.30 6.38
C LEU C 378 2.00 24.60 7.27
N LEU C 379 1.86 25.87 7.63
CA LEU C 379 0.62 26.32 8.22
C LEU C 379 0.08 27.54 7.44
N ILE C 380 -0.94 27.28 6.63
CA ILE C 380 -1.41 28.26 5.67
C ILE C 380 -2.26 29.32 6.33
N ARG C 381 -1.66 30.52 6.38
CA ARG C 381 -2.30 31.72 6.88
C ARG C 381 -2.70 32.50 5.64
N GLY C 382 -3.83 32.11 5.06
CA GLY C 382 -4.16 32.48 3.70
C GLY C 382 -5.40 33.33 3.55
N VAL C 383 -5.56 33.89 2.36
CA VAL C 383 -6.72 34.69 2.02
C VAL C 383 -7.04 34.54 0.51
N ASN C 384 -8.32 34.56 0.17
CA ASN C 384 -8.73 34.62 -1.22
C ASN C 384 -8.69 36.05 -1.70
N ARG C 385 -8.13 36.26 -2.88
CA ARG C 385 -8.06 37.59 -3.44
C ARG C 385 -8.57 37.61 -4.86
N HIS C 386 -9.77 38.14 -5.04
CA HIS C 386 -10.24 38.59 -6.34
C HIS C 386 -9.43 39.82 -6.76
N GLU C 387 -9.24 39.99 -8.07
CA GLU C 387 -8.68 41.23 -8.60
C GLU C 387 -9.77 42.30 -8.69
N HIS C 388 -9.79 43.20 -7.72
CA HIS C 388 -10.81 44.26 -7.66
C HIS C 388 -10.20 45.61 -7.29
N HIS C 389 -10.72 46.66 -7.95
CA HIS C 389 -10.38 48.07 -7.70
C HIS C 389 -11.69 48.88 -7.74
N PRO C 390 -11.93 49.76 -6.73
CA PRO C 390 -13.20 50.52 -6.64
C PRO C 390 -13.48 51.48 -7.80
N LEU C 391 -12.41 51.96 -8.43
CA LEU C 391 -12.51 52.92 -9.52
C LEU C 391 -12.34 52.24 -10.88
N HIS C 392 -11.29 51.45 -11.01
CA HIS C 392 -10.96 50.83 -12.30
C HIS C 392 -11.59 49.44 -12.52
N GLY C 393 -12.27 48.94 -11.50
CA GLY C 393 -13.04 47.70 -11.61
C GLY C 393 -12.16 46.48 -11.47
N GLN C 394 -11.92 45.81 -12.59
CA GLN C 394 -11.15 44.57 -12.57
C GLN C 394 -9.78 44.70 -13.24
N VAL C 395 -9.43 45.96 -13.53
CA VAL C 395 -8.09 46.33 -13.98
C VAL C 395 -7.15 46.40 -12.78
N MET C 396 -5.98 45.76 -12.90
CA MET C 396 -4.97 45.77 -11.85
C MET C 396 -3.72 46.57 -12.23
N ASP C 397 -3.15 47.25 -11.24
CA ASP C 397 -1.90 47.98 -11.41
C ASP C 397 -0.89 47.53 -10.37
N GLU C 398 0.38 47.82 -10.61
CA GLU C 398 1.45 47.45 -9.68
C GLU C 398 1.22 48.03 -8.29
N GLN C 399 0.88 49.31 -8.22
CA GLN C 399 0.73 50.01 -6.95
C GLN C 399 -0.27 49.31 -6.03
N THR C 400 -1.42 48.90 -6.60
CA THR C 400 -2.49 48.20 -5.88
C THR C 400 -2.08 46.81 -5.42
N MET C 401 -1.35 46.07 -6.25
CA MET C 401 -0.84 44.74 -5.88
C MET C 401 0.15 44.80 -4.71
N VAL C 402 1.11 45.73 -4.79
CA VAL C 402 2.09 45.99 -3.71
C VAL C 402 1.37 46.40 -2.42
N GLN C 403 0.38 47.28 -2.53
CA GLN C 403 -0.41 47.69 -1.37
C GLN C 403 -1.08 46.48 -0.73
N ASP C 404 -1.73 45.66 -1.55
CA ASP C 404 -2.37 44.43 -1.09
C ASP C 404 -1.35 43.51 -0.42
N ILE C 405 -0.20 43.32 -1.05
CA ILE C 405 0.83 42.41 -0.53
C ILE C 405 1.41 42.87 0.80
N LEU C 406 1.74 44.16 0.91
CA LEU C 406 2.27 44.73 2.14
C LEU C 406 1.24 44.57 3.25
N LEU C 407 -0.01 44.91 2.96
CA LEU C 407 -1.07 44.78 3.96
C LEU C 407 -1.25 43.33 4.38
N MET C 408 -1.20 42.41 3.41
CA MET C 408 -1.34 40.99 3.73
C MET C 408 -0.25 40.54 4.71
N LYS C 409 1.01 40.84 4.40
CA LYS C 409 2.14 40.38 5.20
C LYS C 409 2.23 41.08 6.56
N GLN C 410 1.89 42.36 6.60
CA GLN C 410 1.83 43.11 7.86
C GLN C 410 0.78 42.54 8.82
N ASN C 411 -0.16 41.78 8.26
CA ASN C 411 -1.25 41.21 9.02
C ASN C 411 -1.16 39.69 9.14
N ASN C 412 0.06 39.20 8.97
CA ASN C 412 0.42 37.79 9.26
C ASN C 412 -0.16 36.75 8.28
N PHE C 413 -0.48 37.16 7.06
CA PHE C 413 -0.81 36.24 5.98
C PHE C 413 0.45 35.80 5.27
N ASN C 414 0.48 34.54 4.87
CA ASN C 414 1.63 34.00 4.15
C ASN C 414 1.21 33.27 2.87
N ALA C 415 -0.07 33.36 2.52
CA ALA C 415 -0.58 32.66 1.35
C ALA C 415 -1.74 33.39 0.70
N VAL C 416 -1.89 33.22 -0.60
CA VAL C 416 -3.05 33.73 -1.30
C VAL C 416 -3.60 32.69 -2.31
N ARG C 417 -4.92 32.59 -2.36
CA ARG C 417 -5.58 31.81 -3.41
C ARG C 417 -6.09 32.76 -4.49
N CYS C 418 -5.71 32.51 -5.73
CA CYS C 418 -6.18 33.28 -6.90
C CYS C 418 -7.61 32.96 -7.27
N SER C 419 -8.54 33.35 -6.43
CA SER C 419 -9.94 33.08 -6.66
C SER C 419 -10.49 34.00 -7.75
N HIS C 420 -11.03 33.46 -8.85
CA HIS C 420 -11.00 32.05 -9.22
C HIS C 420 -10.61 31.99 -10.70
N TYR C 421 -9.37 32.39 -10.96
CA TYR C 421 -8.83 32.52 -12.32
C TYR C 421 -7.34 32.86 -12.24
N PRO C 422 -6.59 32.60 -13.31
CA PRO C 422 -5.21 33.04 -13.31
C PRO C 422 -5.16 34.56 -13.22
N ASN C 423 -4.28 35.08 -12.36
CA ASN C 423 -4.15 36.51 -12.14
C ASN C 423 -3.29 37.21 -13.19
N HIS C 424 -3.32 38.54 -13.15
CA HIS C 424 -2.42 39.40 -13.90
C HIS C 424 -0.99 38.88 -13.66
N PRO C 425 -0.19 38.76 -14.74
CA PRO C 425 1.13 38.10 -14.67
C PRO C 425 2.09 38.63 -13.60
N LEU C 426 1.97 39.92 -13.26
CA LEU C 426 2.88 40.57 -12.31
C LEU C 426 2.64 40.08 -10.87
N TRP C 427 1.41 39.65 -10.59
CA TRP C 427 1.04 39.18 -9.26
C TRP C 427 2.03 38.13 -8.77
N TYR C 428 2.33 37.17 -9.65
CA TYR C 428 3.23 36.07 -9.34
C TYR C 428 4.65 36.57 -9.08
N THR C 429 5.11 37.50 -9.92
CA THR C 429 6.43 38.10 -9.78
C THR C 429 6.56 38.76 -8.42
N LEU C 430 5.56 39.53 -8.02
CA LEU C 430 5.52 40.14 -6.68
C LEU C 430 5.48 39.10 -5.55
N CYS C 431 4.78 38.00 -5.78
CA CYS C 431 4.65 36.94 -4.79
C CYS C 431 5.93 36.11 -4.65
N ASP C 432 6.67 35.93 -5.76
CA ASP C 432 8.01 35.36 -5.70
C ASP C 432 8.97 36.23 -4.87
N ARG C 433 8.85 37.55 -5.03
CA ARG C 433 9.84 38.47 -4.44
C ARG C 433 9.51 38.86 -3.02
N TYR C 434 8.24 39.18 -2.77
CA TYR C 434 7.82 39.55 -1.42
C TYR C 434 7.71 38.34 -0.50
N GLY C 435 7.38 37.18 -1.07
CA GLY C 435 7.22 35.95 -0.31
C GLY C 435 5.80 35.61 0.12
N LEU C 436 5.03 35.03 -0.79
CA LEU C 436 3.71 34.49 -0.47
C LEU C 436 3.49 33.19 -1.23
N TYR C 437 2.94 32.19 -0.55
CA TYR C 437 2.51 30.93 -1.16
C TYR C 437 1.23 31.16 -1.96
N VAL C 438 1.24 30.74 -3.23
CA VAL C 438 0.12 30.99 -4.12
C VAL C 438 -0.53 29.70 -4.60
N VAL C 439 -1.86 29.64 -4.49
CA VAL C 439 -2.67 28.66 -5.19
C VAL C 439 -3.14 29.32 -6.49
N ASP C 440 -2.73 28.74 -7.61
CA ASP C 440 -3.04 29.26 -8.91
C ASP C 440 -4.23 28.49 -9.43
N GLU C 441 -5.28 29.18 -9.86
CA GLU C 441 -6.57 28.54 -10.11
C GLU C 441 -7.04 28.72 -11.55
N ALA C 442 -7.41 27.61 -12.19
CA ALA C 442 -7.87 27.65 -13.57
C ALA C 442 -9.16 28.45 -13.62
N ASN C 443 -9.37 29.17 -14.72
CA ASN C 443 -10.59 29.98 -14.90
C ASN C 443 -11.78 29.12 -15.32
N ILE C 444 -12.30 28.34 -14.36
CA ILE C 444 -13.45 27.45 -14.57
C ILE C 444 -14.35 27.47 -13.34
N GLU C 445 -15.50 28.12 -13.45
CA GLU C 445 -16.58 27.99 -12.47
C GLU C 445 -17.91 27.91 -13.21
N THR C 446 -18.72 26.90 -12.87
CA THR C 446 -20.00 26.68 -13.53
C THR C 446 -21.12 26.65 -12.47
N HIS C 447 -20.98 27.50 -11.45
CA HIS C 447 -21.79 27.42 -10.23
C HIS C 447 -23.31 27.37 -10.46
N GLY C 448 -23.80 28.10 -11.46
CA GLY C 448 -25.23 28.21 -11.70
C GLY C 448 -25.89 27.09 -12.50
N MET C 449 -25.10 26.13 -12.93
CA MET C 449 -25.61 24.92 -13.60
C MET C 449 -26.39 24.03 -12.62
N VAL C 450 -27.33 23.26 -13.16
CA VAL C 450 -28.14 22.31 -12.36
C VAL C 450 -28.05 20.96 -13.05
N PRO C 451 -27.40 19.96 -12.41
CA PRO C 451 -26.64 20.08 -11.17
C PRO C 451 -25.31 20.78 -11.46
N MET C 452 -24.47 21.00 -10.45
CA MET C 452 -23.28 21.82 -10.65
C MET C 452 -22.31 21.23 -11.67
N ASN C 453 -22.32 19.90 -11.82
CA ASN C 453 -21.38 19.23 -12.72
C ASN C 453 -21.87 18.94 -14.14
N ARG C 454 -22.89 19.66 -14.60
CA ARG C 454 -23.51 19.33 -15.88
C ARG C 454 -22.57 19.53 -17.07
N LEU C 455 -21.72 20.55 -17.01
CA LEU C 455 -20.74 20.78 -18.07
C LEU C 455 -19.45 20.02 -17.82
N THR C 456 -19.06 19.94 -16.56
CA THR C 456 -17.78 19.33 -16.22
C THR C 456 -17.78 17.80 -16.32
N ASP C 457 -18.95 17.19 -16.44
CA ASP C 457 -19.04 15.75 -16.67
C ASP C 457 -19.33 15.40 -18.15
N ASP C 458 -19.52 16.43 -18.97
CA ASP C 458 -19.83 16.26 -20.38
C ASP C 458 -18.55 16.27 -21.20
N PRO C 459 -18.22 15.16 -21.88
CA PRO C 459 -16.94 15.06 -22.62
C PRO C 459 -16.80 16.10 -23.72
N ARG C 460 -17.92 16.70 -24.11
CA ARG C 460 -17.92 17.72 -25.17
C ARG C 460 -17.42 19.07 -24.67
N TRP C 461 -17.40 19.26 -23.36
CA TRP C 461 -16.86 20.47 -22.76
C TRP C 461 -15.44 20.26 -22.24
N LEU C 462 -14.90 19.06 -22.43
CA LEU C 462 -13.52 18.78 -22.01
C LEU C 462 -12.50 19.69 -22.73
N PRO C 463 -12.60 19.83 -24.08
CA PRO C 463 -11.67 20.70 -24.78
C PRO C 463 -11.57 22.11 -24.20
N ALA C 464 -12.71 22.80 -24.10
CA ALA C 464 -12.74 24.15 -23.54
C ALA C 464 -12.13 24.16 -22.16
N MET C 465 -12.52 23.20 -21.33
CA MET C 465 -11.96 23.07 -19.99
C MET C 465 -10.45 22.88 -19.99
N SER C 466 -9.97 21.91 -20.77
CA SER C 466 -8.54 21.60 -20.78
C SER C 466 -7.69 22.82 -21.08
N GLU C 467 -8.13 23.65 -22.03
CA GLU C 467 -7.42 24.85 -22.41
C GLU C 467 -7.33 25.87 -21.28
N ARG C 468 -8.34 25.90 -20.41
CA ARG C 468 -8.27 26.77 -19.25
C ARG C 468 -7.30 26.28 -18.18
N VAL C 469 -7.06 24.97 -18.15
CA VAL C 469 -6.11 24.37 -17.23
C VAL C 469 -4.71 24.39 -17.82
N THR C 470 -4.56 23.78 -19.00
CA THR C 470 -3.25 23.59 -19.60
C THR C 470 -2.50 24.90 -19.83
N ARG C 471 -3.22 25.93 -20.24
CA ARG C 471 -2.62 27.24 -20.56
C ARG C 471 -2.21 28.02 -19.33
N MET C 472 -2.85 27.73 -18.20
CA MET C 472 -2.43 28.28 -16.93
C MET C 472 -1.08 27.68 -16.59
N VAL C 473 -1.01 26.35 -16.59
CA VAL C 473 0.20 25.66 -16.21
C VAL C 473 1.37 26.05 -17.10
N GLN C 474 1.14 26.15 -18.41
CA GLN C 474 2.21 26.54 -19.32
C GLN C 474 2.74 27.94 -19.02
N ARG C 475 1.88 28.84 -18.56
CA ARG C 475 2.27 30.22 -18.30
C ARG C 475 3.01 30.38 -16.99
N ASP C 476 2.53 29.70 -15.95
CA ASP C 476 2.95 29.97 -14.57
C ASP C 476 3.85 28.92 -13.91
N ARG C 477 4.16 27.84 -14.63
CA ARG C 477 4.91 26.73 -14.04
C ARG C 477 6.28 27.04 -13.42
N ASN C 478 6.91 28.14 -13.82
CA ASN C 478 8.24 28.49 -13.30
C ASN C 478 8.25 29.40 -12.08
N HIS C 479 7.09 29.92 -11.68
CA HIS C 479 7.02 30.82 -10.53
C HIS C 479 7.14 30.01 -9.22
N PRO C 480 8.15 30.31 -8.39
CA PRO C 480 8.32 29.58 -7.14
C PRO C 480 7.16 29.77 -6.14
N SER C 481 6.53 30.95 -6.13
CA SER C 481 5.43 31.22 -5.22
C SER C 481 4.20 30.37 -5.45
N VAL C 482 4.07 29.79 -6.66
CA VAL C 482 2.93 28.89 -6.92
C VAL C 482 3.30 27.53 -6.38
N ILE C 483 2.62 27.11 -5.32
CA ILE C 483 2.91 25.81 -4.68
C ILE C 483 1.82 24.78 -4.91
N ILE C 484 0.64 25.22 -5.34
CA ILE C 484 -0.51 24.35 -5.54
C ILE C 484 -1.28 24.80 -6.77
N TRP C 485 -1.66 23.83 -7.61
CA TRP C 485 -2.55 24.09 -8.73
C TRP C 485 -4.00 23.82 -8.30
N SER C 486 -4.94 24.65 -8.78
CA SER C 486 -6.37 24.40 -8.54
C SER C 486 -7.13 24.28 -9.85
N LEU C 487 -8.09 23.36 -9.89
CA LEU C 487 -8.81 23.05 -11.14
C LEU C 487 -9.97 23.99 -11.37
N GLY C 488 -10.10 25.00 -10.52
CA GLY C 488 -11.23 25.89 -10.58
C GLY C 488 -12.00 25.83 -9.30
N THR C 489 -13.24 26.28 -9.36
CA THR C 489 -14.08 26.31 -8.16
C THR C 489 -15.52 26.01 -8.51
N GLU C 490 -16.23 25.40 -7.57
CA GLU C 490 -17.68 25.24 -7.68
C GLU C 490 -18.17 24.93 -9.08
N SER C 491 -17.75 23.77 -9.58
CA SER C 491 -18.29 23.22 -10.83
C SER C 491 -18.64 21.75 -10.63
N GLY C 492 -19.14 21.41 -9.43
CA GLY C 492 -19.37 20.01 -9.07
C GLY C 492 -18.13 19.15 -9.26
N HIS C 493 -18.33 17.83 -9.37
CA HIS C 493 -17.23 16.95 -9.78
C HIS C 493 -17.64 16.16 -11.01
N GLY C 494 -16.93 16.40 -12.11
CA GLY C 494 -17.14 15.65 -13.34
C GLY C 494 -15.89 14.92 -13.79
N ALA C 495 -16.06 13.97 -14.71
CA ALA C 495 -14.96 13.22 -15.30
C ALA C 495 -13.86 14.14 -15.87
N ASN C 496 -14.25 15.30 -16.38
CA ASN C 496 -13.28 16.24 -16.94
C ASN C 496 -12.27 16.71 -15.89
N HIS C 497 -12.71 16.83 -14.64
CA HIS C 497 -11.82 17.16 -13.54
C HIS C 497 -10.80 16.05 -13.33
N ASP C 498 -11.26 14.81 -13.40
CA ASP C 498 -10.40 13.65 -13.20
C ASP C 498 -9.34 13.62 -14.29
N ALA C 499 -9.74 13.88 -15.52
CA ALA C 499 -8.80 13.89 -16.63
C ALA C 499 -7.75 14.98 -16.45
N LEU C 500 -8.20 16.18 -16.07
CA LEU C 500 -7.31 17.32 -15.98
C LEU C 500 -6.44 17.28 -14.72
N TYR C 501 -6.96 16.70 -13.65
CA TYR C 501 -6.18 16.42 -12.44
C TYR C 501 -4.93 15.64 -12.85
N ARG C 502 -5.17 14.49 -13.48
CA ARG C 502 -4.14 13.62 -14.01
C ARG C 502 -3.18 14.31 -14.96
N TRP C 503 -3.68 15.14 -15.86
CA TRP C 503 -2.81 15.88 -16.79
C TRP C 503 -1.73 16.69 -16.07
N ILE C 504 -2.12 17.40 -15.02
CA ILE C 504 -1.20 18.24 -14.26
C ILE C 504 -0.16 17.40 -13.51
N LYS C 505 -0.61 16.34 -12.84
CA LYS C 505 0.31 15.47 -12.09
C LYS C 505 1.31 14.84 -13.05
N SER C 506 0.92 14.82 -14.33
CA SER C 506 1.71 14.17 -15.35
C SER C 506 2.78 15.11 -15.89
N VAL C 507 2.41 16.36 -16.17
CA VAL C 507 3.37 17.33 -16.73
C VAL C 507 4.12 18.16 -15.69
N ASP C 508 3.59 18.23 -14.46
CA ASP C 508 4.24 18.96 -13.39
C ASP C 508 4.07 18.23 -12.08
N PRO C 509 5.00 17.31 -11.76
CA PRO C 509 5.00 16.55 -10.51
C PRO C 509 5.41 17.39 -9.31
N SER C 510 5.88 18.61 -9.55
CA SER C 510 6.47 19.42 -8.49
C SER C 510 5.42 20.03 -7.57
N ARG C 511 4.14 19.91 -7.92
CA ARG C 511 3.08 20.60 -7.20
C ARG C 511 1.84 19.73 -7.05
N PRO C 512 1.21 19.76 -5.86
CA PRO C 512 -0.08 19.10 -5.68
C PRO C 512 -1.19 19.83 -6.42
N VAL C 513 -2.23 19.08 -6.76
CA VAL C 513 -3.43 19.61 -7.36
C VAL C 513 -4.53 19.52 -6.33
N GLN C 514 -5.33 20.56 -6.21
CA GLN C 514 -6.51 20.54 -5.36
C GLN C 514 -7.74 20.99 -6.14
N TYR C 515 -8.91 20.66 -5.62
CA TYR C 515 -10.18 21.08 -6.17
C TYR C 515 -11.29 20.75 -5.18
N GLU C 516 -12.18 21.70 -4.97
CA GLU C 516 -13.17 21.61 -3.91
C GLU C 516 -14.49 20.93 -4.36
N GLY C 517 -14.88 21.15 -5.62
CA GLY C 517 -16.17 20.66 -6.11
C GLY C 517 -16.47 19.19 -5.87
N GLY C 518 -17.75 18.87 -5.78
CA GLY C 518 -18.21 17.50 -5.62
C GLY C 518 -18.01 16.93 -4.24
N GLY C 519 -17.66 17.77 -3.29
CA GLY C 519 -17.57 17.34 -1.89
C GLY C 519 -16.23 17.48 -1.24
N ALA C 520 -15.34 18.24 -1.88
CA ALA C 520 -14.03 18.62 -1.31
C ALA C 520 -13.02 17.49 -1.12
N ASP C 521 -13.42 16.24 -1.35
CA ASP C 521 -12.50 15.13 -1.09
C ASP C 521 -12.55 14.06 -2.16
N THR C 522 -12.85 14.48 -3.39
CA THR C 522 -12.96 13.56 -4.51
C THR C 522 -11.59 13.06 -4.97
N THR C 523 -11.61 12.20 -5.98
CA THR C 523 -10.42 11.68 -6.64
C THR C 523 -9.70 12.75 -7.47
N ALA C 524 -10.28 13.95 -7.56
CA ALA C 524 -9.63 15.05 -8.28
C ALA C 524 -8.85 16.03 -7.38
N THR C 525 -8.56 15.65 -6.14
CA THR C 525 -7.81 16.54 -5.25
C THR C 525 -6.84 15.83 -4.28
N ASP C 526 -5.64 16.38 -4.16
CA ASP C 526 -4.64 15.85 -3.24
C ASP C 526 -4.87 16.37 -1.82
N ILE C 527 -5.75 17.35 -1.69
CA ILE C 527 -5.93 18.06 -0.46
C ILE C 527 -7.41 18.19 -0.18
N ILE C 528 -7.84 17.73 0.99
CA ILE C 528 -9.21 17.98 1.42
C ILE C 528 -9.33 19.49 1.58
N CYS C 529 -10.11 20.11 0.69
CA CYS C 529 -10.20 21.56 0.63
C CYS C 529 -11.63 22.13 0.71
N PRO C 530 -12.33 21.88 1.85
CA PRO C 530 -13.70 22.37 1.94
C PRO C 530 -13.82 23.89 1.98
N MET C 531 -15.03 24.37 1.72
CA MET C 531 -15.34 25.77 1.92
C MET C 531 -16.41 25.86 3.00
N TYR C 532 -16.09 26.62 4.06
CA TYR C 532 -17.00 26.90 5.17
C TYR C 532 -17.40 25.67 5.99
N ALA C 533 -16.51 24.68 5.97
CA ALA C 533 -16.63 23.55 6.90
C ALA C 533 -16.27 24.09 8.29
N ARG C 534 -17.09 23.76 9.28
CA ARG C 534 -16.91 24.28 10.64
C ARG C 534 -15.92 23.45 11.46
N VAL C 535 -15.50 23.97 12.61
CA VAL C 535 -14.47 23.33 13.40
C VAL C 535 -15.01 22.07 14.08
N ASP C 536 -16.13 22.21 14.78
CA ASP C 536 -16.67 21.11 15.59
C ASP C 536 -18.01 20.57 15.11
N GLU C 537 -18.71 21.38 14.32
CA GLU C 537 -20.08 21.10 13.94
C GLU C 537 -20.20 20.56 12.51
N ASP C 538 -20.74 19.35 12.39
CA ASP C 538 -21.03 18.76 11.08
C ASP C 538 -22.20 19.46 10.41
N GLN C 539 -22.09 19.67 9.09
CA GLN C 539 -23.24 20.03 8.29
C GLN C 539 -23.43 18.92 7.26
N PRO C 540 -24.20 17.87 7.63
CA PRO C 540 -24.37 16.64 6.84
C PRO C 540 -25.27 16.76 5.60
N PHE C 541 -25.02 17.74 4.74
CA PHE C 541 -25.73 17.81 3.46
C PHE C 541 -25.69 16.47 2.72
N PRO C 542 -26.80 16.10 2.05
CA PRO C 542 -26.77 14.89 1.20
C PRO C 542 -25.81 15.09 0.05
N ALA C 543 -25.14 14.00 -0.35
CA ALA C 543 -24.17 13.95 -1.46
C ALA C 543 -22.85 14.67 -1.21
N VAL C 544 -22.91 15.87 -0.64
CA VAL C 544 -21.73 16.71 -0.43
C VAL C 544 -21.66 17.29 1.00
N PRO C 545 -21.63 16.41 2.02
CA PRO C 545 -21.64 16.89 3.42
C PRO C 545 -20.43 17.78 3.72
N LYS C 546 -20.61 18.74 4.63
CA LYS C 546 -19.49 19.52 5.13
C LYS C 546 -19.19 19.09 6.56
N TRP C 547 -18.36 18.08 6.71
CA TRP C 547 -18.02 17.57 8.04
C TRP C 547 -17.23 18.61 8.81
N SER C 548 -17.30 18.52 10.13
CA SER C 548 -16.36 19.26 10.96
C SER C 548 -14.96 18.86 10.50
N ILE C 549 -14.05 19.83 10.46
CA ILE C 549 -12.74 19.61 9.87
C ILE C 549 -11.88 18.66 10.70
N LYS C 550 -12.13 18.63 12.00
CA LYS C 550 -11.45 17.73 12.91
C LYS C 550 -11.89 16.29 12.65
N LYS C 551 -13.18 16.13 12.36
CA LYS C 551 -13.74 14.84 12.02
C LYS C 551 -13.36 14.39 10.59
N TRP C 552 -13.38 15.33 9.64
CA TRP C 552 -13.11 15.02 8.24
C TRP C 552 -11.79 14.30 8.08
N LEU C 553 -10.79 14.75 8.83
CA LEU C 553 -9.46 14.21 8.72
C LEU C 553 -9.43 12.71 8.94
N SER C 554 -10.26 12.24 9.89
CA SER C 554 -10.11 10.89 10.38
C SER C 554 -11.26 9.98 9.94
N LEU C 555 -11.98 10.38 8.90
CA LEU C 555 -13.00 9.52 8.29
C LEU C 555 -12.36 8.22 7.78
N PRO C 556 -13.11 7.11 7.86
CA PRO C 556 -12.52 5.83 7.51
C PRO C 556 -11.77 5.90 6.19
N GLY C 557 -10.48 5.59 6.23
CA GLY C 557 -9.67 5.51 5.01
C GLY C 557 -9.00 6.79 4.53
N GLU C 558 -9.35 7.94 5.11
CA GLU C 558 -8.79 9.22 4.69
C GLU C 558 -7.40 9.43 5.30
N THR C 559 -6.51 10.05 4.53
CA THR C 559 -5.14 10.25 4.96
C THR C 559 -4.64 11.64 4.62
N ARG C 560 -5.37 12.33 3.74
CA ARG C 560 -4.90 13.58 3.11
C ARG C 560 -4.86 14.78 4.05
N PRO C 561 -4.09 15.83 3.70
CA PRO C 561 -4.11 17.04 4.52
C PRO C 561 -5.36 17.87 4.23
N LEU C 562 -5.77 18.71 5.18
CA LEU C 562 -6.95 19.52 5.01
C LEU C 562 -6.61 20.98 5.15
N ILE C 563 -6.82 21.72 4.06
CA ILE C 563 -6.64 23.17 4.04
C ILE C 563 -7.88 23.79 3.40
N LEU C 564 -8.65 24.55 4.16
CA LEU C 564 -9.89 25.14 3.66
C LEU C 564 -9.62 26.13 2.52
N CYS C 565 -10.16 25.86 1.34
CA CYS C 565 -9.99 26.76 0.21
C CYS C 565 -10.75 28.06 0.46
N GLU C 566 -11.76 27.99 1.32
CA GLU C 566 -12.55 29.17 1.72
C GLU C 566 -13.10 28.97 3.13
N TYR C 567 -12.83 29.91 4.04
CA TYR C 567 -13.42 29.85 5.38
C TYR C 567 -13.50 31.26 5.93
N ALA C 568 -14.27 31.41 7.02
CA ALA C 568 -14.45 32.68 7.70
C ALA C 568 -14.97 33.77 6.76
N HIS C 569 -16.22 33.63 6.35
CA HIS C 569 -16.86 34.61 5.48
C HIS C 569 -16.86 35.98 6.17
N ALA C 570 -15.94 36.86 5.75
CA ALA C 570 -15.71 38.12 6.44
C ALA C 570 -16.67 39.25 6.01
N MET C 571 -17.97 38.95 6.03
CA MET C 571 -19.00 39.85 5.47
C MET C 571 -19.63 40.82 6.49
N GLY C 572 -19.31 42.10 6.36
CA GLY C 572 -19.83 43.11 7.29
C GLY C 572 -19.21 42.89 8.66
N ASN C 573 -20.03 42.99 9.70
CA ASN C 573 -19.58 42.66 11.05
C ASN C 573 -19.51 41.15 11.22
N SER C 574 -18.31 40.60 11.05
CA SER C 574 -18.15 39.15 10.99
C SER C 574 -16.80 38.68 11.56
N LEU C 575 -16.44 37.43 11.27
CA LEU C 575 -15.24 36.75 11.79
C LEU C 575 -15.40 36.33 13.25
N GLY C 576 -16.66 36.25 13.69
CA GLY C 576 -16.99 35.60 14.94
C GLY C 576 -16.58 34.14 14.83
N GLY C 577 -15.77 33.69 15.78
CA GLY C 577 -15.34 32.30 15.87
C GLY C 577 -14.03 32.00 15.16
N PHE C 578 -13.32 33.05 14.73
CA PHE C 578 -12.07 32.91 14.00
C PHE C 578 -11.02 32.21 14.84
N ALA C 579 -10.95 32.53 16.13
CA ALA C 579 -10.00 31.90 17.07
C ALA C 579 -10.17 30.38 17.11
N LYS C 580 -11.41 29.94 16.90
CA LYS C 580 -11.71 28.52 17.00
C LYS C 580 -11.04 27.75 15.87
N TYR C 581 -10.92 28.39 14.71
CA TYR C 581 -10.17 27.78 13.61
C TYR C 581 -8.70 27.57 13.97
N TRP C 582 -8.06 28.63 14.48
CA TRP C 582 -6.64 28.61 14.72
C TRP C 582 -6.22 27.73 15.89
N GLN C 583 -7.06 27.66 16.92
CA GLN C 583 -6.88 26.65 17.95
C GLN C 583 -6.82 25.24 17.30
N ALA C 584 -7.71 24.97 16.35
CA ALA C 584 -7.73 23.66 15.67
C ALA C 584 -6.53 23.45 14.75
N PHE C 585 -6.21 24.46 13.94
CA PHE C 585 -5.05 24.39 13.08
C PHE C 585 -3.81 24.05 13.90
N ARG C 586 -3.64 24.67 15.06
CA ARG C 586 -2.39 24.45 15.79
C ARG C 586 -2.34 23.07 16.44
N GLN C 587 -3.48 22.62 16.93
CA GLN C 587 -3.56 21.36 17.66
C GLN C 587 -3.44 20.14 16.77
N TYR C 588 -3.96 20.22 15.56
CA TYR C 588 -4.03 19.09 14.64
C TYR C 588 -3.01 19.23 13.53
N PRO C 589 -2.02 18.31 13.50
CA PRO C 589 -0.99 18.44 12.47
C PRO C 589 -1.52 18.47 11.03
N ARG C 590 -2.49 17.63 10.71
CA ARG C 590 -3.03 17.57 9.36
C ARG C 590 -4.06 18.67 9.03
N LEU C 591 -4.49 19.43 10.04
CA LEU C 591 -5.24 20.66 9.82
C LEU C 591 -4.23 21.75 9.51
N GLN C 592 -4.05 22.07 8.23
CA GLN C 592 -2.93 22.92 7.87
C GLN C 592 -3.32 24.34 7.49
N GLY C 593 -4.46 24.80 8.01
CA GLY C 593 -4.91 26.16 7.82
C GLY C 593 -5.96 26.33 6.73
N GLY C 594 -5.92 27.47 6.04
CA GLY C 594 -6.94 27.77 5.05
C GLY C 594 -6.88 29.19 4.53
N PHE C 595 -7.85 29.52 3.68
CA PHE C 595 -7.90 30.81 2.99
C PHE C 595 -9.17 31.57 3.33
N VAL C 596 -9.01 32.71 3.97
CA VAL C 596 -10.16 33.52 4.38
C VAL C 596 -10.92 34.03 3.15
N TRP C 597 -12.24 33.99 3.21
CA TRP C 597 -13.02 34.65 2.19
C TRP C 597 -13.56 35.97 2.68
N ASP C 598 -13.07 37.08 2.14
CA ASP C 598 -11.92 37.15 1.26
C ASP C 598 -11.16 38.45 1.57
N TRP C 599 -10.30 38.90 0.67
CA TRP C 599 -9.45 40.04 0.99
C TRP C 599 -10.14 41.40 0.96
N VAL C 600 -10.74 41.76 -0.19
CA VAL C 600 -11.25 43.13 -0.39
C VAL C 600 -12.70 43.18 -0.86
N ASP C 601 -13.49 44.02 -0.20
CA ASP C 601 -14.86 44.33 -0.61
C ASP C 601 -14.94 44.64 -2.10
N GLN C 602 -15.87 43.99 -2.80
CA GLN C 602 -16.11 44.34 -4.19
C GLN C 602 -17.12 45.48 -4.30
N SER C 603 -16.86 46.58 -3.61
CA SER C 603 -17.67 47.78 -3.80
C SER C 603 -17.12 48.65 -4.92
N LEU C 604 -18.02 49.33 -5.62
CA LEU C 604 -17.63 50.24 -6.68
C LEU C 604 -18.03 51.66 -6.31
N ILE C 605 -17.37 52.64 -6.94
CA ILE C 605 -17.67 54.05 -6.70
C ILE C 605 -18.71 54.58 -7.69
N LYS C 606 -19.82 55.07 -7.13
CA LYS C 606 -20.82 55.83 -7.88
C LYS C 606 -20.89 57.27 -7.35
N TYR C 607 -21.61 58.14 -8.05
CA TYR C 607 -21.70 59.55 -7.69
C TYR C 607 -23.15 60.03 -7.71
N ASP C 608 -23.51 60.90 -6.76
CA ASP C 608 -24.85 61.50 -6.74
C ASP C 608 -24.94 62.75 -7.64
N GLU C 609 -25.99 63.55 -7.47
CA GLU C 609 -26.16 64.77 -8.28
C GLU C 609 -25.21 65.91 -7.83
N ASN C 610 -24.42 65.64 -6.79
CA ASN C 610 -23.42 66.58 -6.28
C ASN C 610 -21.99 66.22 -6.70
N GLY C 611 -21.76 64.93 -7.00
CA GLY C 611 -20.44 64.43 -7.39
C GLY C 611 -19.63 63.85 -6.24
N ASN C 612 -20.34 63.40 -5.20
CA ASN C 612 -19.73 62.79 -3.99
C ASN C 612 -19.62 61.26 -4.10
N PRO C 613 -18.44 60.70 -3.75
CA PRO C 613 -18.25 59.28 -3.96
C PRO C 613 -18.90 58.43 -2.86
N TRP C 614 -19.74 57.50 -3.27
CA TRP C 614 -20.34 56.52 -2.36
C TRP C 614 -20.08 55.07 -2.80
N SER C 615 -19.85 54.19 -1.83
CA SER C 615 -19.59 52.78 -2.09
C SER C 615 -20.87 52.04 -2.47
N ALA C 616 -20.90 51.52 -3.70
CA ALA C 616 -22.08 50.87 -4.24
C ALA C 616 -21.90 49.36 -4.37
N TYR C 617 -22.99 48.62 -4.10
CA TYR C 617 -23.00 47.17 -4.28
C TYR C 617 -24.04 46.71 -5.31
N GLY C 618 -24.40 45.43 -5.31
CA GLY C 618 -25.36 44.86 -6.25
C GLY C 618 -26.74 45.53 -6.24
N GLY C 619 -27.24 45.85 -7.43
CA GLY C 619 -28.53 46.52 -7.57
C GLY C 619 -28.44 48.03 -7.78
N ASP C 620 -27.24 48.58 -7.58
CA ASP C 620 -27.03 50.04 -7.67
C ASP C 620 -26.70 50.52 -9.09
N PHE C 621 -26.90 49.65 -10.07
CA PHE C 621 -26.54 49.94 -11.45
C PHE C 621 -27.69 49.66 -12.42
N GLY C 622 -28.83 49.24 -11.85
CA GLY C 622 -30.00 48.84 -12.64
C GLY C 622 -30.01 47.34 -12.91
N ASP C 623 -28.86 46.69 -12.67
CA ASP C 623 -28.69 45.25 -12.84
C ASP C 623 -29.63 44.45 -11.94
N THR C 624 -30.42 43.59 -12.59
CA THR C 624 -31.38 42.72 -11.90
C THR C 624 -31.64 41.47 -12.77
N PRO C 625 -31.68 40.26 -12.14
CA PRO C 625 -31.48 39.96 -10.72
C PRO C 625 -30.11 40.36 -10.15
N ASN C 626 -30.09 40.70 -8.87
CA ASN C 626 -28.85 40.94 -8.15
C ASN C 626 -28.79 40.23 -6.81
N ASP C 627 -27.57 40.00 -6.33
CA ASP C 627 -27.36 39.42 -5.02
C ASP C 627 -26.84 40.46 -4.02
N ARG C 628 -27.26 41.71 -4.23
CA ARG C 628 -27.04 42.85 -3.33
C ARG C 628 -25.64 42.95 -2.71
N GLN C 629 -25.57 43.04 -1.38
CA GLN C 629 -24.29 43.29 -0.71
C GLN C 629 -23.36 42.08 -0.62
N PHE C 630 -23.76 40.95 -1.21
CA PHE C 630 -22.94 39.72 -1.14
C PHE C 630 -21.58 39.80 -1.84
N CYS C 631 -21.34 40.87 -2.59
CA CYS C 631 -20.04 41.10 -3.21
C CYS C 631 -19.04 41.73 -2.22
N MET C 632 -19.50 41.93 -0.98
CA MET C 632 -18.68 42.58 0.06
C MET C 632 -18.42 41.66 1.25
N ASN C 633 -17.28 40.99 1.21
CA ASN C 633 -16.91 40.02 2.25
C ASN C 633 -15.47 40.25 2.63
N GLY C 634 -14.97 41.45 2.34
CA GLY C 634 -13.55 41.75 2.53
C GLY C 634 -13.10 41.99 3.96
N LEU C 635 -11.82 41.75 4.19
CA LEU C 635 -11.15 42.13 5.44
C LEU C 635 -10.80 43.60 5.39
N VAL C 636 -10.57 44.10 4.18
CA VAL C 636 -10.33 45.51 3.98
C VAL C 636 -11.46 46.09 3.09
N PHE C 637 -11.79 47.36 3.31
CA PHE C 637 -12.71 48.12 2.44
C PHE C 637 -12.06 48.26 1.07
N ALA C 638 -12.85 48.58 0.05
CA ALA C 638 -12.35 48.66 -1.33
C ALA C 638 -11.09 49.54 -1.48
N ASP C 639 -10.96 50.59 -0.66
CA ASP C 639 -9.80 51.47 -0.70
C ASP C 639 -8.62 50.98 0.15
N ARG C 640 -8.74 49.74 0.64
CA ARG C 640 -7.70 49.04 1.43
C ARG C 640 -7.58 49.50 2.88
N THR C 641 -8.62 50.18 3.35
CA THR C 641 -8.78 50.54 4.76
C THR C 641 -9.28 49.32 5.52
N PRO C 642 -8.63 48.98 6.64
CA PRO C 642 -8.96 47.78 7.42
C PRO C 642 -10.37 47.74 8.03
N HIS C 643 -11.05 46.60 7.89
CA HIS C 643 -12.18 46.26 8.74
C HIS C 643 -11.63 45.87 10.12
N PRO C 644 -12.40 46.08 11.20
CA PRO C 644 -11.92 45.68 12.53
C PRO C 644 -11.44 44.22 12.58
N ALA C 645 -12.13 43.32 11.88
CA ALA C 645 -11.77 41.90 11.81
C ALA C 645 -10.31 41.62 11.39
N LEU C 646 -9.76 42.46 10.53
CA LEU C 646 -8.37 42.31 10.10
C LEU C 646 -7.44 42.13 11.30
N THR C 647 -7.69 42.87 12.37
CA THR C 647 -6.84 42.82 13.55
C THR C 647 -6.94 41.44 14.23
N GLU C 648 -8.14 40.86 14.23
CA GLU C 648 -8.36 39.53 14.79
C GLU C 648 -7.61 38.47 13.96
N ALA C 649 -7.63 38.64 12.64
CA ALA C 649 -6.88 37.77 11.77
C ALA C 649 -5.39 37.87 12.05
N LYS C 650 -4.90 39.10 12.18
CA LYS C 650 -3.49 39.33 12.44
C LYS C 650 -3.08 38.65 13.75
N HIS C 651 -3.89 38.85 14.78
CA HIS C 651 -3.59 38.29 16.09
C HIS C 651 -3.54 36.74 16.09
N GLN C 652 -4.58 36.11 15.53
CA GLN C 652 -4.65 34.65 15.45
C GLN C 652 -3.62 34.04 14.51
N GLN C 653 -3.13 34.83 13.56
CA GLN C 653 -2.16 34.34 12.58
C GLN C 653 -0.73 34.56 13.03
N GLN C 654 -0.56 35.02 14.27
CA GLN C 654 0.76 35.35 14.80
C GLN C 654 1.68 34.16 14.72
N PHE C 655 2.98 34.46 14.58
CA PHE C 655 3.98 33.42 14.41
C PHE C 655 4.69 33.10 15.71
N PHE C 656 4.29 33.77 16.79
CA PHE C 656 4.86 33.54 18.09
C PHE C 656 3.78 33.21 19.09
N GLN C 657 3.94 32.08 19.76
CA GLN C 657 3.01 31.62 20.76
C GLN C 657 3.62 31.81 22.13
N PHE C 658 2.80 32.27 23.08
CA PHE C 658 3.31 32.57 24.40
C PHE C 658 2.57 31.78 25.45
N ARG C 659 3.31 31.26 26.42
CA ARG C 659 2.72 30.71 27.63
C ARG C 659 3.34 31.40 28.82
N LEU C 660 2.59 31.53 29.91
CA LEU C 660 3.10 32.18 31.12
C LEU C 660 3.04 31.26 32.34
N SER C 661 4.20 31.05 32.96
CA SER C 661 4.32 30.28 34.19
C SER C 661 5.10 31.08 35.23
N GLY C 662 4.41 31.55 36.27
CA GLY C 662 5.01 32.39 37.30
C GLY C 662 5.42 33.76 36.80
N GLN C 663 6.72 33.98 36.71
CA GLN C 663 7.29 35.19 36.12
C GLN C 663 8.10 34.86 34.87
N THR C 664 7.99 33.61 34.43
CA THR C 664 8.65 33.16 33.20
C THR C 664 7.69 33.19 32.01
N ILE C 665 8.09 33.90 30.96
CA ILE C 665 7.39 33.84 29.67
C ILE C 665 8.13 32.86 28.78
N GLU C 666 7.40 31.89 28.25
CA GLU C 666 7.96 30.97 27.27
C GLU C 666 7.47 31.40 25.90
N VAL C 667 8.40 31.71 25.00
CA VAL C 667 8.05 32.09 23.63
C VAL C 667 8.38 30.91 22.72
N THR C 668 7.40 30.45 21.93
CA THR C 668 7.64 29.41 20.93
C THR C 668 7.53 29.99 19.51
N SER C 669 8.49 29.66 18.67
CA SER C 669 8.50 30.12 17.27
C SER C 669 7.70 29.18 16.39
N GLU C 670 6.81 29.74 15.58
CA GLU C 670 6.11 28.91 14.61
C GLU C 670 6.67 29.09 13.20
N TYR C 671 7.83 29.74 13.09
CA TYR C 671 8.54 29.79 11.82
C TYR C 671 9.21 28.43 11.59
N LEU C 672 9.31 28.04 10.33
CA LEU C 672 9.94 26.77 9.96
C LEU C 672 11.39 26.95 9.54
N PHE C 673 11.72 28.12 9.02
CA PHE C 673 13.02 28.34 8.43
C PHE C 673 13.86 29.43 9.11
N ARG C 674 13.27 30.58 9.41
CA ARG C 674 14.03 31.72 9.95
C ARG C 674 14.21 31.77 11.48
N HIS C 675 15.30 32.41 11.90
CA HIS C 675 15.53 32.84 13.30
C HIS C 675 14.83 34.17 13.56
N SER C 676 14.52 34.45 14.81
CA SER C 676 13.95 35.76 15.17
C SER C 676 15.02 36.85 15.15
N ASP C 677 15.57 37.12 13.96
CA ASP C 677 16.70 38.04 13.78
C ASP C 677 16.26 39.46 13.45
N ASN C 678 14.98 39.75 13.65
CA ASN C 678 14.44 41.10 13.53
C ASN C 678 13.29 41.20 14.51
N GLU C 679 13.55 40.81 15.74
CA GLU C 679 12.50 40.74 16.74
C GLU C 679 13.05 41.05 18.11
N LEU C 680 12.31 41.87 18.84
CA LEU C 680 12.50 42.00 20.29
C LEU C 680 11.15 42.13 20.99
N LEU C 681 11.08 41.63 22.22
CA LEU C 681 9.84 41.61 22.98
C LEU C 681 9.74 42.81 23.95
N HIS C 682 8.63 43.54 23.86
CA HIS C 682 8.29 44.55 24.85
C HIS C 682 7.34 43.92 25.85
N TRP C 683 7.60 44.12 27.13
CA TRP C 683 6.65 43.70 28.14
C TRP C 683 6.26 44.90 28.97
N MET C 684 5.10 44.81 29.59
CA MET C 684 4.49 45.94 30.23
C MET C 684 3.49 45.41 31.22
N VAL C 685 3.57 45.91 32.45
CA VAL C 685 2.61 45.58 33.50
C VAL C 685 1.87 46.85 33.89
N ALA C 686 0.56 46.75 34.00
CA ALA C 686 -0.29 47.90 34.29
C ALA C 686 -1.38 47.55 35.31
N LEU C 687 -1.64 48.48 36.21
CA LEU C 687 -2.71 48.34 37.18
C LEU C 687 -3.88 49.16 36.66
N ASP C 688 -4.93 48.46 36.23
CA ASP C 688 -6.12 49.10 35.65
C ASP C 688 -5.77 50.29 34.75
N GLY C 689 -4.92 50.05 33.74
CA GLY C 689 -4.55 51.11 32.80
C GLY C 689 -3.30 51.89 33.16
N LYS C 690 -2.96 51.90 34.45
CA LYS C 690 -1.81 52.67 34.96
C LYS C 690 -0.51 51.89 34.79
N PRO C 691 0.39 52.36 33.92
CA PRO C 691 1.63 51.63 33.68
C PRO C 691 2.56 51.66 34.91
N LEU C 692 2.93 50.48 35.41
CA LEU C 692 3.77 50.40 36.59
C LEU C 692 5.19 49.96 36.27
N ALA C 693 5.34 49.07 35.29
CA ALA C 693 6.65 48.59 34.88
C ALA C 693 6.66 48.21 33.39
N SER C 694 7.85 48.13 32.81
CA SER C 694 8.02 47.76 31.40
C SER C 694 9.48 47.49 31.05
N GLY C 695 9.70 46.83 29.92
CA GLY C 695 11.05 46.54 29.46
C GLY C 695 11.15 45.96 28.05
N GLU C 696 12.36 45.60 27.68
CA GLU C 696 12.68 45.05 26.36
C GLU C 696 13.61 43.86 26.56
N VAL C 697 13.35 42.78 25.83
CA VAL C 697 14.28 41.64 25.78
C VAL C 697 14.38 41.18 24.32
N PRO C 698 15.61 41.08 23.78
CA PRO C 698 15.73 40.64 22.39
C PRO C 698 15.31 39.18 22.25
N LEU C 699 14.67 38.86 21.13
CA LEU C 699 14.23 37.49 20.82
C LEU C 699 15.28 36.75 20.01
N ASP C 700 15.77 35.66 20.59
CA ASP C 700 16.75 34.81 19.93
C ASP C 700 16.19 33.40 19.99
N VAL C 701 15.24 33.13 19.11
CA VAL C 701 14.56 31.83 19.08
C VAL C 701 14.62 31.22 17.68
N ALA C 702 15.06 29.97 17.64
CA ALA C 702 15.21 29.22 16.40
C ALA C 702 13.84 28.80 15.84
N PRO C 703 13.77 28.47 14.53
CA PRO C 703 12.50 28.01 13.97
C PRO C 703 12.00 26.81 14.76
N GLN C 704 10.74 26.88 15.20
CA GLN C 704 10.11 25.78 15.96
C GLN C 704 10.65 25.67 17.39
N GLY C 705 11.61 26.53 17.74
CA GLY C 705 12.28 26.49 19.03
C GLY C 705 11.53 27.24 20.11
N LYS C 706 12.07 27.21 21.33
CA LYS C 706 11.48 27.91 22.47
C LYS C 706 12.50 28.83 23.16
N GLN C 707 12.01 29.90 23.78
CA GLN C 707 12.86 30.79 24.57
C GLN C 707 12.17 31.19 25.85
N LEU C 708 12.84 30.95 26.97
CA LEU C 708 12.35 31.34 28.27
C LEU C 708 12.84 32.75 28.60
N ILE C 709 11.91 33.60 29.03
CA ILE C 709 12.21 34.99 29.40
C ILE C 709 11.73 35.27 30.81
N GLU C 710 12.69 35.40 31.73
CA GLU C 710 12.41 35.61 33.14
C GLU C 710 12.16 37.10 33.36
N LEU C 711 10.96 37.42 33.85
CA LEU C 711 10.61 38.78 34.20
C LEU C 711 11.30 39.18 35.50
N PRO C 712 11.74 40.45 35.61
CA PRO C 712 12.29 40.90 36.90
C PRO C 712 11.21 40.99 37.98
N GLU C 713 11.64 40.98 39.23
CA GLU C 713 10.73 41.13 40.37
C GLU C 713 9.88 42.37 40.14
N LEU C 714 8.56 42.19 40.15
CA LEU C 714 7.61 43.24 39.79
C LEU C 714 7.20 44.07 41.01
N PRO C 715 7.44 45.40 40.97
CA PRO C 715 6.98 46.30 42.03
C PRO C 715 5.54 46.01 42.45
N GLN C 716 5.28 46.03 43.75
CA GLN C 716 3.95 45.75 44.27
C GLN C 716 3.01 46.95 44.05
N PRO C 717 1.73 46.65 43.73
CA PRO C 717 0.78 47.72 43.40
C PRO C 717 0.30 48.47 44.64
N GLU C 718 0.18 49.79 44.51
CA GLU C 718 -0.11 50.68 45.65
C GLU C 718 -1.61 50.90 45.96
N SER C 719 -2.49 50.24 45.19
CA SER C 719 -3.93 50.26 45.45
C SER C 719 -4.65 48.99 44.97
N ALA C 720 -5.96 48.95 45.15
CA ALA C 720 -6.79 47.85 44.67
C ALA C 720 -6.86 47.85 43.13
N GLY C 721 -7.27 46.71 42.56
CA GLY C 721 -7.43 46.59 41.11
C GLY C 721 -6.75 45.38 40.49
N GLN C 722 -6.78 45.31 39.16
CA GLN C 722 -6.27 44.13 38.47
C GLN C 722 -4.98 44.44 37.70
N LEU C 723 -3.94 43.67 37.98
CA LEU C 723 -2.67 43.79 37.26
C LEU C 723 -2.71 43.00 35.96
N TRP C 724 -2.41 43.68 34.85
CA TRP C 724 -2.38 43.05 33.54
C TRP C 724 -0.98 43.09 32.92
N LEU C 725 -0.53 41.95 32.39
CA LEU C 725 0.71 41.86 31.63
C LEU C 725 0.41 41.82 30.13
N THR C 726 1.11 42.67 29.36
CA THR C 726 0.99 42.75 27.91
C THR C 726 2.37 42.62 27.28
N VAL C 727 2.54 41.65 26.39
CA VAL C 727 3.78 41.59 25.62
C VAL C 727 3.47 41.91 24.16
N ARG C 728 4.37 42.63 23.51
CA ARG C 728 4.26 42.93 22.09
C ARG C 728 5.59 42.54 21.46
N VAL C 729 5.54 41.87 20.31
CA VAL C 729 6.76 41.59 19.54
C VAL C 729 6.94 42.70 18.52
N VAL C 730 8.13 43.32 18.52
CA VAL C 730 8.38 44.50 17.68
C VAL C 730 9.53 44.19 16.73
N GLN C 731 9.38 44.60 15.48
CA GLN C 731 10.47 44.45 14.51
C GLN C 731 11.24 45.76 14.44
N PRO C 732 12.46 45.77 15.00
CA PRO C 732 13.24 47.00 15.13
C PRO C 732 13.68 47.56 13.78
N ASN C 733 13.97 46.67 12.82
CA ASN C 733 14.40 47.09 11.51
C ASN C 733 13.29 47.00 10.49
N ALA C 734 13.35 47.89 9.50
CA ALA C 734 12.43 47.87 8.37
C ALA C 734 12.76 46.69 7.48
N THR C 735 11.79 46.26 6.68
CA THR C 735 11.96 45.18 5.73
C THR C 735 11.41 45.68 4.40
N ALA C 736 11.37 44.80 3.39
CA ALA C 736 10.66 45.10 2.14
C ALA C 736 9.15 45.31 2.31
N TRP C 737 8.59 44.79 3.41
CA TRP C 737 7.14 44.76 3.59
C TRP C 737 6.65 45.44 4.87
N SER C 738 7.57 45.89 5.73
CA SER C 738 7.19 46.59 6.97
C SER C 738 8.16 47.71 7.40
N GLU C 739 7.60 48.71 8.08
CA GLU C 739 8.37 49.80 8.66
C GLU C 739 9.08 49.31 9.91
N ALA C 740 10.09 50.07 10.34
CA ALA C 740 10.76 49.84 11.62
C ALA C 740 9.76 50.07 12.76
N GLY C 741 9.83 49.23 13.79
CA GLY C 741 8.88 49.28 14.90
C GLY C 741 7.55 48.57 14.65
N HIS C 742 7.45 47.88 13.51
CA HIS C 742 6.23 47.17 13.17
C HIS C 742 5.94 46.10 14.22
N ILE C 743 4.70 46.07 14.68
CA ILE C 743 4.28 45.13 15.72
C ILE C 743 3.66 43.91 15.05
N SER C 744 4.30 42.74 15.25
CA SER C 744 3.93 41.51 14.55
C SER C 744 3.12 40.52 15.39
N ALA C 745 3.14 40.69 16.71
CA ALA C 745 2.41 39.80 17.60
C ALA C 745 2.25 40.37 19.01
N TRP C 746 1.20 39.95 19.69
CA TRP C 746 0.98 40.34 21.08
C TRP C 746 0.18 39.32 21.88
N GLN C 747 0.23 39.43 23.21
CA GLN C 747 -0.57 38.60 24.12
C GLN C 747 -0.73 39.28 25.47
N GLN C 748 -1.79 38.93 26.19
CA GLN C 748 -2.06 39.42 27.54
C GLN C 748 -2.34 38.32 28.56
N TRP C 749 -2.04 38.61 29.83
CA TRP C 749 -2.45 37.76 30.95
C TRP C 749 -2.90 38.63 32.12
N ARG C 750 -3.81 38.09 32.93
CA ARG C 750 -4.09 38.66 34.24
C ARG C 750 -3.01 38.20 35.21
N LEU C 751 -2.34 39.15 35.87
CA LEU C 751 -1.46 38.82 36.99
C LEU C 751 -2.27 38.89 38.27
N ALA C 752 -1.67 39.41 39.34
CA ALA C 752 -2.37 39.52 40.63
C ALA C 752 -3.61 40.43 40.56
N GLU C 753 -4.60 40.16 41.39
CA GLU C 753 -5.74 41.07 41.59
C GLU C 753 -5.90 41.42 43.07
N ASN C 754 -6.09 42.72 43.34
CA ASN C 754 -6.44 43.15 44.68
C ASN C 754 -7.89 43.60 44.68
N LEU C 755 -8.73 42.83 45.36
CA LEU C 755 -10.13 43.19 45.48
C LEU C 755 -10.24 44.37 46.39
N SER C 756 -11.00 45.36 45.96
CA SER C 756 -11.25 46.54 46.79
C SER C 756 -12.11 46.18 47.99
N VAL C 757 -11.60 46.44 49.20
CA VAL C 757 -12.32 46.19 50.44
C VAL C 757 -12.70 47.45 51.22
N THR C 758 -11.90 48.50 51.07
CA THR C 758 -12.10 49.73 51.84
C THR C 758 -13.40 50.44 51.48
N LEU C 759 -14.18 50.78 52.51
CA LEU C 759 -15.43 51.51 52.32
C LEU C 759 -15.15 52.98 52.01
N PRO C 760 -15.93 53.56 51.08
CA PRO C 760 -15.87 55.02 50.88
C PRO C 760 -16.47 55.74 52.09
N ALA C 761 -15.88 56.87 52.48
CA ALA C 761 -16.33 57.61 53.67
C ALA C 761 -17.82 57.98 53.65
N ALA C 762 -18.47 57.95 54.82
CA ALA C 762 -19.91 58.25 54.94
C ALA C 762 -20.27 59.61 54.32
N SER C 763 -21.18 59.59 53.35
CA SER C 763 -21.56 60.79 52.61
C SER C 763 -22.33 61.77 53.49
N HIS C 764 -22.01 63.05 53.33
CA HIS C 764 -22.61 64.12 54.13
C HIS C 764 -24.06 64.37 53.71
N ALA C 765 -24.26 64.57 52.40
CA ALA C 765 -25.57 64.82 51.83
C ALA C 765 -26.44 63.56 51.90
N ILE C 766 -27.75 63.75 51.95
CA ILE C 766 -28.69 62.64 51.84
C ILE C 766 -29.78 63.03 50.82
N PRO C 767 -29.95 62.23 49.75
CA PRO C 767 -30.80 62.66 48.63
C PRO C 767 -32.28 62.64 48.99
N HIS C 768 -33.04 63.54 48.38
CA HIS C 768 -34.44 63.71 48.74
C HIS C 768 -35.40 63.30 47.62
N LEU C 769 -36.49 62.66 48.03
CA LEU C 769 -37.51 62.12 47.13
C LEU C 769 -38.81 62.94 47.12
N THR C 770 -39.15 63.49 45.95
CA THR C 770 -40.43 64.18 45.73
C THR C 770 -41.40 63.33 44.90
N THR C 771 -42.38 62.73 45.57
CA THR C 771 -43.40 61.91 44.90
C THR C 771 -44.47 62.78 44.22
N SER C 772 -44.30 62.98 42.92
CA SER C 772 -45.33 63.53 42.04
C SER C 772 -46.32 62.40 41.75
N GLU C 773 -47.39 62.66 41.02
CA GLU C 773 -48.30 61.58 40.63
C GLU C 773 -47.89 60.96 39.30
N MET C 774 -47.26 61.76 38.44
CA MET C 774 -46.82 61.31 37.12
C MET C 774 -45.32 60.98 37.09
N ASP C 775 -44.61 61.32 38.17
CA ASP C 775 -43.16 61.16 38.24
C ASP C 775 -42.66 60.86 39.66
N PHE C 776 -41.53 60.16 39.74
CA PHE C 776 -40.76 60.12 40.97
C PHE C 776 -39.55 61.00 40.72
N CYS C 777 -39.23 61.85 41.68
CA CYS C 777 -38.08 62.74 41.58
C CYS C 777 -37.11 62.51 42.72
N ILE C 778 -35.83 62.45 42.39
CA ILE C 778 -34.76 62.37 43.37
C ILE C 778 -33.88 63.59 43.11
N GLU C 779 -33.66 64.37 44.16
CA GLU C 779 -32.86 65.59 44.06
C GLU C 779 -31.65 65.56 45.01
N LEU C 780 -30.49 65.93 44.49
CA LEU C 780 -29.28 66.10 45.29
C LEU C 780 -28.49 67.31 44.79
N GLY C 781 -28.53 68.39 45.57
CA GLY C 781 -27.86 69.62 45.18
C GLY C 781 -28.29 70.09 43.80
N ASN C 782 -27.36 70.05 42.85
CA ASN C 782 -27.64 70.50 41.48
C ASN C 782 -28.21 69.39 40.59
N LYS C 783 -28.16 68.16 41.08
CA LYS C 783 -28.55 66.97 40.31
C LYS C 783 -30.02 66.58 40.50
N ARG C 784 -30.69 66.24 39.40
CA ARG C 784 -32.08 65.79 39.43
C ARG C 784 -32.26 64.51 38.62
N TRP C 785 -33.06 63.58 39.15
CA TRP C 785 -33.39 62.33 38.48
C TRP C 785 -34.90 62.17 38.37
N GLN C 786 -35.41 62.14 37.14
CA GLN C 786 -36.85 62.01 36.89
C GLN C 786 -37.22 60.63 36.33
N PHE C 787 -37.98 59.88 37.13
CA PHE C 787 -38.52 58.60 36.73
C PHE C 787 -40.01 58.75 36.42
N ASN C 788 -40.38 58.51 35.16
CA ASN C 788 -41.79 58.56 34.74
C ASN C 788 -42.54 57.38 35.36
N ARG C 789 -43.66 57.66 36.04
CA ARG C 789 -44.38 56.61 36.77
C ARG C 789 -45.30 55.78 35.88
N GLN C 790 -45.49 56.23 34.65
CA GLN C 790 -46.33 55.51 33.70
C GLN C 790 -45.47 54.62 32.78
N SER C 791 -44.32 55.14 32.34
CA SER C 791 -43.38 54.36 31.54
C SER C 791 -42.53 53.45 32.42
N GLY C 792 -42.18 53.92 33.60
CA GLY C 792 -41.37 53.14 34.54
C GLY C 792 -39.88 53.22 34.26
N PHE C 793 -39.48 54.18 33.43
CA PHE C 793 -38.08 54.42 33.10
C PHE C 793 -37.61 55.78 33.59
N LEU C 794 -36.30 55.91 33.79
CA LEU C 794 -35.67 57.20 34.00
C LEU C 794 -35.90 57.99 32.73
N SER C 795 -36.83 58.93 32.79
CA SER C 795 -37.17 59.75 31.62
C SER C 795 -36.24 60.93 31.43
N GLN C 796 -35.73 61.49 32.54
CA GLN C 796 -34.82 62.65 32.47
C GLN C 796 -33.85 62.76 33.64
N MET C 797 -32.67 63.29 33.36
CA MET C 797 -31.69 63.67 34.39
C MET C 797 -31.23 65.09 34.16
N TRP C 798 -31.06 65.83 35.25
CA TRP C 798 -30.59 67.20 35.17
C TRP C 798 -29.28 67.42 35.94
N ILE C 799 -28.35 68.14 35.33
CA ILE C 799 -27.18 68.66 36.04
C ILE C 799 -27.24 70.18 36.05
N GLY C 800 -27.84 70.72 37.11
CA GLY C 800 -28.17 72.14 37.19
C GLY C 800 -29.46 72.35 36.43
N ASP C 801 -29.37 73.05 35.30
CA ASP C 801 -30.53 73.29 34.44
C ASP C 801 -30.41 72.62 33.06
N LYS C 802 -29.33 71.88 32.85
CA LYS C 802 -29.06 71.18 31.58
C LYS C 802 -29.75 69.82 31.51
N LYS C 803 -30.41 69.57 30.38
CA LYS C 803 -30.99 68.25 30.08
C LYS C 803 -29.88 67.27 29.75
N GLN C 804 -29.92 66.07 30.36
CA GLN C 804 -28.94 65.01 30.04
C GLN C 804 -29.41 64.00 28.96
N LEU C 805 -30.71 63.67 28.98
CA LEU C 805 -31.28 62.68 28.07
C LEU C 805 -32.31 63.25 27.10
N LEU C 806 -32.23 62.82 25.84
CA LEU C 806 -33.25 63.13 24.85
C LEU C 806 -34.29 62.01 24.79
N THR C 807 -33.82 60.76 24.84
CA THR C 807 -34.69 59.59 24.93
C THR C 807 -34.44 58.94 26.29
N PRO C 808 -35.49 58.42 26.96
CA PRO C 808 -35.28 57.78 28.26
C PRO C 808 -34.34 56.54 28.25
N LEU C 809 -33.98 56.08 29.45
CA LEU C 809 -33.16 54.89 29.63
C LEU C 809 -34.07 53.67 29.70
N ARG C 810 -33.98 52.83 28.65
CA ARG C 810 -34.88 51.68 28.50
C ARG C 810 -34.09 50.40 28.24
N ASP C 811 -34.72 49.26 28.53
CA ASP C 811 -34.15 47.98 28.15
C ASP C 811 -34.16 47.82 26.64
N GLN C 812 -33.15 47.12 26.14
CA GLN C 812 -33.05 46.79 24.73
C GLN C 812 -32.63 45.33 24.58
N PHE C 813 -33.35 44.58 23.75
CA PHE C 813 -33.09 43.15 23.56
C PHE C 813 -32.77 42.79 22.12
N THR C 814 -32.56 43.81 21.29
CA THR C 814 -32.48 43.63 19.86
C THR C 814 -31.30 44.41 19.32
N ARG C 815 -30.94 44.14 18.06
CA ARG C 815 -29.85 44.83 17.42
C ARG C 815 -30.07 45.04 15.93
N ALA C 816 -29.55 46.15 15.42
CA ALA C 816 -29.53 46.39 13.98
C ALA C 816 -28.80 45.21 13.35
N PRO C 817 -29.56 44.36 12.63
CA PRO C 817 -29.11 43.02 12.30
C PRO C 817 -27.93 43.05 11.36
N LEU C 818 -26.93 42.23 11.70
CA LEU C 818 -25.73 42.12 10.87
C LEU C 818 -26.04 41.27 9.67
N ASP C 819 -25.21 41.38 8.64
CA ASP C 819 -25.29 40.48 7.50
C ASP C 819 -25.46 39.00 7.91
N ASN C 820 -24.70 38.57 8.93
CA ASN C 820 -24.81 37.21 9.46
C ASN C 820 -26.16 36.88 10.10
N ASP C 821 -26.81 37.88 10.67
CA ASP C 821 -28.16 37.70 11.21
C ASP C 821 -29.16 37.53 10.07
N ILE C 822 -28.86 38.17 8.93
CA ILE C 822 -29.75 38.24 7.78
C ILE C 822 -29.57 37.04 6.85
N GLY C 823 -28.34 36.80 6.41
CA GLY C 823 -28.06 35.71 5.48
C GLY C 823 -28.60 35.99 4.09
N VAL C 824 -29.28 34.98 3.53
CA VAL C 824 -29.88 35.11 2.20
C VAL C 824 -31.31 35.64 2.25
N SER C 825 -31.85 35.86 3.44
CA SER C 825 -33.22 36.35 3.61
C SER C 825 -33.49 37.69 2.92
N GLU C 826 -34.63 37.78 2.24
CA GLU C 826 -35.07 39.01 1.57
C GLU C 826 -36.54 39.28 1.84
N ALA C 827 -37.04 40.45 1.44
CA ALA C 827 -38.45 40.80 1.63
C ALA C 827 -39.40 39.95 0.78
N THR C 828 -38.95 39.60 -0.42
CA THR C 828 -39.73 38.80 -1.37
C THR C 828 -39.56 37.28 -1.17
N ARG C 829 -38.53 36.89 -0.42
CA ARG C 829 -38.24 35.49 -0.14
C ARG C 829 -37.66 35.34 1.27
N ILE C 830 -38.54 35.14 2.25
CA ILE C 830 -38.14 35.02 3.66
C ILE C 830 -37.46 33.67 3.94
N ASP C 831 -36.31 33.73 4.60
CA ASP C 831 -35.68 32.54 5.13
C ASP C 831 -35.99 32.45 6.61
N PRO C 832 -37.01 31.66 6.98
CA PRO C 832 -37.46 31.59 8.38
C PRO C 832 -36.35 31.15 9.34
N ASN C 833 -35.23 30.70 8.79
CA ASN C 833 -34.15 30.19 9.62
C ASN C 833 -33.14 31.25 10.06
N ALA C 834 -32.99 32.31 9.28
CA ALA C 834 -32.15 33.46 9.64
C ALA C 834 -32.51 34.01 11.01
N TRP C 835 -31.49 34.41 11.77
CA TRP C 835 -31.69 34.97 13.11
C TRP C 835 -32.60 36.19 13.07
N VAL C 836 -32.46 37.03 12.05
CA VAL C 836 -33.27 38.24 11.93
C VAL C 836 -34.76 37.89 11.80
N GLU C 837 -35.05 36.83 11.04
CA GLU C 837 -36.41 36.33 10.87
C GLU C 837 -36.91 35.62 12.12
N ARG C 838 -36.05 34.84 12.75
CA ARG C 838 -36.40 34.23 14.03
C ARG C 838 -36.81 35.33 15.02
N TRP C 839 -36.04 36.43 15.07
CA TRP C 839 -36.38 37.57 15.94
C TRP C 839 -37.67 38.28 15.49
N LYS C 840 -37.73 38.71 14.23
CA LYS C 840 -38.92 39.39 13.70
C LYS C 840 -40.20 38.64 14.06
N ALA C 841 -40.23 37.36 13.67
CA ALA C 841 -41.42 36.52 13.82
C ALA C 841 -41.88 36.41 15.27
N ALA C 842 -40.95 36.39 16.21
CA ALA C 842 -41.29 36.19 17.61
C ALA C 842 -41.75 37.49 18.27
N GLY C 843 -41.54 38.61 17.58
CA GLY C 843 -42.01 39.92 18.02
C GLY C 843 -40.97 40.78 18.70
N HIS C 844 -39.71 40.33 18.67
CA HIS C 844 -38.64 41.03 19.35
C HIS C 844 -38.56 42.50 18.97
N TYR C 845 -38.74 42.79 17.68
CA TYR C 845 -38.52 44.15 17.19
C TYR C 845 -39.68 45.12 17.45
N GLN C 846 -40.80 44.61 17.96
CA GLN C 846 -41.96 45.44 18.22
C GLN C 846 -42.71 45.10 19.51
N ALA C 847 -42.06 44.33 20.39
CA ALA C 847 -42.63 43.98 21.69
C ALA C 847 -42.85 45.23 22.55
N GLU C 848 -43.97 45.26 23.26
CA GLU C 848 -44.34 46.43 24.05
C GLU C 848 -44.14 46.24 25.55
N ALA C 849 -43.38 47.16 26.15
CA ALA C 849 -43.11 47.19 27.59
C ALA C 849 -44.36 47.50 28.41
N ALA C 850 -44.72 46.57 29.28
CA ALA C 850 -45.89 46.71 30.15
C ALA C 850 -45.42 46.77 31.59
N LEU C 851 -45.72 47.89 32.24
CA LEU C 851 -45.28 48.11 33.61
C LEU C 851 -45.98 47.17 34.58
N LEU C 852 -45.21 46.55 35.47
CA LEU C 852 -45.77 45.64 36.48
C LEU C 852 -45.60 46.19 37.89
N GLN C 853 -44.54 46.95 38.10
CA GLN C 853 -44.20 47.50 39.41
C GLN C 853 -43.37 48.76 39.20
N CYS C 854 -43.67 49.79 39.99
CA CYS C 854 -42.87 51.01 40.02
C CYS C 854 -43.07 51.70 41.37
N THR C 855 -42.02 51.68 42.20
CA THR C 855 -42.13 52.15 43.57
C THR C 855 -40.88 52.89 44.02
N ALA C 856 -41.06 53.78 44.99
CA ALA C 856 -39.97 54.57 45.55
C ALA C 856 -39.87 54.32 47.05
N ASP C 857 -38.65 54.31 47.56
CA ASP C 857 -38.42 54.10 48.99
C ASP C 857 -37.32 55.00 49.52
N THR C 858 -37.37 55.26 50.83
CA THR C 858 -36.36 56.07 51.50
C THR C 858 -35.52 55.21 52.43
N LEU C 859 -34.22 55.14 52.14
CA LEU C 859 -33.26 54.47 53.00
C LEU C 859 -32.51 55.48 53.87
N ALA C 860 -31.69 54.96 54.77
CA ALA C 860 -30.85 55.77 55.65
C ALA C 860 -30.04 56.80 54.87
N ASP C 861 -29.33 56.36 53.83
CA ASP C 861 -28.43 57.24 53.10
C ASP C 861 -28.73 57.34 51.60
N ALA C 862 -29.88 56.80 51.18
CA ALA C 862 -30.20 56.70 49.75
C ALA C 862 -31.70 56.63 49.43
N VAL C 863 -32.02 56.86 48.16
CA VAL C 863 -33.34 56.56 47.62
C VAL C 863 -33.26 55.35 46.66
N LEU C 864 -34.24 54.45 46.79
CA LEU C 864 -34.26 53.19 46.03
C LEU C 864 -35.49 53.12 45.16
N ILE C 865 -35.28 52.97 43.85
CA ILE C 865 -36.38 52.84 42.89
C ILE C 865 -36.46 51.41 42.32
N THR C 866 -37.52 50.69 42.68
CA THR C 866 -37.77 49.34 42.18
C THR C 866 -38.74 49.38 40.99
N THR C 867 -38.31 48.86 39.84
CA THR C 867 -39.20 48.69 38.68
C THR C 867 -39.25 47.23 38.23
N ALA C 868 -40.22 46.92 37.37
CA ALA C 868 -40.43 45.57 36.84
C ALA C 868 -41.32 45.65 35.61
N HIS C 869 -40.78 45.23 34.46
CA HIS C 869 -41.49 45.30 33.19
C HIS C 869 -41.69 43.93 32.56
N ALA C 870 -42.66 43.84 31.65
CA ALA C 870 -42.80 42.68 30.78
C ALA C 870 -42.85 43.15 29.34
N TRP C 871 -42.03 42.55 28.48
CA TRP C 871 -42.15 42.81 27.04
C TRP C 871 -43.01 41.74 26.39
N GLN C 872 -44.14 42.14 25.84
CA GLN C 872 -45.09 41.18 25.32
C GLN C 872 -45.28 41.36 23.84
N HIS C 873 -45.71 40.29 23.19
CA HIS C 873 -46.08 40.33 21.80
C HIS C 873 -47.23 39.37 21.60
N GLN C 874 -48.37 39.93 21.18
CA GLN C 874 -49.58 39.16 20.95
C GLN C 874 -49.83 38.10 22.04
N GLY C 875 -49.87 38.56 23.29
CA GLY C 875 -50.20 37.72 24.44
C GLY C 875 -49.07 36.90 25.06
N LYS C 876 -47.91 36.87 24.42
CA LYS C 876 -46.77 36.07 24.90
C LYS C 876 -45.70 36.94 25.59
N THR C 877 -45.35 36.61 26.84
CA THR C 877 -44.28 37.33 27.51
C THR C 877 -42.90 36.83 27.07
N LEU C 878 -42.11 37.71 26.46
CA LEU C 878 -40.79 37.36 25.97
C LEU C 878 -39.76 37.61 27.04
N PHE C 879 -39.81 38.81 27.62
CA PHE C 879 -38.81 39.25 28.60
C PHE C 879 -39.43 39.89 29.85
N ILE C 880 -38.83 39.63 31.00
CA ILE C 880 -39.15 40.35 32.23
C ILE C 880 -37.89 41.05 32.73
N SER C 881 -37.94 42.38 32.85
CA SER C 881 -36.81 43.16 33.36
C SER C 881 -37.12 43.75 34.72
N ARG C 882 -36.42 43.25 35.74
CA ARG C 882 -36.55 43.76 37.11
C ARG C 882 -35.34 44.61 37.45
N LYS C 883 -35.57 45.81 37.99
CA LYS C 883 -34.47 46.74 38.30
C LYS C 883 -34.54 47.34 39.70
N THR C 884 -33.37 47.74 40.21
CA THR C 884 -33.29 48.70 41.33
C THR C 884 -32.32 49.81 40.95
N TYR C 885 -32.74 51.04 41.22
CA TYR C 885 -31.87 52.22 41.08
C TYR C 885 -31.57 52.79 42.47
N ARG C 886 -30.30 52.76 42.87
CA ARG C 886 -29.91 53.23 44.18
C ARG C 886 -29.13 54.54 44.06
N ILE C 887 -29.76 55.64 44.47
CA ILE C 887 -29.12 56.95 44.42
C ILE C 887 -28.76 57.42 45.83
N ASP C 888 -27.46 57.55 46.10
CA ASP C 888 -26.99 57.87 47.46
C ASP C 888 -26.35 59.27 47.59
N GLY C 889 -25.75 59.50 48.77
CA GLY C 889 -25.18 60.79 49.13
C GLY C 889 -24.13 61.36 48.18
N SER C 890 -23.26 60.50 47.67
CA SER C 890 -22.17 60.94 46.79
C SER C 890 -22.63 61.31 45.38
N GLY C 891 -23.90 61.05 45.07
CA GLY C 891 -24.48 61.40 43.77
C GLY C 891 -24.34 60.30 42.72
N GLN C 892 -24.32 59.05 43.20
CA GLN C 892 -24.16 57.90 42.33
C GLN C 892 -25.45 57.12 42.23
N MET C 893 -25.72 56.64 41.03
CA MET C 893 -26.89 55.80 40.78
C MET C 893 -26.43 54.37 40.49
N ALA C 894 -26.75 53.45 41.38
CA ALA C 894 -26.45 52.05 41.15
C ALA C 894 -27.67 51.34 40.55
N ILE C 895 -27.53 50.96 39.27
CA ILE C 895 -28.59 50.28 38.55
C ILE C 895 -28.35 48.76 38.51
N THR C 896 -29.19 48.02 39.23
CA THR C 896 -29.16 46.56 39.20
C THR C 896 -30.28 46.03 38.29
N VAL C 897 -29.94 45.11 37.37
CA VAL C 897 -30.90 44.57 36.39
C VAL C 897 -30.90 43.05 36.40
N ASP C 898 -32.10 42.48 36.53
CA ASP C 898 -32.28 41.03 36.51
C ASP C 898 -33.34 40.65 35.47
N VAL C 899 -32.89 40.05 34.36
CA VAL C 899 -33.74 39.78 33.21
C VAL C 899 -34.14 38.30 33.10
N GLU C 900 -35.42 38.05 32.83
CA GLU C 900 -35.91 36.70 32.50
C GLU C 900 -36.17 36.62 31.01
N VAL C 901 -35.72 35.53 30.40
CA VAL C 901 -35.95 35.29 28.98
C VAL C 901 -36.71 33.97 28.85
N ALA C 902 -37.91 34.01 28.27
CA ALA C 902 -38.71 32.81 28.05
C ALA C 902 -37.92 31.83 27.19
N SER C 903 -37.81 30.58 27.67
CA SER C 903 -36.95 29.58 27.03
C SER C 903 -37.33 29.27 25.58
N ASP C 904 -38.61 29.44 25.25
CA ASP C 904 -39.13 29.10 23.94
C ASP C 904 -39.07 30.23 22.92
N THR C 905 -38.65 31.42 23.34
CA THR C 905 -38.41 32.50 22.38
C THR C 905 -36.97 32.37 21.89
N PRO C 906 -36.71 32.74 20.63
CA PRO C 906 -35.34 32.67 20.18
C PRO C 906 -34.45 33.51 21.09
N HIS C 907 -33.20 33.08 21.23
CA HIS C 907 -32.22 33.78 22.05
C HIS C 907 -31.96 35.19 21.51
N PRO C 908 -32.09 36.21 22.37
CA PRO C 908 -32.01 37.61 21.96
C PRO C 908 -30.62 38.01 21.49
N ALA C 909 -30.57 39.05 20.67
CA ALA C 909 -29.31 39.56 20.16
C ALA C 909 -28.49 40.22 21.28
N ARG C 910 -29.18 40.71 22.31
CA ARG C 910 -28.55 41.44 23.43
C ARG C 910 -29.48 41.59 24.61
N ILE C 911 -28.90 41.74 25.80
CA ILE C 911 -29.64 42.15 26.97
C ILE C 911 -28.95 43.36 27.59
N GLY C 912 -29.55 44.52 27.46
CA GLY C 912 -28.94 45.75 27.92
C GLY C 912 -29.89 46.91 28.10
N LEU C 913 -29.29 48.10 28.16
CA LEU C 913 -30.00 49.35 28.29
C LEU C 913 -29.50 50.27 27.21
N ASN C 914 -30.39 51.12 26.72
CA ASN C 914 -29.96 52.18 25.81
C ASN C 914 -30.69 53.48 26.11
N CYS C 915 -30.12 54.58 25.60
CA CYS C 915 -30.69 55.91 25.76
C CYS C 915 -30.00 56.87 24.80
N GLN C 916 -30.67 57.97 24.49
CA GLN C 916 -30.07 59.04 23.69
C GLN C 916 -29.61 60.14 24.64
N LEU C 917 -28.32 60.43 24.60
CA LEU C 917 -27.74 61.50 25.41
C LEU C 917 -27.78 62.81 24.65
N ALA C 918 -28.03 63.90 25.37
CA ALA C 918 -28.01 65.25 24.80
C ALA C 918 -26.60 65.66 24.45
N GLN C 919 -25.68 65.39 25.38
CA GLN C 919 -24.24 65.66 25.24
C GLN C 919 -23.63 65.14 23.93
N VAL C 920 -22.71 65.90 23.34
CA VAL C 920 -21.95 65.44 22.17
C VAL C 920 -20.48 65.78 22.39
N ALA C 921 -19.72 64.83 22.91
CA ALA C 921 -18.33 65.05 23.27
C ALA C 921 -17.40 64.55 22.17
N GLU C 922 -16.20 65.10 22.13
CA GLU C 922 -15.22 64.80 21.08
C GLU C 922 -14.57 63.43 21.29
N ARG C 923 -14.46 63.02 22.56
CA ARG C 923 -13.63 61.89 22.93
C ARG C 923 -14.41 60.85 23.70
N VAL C 924 -14.04 59.59 23.51
CA VAL C 924 -14.58 58.50 24.30
C VAL C 924 -13.45 57.81 25.05
N ASN C 925 -13.64 57.62 26.35
CA ASN C 925 -12.58 57.10 27.21
C ASN C 925 -13.07 55.91 28.01
N TRP C 926 -12.38 54.77 27.87
CA TRP C 926 -12.80 53.58 28.60
C TRP C 926 -11.67 52.64 29.01
N LEU C 927 -11.94 51.92 30.11
CA LEU C 927 -11.09 50.86 30.61
C LEU C 927 -11.76 49.54 30.24
N GLY C 928 -11.17 48.88 29.26
CA GLY C 928 -11.67 47.58 28.78
C GLY C 928 -10.94 47.14 27.53
N LEU C 929 -11.59 46.26 26.78
CA LEU C 929 -10.99 45.66 25.61
C LEU C 929 -10.96 46.68 24.49
N GLY C 930 -9.85 46.75 23.78
CA GLY C 930 -9.72 47.74 22.72
C GLY C 930 -8.36 47.67 22.04
N PRO C 931 -8.03 48.70 21.23
CA PRO C 931 -8.91 49.87 21.01
C PRO C 931 -10.03 49.64 20.00
N GLN C 932 -9.87 48.66 19.11
CA GLN C 932 -10.84 48.46 18.04
C GLN C 932 -12.13 47.74 18.46
N GLU C 933 -13.11 47.77 17.57
CA GLU C 933 -14.36 47.04 17.72
C GLU C 933 -14.11 45.56 18.06
N ASN C 934 -14.83 45.09 19.06
CA ASN C 934 -14.71 43.69 19.44
C ASN C 934 -16.00 43.14 19.96
N TYR C 935 -16.31 41.90 19.57
CA TYR C 935 -17.52 41.21 20.04
C TYR C 935 -17.17 39.94 20.78
N PRO C 936 -18.12 39.36 21.53
CA PRO C 936 -17.78 38.22 22.36
C PRO C 936 -17.06 37.10 21.60
N ASP C 937 -17.43 36.85 20.35
CA ASP C 937 -16.76 35.79 19.58
C ASP C 937 -15.71 36.33 18.62
N ARG C 938 -15.39 37.60 18.77
CA ARG C 938 -14.28 38.21 18.07
C ARG C 938 -13.63 39.27 18.97
N LEU C 939 -12.93 38.83 20.01
CA LEU C 939 -12.28 39.76 20.94
C LEU C 939 -10.86 39.36 21.37
N THR C 940 -10.29 38.32 20.78
CA THR C 940 -8.98 37.83 21.24
C THR C 940 -7.86 38.80 20.90
N ALA C 941 -8.08 39.62 19.88
CA ALA C 941 -7.12 40.62 19.44
C ALA C 941 -7.16 41.87 20.31
N ALA C 942 -8.30 42.15 20.90
CA ALA C 942 -8.45 43.32 21.74
C ALA C 942 -7.64 43.15 23.03
N CYS C 943 -7.12 44.26 23.56
CA CYS C 943 -6.44 44.22 24.85
C CYS C 943 -7.20 45.00 25.92
N PHE C 944 -7.17 44.48 27.15
CA PHE C 944 -7.65 45.23 28.31
C PHE C 944 -6.61 46.29 28.65
N ASP C 945 -7.00 47.55 28.56
CA ASP C 945 -6.17 48.69 28.95
C ASP C 945 -7.08 49.93 28.98
N ARG C 946 -6.48 51.11 29.10
CA ARG C 946 -7.24 52.36 29.09
C ARG C 946 -7.14 52.99 27.71
N TRP C 947 -8.30 53.19 27.08
CA TRP C 947 -8.31 53.68 25.71
C TRP C 947 -9.03 55.03 25.61
N ASP C 948 -8.48 55.90 24.77
CA ASP C 948 -9.08 57.21 24.50
C ASP C 948 -9.12 57.41 23.00
N LEU C 949 -10.33 57.61 22.47
CA LEU C 949 -10.50 57.76 21.01
C LEU C 949 -11.51 58.86 20.63
N PRO C 950 -11.31 59.44 19.42
CA PRO C 950 -12.34 60.32 18.85
C PRO C 950 -13.65 59.57 18.72
N LEU C 951 -14.78 60.24 18.94
CA LEU C 951 -16.09 59.56 18.89
C LEU C 951 -16.32 58.81 17.57
N SER C 952 -15.89 59.41 16.47
CA SER C 952 -16.07 58.82 15.15
C SER C 952 -15.39 57.45 15.01
N ASP C 953 -14.31 57.22 15.76
CA ASP C 953 -13.62 55.92 15.79
C ASP C 953 -14.42 54.82 16.53
N MET C 954 -15.49 55.20 17.21
CA MET C 954 -16.35 54.26 17.92
C MET C 954 -17.53 53.81 17.06
N TYR C 955 -17.53 54.24 15.81
CA TYR C 955 -18.49 53.79 14.80
C TYR C 955 -17.69 53.12 13.70
N THR C 956 -18.14 51.94 13.26
CA THR C 956 -17.51 51.27 12.11
C THR C 956 -18.36 51.43 10.85
N PRO C 957 -17.78 52.07 9.81
CA PRO C 957 -18.52 52.44 8.61
C PRO C 957 -18.76 51.29 7.63
N TYR C 958 -19.41 50.22 8.10
CA TYR C 958 -19.81 49.15 7.20
C TYR C 958 -20.67 49.72 6.10
N VAL C 959 -20.41 49.29 4.87
CA VAL C 959 -21.17 49.74 3.72
C VAL C 959 -22.66 49.46 3.90
N PHE C 960 -23.00 48.25 4.35
CA PHE C 960 -24.37 47.95 4.75
C PHE C 960 -24.47 48.09 6.28
N PRO C 961 -25.14 49.13 6.76
CA PRO C 961 -25.13 49.41 8.20
C PRO C 961 -25.84 48.37 9.07
N SER C 962 -25.34 48.24 10.30
CA SER C 962 -25.83 47.28 11.28
C SER C 962 -25.31 47.69 12.65
N GLU C 963 -25.61 46.91 13.68
CA GLU C 963 -24.92 47.04 14.96
C GLU C 963 -23.40 46.99 14.73
N ASN C 964 -22.67 47.87 15.40
CA ASN C 964 -21.25 48.06 15.14
C ASN C 964 -20.64 48.85 16.27
N GLY C 965 -19.32 48.74 16.44
CA GLY C 965 -18.61 49.57 17.38
C GLY C 965 -18.53 49.05 18.80
N LEU C 966 -19.16 47.91 19.08
CA LEU C 966 -19.12 47.34 20.42
C LEU C 966 -17.70 47.15 20.92
N ARG C 967 -17.56 47.29 22.24
CA ARG C 967 -16.33 46.98 22.96
C ARG C 967 -16.74 46.20 24.20
N CYS C 968 -16.06 45.10 24.46
CA CYS C 968 -16.48 44.17 25.51
C CYS C 968 -15.63 44.29 26.76
N GLY C 969 -16.03 43.56 27.81
CA GLY C 969 -15.27 43.47 29.05
C GLY C 969 -14.80 44.82 29.56
N THR C 970 -15.73 45.77 29.63
CA THR C 970 -15.42 47.14 29.97
C THR C 970 -15.81 47.42 31.41
N ARG C 971 -14.85 47.90 32.20
CA ARG C 971 -15.07 48.13 33.62
C ARG C 971 -15.45 49.59 33.96
N GLU C 972 -15.23 50.49 33.01
CA GLU C 972 -15.47 51.93 33.19
C GLU C 972 -15.54 52.66 31.85
N LEU C 973 -16.60 53.44 31.65
CA LEU C 973 -16.76 54.26 30.43
C LEU C 973 -16.94 55.75 30.77
N ASN C 974 -16.22 56.61 30.04
CA ASN C 974 -16.29 58.06 30.25
C ASN C 974 -16.70 58.80 28.99
N TYR C 975 -17.75 59.61 29.09
CA TYR C 975 -18.21 60.41 27.95
C TYR C 975 -18.74 61.77 28.43
N GLY C 976 -18.00 62.82 28.08
CA GLY C 976 -18.21 64.15 28.62
C GLY C 976 -18.25 64.11 30.14
N PRO C 977 -19.41 64.48 30.73
CA PRO C 977 -19.49 64.55 32.19
C PRO C 977 -19.81 63.20 32.85
N HIS C 978 -20.08 62.19 32.04
CA HIS C 978 -20.60 60.91 32.54
C HIS C 978 -19.54 59.83 32.73
N GLN C 979 -19.72 59.04 33.79
CA GLN C 979 -18.91 57.84 34.01
C GLN C 979 -19.82 56.65 34.36
N TRP C 980 -19.61 55.53 33.66
CA TRP C 980 -20.29 54.28 33.97
C TRP C 980 -19.27 53.23 34.42
N ARG C 981 -19.60 52.53 35.49
CA ARG C 981 -18.74 51.52 36.07
C ARG C 981 -19.47 50.21 36.28
N GLY C 982 -18.78 49.10 35.97
CA GLY C 982 -19.32 47.76 36.13
C GLY C 982 -18.51 46.76 35.31
N ASP C 983 -19.22 45.89 34.59
CA ASP C 983 -18.61 44.90 33.71
C ASP C 983 -19.59 44.69 32.57
N PHE C 984 -19.38 45.43 31.48
CA PHE C 984 -20.38 45.53 30.43
C PHE C 984 -19.78 45.63 29.03
N GLN C 985 -20.63 45.52 28.02
CA GLN C 985 -20.22 45.81 26.64
C GLN C 985 -20.98 47.05 26.21
N PHE C 986 -20.38 47.85 25.34
CA PHE C 986 -20.99 49.12 24.95
C PHE C 986 -20.68 49.51 23.52
N ASN C 987 -21.62 50.19 22.88
CA ASN C 987 -21.30 50.99 21.70
C ASN C 987 -21.86 52.40 21.88
N ILE C 988 -21.26 53.35 21.17
CA ILE C 988 -21.62 54.74 21.36
C ILE C 988 -21.41 55.50 20.04
N SER C 989 -22.44 56.23 19.61
CA SER C 989 -22.48 56.80 18.26
C SER C 989 -23.62 57.79 18.04
N ARG C 990 -23.55 58.52 16.94
CA ARG C 990 -24.63 59.43 16.54
C ARG C 990 -25.74 58.74 15.71
N TYR C 991 -25.83 57.41 15.79
CA TYR C 991 -26.85 56.64 15.04
C TYR C 991 -27.58 55.66 15.93
N SER C 992 -28.90 55.72 15.92
CA SER C 992 -29.74 54.80 16.66
C SER C 992 -29.71 53.41 16.04
N GLN C 993 -30.12 52.40 16.80
CA GLN C 993 -30.29 51.06 16.26
C GLN C 993 -31.41 51.07 15.20
N GLN C 994 -32.43 51.88 15.43
CA GLN C 994 -33.55 52.05 14.50
C GLN C 994 -33.10 52.55 13.12
N GLN C 995 -32.20 53.53 13.11
CA GLN C 995 -31.75 54.08 11.83
C GLN C 995 -30.80 53.14 11.09
N LEU C 996 -29.95 52.42 11.83
CA LEU C 996 -28.97 51.50 11.23
C LEU C 996 -29.68 50.36 10.52
N MET C 997 -30.78 49.90 11.11
CA MET C 997 -31.53 48.81 10.53
C MET C 997 -32.50 49.26 9.42
N GLU C 998 -32.80 50.56 9.40
CA GLU C 998 -33.70 51.13 8.38
C GLU C 998 -32.97 51.69 7.16
N THR C 999 -31.66 51.91 7.26
CA THR C 999 -30.89 52.50 6.17
C THR C 999 -30.04 51.46 5.43
N SER C 1000 -30.17 51.42 4.11
CA SER C 1000 -29.53 50.39 3.31
C SER C 1000 -28.04 50.64 3.09
N HIS C 1001 -27.66 51.91 2.99
CA HIS C 1001 -26.27 52.27 2.68
C HIS C 1001 -25.67 53.23 3.71
N ARG C 1002 -24.37 53.16 3.89
CA ARG C 1002 -23.68 53.98 4.89
C ARG C 1002 -23.71 55.48 4.60
N HIS C 1003 -23.76 55.85 3.32
CA HIS C 1003 -23.67 57.25 2.89
C HIS C 1003 -24.98 58.02 3.08
N LEU C 1004 -26.05 57.29 3.37
CA LEU C 1004 -27.37 57.88 3.58
C LEU C 1004 -27.67 58.12 5.05
N LEU C 1005 -26.73 57.78 5.93
CA LEU C 1005 -26.91 57.92 7.38
C LEU C 1005 -26.83 59.39 7.82
N HIS C 1006 -27.74 59.76 8.71
CA HIS C 1006 -27.78 61.12 9.28
C HIS C 1006 -27.47 61.14 10.78
N ALA C 1007 -26.39 61.85 11.15
CA ALA C 1007 -26.08 62.06 12.55
C ALA C 1007 -27.32 62.61 13.26
N GLU C 1008 -27.82 61.85 14.23
CA GLU C 1008 -28.97 62.27 15.03
C GLU C 1008 -28.60 63.29 16.13
N GLU C 1009 -29.60 63.95 16.68
CA GLU C 1009 -29.41 64.89 17.77
C GLU C 1009 -28.81 64.13 18.95
N GLY C 1010 -27.68 64.61 19.46
CA GLY C 1010 -27.06 63.99 20.63
C GLY C 1010 -26.27 62.73 20.32
N THR C 1011 -26.22 61.82 21.29
CA THR C 1011 -25.39 60.62 21.18
C THR C 1011 -26.12 59.38 21.69
N TRP C 1012 -26.22 58.37 20.83
CA TRP C 1012 -26.84 57.10 21.20
C TRP C 1012 -25.86 56.17 21.91
N LEU C 1013 -26.26 55.73 23.10
CA LEU C 1013 -25.45 54.89 23.95
C LEU C 1013 -26.12 53.54 24.20
N ASN C 1014 -25.41 52.47 23.85
CA ASN C 1014 -25.88 51.11 24.11
C ASN C 1014 -24.98 50.41 25.12
N ILE C 1015 -25.48 50.21 26.34
CA ILE C 1015 -24.73 49.46 27.36
C ILE C 1015 -25.37 48.09 27.53
N ASP C 1016 -24.56 47.05 27.34
CA ASP C 1016 -25.04 45.66 27.39
C ASP C 1016 -24.40 44.91 28.50
N GLY C 1017 -25.22 44.22 29.31
CA GLY C 1017 -24.70 43.21 30.22
C GLY C 1017 -24.16 42.07 29.38
N PHE C 1018 -24.92 41.70 28.36
CA PHE C 1018 -24.64 40.53 27.56
C PHE C 1018 -24.99 40.80 26.11
N HIS C 1019 -24.18 40.26 25.22
CA HIS C 1019 -24.38 40.45 23.78
C HIS C 1019 -24.08 39.16 23.03
N MET C 1020 -25.01 38.74 22.18
CA MET C 1020 -24.84 37.57 21.33
C MET C 1020 -23.62 37.69 20.39
N GLY C 1021 -22.99 36.55 20.09
CA GLY C 1021 -21.92 36.53 19.11
C GLY C 1021 -22.37 37.02 17.75
N ILE C 1022 -21.42 37.32 16.89
CA ILE C 1022 -21.70 37.82 15.55
C ILE C 1022 -21.62 36.73 14.46
N GLY C 1023 -20.87 35.65 14.74
CA GLY C 1023 -20.74 34.50 13.84
C GLY C 1023 -19.94 34.78 12.56
N GLY C 1024 -20.20 34.00 11.51
CA GLY C 1024 -19.54 34.19 10.23
C GLY C 1024 -18.76 33.03 9.65
N ASP C 1025 -18.93 31.82 10.21
CA ASP C 1025 -18.43 30.61 9.56
C ASP C 1025 -18.99 30.57 8.15
N ASP C 1026 -20.22 31.05 8.00
CA ASP C 1026 -20.74 31.49 6.71
C ASP C 1026 -21.75 32.61 6.90
N SER C 1027 -22.30 33.10 5.80
CA SER C 1027 -23.27 34.20 5.83
C SER C 1027 -24.61 33.84 5.20
N TRP C 1028 -24.91 32.54 5.12
CA TRP C 1028 -26.17 32.07 4.54
C TRP C 1028 -26.96 31.11 5.42
N SER C 1029 -26.37 30.71 6.55
CA SER C 1029 -27.09 29.95 7.58
C SER C 1029 -26.60 30.42 8.95
N PRO C 1030 -27.45 30.35 9.99
CA PRO C 1030 -27.03 30.81 11.31
C PRO C 1030 -25.71 30.17 11.67
N SER C 1031 -24.77 30.97 12.18
CA SER C 1031 -23.41 30.51 12.41
C SER C 1031 -22.85 30.94 13.76
N VAL C 1032 -23.71 31.43 14.64
CA VAL C 1032 -23.27 31.83 15.96
C VAL C 1032 -23.23 30.58 16.81
N SER C 1033 -22.08 30.32 17.42
CA SER C 1033 -21.88 29.10 18.18
C SER C 1033 -22.67 29.12 19.49
N ALA C 1034 -23.13 27.95 19.92
CA ALA C 1034 -23.94 27.81 21.15
C ALA C 1034 -23.43 28.63 22.35
N GLU C 1035 -22.13 28.60 22.61
CA GLU C 1035 -21.60 29.25 23.80
C GLU C 1035 -21.67 30.78 23.71
N PHE C 1036 -22.00 31.29 22.53
CA PHE C 1036 -22.14 32.74 22.30
C PHE C 1036 -23.61 33.15 22.05
N GLN C 1037 -24.54 32.20 22.18
CA GLN C 1037 -25.97 32.51 22.18
C GLN C 1037 -26.40 32.82 23.59
N LEU C 1038 -27.30 33.79 23.74
CA LEU C 1038 -27.76 34.21 25.06
C LEU C 1038 -28.90 33.33 25.52
N SER C 1039 -28.54 32.16 26.03
CA SER C 1039 -29.51 31.10 26.25
C SER C 1039 -29.72 30.74 27.70
N ALA C 1040 -29.07 31.50 28.59
CA ALA C 1040 -29.06 31.14 30.00
C ALA C 1040 -30.44 31.24 30.65
N GLY C 1041 -31.29 32.13 30.12
CA GLY C 1041 -32.66 32.28 30.60
C GLY C 1041 -32.81 33.35 31.66
N ARG C 1042 -31.86 33.40 32.60
CA ARG C 1042 -31.80 34.45 33.63
C ARG C 1042 -30.46 35.16 33.56
N TYR C 1043 -30.49 36.49 33.49
CA TYR C 1043 -29.29 37.27 33.38
C TYR C 1043 -29.20 38.33 34.46
N HIS C 1044 -27.98 38.58 34.93
CA HIS C 1044 -27.72 39.60 35.93
C HIS C 1044 -26.61 40.55 35.52
N TYR C 1045 -26.88 41.85 35.57
CA TYR C 1045 -25.80 42.83 35.51
C TYR C 1045 -26.05 44.00 36.45
N GLN C 1046 -24.98 44.70 36.81
CA GLN C 1046 -25.08 45.87 37.67
C GLN C 1046 -24.23 47.00 37.14
N LEU C 1047 -24.74 48.21 37.28
CA LEU C 1047 -24.05 49.42 36.83
C LEU C 1047 -24.01 50.48 37.92
N VAL C 1048 -23.08 51.41 37.77
CA VAL C 1048 -23.06 52.63 38.55
C VAL C 1048 -22.98 53.80 37.57
N TRP C 1049 -23.96 54.72 37.67
CA TRP C 1049 -23.94 55.96 36.89
C TRP C 1049 -23.64 57.11 37.83
N CYS C 1050 -22.60 57.88 37.52
CA CYS C 1050 -22.34 59.10 38.26
C CYS C 1050 -21.62 60.11 37.41
N GLN C 1051 -21.79 61.38 37.77
CA GLN C 1051 -21.11 62.48 37.12
C GLN C 1051 -19.69 62.59 37.69
N LYS C 1052 -18.69 62.73 36.83
CA LYS C 1052 -17.29 62.90 37.28
C LYS C 1052 -16.76 64.32 36.98
N VAL D 38 15.69 -32.31 46.40
CA VAL D 38 15.57 -31.78 45.01
C VAL D 38 14.68 -30.54 44.95
N VAL D 39 13.46 -30.68 45.47
CA VAL D 39 12.39 -29.67 45.39
C VAL D 39 12.75 -28.34 46.07
N LEU D 40 13.45 -28.44 47.19
CA LEU D 40 13.83 -27.26 47.97
C LEU D 40 15.19 -26.69 47.57
N GLN D 41 16.08 -27.55 47.06
CA GLN D 41 17.38 -27.11 46.55
C GLN D 41 17.25 -26.38 45.21
N ARG D 42 16.19 -26.70 44.48
CA ARG D 42 16.01 -26.16 43.14
C ARG D 42 15.50 -24.74 43.08
N ARG D 43 14.65 -24.36 44.03
CA ARG D 43 14.11 -23.00 44.07
C ARG D 43 13.54 -22.60 42.71
N ASP D 44 12.61 -23.41 42.21
CA ASP D 44 12.00 -23.16 40.92
C ASP D 44 11.17 -21.88 40.89
N TRP D 45 10.77 -21.41 42.06
CA TRP D 45 10.00 -20.17 42.21
C TRP D 45 10.86 -18.89 42.18
N GLU D 46 12.17 -19.06 42.04
CA GLU D 46 13.07 -17.91 41.87
C GLU D 46 13.82 -18.03 40.55
N ASN D 47 13.11 -18.51 39.54
CA ASN D 47 13.71 -18.81 38.22
C ASN D 47 12.68 -18.63 37.08
N PRO D 48 12.84 -17.56 36.28
CA PRO D 48 11.91 -17.24 35.20
C PRO D 48 11.98 -18.24 34.04
N GLY D 49 12.99 -19.11 34.05
CA GLY D 49 13.15 -20.16 33.07
C GLY D 49 12.41 -21.45 33.41
N VAL D 50 12.02 -21.59 34.68
CA VAL D 50 11.15 -22.66 35.13
C VAL D 50 9.81 -22.06 35.55
N THR D 51 8.83 -22.22 34.67
CA THR D 51 7.48 -21.71 34.90
C THR D 51 6.52 -22.88 35.11
N GLN D 52 7.02 -24.09 34.90
CA GLN D 52 6.25 -25.31 35.17
C GLN D 52 7.13 -26.56 35.09
N LEU D 53 6.69 -27.63 35.75
CA LEU D 53 7.33 -28.93 35.64
C LEU D 53 6.28 -30.03 35.48
N ASN D 54 6.36 -30.76 34.36
CA ASN D 54 5.42 -31.84 34.04
C ASN D 54 3.96 -31.41 33.81
N ARG D 55 3.76 -30.15 33.49
CA ARG D 55 2.41 -29.64 33.21
C ARG D 55 1.92 -30.14 31.86
N LEU D 56 0.66 -30.53 31.78
CA LEU D 56 0.09 -30.95 30.52
C LEU D 56 -0.19 -29.73 29.67
N ALA D 57 -0.15 -29.94 28.34
CA ALA D 57 -0.39 -28.88 27.36
C ALA D 57 -1.76 -28.26 27.60
N ALA D 58 -1.88 -26.95 27.39
CA ALA D 58 -3.15 -26.25 27.52
C ALA D 58 -4.07 -26.55 26.33
N HIS D 59 -5.36 -26.25 26.48
CA HIS D 59 -6.42 -26.70 25.56
C HIS D 59 -7.77 -26.10 25.95
N PRO D 60 -8.77 -26.13 25.04
CA PRO D 60 -10.11 -25.62 25.36
C PRO D 60 -10.80 -26.52 26.39
N PRO D 61 -11.87 -26.03 27.05
CA PRO D 61 -12.48 -26.80 28.14
C PRO D 61 -12.89 -28.19 27.69
N PHE D 62 -12.49 -29.19 28.48
CA PHE D 62 -12.83 -30.60 28.26
C PHE D 62 -13.76 -31.14 29.35
N ALA D 63 -14.58 -32.13 28.99
CA ALA D 63 -15.46 -32.82 29.93
C ALA D 63 -15.41 -34.34 29.74
N SER D 64 -14.80 -34.77 28.62
CA SER D 64 -14.74 -36.16 28.20
C SER D 64 -16.06 -36.92 28.40
N TRP D 65 -17.14 -36.38 27.85
CA TRP D 65 -18.40 -37.10 27.77
C TRP D 65 -18.22 -38.45 27.08
N ARG D 66 -19.02 -39.44 27.49
CA ARG D 66 -19.04 -40.75 26.81
C ARG D 66 -20.43 -40.98 26.23
N ASN D 67 -21.17 -39.90 26.09
CA ASN D 67 -22.49 -39.95 25.54
C ASN D 67 -22.71 -38.66 24.74
N SER D 68 -22.99 -38.83 23.45
CA SER D 68 -23.07 -37.70 22.53
C SER D 68 -24.21 -36.75 22.86
N GLU D 69 -25.31 -37.29 23.37
CA GLU D 69 -26.44 -36.47 23.77
C GLU D 69 -26.10 -35.55 24.95
N GLU D 70 -25.28 -36.03 25.88
CA GLU D 70 -24.94 -35.26 27.06
C GLU D 70 -24.01 -34.10 26.64
N ALA D 71 -23.17 -34.39 25.65
CA ALA D 71 -22.26 -33.41 25.09
C ALA D 71 -23.04 -32.29 24.39
N ARG D 72 -24.05 -32.67 23.62
CA ARG D 72 -24.89 -31.70 22.92
C ARG D 72 -25.63 -30.77 23.88
N THR D 73 -26.19 -31.34 24.95
CA THR D 73 -26.99 -30.60 25.92
C THR D 73 -26.14 -29.90 26.98
N ASP D 74 -24.85 -30.20 27.00
CA ASP D 74 -23.91 -29.61 27.98
C ASP D 74 -24.27 -30.00 29.42
N ARG D 75 -24.78 -31.22 29.59
CA ARG D 75 -25.16 -31.69 30.92
C ARG D 75 -23.89 -32.18 31.62
N PRO D 76 -23.97 -32.52 32.92
CA PRO D 76 -22.75 -32.93 33.61
C PRO D 76 -22.13 -34.17 32.98
N SER D 77 -20.84 -34.37 33.26
CA SER D 77 -20.12 -35.53 32.75
C SER D 77 -19.57 -36.33 33.91
N GLN D 78 -19.75 -37.64 33.85
CA GLN D 78 -19.21 -38.53 34.87
C GLN D 78 -17.68 -38.52 34.90
N GLN D 79 -17.07 -38.09 33.80
CA GLN D 79 -15.60 -38.12 33.64
C GLN D 79 -14.91 -36.85 34.14
N LEU D 80 -15.72 -35.89 34.61
CA LEU D 80 -15.19 -34.68 35.23
C LEU D 80 -15.77 -34.50 36.64
N ARG D 81 -14.95 -34.73 37.66
CA ARG D 81 -15.35 -34.64 39.07
C ARG D 81 -14.84 -33.36 39.72
N SER D 82 -15.72 -32.66 40.42
CA SER D 82 -15.27 -31.53 41.23
C SER D 82 -14.59 -32.05 42.49
N LEU D 83 -13.42 -31.50 42.81
CA LEU D 83 -12.77 -31.75 44.11
C LEU D 83 -12.91 -30.53 45.04
N ASN D 84 -13.85 -29.64 44.72
CA ASN D 84 -14.19 -28.52 45.58
C ASN D 84 -14.92 -29.01 46.84
N GLY D 85 -14.61 -28.39 47.97
CA GLY D 85 -15.18 -28.77 49.25
C GLY D 85 -14.19 -28.52 50.37
N GLU D 86 -14.19 -29.40 51.37
CA GLU D 86 -13.33 -29.26 52.54
C GLU D 86 -11.98 -29.95 52.36
N TRP D 87 -10.92 -29.15 52.41
CA TRP D 87 -9.54 -29.61 52.36
C TRP D 87 -8.90 -29.30 53.71
N ARG D 88 -7.66 -29.77 53.88
CA ARG D 88 -6.88 -29.45 55.07
C ARG D 88 -5.79 -28.42 54.73
N PHE D 89 -5.53 -27.49 55.65
CA PHE D 89 -4.64 -26.35 55.38
C PHE D 89 -3.80 -25.93 56.60
N ALA D 90 -2.52 -25.69 56.36
CA ALA D 90 -1.64 -25.07 57.35
C ALA D 90 -0.81 -23.95 56.72
N TRP D 91 -0.55 -22.90 57.48
CA TRP D 91 0.22 -21.73 57.03
C TRP D 91 1.66 -21.79 57.54
N PHE D 92 2.60 -21.36 56.71
CA PHE D 92 4.02 -21.34 57.09
C PHE D 92 4.70 -20.06 56.62
N PRO D 93 5.71 -19.59 57.38
CA PRO D 93 6.40 -18.34 57.01
C PRO D 93 7.32 -18.48 55.79
N ALA D 94 7.72 -19.73 55.50
CA ALA D 94 8.62 -20.02 54.38
C ALA D 94 8.45 -21.47 53.97
N PRO D 95 8.88 -21.82 52.73
CA PRO D 95 8.83 -23.22 52.32
C PRO D 95 9.85 -24.08 53.06
N GLU D 96 10.92 -23.44 53.55
CA GLU D 96 11.92 -24.12 54.35
C GLU D 96 11.33 -24.67 55.66
N ALA D 97 10.26 -24.01 56.14
CA ALA D 97 9.61 -24.34 57.41
C ALA D 97 8.55 -25.45 57.30
N VAL D 98 8.32 -25.93 56.09
CA VAL D 98 7.35 -27.01 55.88
C VAL D 98 7.97 -28.38 56.23
N PRO D 99 7.40 -29.08 57.23
CA PRO D 99 7.90 -30.39 57.67
C PRO D 99 7.73 -31.49 56.62
N GLU D 100 8.72 -32.38 56.50
CA GLU D 100 8.65 -33.47 55.52
C GLU D 100 7.54 -34.48 55.78
N SER D 101 7.00 -34.47 57.00
CA SER D 101 5.93 -35.38 57.41
C SER D 101 4.65 -35.13 56.62
N TRP D 102 4.49 -33.89 56.18
CA TRP D 102 3.29 -33.41 55.50
C TRP D 102 3.07 -34.06 54.14
N LEU D 103 4.16 -34.56 53.53
CA LEU D 103 4.06 -35.31 52.28
C LEU D 103 3.44 -36.67 52.50
N GLU D 104 3.56 -37.19 53.73
CA GLU D 104 3.11 -38.55 54.03
C GLU D 104 1.82 -38.58 54.86
N CYS D 105 1.66 -37.61 55.77
CA CYS D 105 0.51 -37.59 56.67
C CYS D 105 -0.06 -36.20 56.92
N ASP D 106 -1.35 -36.17 57.26
CA ASP D 106 -2.01 -34.94 57.69
C ASP D 106 -1.28 -34.34 58.89
N LEU D 107 -1.12 -33.02 58.88
CA LEU D 107 -0.55 -32.33 60.04
C LEU D 107 -1.68 -32.10 61.02
N PRO D 108 -1.56 -32.66 62.24
CA PRO D 108 -2.66 -32.60 63.22
C PRO D 108 -3.09 -31.17 63.56
N GLU D 109 -2.15 -30.23 63.58
CA GLU D 109 -2.45 -28.82 63.91
C GLU D 109 -3.15 -28.04 62.77
N ALA D 110 -3.17 -28.62 61.57
CA ALA D 110 -3.80 -27.99 60.39
C ALA D 110 -5.31 -27.87 60.54
N ASP D 111 -5.89 -26.89 59.85
CA ASP D 111 -7.33 -26.66 59.92
C ASP D 111 -8.05 -27.17 58.69
N THR D 112 -9.34 -27.44 58.85
CA THR D 112 -10.20 -27.76 57.73
C THR D 112 -10.79 -26.46 57.16
N VAL D 113 -10.50 -26.19 55.88
CA VAL D 113 -11.00 -24.99 55.20
C VAL D 113 -11.71 -25.35 53.90
N VAL D 114 -12.51 -24.40 53.41
CA VAL D 114 -13.17 -24.54 52.11
C VAL D 114 -12.21 -24.13 50.96
N VAL D 115 -12.16 -24.95 49.91
CA VAL D 115 -11.47 -24.62 48.67
C VAL D 115 -12.52 -24.65 47.55
N PRO D 116 -12.47 -23.69 46.62
CA PRO D 116 -11.50 -22.58 46.47
C PRO D 116 -11.66 -21.44 47.48
N SER D 117 -10.53 -20.84 47.84
CA SER D 117 -10.49 -19.65 48.70
C SER D 117 -9.11 -18.98 48.65
N ASN D 118 -9.04 -17.73 49.10
CA ASN D 118 -7.78 -17.04 49.38
C ASN D 118 -7.52 -17.09 50.88
N TRP D 119 -6.34 -17.55 51.26
CA TRP D 119 -6.05 -17.79 52.68
C TRP D 119 -5.98 -16.51 53.53
N GLN D 120 -5.87 -15.35 52.88
CA GLN D 120 -6.06 -14.05 53.53
C GLN D 120 -7.52 -13.82 53.94
N MET D 121 -8.45 -14.43 53.21
CA MET D 121 -9.87 -14.30 53.54
C MET D 121 -10.26 -15.17 54.73
N HIS D 122 -9.41 -16.16 55.02
CA HIS D 122 -9.55 -17.01 56.21
C HIS D 122 -8.78 -16.45 57.41
N GLY D 123 -7.96 -15.43 57.14
CA GLY D 123 -7.24 -14.67 58.18
C GLY D 123 -5.89 -15.22 58.61
N TYR D 124 -5.20 -15.92 57.71
CA TYR D 124 -3.91 -16.53 58.06
C TYR D 124 -2.74 -15.54 57.96
N ASP D 125 -2.79 -14.68 56.95
CA ASP D 125 -1.98 -13.46 56.90
C ASP D 125 -2.81 -12.29 56.31
N ALA D 126 -2.14 -11.18 55.98
CA ALA D 126 -2.83 -9.98 55.51
C ALA D 126 -2.87 -9.85 53.98
N PRO D 127 -4.03 -9.41 53.44
CA PRO D 127 -4.05 -8.99 52.04
C PRO D 127 -3.41 -7.59 51.93
N ILE D 128 -2.63 -7.39 50.89
CA ILE D 128 -1.90 -6.12 50.70
C ILE D 128 -2.51 -5.34 49.53
N TYR D 129 -2.88 -4.08 49.75
CA TYR D 129 -3.26 -3.23 48.61
C TYR D 129 -2.18 -2.24 48.17
N THR D 130 -1.58 -2.54 47.02
CA THR D 130 -0.67 -1.61 46.34
C THR D 130 -1.05 -1.47 44.87
N ASN D 131 -0.91 -0.26 44.37
CA ASN D 131 -1.28 0.06 42.99
C ASN D 131 -0.14 -0.28 42.02
N VAL D 132 0.87 0.60 41.98
CA VAL D 132 1.97 0.50 41.01
C VAL D 132 3.17 -0.20 41.61
N THR D 133 3.61 0.30 42.77
CA THR D 133 4.80 -0.21 43.45
C THR D 133 4.62 -1.69 43.80
N TYR D 134 5.62 -2.49 43.44
CA TYR D 134 5.59 -3.92 43.72
C TYR D 134 5.41 -4.22 45.21
N PRO D 135 4.64 -5.26 45.54
CA PRO D 135 4.43 -5.62 46.96
C PRO D 135 5.69 -6.21 47.60
N ILE D 136 6.72 -6.44 46.79
CA ILE D 136 8.01 -6.98 47.26
C ILE D 136 9.17 -6.11 46.76
N THR D 137 10.34 -6.31 47.35
CA THR D 137 11.55 -5.65 46.86
C THR D 137 11.79 -6.03 45.39
N VAL D 138 11.90 -5.02 44.52
CA VAL D 138 12.14 -5.25 43.09
C VAL D 138 13.60 -5.68 42.89
N ASN D 139 13.78 -6.98 42.70
CA ASN D 139 15.11 -7.58 42.55
C ASN D 139 14.99 -8.90 41.76
N PRO D 140 14.59 -8.81 40.48
CA PRO D 140 14.38 -10.03 39.68
C PRO D 140 15.67 -10.83 39.53
N PRO D 141 15.60 -12.18 39.62
CA PRO D 141 14.40 -13.03 39.78
C PRO D 141 13.97 -13.40 41.21
N PHE D 142 14.54 -12.74 42.21
CA PHE D 142 14.45 -13.19 43.60
C PHE D 142 13.25 -12.66 44.38
N VAL D 143 12.77 -13.49 45.30
CA VAL D 143 11.65 -13.12 46.18
C VAL D 143 12.12 -13.20 47.65
N PRO D 144 11.38 -12.56 48.58
CA PRO D 144 11.77 -12.58 49.99
C PRO D 144 11.96 -13.99 50.56
N THR D 145 12.83 -14.13 51.54
CA THR D 145 13.03 -15.42 52.20
C THR D 145 11.80 -15.75 53.04
N GLU D 146 11.21 -14.71 53.64
CA GLU D 146 9.90 -14.83 54.28
C GLU D 146 8.82 -14.83 53.22
N ASN D 147 8.42 -16.04 52.85
CA ASN D 147 7.52 -16.28 51.74
C ASN D 147 6.40 -17.17 52.24
N PRO D 148 5.25 -16.57 52.62
CA PRO D 148 4.15 -17.35 53.19
C PRO D 148 3.76 -18.55 52.33
N THR D 149 3.75 -19.74 52.94
CA THR D 149 3.50 -20.97 52.22
C THR D 149 2.19 -21.58 52.67
N GLY D 150 1.30 -21.86 51.71
CA GLY D 150 0.06 -22.56 51.98
C GLY D 150 0.24 -24.05 51.76
N CYS D 151 -0.11 -24.84 52.76
CA CYS D 151 -0.01 -26.28 52.64
C CYS D 151 -1.39 -26.90 52.60
N TYR D 152 -1.84 -27.21 51.39
CA TYR D 152 -3.16 -27.79 51.19
C TYR D 152 -3.03 -29.28 50.95
N SER D 153 -3.93 -30.04 51.56
CA SER D 153 -3.96 -31.49 51.39
C SER D 153 -5.39 -31.99 51.29
N LEU D 154 -5.59 -33.09 50.57
CA LEU D 154 -6.91 -33.74 50.44
C LEU D 154 -6.82 -35.25 50.35
N THR D 155 -7.68 -35.92 51.11
CA THR D 155 -7.86 -37.36 51.04
C THR D 155 -9.16 -37.63 50.27
N PHE D 156 -9.07 -38.47 49.25
CA PHE D 156 -10.19 -38.69 48.35
C PHE D 156 -10.13 -40.09 47.76
N ASN D 157 -11.30 -40.59 47.36
CA ASN D 157 -11.38 -41.86 46.67
C ASN D 157 -11.39 -41.69 45.16
N VAL D 158 -10.94 -42.71 44.46
CA VAL D 158 -11.05 -42.75 43.01
C VAL D 158 -11.91 -43.95 42.63
N ASP D 159 -12.89 -43.71 41.75
CA ASP D 159 -13.67 -44.76 41.08
C ASP D 159 -12.80 -45.93 40.62
N GLU D 160 -13.28 -47.13 40.90
CA GLU D 160 -12.64 -48.38 40.47
C GLU D 160 -12.01 -48.31 39.07
N SER D 161 -12.84 -47.99 38.07
CA SER D 161 -12.47 -48.15 36.66
C SER D 161 -11.39 -47.19 36.14
N TRP D 162 -11.27 -46.01 36.76
CA TRP D 162 -10.29 -44.99 36.34
C TRP D 162 -8.86 -45.43 36.53
N LEU D 163 -8.65 -46.47 37.33
CA LEU D 163 -7.32 -46.98 37.64
C LEU D 163 -6.85 -48.05 36.67
N GLN D 164 -7.78 -48.82 36.12
CA GLN D 164 -7.47 -49.90 35.20
C GLN D 164 -7.15 -49.39 33.79
N GLU D 165 -7.94 -48.42 33.32
CA GLU D 165 -7.88 -47.93 31.95
C GLU D 165 -7.97 -46.41 31.89
N GLY D 166 -7.34 -45.83 30.87
CA GLY D 166 -7.48 -44.42 30.56
C GLY D 166 -6.53 -43.49 31.30
N GLN D 167 -6.77 -42.19 31.17
CA GLN D 167 -5.91 -41.18 31.76
C GLN D 167 -6.66 -40.35 32.78
N THR D 168 -6.09 -40.22 33.98
CA THR D 168 -6.67 -39.36 34.99
C THR D 168 -5.76 -38.18 35.31
N ARG D 169 -6.26 -36.97 35.04
CA ARG D 169 -5.51 -35.75 35.31
C ARG D 169 -6.18 -34.92 36.37
N ILE D 170 -5.38 -34.18 37.14
CA ILE D 170 -5.92 -33.17 38.02
C ILE D 170 -5.73 -31.79 37.39
N ILE D 171 -6.78 -30.99 37.49
CA ILE D 171 -6.82 -29.65 36.95
C ILE D 171 -6.97 -28.65 38.10
N PHE D 172 -6.05 -27.69 38.19
CA PHE D 172 -6.16 -26.59 39.13
C PHE D 172 -6.41 -25.32 38.34
N ASP D 173 -7.65 -24.83 38.33
CA ASP D 173 -8.01 -23.65 37.52
C ASP D 173 -7.31 -22.35 37.89
N GLY D 174 -6.81 -22.25 39.11
CA GLY D 174 -6.18 -21.02 39.58
C GLY D 174 -5.50 -21.20 40.90
N VAL D 175 -4.20 -20.93 40.92
CA VAL D 175 -3.37 -21.06 42.11
C VAL D 175 -2.40 -19.88 42.12
N ASN D 176 -2.37 -19.18 43.24
CA ASN D 176 -1.71 -17.89 43.35
C ASN D 176 -0.59 -17.99 44.39
N SER D 177 0.69 -17.95 44.00
CA SER D 177 1.19 -17.62 42.66
C SER D 177 1.95 -18.77 41.96
N ALA D 178 2.41 -19.75 42.72
CA ALA D 178 3.16 -20.90 42.21
C ALA D 178 2.92 -22.06 43.16
N PHE D 179 3.12 -23.29 42.70
CA PHE D 179 2.92 -24.42 43.59
C PHE D 179 3.67 -25.68 43.18
N HIS D 180 4.01 -26.49 44.18
CA HIS D 180 4.45 -27.86 43.93
C HIS D 180 3.35 -28.83 44.31
N LEU D 181 3.24 -29.91 43.56
CA LEU D 181 2.18 -30.91 43.74
C LEU D 181 2.74 -32.31 44.01
N TRP D 182 2.20 -32.94 45.04
CA TRP D 182 2.57 -34.30 45.43
C TRP D 182 1.31 -35.14 45.51
N CYS D 183 1.38 -36.34 44.97
CA CYS D 183 0.30 -37.31 45.11
C CYS D 183 0.80 -38.59 45.78
N ASN D 184 0.22 -38.89 46.95
CA ASN D 184 0.62 -40.03 47.78
C ASN D 184 2.11 -40.04 48.14
N GLY D 185 2.64 -38.87 48.48
CA GLY D 185 4.04 -38.73 48.90
C GLY D 185 5.07 -38.60 47.78
N ARG D 186 4.70 -39.01 46.57
CA ARG D 186 5.57 -38.88 45.39
C ARG D 186 5.31 -37.57 44.64
N TRP D 187 6.36 -36.89 44.21
CA TRP D 187 6.25 -35.57 43.58
C TRP D 187 5.71 -35.65 42.15
N VAL D 188 4.75 -34.79 41.81
CA VAL D 188 4.15 -34.77 40.47
C VAL D 188 4.72 -33.67 39.58
N GLY D 189 4.51 -32.42 40.01
CA GLY D 189 4.91 -31.28 39.21
C GLY D 189 4.74 -29.94 39.89
N TYR D 190 4.96 -28.89 39.09
CA TYR D 190 5.11 -27.53 39.58
C TYR D 190 4.43 -26.60 38.58
N GLY D 191 3.84 -25.50 39.06
CA GLY D 191 3.09 -24.60 38.19
C GLY D 191 3.16 -23.12 38.53
N GLN D 192 3.19 -22.29 37.49
CA GLN D 192 3.08 -20.84 37.65
C GLN D 192 1.93 -20.25 36.80
N ASP D 193 1.77 -18.93 36.89
CA ASP D 193 0.64 -18.18 36.30
C ASP D 193 -0.63 -18.44 37.11
N SER D 194 -1.02 -17.44 37.88
CA SER D 194 -2.11 -17.53 38.85
C SER D 194 -3.46 -17.69 38.21
N ARG D 195 -3.55 -17.45 36.91
CA ARG D 195 -4.84 -17.18 36.30
C ARG D 195 -5.25 -18.14 35.21
N LEU D 196 -4.40 -19.12 34.92
CA LEU D 196 -4.72 -20.19 33.98
C LEU D 196 -4.60 -21.58 34.63
N PRO D 197 -5.31 -22.58 34.07
CA PRO D 197 -5.31 -23.93 34.69
C PRO D 197 -3.99 -24.68 34.53
N SER D 198 -3.48 -25.23 35.63
CA SER D 198 -2.34 -26.14 35.58
C SER D 198 -2.86 -27.56 35.65
N GLU D 199 -2.38 -28.41 34.76
CA GLU D 199 -2.92 -29.76 34.66
C GLU D 199 -1.83 -30.82 34.71
N PHE D 200 -2.11 -31.91 35.41
CA PHE D 200 -1.11 -32.99 35.60
C PHE D 200 -1.74 -34.36 35.56
N ASP D 201 -1.00 -35.28 34.93
CA ASP D 201 -1.41 -36.66 34.80
C ASP D 201 -1.12 -37.39 36.11
N LEU D 202 -2.16 -37.85 36.77
CA LEU D 202 -2.03 -38.61 38.00
C LEU D 202 -2.21 -40.11 37.77
N SER D 203 -2.15 -40.55 36.51
CA SER D 203 -2.47 -41.92 36.17
C SER D 203 -1.61 -42.95 36.89
N ALA D 204 -0.32 -42.64 37.01
CA ALA D 204 0.65 -43.54 37.62
C ALA D 204 0.81 -43.29 39.12
N PHE D 205 0.07 -42.32 39.65
CA PHE D 205 0.21 -41.94 41.05
C PHE D 205 -0.95 -42.48 41.89
N LEU D 206 -2.07 -42.76 41.23
CA LEU D 206 -3.28 -43.16 41.94
C LEU D 206 -3.23 -44.63 42.36
N ARG D 207 -3.98 -44.94 43.42
CA ARG D 207 -4.16 -46.30 43.91
C ARG D 207 -5.62 -46.50 44.31
N ALA D 208 -6.07 -47.75 44.33
CA ALA D 208 -7.42 -48.09 44.78
C ALA D 208 -7.62 -47.66 46.24
N GLY D 209 -8.80 -47.15 46.56
CA GLY D 209 -9.09 -46.68 47.91
C GLY D 209 -8.66 -45.24 48.13
N GLU D 210 -7.91 -45.01 49.21
CA GLU D 210 -7.59 -43.66 49.66
C GLU D 210 -6.30 -43.07 49.05
N ASN D 211 -6.46 -41.93 48.36
CA ASN D 211 -5.32 -41.18 47.87
C ASN D 211 -5.19 -39.87 48.64
N ARG D 212 -3.97 -39.33 48.68
CA ARG D 212 -3.72 -38.03 49.30
C ARG D 212 -2.99 -37.05 48.38
N LEU D 213 -3.58 -35.87 48.19
CA LEU D 213 -2.91 -34.78 47.48
C LEU D 213 -2.23 -33.87 48.48
N ALA D 214 -1.01 -33.49 48.16
CA ALA D 214 -0.32 -32.47 48.96
C ALA D 214 0.11 -31.39 47.99
N VAL D 215 -0.27 -30.15 48.33
CA VAL D 215 -0.10 -29.01 47.43
C VAL D 215 0.53 -27.84 48.20
N MET D 216 1.81 -27.58 47.92
CA MET D 216 2.51 -26.47 48.56
C MET D 216 2.46 -25.23 47.67
N VAL D 217 1.70 -24.24 48.12
CA VAL D 217 1.47 -23.02 47.36
C VAL D 217 2.31 -21.88 47.92
N LEU D 218 3.15 -21.30 47.07
CA LEU D 218 3.98 -20.15 47.43
C LEU D 218 3.31 -18.83 47.07
N ARG D 219 3.33 -17.89 48.02
CA ARG D 219 2.75 -16.56 47.79
C ARG D 219 3.54 -15.79 46.73
N TRP D 220 4.86 -15.81 46.84
CA TRP D 220 5.74 -15.08 45.93
C TRP D 220 6.56 -16.03 45.08
N SER D 221 6.75 -15.66 43.81
CA SER D 221 7.60 -16.42 42.89
C SER D 221 8.01 -15.46 41.80
N ASP D 222 8.94 -15.88 40.94
CA ASP D 222 9.31 -15.06 39.80
C ASP D 222 8.08 -14.69 38.96
N GLY D 223 7.02 -15.50 39.09
CA GLY D 223 5.73 -15.20 38.51
C GLY D 223 5.11 -13.90 39.01
N SER D 224 5.49 -13.46 40.21
CA SER D 224 4.92 -12.26 40.82
C SER D 224 5.36 -11.00 40.09
N TYR D 225 6.52 -11.07 39.45
CA TYR D 225 7.04 -9.97 38.66
C TYR D 225 6.17 -9.65 37.43
N LEU D 226 5.38 -10.63 37.01
CA LEU D 226 4.48 -10.46 35.89
C LEU D 226 3.03 -10.27 36.35
N GLU D 227 2.83 -10.19 37.66
CA GLU D 227 1.49 -10.11 38.22
C GLU D 227 1.31 -8.89 39.13
N ASP D 228 1.65 -7.73 38.58
CA ASP D 228 1.59 -6.45 39.31
C ASP D 228 0.36 -5.58 38.97
N GLN D 229 -0.80 -6.22 38.92
CA GLN D 229 -2.05 -5.51 38.71
C GLN D 229 -2.40 -4.61 39.90
N ASP D 230 -2.99 -3.45 39.60
CA ASP D 230 -3.57 -2.58 40.62
C ASP D 230 -4.76 -3.28 41.27
N MET D 231 -4.46 -4.16 42.23
CA MET D 231 -5.47 -4.92 42.98
C MET D 231 -4.92 -5.41 44.32
N TRP D 232 -5.80 -5.96 45.16
CA TRP D 232 -5.38 -6.65 46.37
C TRP D 232 -4.48 -7.80 45.98
N ARG D 233 -3.43 -8.01 46.77
CA ARG D 233 -2.47 -9.10 46.55
C ARG D 233 -2.76 -10.21 47.55
N MET D 234 -3.29 -11.32 47.02
CA MET D 234 -3.70 -12.45 47.83
C MET D 234 -3.01 -13.71 47.33
N SER D 235 -3.37 -14.86 47.89
CA SER D 235 -2.77 -16.15 47.49
C SER D 235 -3.61 -17.36 47.88
N GLY D 236 -3.35 -18.48 47.21
CA GLY D 236 -4.02 -19.75 47.52
C GLY D 236 -4.65 -20.44 46.33
N ILE D 237 -5.23 -21.60 46.59
CA ILE D 237 -6.02 -22.32 45.58
C ILE D 237 -7.38 -21.63 45.47
N PHE D 238 -7.48 -20.67 44.54
CA PHE D 238 -8.63 -19.74 44.53
C PHE D 238 -9.62 -19.99 43.42
N ARG D 239 -9.32 -20.96 42.55
CA ARG D 239 -10.26 -21.44 41.54
C ARG D 239 -10.47 -22.95 41.66
N ASP D 240 -11.49 -23.45 40.97
CA ASP D 240 -11.87 -24.85 41.01
C ASP D 240 -10.69 -25.82 40.88
N VAL D 241 -10.82 -26.96 41.58
CA VAL D 241 -9.94 -28.11 41.40
C VAL D 241 -10.82 -29.27 40.93
N SER D 242 -10.36 -30.00 39.93
CA SER D 242 -11.16 -31.09 39.37
C SER D 242 -10.34 -32.24 38.78
N LEU D 243 -10.97 -33.40 38.63
CA LEU D 243 -10.32 -34.51 37.94
C LEU D 243 -11.05 -34.78 36.65
N LEU D 244 -10.28 -34.99 35.59
CA LEU D 244 -10.81 -35.29 34.26
C LEU D 244 -10.27 -36.64 33.79
N HIS D 245 -11.19 -37.57 33.52
CA HIS D 245 -10.83 -38.86 32.99
C HIS D 245 -11.05 -38.94 31.46
N LYS D 246 -9.96 -39.10 30.71
CA LYS D 246 -10.03 -39.24 29.26
C LYS D 246 -9.55 -40.64 28.90
N PRO D 247 -9.97 -41.16 27.73
CA PRO D 247 -9.38 -42.37 27.17
C PRO D 247 -7.92 -42.15 26.77
N THR D 248 -7.16 -43.23 26.65
CA THR D 248 -5.77 -43.18 26.19
C THR D 248 -5.69 -42.66 24.77
N THR D 249 -6.65 -43.08 23.96
CA THR D 249 -6.88 -42.53 22.63
C THR D 249 -7.94 -41.43 22.81
N GLN D 250 -7.53 -40.19 22.59
CA GLN D 250 -8.32 -39.05 23.04
C GLN D 250 -8.33 -37.87 22.06
N ILE D 251 -9.36 -37.05 22.16
CA ILE D 251 -9.35 -35.68 21.60
C ILE D 251 -8.49 -34.80 22.48
N SER D 252 -7.39 -34.26 21.96
CA SER D 252 -6.47 -33.51 22.80
C SER D 252 -6.47 -32.01 22.55
N ASP D 253 -7.02 -31.59 21.41
CA ASP D 253 -7.20 -30.18 21.06
C ASP D 253 -8.23 -30.07 19.93
N PHE D 254 -8.96 -28.96 19.88
CA PHE D 254 -9.81 -28.63 18.74
C PHE D 254 -10.02 -27.13 18.62
N HIS D 255 -9.92 -26.63 17.38
CA HIS D 255 -10.16 -25.20 17.08
C HIS D 255 -11.38 -25.07 16.18
N VAL D 256 -12.24 -24.09 16.47
CA VAL D 256 -13.39 -23.83 15.59
C VAL D 256 -13.29 -22.43 14.99
N ALA D 257 -13.46 -22.36 13.67
CA ALA D 257 -13.47 -21.07 12.97
C ALA D 257 -14.73 -20.97 12.13
N THR D 258 -15.23 -19.75 11.95
CA THR D 258 -16.39 -19.51 11.09
C THR D 258 -16.07 -18.37 10.13
N ARG D 259 -16.13 -18.69 8.84
CA ARG D 259 -15.86 -17.73 7.75
C ARG D 259 -17.07 -17.54 6.88
N PHE D 260 -17.19 -16.37 6.27
CA PHE D 260 -18.43 -15.99 5.59
C PHE D 260 -18.19 -15.46 4.20
N ASN D 261 -19.25 -15.46 3.39
CA ASN D 261 -19.25 -14.65 2.18
C ASN D 261 -19.58 -13.18 2.49
N ASP D 262 -19.58 -12.34 1.46
CA ASP D 262 -19.70 -10.89 1.59
C ASP D 262 -20.98 -10.36 2.25
N ASP D 263 -22.08 -11.11 2.17
CA ASP D 263 -23.34 -10.67 2.83
C ASP D 263 -23.82 -11.57 3.96
N PHE D 264 -22.96 -12.50 4.37
CA PHE D 264 -23.17 -13.39 5.53
C PHE D 264 -24.31 -14.39 5.34
N SER D 265 -24.62 -14.69 4.09
CA SER D 265 -25.64 -15.68 3.76
C SER D 265 -25.07 -17.11 3.66
N ARG D 266 -23.74 -17.24 3.69
CA ARG D 266 -23.13 -18.57 3.77
C ARG D 266 -21.98 -18.51 4.71
N ALA D 267 -21.86 -19.54 5.54
CA ALA D 267 -20.70 -19.69 6.38
C ALA D 267 -20.05 -21.04 6.09
N VAL D 268 -18.76 -21.13 6.42
CA VAL D 268 -18.11 -22.42 6.52
C VAL D 268 -17.59 -22.50 7.95
N LEU D 269 -18.05 -23.52 8.70
CA LEU D 269 -17.45 -23.84 10.00
C LEU D 269 -16.28 -24.78 9.78
N GLU D 270 -15.12 -24.36 10.21
CA GLU D 270 -13.93 -25.17 10.06
C GLU D 270 -13.44 -25.65 11.43
N ALA D 271 -13.42 -26.95 11.62
CA ALA D 271 -13.03 -27.53 12.91
C ALA D 271 -11.80 -28.40 12.76
N GLU D 272 -10.69 -27.93 13.34
CA GLU D 272 -9.46 -28.70 13.39
C GLU D 272 -9.38 -29.48 14.69
N VAL D 273 -9.35 -30.80 14.59
CA VAL D 273 -9.34 -31.71 15.73
C VAL D 273 -8.03 -32.49 15.77
N GLN D 274 -7.39 -32.54 16.94
CA GLN D 274 -6.13 -33.24 17.13
C GLN D 274 -6.30 -34.32 18.18
N MET D 275 -5.61 -35.44 18.03
CA MET D 275 -5.74 -36.52 18.99
C MET D 275 -4.40 -36.92 19.62
N CYS D 276 -4.47 -37.54 20.80
CA CYS D 276 -3.31 -38.23 21.36
C CYS D 276 -3.67 -39.71 21.52
N GLY D 277 -2.65 -40.56 21.53
CA GLY D 277 -2.85 -42.00 21.64
C GLY D 277 -2.37 -42.77 20.43
N GLU D 278 -2.98 -43.91 20.17
CA GLU D 278 -2.50 -44.80 19.11
C GLU D 278 -3.36 -44.71 17.85
N LEU D 279 -2.73 -44.33 16.74
CA LEU D 279 -3.42 -44.15 15.46
C LEU D 279 -3.82 -45.47 14.84
N ARG D 280 -5.10 -45.61 14.55
CA ARG D 280 -5.62 -46.77 13.86
C ARG D 280 -6.50 -46.31 12.71
N ASP D 281 -6.49 -47.08 11.63
CA ASP D 281 -7.21 -46.73 10.43
C ASP D 281 -8.70 -46.50 10.61
N TYR D 282 -9.29 -47.20 11.58
CA TYR D 282 -10.74 -47.17 11.77
C TYR D 282 -11.22 -45.90 12.49
N LEU D 283 -10.27 -45.12 13.02
CA LEU D 283 -10.61 -43.90 13.76
C LEU D 283 -11.21 -42.82 12.87
N ARG D 284 -12.15 -42.07 13.42
CA ARG D 284 -12.81 -41.00 12.69
C ARG D 284 -13.12 -39.86 13.63
N VAL D 285 -13.35 -38.67 13.06
CA VAL D 285 -13.95 -37.57 13.80
C VAL D 285 -15.21 -37.16 13.09
N THR D 286 -16.28 -37.01 13.86
CA THR D 286 -17.46 -36.35 13.37
C THR D 286 -17.64 -35.05 14.15
N VAL D 287 -17.65 -33.94 13.43
CA VAL D 287 -18.05 -32.68 13.99
C VAL D 287 -19.43 -32.43 13.43
N SER D 288 -20.39 -32.18 14.31
CA SER D 288 -21.75 -31.91 13.89
C SER D 288 -22.29 -30.66 14.57
N LEU D 289 -23.15 -29.93 13.86
CA LEU D 289 -23.64 -28.63 14.32
C LEU D 289 -25.14 -28.64 14.59
N TRP D 290 -25.50 -28.12 15.76
CA TRP D 290 -26.88 -28.21 16.24
C TRP D 290 -27.47 -26.86 16.52
N GLN D 291 -28.72 -26.68 16.12
CA GLN D 291 -29.54 -25.59 16.59
C GLN D 291 -30.61 -26.28 17.45
N GLY D 292 -30.44 -26.23 18.78
CA GLY D 292 -31.34 -26.97 19.68
C GLY D 292 -31.26 -28.46 19.39
N GLU D 293 -32.38 -29.06 19.00
CA GLU D 293 -32.39 -30.49 18.69
C GLU D 293 -32.29 -30.80 17.19
N THR D 294 -32.11 -29.77 16.36
CA THR D 294 -31.97 -29.94 14.93
C THR D 294 -30.50 -29.93 14.54
N GLN D 295 -30.06 -30.98 13.88
CA GLN D 295 -28.70 -31.02 13.34
C GLN D 295 -28.70 -30.26 12.02
N VAL D 296 -28.00 -29.13 11.97
CA VAL D 296 -27.98 -28.32 10.77
C VAL D 296 -26.92 -28.77 9.77
N ALA D 297 -25.82 -29.32 10.27
CA ALA D 297 -24.71 -29.75 9.41
C ALA D 297 -23.84 -30.80 10.06
N SER D 298 -23.12 -31.56 9.23
CA SER D 298 -22.27 -32.62 9.73
C SER D 298 -21.07 -32.90 8.80
N GLY D 299 -19.96 -33.33 9.39
CA GLY D 299 -18.80 -33.75 8.63
C GLY D 299 -18.04 -34.85 9.34
N THR D 300 -17.67 -35.88 8.58
CA THR D 300 -16.96 -37.06 9.10
C THR D 300 -15.77 -37.37 8.22
N ALA D 301 -14.64 -37.63 8.84
CA ALA D 301 -13.43 -37.98 8.10
C ALA D 301 -12.45 -38.76 8.97
N PRO D 302 -11.54 -39.52 8.33
CA PRO D 302 -10.51 -40.18 9.14
C PRO D 302 -9.36 -39.22 9.41
N PHE D 303 -8.50 -39.57 10.37
CA PHE D 303 -7.32 -38.75 10.68
C PHE D 303 -6.32 -38.77 9.55
N GLY D 304 -5.49 -37.74 9.48
CA GLY D 304 -4.59 -37.55 8.35
C GLY D 304 -4.97 -36.26 7.65
N GLY D 305 -4.33 -35.16 8.05
CA GLY D 305 -4.58 -33.87 7.45
C GLY D 305 -3.90 -33.73 6.11
N GLU D 306 -4.18 -32.62 5.42
CA GLU D 306 -3.52 -32.27 4.16
C GLU D 306 -1.98 -32.30 4.29
N ILE D 307 -1.28 -32.48 3.17
CA ILE D 307 0.17 -32.41 3.20
C ILE D 307 0.57 -30.99 3.59
N ILE D 308 1.57 -30.88 4.47
CA ILE D 308 1.93 -29.62 5.12
C ILE D 308 3.32 -29.11 4.69
N ASP D 309 4.28 -30.04 4.64
CA ASP D 309 5.63 -29.74 4.17
C ASP D 309 6.25 -30.99 3.56
N GLU D 310 7.57 -30.96 3.36
CA GLU D 310 8.29 -32.07 2.73
C GLU D 310 8.12 -33.41 3.44
N ARG D 311 7.77 -33.39 4.73
CA ARG D 311 7.62 -34.61 5.54
C ARG D 311 6.17 -35.10 5.70
N GLY D 312 5.28 -34.62 4.82
CA GLY D 312 3.87 -35.02 4.85
C GLY D 312 3.00 -34.06 5.65
N GLY D 313 2.08 -34.61 6.44
CA GLY D 313 1.18 -33.81 7.24
C GLY D 313 1.02 -34.34 8.65
N TYR D 314 0.00 -33.86 9.33
CA TYR D 314 -0.31 -34.31 10.68
C TYR D 314 -1.23 -35.50 10.62
N ALA D 315 -0.67 -36.68 10.89
CA ALA D 315 -1.41 -37.94 10.83
C ALA D 315 -2.36 -38.06 12.02
N ASP D 316 -2.08 -37.24 13.04
CA ASP D 316 -2.85 -37.19 14.29
C ASP D 316 -3.84 -36.02 14.30
N ARG D 317 -4.12 -35.47 13.13
CA ARG D 317 -5.06 -34.36 12.99
C ARG D 317 -6.03 -34.59 11.84
N VAL D 318 -7.14 -33.85 11.89
CA VAL D 318 -8.11 -33.80 10.81
C VAL D 318 -8.87 -32.47 10.89
N THR D 319 -9.22 -31.94 9.71
CA THR D 319 -9.93 -30.68 9.61
C THR D 319 -11.25 -30.95 8.92
N LEU D 320 -12.36 -30.67 9.61
CA LEU D 320 -13.69 -30.81 9.05
C LEU D 320 -14.23 -29.46 8.65
N ARG D 321 -14.86 -29.39 7.49
CA ARG D 321 -15.47 -28.15 7.02
C ARG D 321 -16.94 -28.40 6.74
N LEU D 322 -17.81 -27.65 7.42
CA LEU D 322 -19.25 -27.81 7.24
C LEU D 322 -19.83 -26.57 6.62
N ASN D 323 -20.69 -26.75 5.63
CA ASN D 323 -21.41 -25.63 5.01
C ASN D 323 -22.64 -25.25 5.82
N VAL D 324 -22.82 -23.94 6.02
CA VAL D 324 -24.02 -23.46 6.70
C VAL D 324 -24.65 -22.32 5.91
N GLU D 325 -25.86 -22.58 5.39
CA GLU D 325 -26.60 -21.56 4.66
C GLU D 325 -27.34 -20.67 5.65
N ASN D 326 -27.33 -19.37 5.38
CA ASN D 326 -28.10 -18.40 6.18
C ASN D 326 -27.92 -18.58 7.69
N PRO D 327 -26.67 -18.54 8.18
CA PRO D 327 -26.40 -18.73 9.61
C PRO D 327 -26.96 -17.62 10.49
N LYS D 328 -27.48 -18.00 11.66
CA LYS D 328 -27.91 -17.02 12.63
C LYS D 328 -26.66 -16.47 13.27
N LEU D 329 -26.45 -15.17 13.10
CA LEU D 329 -25.21 -14.53 13.48
C LEU D 329 -25.19 -14.18 14.96
N TRP D 330 -24.02 -14.28 15.58
CA TRP D 330 -23.86 -13.97 17.00
C TRP D 330 -23.42 -12.51 17.21
N SER D 331 -23.99 -11.87 18.22
CA SER D 331 -23.59 -10.55 18.66
C SER D 331 -24.10 -10.34 20.08
N ALA D 332 -23.65 -9.26 20.72
CA ALA D 332 -24.18 -8.83 22.02
C ALA D 332 -25.68 -8.45 21.96
N GLU D 333 -26.15 -8.03 20.79
CA GLU D 333 -27.56 -7.71 20.61
C GLU D 333 -28.43 -8.96 20.58
N ILE D 334 -28.05 -9.94 19.77
CA ILE D 334 -28.72 -11.25 19.71
C ILE D 334 -27.66 -12.33 19.76
N PRO D 335 -27.47 -12.95 20.92
CA PRO D 335 -26.40 -13.92 21.10
C PRO D 335 -26.76 -15.32 20.55
N ASN D 336 -27.08 -15.40 19.26
CA ASN D 336 -27.33 -16.69 18.60
C ASN D 336 -26.18 -17.70 18.80
N LEU D 337 -26.53 -18.87 19.34
CA LEU D 337 -25.53 -19.89 19.60
C LEU D 337 -25.91 -21.21 18.97
N TYR D 338 -24.90 -21.86 18.39
CA TYR D 338 -25.05 -23.23 17.94
C TYR D 338 -24.26 -24.11 18.90
N ARG D 339 -24.44 -25.41 18.77
CA ARG D 339 -23.65 -26.34 19.56
C ARG D 339 -22.83 -27.18 18.60
N ALA D 340 -21.52 -27.21 18.81
CA ALA D 340 -20.68 -28.15 18.07
C ALA D 340 -20.31 -29.30 18.98
N VAL D 341 -20.60 -30.51 18.51
CA VAL D 341 -20.22 -31.74 19.19
C VAL D 341 -19.10 -32.35 18.36
N VAL D 342 -17.97 -32.64 19.01
CA VAL D 342 -16.83 -33.24 18.34
C VAL D 342 -16.71 -34.66 18.86
N GLU D 343 -17.01 -35.63 18.00
CA GLU D 343 -16.95 -37.05 18.35
C GLU D 343 -15.69 -37.71 17.79
N LEU D 344 -14.87 -38.24 18.69
CA LEU D 344 -13.82 -39.14 18.29
C LEU D 344 -14.45 -40.52 18.36
N HIS D 345 -14.48 -41.21 17.23
CA HIS D 345 -15.17 -42.50 17.13
C HIS D 345 -14.52 -43.45 16.13
N THR D 346 -15.22 -44.53 15.79
CA THR D 346 -14.71 -45.51 14.82
C THR D 346 -15.65 -45.63 13.63
N ALA D 347 -15.12 -46.19 12.54
CA ALA D 347 -15.80 -46.28 11.25
C ALA D 347 -17.18 -46.92 11.33
N ASP D 348 -17.30 -47.97 12.13
CA ASP D 348 -18.55 -48.69 12.27
C ASP D 348 -19.50 -48.04 13.28
N GLY D 349 -19.12 -46.88 13.80
CA GLY D 349 -20.00 -46.10 14.68
C GLY D 349 -19.85 -46.38 16.18
N THR D 350 -18.61 -46.52 16.64
CA THR D 350 -18.36 -46.67 18.07
C THR D 350 -17.78 -45.38 18.60
N LEU D 351 -18.46 -44.80 19.59
CA LEU D 351 -17.95 -43.61 20.25
C LEU D 351 -16.77 -43.97 21.16
N ILE D 352 -15.72 -43.16 21.09
CA ILE D 352 -14.60 -43.28 22.00
C ILE D 352 -14.72 -42.21 23.08
N GLU D 353 -14.93 -40.96 22.68
CA GLU D 353 -15.32 -39.87 23.59
C GLU D 353 -15.90 -38.68 22.80
N ALA D 354 -16.54 -37.76 23.50
CA ALA D 354 -17.01 -36.53 22.86
C ALA D 354 -16.61 -35.27 23.64
N GLU D 355 -16.09 -34.28 22.93
CA GLU D 355 -15.98 -32.94 23.47
C GLU D 355 -16.98 -32.06 22.73
N ALA D 356 -17.07 -30.79 23.14
CA ALA D 356 -18.04 -29.86 22.56
C ALA D 356 -17.86 -28.44 23.06
N CYS D 357 -18.52 -27.51 22.36
CA CYS D 357 -18.56 -26.10 22.75
C CYS D 357 -19.75 -25.42 22.08
N ASP D 358 -20.13 -24.27 22.63
CA ASP D 358 -21.10 -23.38 22.00
C ASP D 358 -20.39 -22.64 20.88
N VAL D 359 -21.06 -22.50 19.74
CA VAL D 359 -20.50 -21.79 18.59
C VAL D 359 -21.36 -20.57 18.26
N GLY D 360 -20.71 -19.41 18.17
CA GLY D 360 -21.34 -18.20 17.71
C GLY D 360 -20.78 -17.79 16.37
N PHE D 361 -21.65 -17.71 15.37
CA PHE D 361 -21.28 -17.32 14.03
C PHE D 361 -21.11 -15.79 13.91
N ARG D 362 -19.87 -15.34 13.94
CA ARG D 362 -19.57 -13.92 13.80
C ARG D 362 -18.19 -13.68 13.24
N GLU D 363 -18.04 -12.55 12.56
CA GLU D 363 -16.79 -12.16 11.98
C GLU D 363 -16.31 -10.86 12.64
N VAL D 364 -15.04 -10.86 13.05
CA VAL D 364 -14.43 -9.66 13.60
C VAL D 364 -13.29 -9.28 12.69
N ARG D 365 -13.40 -8.12 12.04
CA ARG D 365 -12.31 -7.59 11.22
C ARG D 365 -12.18 -6.08 11.33
N ILE D 366 -10.96 -5.60 11.09
CA ILE D 366 -10.72 -4.18 10.97
C ILE D 366 -10.57 -3.87 9.48
N GLU D 367 -11.46 -3.04 8.98
CA GLU D 367 -11.42 -2.66 7.58
C GLU D 367 -11.54 -1.17 7.44
N ASN D 368 -10.53 -0.57 6.80
CA ASN D 368 -10.58 0.82 6.44
C ASN D 368 -10.59 1.65 7.73
N GLY D 369 -9.95 1.10 8.77
CA GLY D 369 -9.84 1.80 10.04
C GLY D 369 -10.98 1.60 11.04
N LEU D 370 -11.96 0.78 10.68
CA LEU D 370 -13.10 0.48 11.55
C LEU D 370 -13.07 -0.94 12.06
N LEU D 371 -13.31 -1.13 13.36
CA LEU D 371 -13.57 -2.47 13.90
C LEU D 371 -14.99 -2.86 13.52
N LEU D 372 -15.12 -3.86 12.65
CA LEU D 372 -16.43 -4.35 12.19
C LEU D 372 -16.78 -5.69 12.84
N LEU D 373 -18.02 -5.81 13.29
CA LEU D 373 -18.55 -7.11 13.67
C LEU D 373 -19.69 -7.47 12.74
N ASN D 374 -19.54 -8.58 12.02
CA ASN D 374 -20.51 -8.97 11.01
C ASN D 374 -20.74 -7.84 10.00
N GLY D 375 -19.65 -7.17 9.65
CA GLY D 375 -19.70 -6.11 8.64
C GLY D 375 -20.18 -4.76 9.14
N LYS D 376 -20.48 -4.65 10.43
CA LYS D 376 -21.01 -3.41 11.02
C LYS D 376 -20.08 -2.84 12.10
N PRO D 377 -19.93 -1.51 12.11
CA PRO D 377 -19.01 -0.87 13.04
C PRO D 377 -19.50 -0.88 14.49
N LEU D 378 -18.72 -1.52 15.35
CA LEU D 378 -19.06 -1.59 16.76
C LEU D 378 -18.97 -0.24 17.44
N LEU D 379 -19.83 -0.03 18.43
CA LEU D 379 -19.63 1.02 19.40
C LEU D 379 -19.54 0.35 20.78
N ILE D 380 -18.32 0.26 21.28
CA ILE D 380 -18.04 -0.45 22.52
C ILE D 380 -18.51 0.32 23.76
N ARG D 381 -19.55 -0.20 24.42
CA ARG D 381 -20.03 0.38 25.68
C ARG D 381 -19.54 -0.51 26.78
N GLY D 382 -18.25 -0.41 27.08
CA GLY D 382 -17.61 -1.43 27.89
C GLY D 382 -17.24 -1.01 29.29
N VAL D 383 -16.86 -1.98 30.10
CA VAL D 383 -16.34 -1.72 31.42
C VAL D 383 -15.18 -2.68 31.68
N ASN D 384 -14.14 -2.19 32.36
CA ASN D 384 -13.13 -3.08 32.95
C ASN D 384 -13.72 -3.74 34.18
N ARG D 385 -13.45 -5.04 34.35
CA ARG D 385 -14.01 -5.78 35.47
C ARG D 385 -13.01 -6.76 36.05
N HIS D 386 -12.50 -6.42 37.22
CA HIS D 386 -11.69 -7.29 38.03
C HIS D 386 -12.56 -8.37 38.62
N GLU D 387 -11.96 -9.51 38.93
CA GLU D 387 -12.66 -10.53 39.68
C GLU D 387 -12.48 -10.24 41.18
N HIS D 388 -13.54 -9.73 41.80
CA HIS D 388 -13.51 -9.34 43.21
C HIS D 388 -14.82 -9.63 43.95
N HIS D 389 -14.70 -10.12 45.19
CA HIS D 389 -15.87 -10.34 46.09
C HIS D 389 -15.52 -9.83 47.50
N PRO D 390 -16.42 -9.03 48.12
CA PRO D 390 -16.16 -8.44 49.44
C PRO D 390 -15.81 -9.46 50.55
N LEU D 391 -16.47 -10.62 50.52
CA LEU D 391 -16.21 -11.69 51.48
C LEU D 391 -15.18 -12.72 50.99
N HIS D 392 -15.32 -13.17 49.74
CA HIS D 392 -14.53 -14.30 49.22
C HIS D 392 -13.23 -13.92 48.49
N GLY D 393 -12.87 -12.64 48.53
CA GLY D 393 -11.63 -12.16 47.92
C GLY D 393 -11.61 -12.20 46.40
N GLN D 394 -10.83 -13.13 45.84
CA GLN D 394 -10.73 -13.24 44.40
C GLN D 394 -11.30 -14.55 43.92
N VAL D 395 -12.10 -15.18 44.78
CA VAL D 395 -12.86 -16.38 44.44
C VAL D 395 -14.17 -15.97 43.76
N MET D 396 -14.42 -16.53 42.59
CA MET D 396 -15.62 -16.23 41.80
C MET D 396 -16.61 -17.39 41.86
N ASP D 397 -17.89 -17.06 41.73
CA ASP D 397 -18.96 -18.06 41.70
C ASP D 397 -20.04 -17.64 40.70
N GLU D 398 -20.83 -18.61 40.24
CA GLU D 398 -21.83 -18.39 39.18
C GLU D 398 -22.73 -17.20 39.50
N GLN D 399 -23.41 -17.26 40.64
CA GLN D 399 -24.33 -16.22 41.09
C GLN D 399 -23.75 -14.80 40.97
N THR D 400 -22.52 -14.59 41.43
CA THR D 400 -21.92 -13.25 41.34
C THR D 400 -21.67 -12.84 39.89
N MET D 401 -21.18 -13.79 39.08
CA MET D 401 -20.96 -13.52 37.67
C MET D 401 -22.25 -13.17 36.97
N VAL D 402 -23.29 -13.95 37.23
CA VAL D 402 -24.61 -13.71 36.64
C VAL D 402 -25.16 -12.35 37.06
N GLN D 403 -25.09 -12.05 38.36
CA GLN D 403 -25.51 -10.76 38.88
C GLN D 403 -24.76 -9.58 38.21
N ASP D 404 -23.44 -9.68 38.10
CA ASP D 404 -22.63 -8.72 37.34
C ASP D 404 -23.13 -8.54 35.91
N ILE D 405 -23.32 -9.66 35.19
CA ILE D 405 -23.73 -9.59 33.80
C ILE D 405 -25.08 -8.91 33.66
N LEU D 406 -26.03 -9.29 34.51
CA LEU D 406 -27.37 -8.71 34.45
C LEU D 406 -27.35 -7.19 34.67
N LEU D 407 -26.61 -6.76 35.69
CA LEU D 407 -26.48 -5.34 35.99
C LEU D 407 -25.79 -4.55 34.89
N MET D 408 -24.78 -5.15 34.27
CA MET D 408 -24.03 -4.52 33.17
C MET D 408 -24.96 -4.25 31.98
N LYS D 409 -25.68 -5.30 31.58
CA LYS D 409 -26.62 -5.22 30.46
C LYS D 409 -27.81 -4.31 30.76
N GLN D 410 -28.28 -4.30 32.00
CA GLN D 410 -29.37 -3.42 32.38
C GLN D 410 -28.92 -1.96 32.32
N ASN D 411 -27.62 -1.74 32.47
CA ASN D 411 -27.11 -0.39 32.39
C ASN D 411 -26.44 -0.06 31.05
N ASN D 412 -26.86 -0.78 30.02
CA ASN D 412 -26.49 -0.50 28.63
C ASN D 412 -25.03 -0.74 28.27
N PHE D 413 -24.38 -1.62 29.02
CA PHE D 413 -23.07 -2.13 28.64
C PHE D 413 -23.24 -3.29 27.68
N ASN D 414 -22.35 -3.34 26.67
CA ASN D 414 -22.27 -4.51 25.77
C ASN D 414 -20.89 -5.15 25.70
N ALA D 415 -19.96 -4.70 26.54
CA ALA D 415 -18.58 -5.18 26.47
C ALA D 415 -17.88 -5.17 27.82
N VAL D 416 -16.95 -6.11 27.97
CA VAL D 416 -16.15 -6.25 29.18
C VAL D 416 -14.69 -6.56 28.86
N ARG D 417 -13.79 -5.87 29.52
CA ARG D 417 -12.36 -6.20 29.46
C ARG D 417 -11.98 -7.02 30.70
N CYS D 418 -11.35 -8.17 30.49
CA CYS D 418 -10.89 -9.01 31.58
C CYS D 418 -9.62 -8.44 32.20
N SER D 419 -9.75 -7.30 32.87
CA SER D 419 -8.62 -6.63 33.49
C SER D 419 -8.18 -7.39 34.73
N HIS D 420 -6.96 -7.89 34.77
CA HIS D 420 -5.99 -7.88 33.68
C HIS D 420 -5.37 -9.27 33.68
N TYR D 421 -6.21 -10.28 33.39
CA TYR D 421 -5.81 -11.69 33.40
C TYR D 421 -6.97 -12.51 32.87
N PRO D 422 -6.69 -13.75 32.41
CA PRO D 422 -7.80 -14.61 31.99
C PRO D 422 -8.72 -14.90 33.15
N ASN D 423 -10.01 -14.86 32.89
CA ASN D 423 -10.98 -15.04 33.96
C ASN D 423 -11.27 -16.50 34.21
N HIS D 424 -12.03 -16.75 35.29
CA HIS D 424 -12.66 -18.03 35.58
C HIS D 424 -13.41 -18.49 34.33
N PRO D 425 -13.20 -19.76 33.90
CA PRO D 425 -13.73 -20.29 32.63
C PRO D 425 -15.22 -20.05 32.40
N LEU D 426 -16.00 -20.00 33.47
CA LEU D 426 -17.46 -19.84 33.37
C LEU D 426 -17.88 -18.48 32.84
N TRP D 427 -17.08 -17.47 33.15
CA TRP D 427 -17.32 -16.11 32.67
C TRP D 427 -17.49 -16.06 31.13
N TYR D 428 -16.63 -16.77 30.42
CA TYR D 428 -16.68 -16.77 28.97
C TYR D 428 -17.96 -17.47 28.49
N THR D 429 -18.33 -18.54 29.18
CA THR D 429 -19.55 -19.24 28.83
C THR D 429 -20.76 -18.31 28.98
N LEU D 430 -20.82 -17.60 30.10
CA LEU D 430 -21.94 -16.70 30.35
C LEU D 430 -22.01 -15.56 29.33
N CYS D 431 -20.87 -14.97 29.01
CA CYS D 431 -20.79 -13.89 28.02
C CYS D 431 -21.22 -14.36 26.64
N ASP D 432 -20.80 -15.57 26.26
CA ASP D 432 -21.30 -16.26 25.05
C ASP D 432 -22.84 -16.28 25.00
N ARG D 433 -23.47 -16.58 26.14
CA ARG D 433 -24.91 -16.90 26.18
C ARG D 433 -25.81 -15.71 26.46
N TYR D 434 -25.32 -14.78 27.28
CA TYR D 434 -26.08 -13.57 27.56
C TYR D 434 -25.81 -12.50 26.52
N GLY D 435 -24.56 -12.46 26.02
CA GLY D 435 -24.18 -11.52 24.98
C GLY D 435 -23.38 -10.32 25.45
N LEU D 436 -22.07 -10.50 25.59
CA LEU D 436 -21.17 -9.40 25.85
C LEU D 436 -19.92 -9.62 25.01
N TYR D 437 -19.40 -8.54 24.43
CA TYR D 437 -18.10 -8.59 23.78
C TYR D 437 -17.03 -8.65 24.84
N VAL D 438 -16.02 -9.48 24.65
CA VAL D 438 -15.00 -9.69 25.67
C VAL D 438 -13.61 -9.39 25.11
N VAL D 439 -12.86 -8.55 25.81
CA VAL D 439 -11.44 -8.46 25.58
C VAL D 439 -10.80 -9.44 26.56
N ASP D 440 -10.11 -10.44 26.00
CA ASP D 440 -9.43 -11.45 26.80
C ASP D 440 -7.97 -11.07 26.89
N GLU D 441 -7.49 -10.98 28.12
CA GLU D 441 -6.21 -10.35 28.39
C GLU D 441 -5.25 -11.28 29.12
N ALA D 442 -4.05 -11.44 28.56
CA ALA D 442 -2.97 -12.19 29.18
C ALA D 442 -2.63 -11.69 30.58
N ASN D 443 -2.13 -12.58 31.43
CA ASN D 443 -1.78 -12.23 32.79
C ASN D 443 -0.35 -11.69 32.88
N ILE D 444 -0.13 -10.52 32.29
CA ILE D 444 1.19 -9.88 32.30
C ILE D 444 1.03 -8.42 32.66
N GLU D 445 1.57 -8.05 33.82
CA GLU D 445 1.66 -6.65 34.22
C GLU D 445 2.93 -6.41 35.01
N THR D 446 3.75 -5.49 34.53
CA THR D 446 5.02 -5.20 35.14
C THR D 446 5.11 -3.73 35.50
N HIS D 447 3.99 -3.14 35.94
CA HIS D 447 3.89 -1.68 36.12
C HIS D 447 5.01 -1.03 36.94
N GLY D 448 5.42 -1.69 38.02
CA GLY D 448 6.43 -1.14 38.94
C GLY D 448 7.88 -1.17 38.48
N MET D 449 8.15 -1.81 37.35
CA MET D 449 9.48 -1.78 36.74
C MET D 449 9.92 -0.37 36.35
N VAL D 450 11.23 -0.12 36.36
CA VAL D 450 11.78 1.15 35.91
C VAL D 450 12.84 0.90 34.83
N PRO D 451 12.59 1.33 33.58
CA PRO D 451 11.29 1.84 33.10
C PRO D 451 10.34 0.66 32.93
N MET D 452 9.10 0.93 32.57
CA MET D 452 8.06 -0.10 32.59
C MET D 452 8.35 -1.33 31.71
N ASN D 453 9.19 -1.19 30.68
CA ASN D 453 9.46 -2.32 29.80
C ASN D 453 10.71 -3.15 30.12
N ARG D 454 11.37 -2.88 31.26
CA ARG D 454 12.63 -3.57 31.64
C ARG D 454 12.58 -5.10 31.49
N LEU D 455 11.46 -5.70 31.84
CA LEU D 455 11.25 -7.13 31.65
C LEU D 455 10.85 -7.49 30.23
N THR D 456 9.87 -6.77 29.72
CA THR D 456 9.24 -7.11 28.46
C THR D 456 10.10 -6.83 27.23
N ASP D 457 11.21 -6.12 27.42
CA ASP D 457 12.20 -5.95 26.34
C ASP D 457 13.40 -6.89 26.50
N ASP D 458 13.41 -7.67 27.58
CA ASP D 458 14.51 -8.58 27.92
C ASP D 458 14.17 -9.99 27.41
N PRO D 459 14.95 -10.49 26.44
CA PRO D 459 14.64 -11.78 25.84
C PRO D 459 14.61 -12.94 26.85
N ARG D 460 15.24 -12.76 28.00
CA ARG D 460 15.26 -13.83 28.99
C ARG D 460 13.92 -13.97 29.67
N TRP D 461 13.03 -13.00 29.44
CA TRP D 461 11.70 -13.06 29.99
C TRP D 461 10.63 -13.46 28.95
N LEU D 462 11.07 -13.64 27.71
CA LEU D 462 10.16 -14.06 26.65
C LEU D 462 9.46 -15.40 26.95
N PRO D 463 10.23 -16.43 27.36
CA PRO D 463 9.58 -17.70 27.76
C PRO D 463 8.43 -17.53 28.75
N ALA D 464 8.66 -16.83 29.86
CA ALA D 464 7.61 -16.66 30.85
C ALA D 464 6.41 -15.89 30.27
N MET D 465 6.70 -14.81 29.56
CA MET D 465 5.67 -14.00 28.91
C MET D 465 4.86 -14.80 27.89
N SER D 466 5.53 -15.61 27.09
CA SER D 466 4.85 -16.32 26.01
C SER D 466 3.85 -17.33 26.54
N GLU D 467 4.23 -18.07 27.58
CA GLU D 467 3.31 -19.01 28.21
C GLU D 467 2.07 -18.35 28.77
N ARG D 468 2.19 -17.09 29.17
CA ARG D 468 1.02 -16.36 29.63
C ARG D 468 0.09 -15.96 28.49
N VAL D 469 0.63 -15.81 27.29
CA VAL D 469 -0.17 -15.46 26.11
C VAL D 469 -0.67 -16.70 25.40
N THR D 470 0.23 -17.64 25.14
CA THR D 470 -0.12 -18.84 24.37
C THR D 470 -1.16 -19.69 25.08
N ARG D 471 -0.97 -19.92 26.37
CA ARG D 471 -1.86 -20.77 27.11
C ARG D 471 -3.25 -20.14 27.29
N MET D 472 -3.33 -18.81 27.21
CA MET D 472 -4.64 -18.11 27.17
C MET D 472 -5.38 -18.38 25.85
N VAL D 473 -4.70 -18.17 24.72
CA VAL D 473 -5.31 -18.36 23.40
C VAL D 473 -5.74 -19.82 23.19
N GLN D 474 -4.89 -20.75 23.61
CA GLN D 474 -5.20 -22.18 23.45
C GLN D 474 -6.44 -22.59 24.23
N ARG D 475 -6.76 -21.83 25.28
CA ARG D 475 -7.89 -22.13 26.16
C ARG D 475 -9.20 -21.46 25.70
N ASP D 476 -9.11 -20.21 25.24
CA ASP D 476 -10.31 -19.37 25.09
C ASP D 476 -10.68 -19.12 23.64
N ARG D 477 -9.88 -19.65 22.72
CA ARG D 477 -10.06 -19.35 21.29
C ARG D 477 -11.39 -19.80 20.66
N ASN D 478 -12.11 -20.70 21.31
CA ASN D 478 -13.44 -21.10 20.82
C ASN D 478 -14.63 -20.29 21.35
N HIS D 479 -14.40 -19.37 22.27
CA HIS D 479 -15.50 -18.55 22.77
C HIS D 479 -15.84 -17.42 21.81
N PRO D 480 -17.09 -17.39 21.31
CA PRO D 480 -17.47 -16.29 20.42
C PRO D 480 -17.43 -14.92 21.08
N SER D 481 -17.63 -14.86 22.40
CA SER D 481 -17.68 -13.60 23.11
C SER D 481 -16.33 -12.92 23.10
N VAL D 482 -15.27 -13.70 22.94
CA VAL D 482 -13.94 -13.11 22.87
C VAL D 482 -13.75 -12.57 21.47
N ILE D 483 -13.60 -11.26 21.35
CA ILE D 483 -13.45 -10.61 20.04
C ILE D 483 -12.09 -9.96 19.84
N ILE D 484 -11.39 -9.71 20.94
CA ILE D 484 -10.08 -9.05 20.92
C ILE D 484 -9.18 -9.76 21.93
N TRP D 485 -7.96 -10.09 21.51
CA TRP D 485 -6.90 -10.52 22.45
C TRP D 485 -6.10 -9.32 22.94
N SER D 486 -5.74 -9.34 24.22
CA SER D 486 -4.86 -8.32 24.79
C SER D 486 -3.58 -8.93 25.33
N LEU D 487 -2.47 -8.22 25.12
CA LEU D 487 -1.16 -8.73 25.48
C LEU D 487 -0.83 -8.47 26.94
N GLY D 488 -1.79 -7.90 27.66
CA GLY D 488 -1.62 -7.54 29.06
C GLY D 488 -1.84 -6.05 29.29
N THR D 489 -1.22 -5.52 30.33
CA THR D 489 -1.34 -4.11 30.61
C THR D 489 -0.10 -3.58 31.30
N GLU D 490 0.14 -2.28 31.09
CA GLU D 490 1.16 -1.51 31.81
C GLU D 490 2.44 -2.32 32.05
N SER D 491 3.08 -2.68 30.95
CA SER D 491 4.36 -3.36 30.95
C SER D 491 5.29 -2.67 29.95
N GLY D 492 5.01 -1.39 29.66
CA GLY D 492 5.75 -0.64 28.68
C GLY D 492 5.57 -1.29 27.31
N HIS D 493 6.48 -1.00 26.39
CA HIS D 493 6.52 -1.68 25.11
C HIS D 493 7.91 -2.26 24.89
N GLY D 494 7.99 -3.58 24.90
CA GLY D 494 9.24 -4.29 24.64
C GLY D 494 9.12 -5.24 23.46
N ALA D 495 10.26 -5.62 22.91
CA ALA D 495 10.34 -6.54 21.79
C ALA D 495 9.57 -7.85 22.00
N ASN D 496 9.41 -8.27 23.26
CA ASN D 496 8.60 -9.45 23.57
C ASN D 496 7.13 -9.27 23.21
N HIS D 497 6.61 -8.06 23.37
CA HIS D 497 5.24 -7.75 22.92
C HIS D 497 5.10 -8.00 21.44
N ASP D 498 6.09 -7.53 20.68
CA ASP D 498 6.11 -7.70 19.22
C ASP D 498 6.06 -9.16 18.76
N ALA D 499 6.96 -9.97 19.32
CA ALA D 499 6.96 -11.39 19.00
C ALA D 499 5.60 -12.00 19.30
N LEU D 500 5.06 -11.68 20.48
CA LEU D 500 3.80 -12.28 20.93
C LEU D 500 2.60 -11.75 20.16
N TYR D 501 2.56 -10.45 19.89
CA TYR D 501 1.61 -9.92 18.93
C TYR D 501 1.57 -10.81 17.70
N ARG D 502 2.73 -11.01 17.07
CA ARG D 502 2.80 -11.75 15.81
C ARG D 502 2.42 -13.21 16.00
N TRP D 503 2.77 -13.77 17.16
CA TRP D 503 2.38 -15.14 17.46
C TRP D 503 0.86 -15.30 17.36
N ILE D 504 0.13 -14.39 17.98
CA ILE D 504 -1.32 -14.49 17.99
C ILE D 504 -1.86 -14.34 16.57
N LYS D 505 -1.34 -13.34 15.86
CA LYS D 505 -1.80 -13.04 14.50
C LYS D 505 -1.56 -14.23 13.59
N SER D 506 -0.53 -15.01 13.95
CA SER D 506 -0.16 -16.19 13.20
C SER D 506 -1.13 -17.33 13.49
N VAL D 507 -1.43 -17.58 14.77
CA VAL D 507 -2.30 -18.72 15.13
C VAL D 507 -3.78 -18.43 15.07
N ASP D 508 -4.19 -17.18 15.21
CA ASP D 508 -5.60 -16.83 15.22
C ASP D 508 -5.86 -15.52 14.51
N PRO D 509 -6.01 -15.57 13.17
CA PRO D 509 -6.29 -14.38 12.37
C PRO D 509 -7.72 -13.88 12.51
N SER D 510 -8.53 -14.53 13.33
CA SER D 510 -9.94 -14.16 13.47
C SER D 510 -10.21 -12.98 14.41
N ARG D 511 -9.22 -12.60 15.21
CA ARG D 511 -9.40 -11.58 16.25
C ARG D 511 -8.25 -10.56 16.24
N PRO D 512 -8.57 -9.28 16.38
CA PRO D 512 -7.53 -8.26 16.54
C PRO D 512 -6.77 -8.49 17.84
N VAL D 513 -5.52 -8.03 17.86
CA VAL D 513 -4.70 -8.03 19.05
C VAL D 513 -4.49 -6.59 19.48
N GLN D 514 -4.78 -6.27 20.73
CA GLN D 514 -4.56 -4.92 21.23
C GLN D 514 -3.64 -4.93 22.41
N TYR D 515 -2.92 -3.82 22.61
CA TYR D 515 -2.09 -3.63 23.77
C TYR D 515 -1.78 -2.15 23.96
N GLU D 516 -1.95 -1.66 25.17
CA GLU D 516 -1.79 -0.23 25.49
C GLU D 516 -0.35 0.23 25.78
N GLY D 517 0.50 -0.68 26.24
CA GLY D 517 1.81 -0.27 26.77
C GLY D 517 2.66 0.52 25.81
N GLY D 518 3.43 1.47 26.37
CA GLY D 518 4.41 2.22 25.63
C GLY D 518 3.85 3.19 24.61
N GLY D 519 2.65 3.71 24.86
CA GLY D 519 2.10 4.79 24.05
C GLY D 519 0.75 4.55 23.40
N ALA D 520 0.22 3.34 23.57
CA ALA D 520 -1.10 2.97 23.07
C ALA D 520 -1.22 2.84 21.55
N ASP D 521 -0.15 3.14 20.81
CA ASP D 521 -0.22 3.01 19.35
C ASP D 521 1.05 2.42 18.72
N THR D 522 1.72 1.57 19.50
CA THR D 522 2.91 0.89 19.03
C THR D 522 2.57 -0.17 17.96
N THR D 523 3.59 -0.88 17.53
CA THR D 523 3.47 -1.92 16.52
C THR D 523 2.90 -3.24 17.11
N ALA D 524 2.68 -3.27 18.42
CA ALA D 524 2.07 -4.43 19.06
C ALA D 524 0.59 -4.25 19.32
N THR D 525 -0.07 -3.42 18.50
CA THR D 525 -1.51 -3.23 18.63
C THR D 525 -2.23 -2.88 17.34
N ASP D 526 -3.35 -3.57 17.11
CA ASP D 526 -4.21 -3.34 15.95
C ASP D 526 -5.18 -2.19 16.21
N ILE D 527 -5.23 -1.73 17.46
CA ILE D 527 -6.21 -0.74 17.90
C ILE D 527 -5.48 0.29 18.76
N ILE D 528 -5.65 1.57 18.46
CA ILE D 528 -5.20 2.62 19.37
C ILE D 528 -6.07 2.50 20.62
N CYS D 529 -5.44 2.07 21.72
CA CYS D 529 -6.16 1.74 22.94
C CYS D 529 -5.65 2.46 24.18
N PRO D 530 -5.62 3.81 24.16
CA PRO D 530 -5.09 4.52 25.33
C PRO D 530 -5.89 4.33 26.60
N MET D 531 -5.28 4.70 27.71
CA MET D 531 -5.97 4.77 28.98
C MET D 531 -6.00 6.23 29.46
N TYR D 532 -7.21 6.72 29.71
CA TYR D 532 -7.46 8.05 30.29
C TYR D 532 -7.00 9.20 29.40
N ALA D 533 -6.98 8.94 28.10
CA ALA D 533 -6.78 9.98 27.12
C ALA D 533 -8.06 10.79 27.12
N ARG D 534 -7.93 12.11 27.09
CA ARG D 534 -9.11 12.97 27.18
C ARG D 534 -9.72 13.23 25.81
N VAL D 535 -10.93 13.80 25.78
CA VAL D 535 -11.66 14.05 24.52
C VAL D 535 -11.02 15.14 23.68
N ASP D 536 -10.82 16.32 24.26
CA ASP D 536 -10.32 17.49 23.54
C ASP D 536 -8.96 17.96 24.02
N GLU D 537 -8.58 17.55 25.22
CA GLU D 537 -7.35 18.03 25.82
C GLU D 537 -6.17 17.11 25.56
N ASP D 538 -5.18 17.61 24.83
CA ASP D 538 -3.88 16.97 24.74
C ASP D 538 -3.17 16.96 26.09
N GLN D 539 -2.50 15.84 26.39
CA GLN D 539 -1.60 15.72 27.53
C GLN D 539 -0.29 15.21 26.96
N PRO D 540 0.57 16.14 26.54
CA PRO D 540 1.75 15.77 25.75
C PRO D 540 2.93 15.28 26.60
N PHE D 541 2.76 14.20 27.36
CA PHE D 541 3.87 13.59 28.08
C PHE D 541 4.94 13.16 27.09
N PRO D 542 6.23 13.30 27.46
CA PRO D 542 7.30 12.78 26.61
C PRO D 542 7.16 11.28 26.36
N ALA D 543 7.54 10.86 25.16
CA ALA D 543 7.56 9.45 24.71
C ALA D 543 6.20 8.75 24.67
N VAL D 544 5.34 9.03 25.66
CA VAL D 544 4.03 8.36 25.79
C VAL D 544 2.84 9.32 25.93
N PRO D 545 2.70 10.28 25.01
CA PRO D 545 1.64 11.27 25.17
C PRO D 545 0.26 10.66 25.07
N LYS D 546 -0.67 11.21 25.84
CA LYS D 546 -2.06 10.87 25.69
C LYS D 546 -2.68 12.01 24.91
N TRP D 547 -2.71 11.89 23.59
CA TRP D 547 -3.34 12.92 22.77
C TRP D 547 -4.85 12.88 22.99
N SER D 548 -5.48 14.03 22.78
CA SER D 548 -6.93 14.08 22.62
C SER D 548 -7.34 13.00 21.63
N ILE D 549 -8.37 12.24 21.95
CA ILE D 549 -8.71 11.06 21.14
C ILE D 549 -9.18 11.45 19.71
N LYS D 550 -9.88 12.56 19.59
CA LYS D 550 -10.22 13.15 18.30
C LYS D 550 -8.96 13.48 17.49
N LYS D 551 -7.94 13.98 18.18
CA LYS D 551 -6.68 14.34 17.53
C LYS D 551 -5.86 13.09 17.15
N TRP D 552 -5.92 12.08 18.02
CA TRP D 552 -5.11 10.89 17.89
C TRP D 552 -5.43 10.16 16.62
N LEU D 553 -6.72 10.03 16.32
CA LEU D 553 -7.19 9.42 15.09
C LEU D 553 -6.52 9.94 13.82
N SER D 554 -6.20 11.24 13.77
CA SER D 554 -5.72 11.80 12.51
C SER D 554 -4.24 12.20 12.48
N LEU D 555 -3.46 11.73 13.45
CA LEU D 555 -2.03 11.96 13.44
C LEU D 555 -1.44 11.48 12.12
N PRO D 556 -0.41 12.18 11.62
CA PRO D 556 0.13 11.80 10.31
C PRO D 556 0.31 10.29 10.17
N GLY D 557 -0.33 9.71 9.16
CA GLY D 557 -0.08 8.32 8.80
C GLY D 557 -0.93 7.30 9.55
N GLU D 558 -1.64 7.75 10.57
CA GLU D 558 -2.48 6.88 11.41
C GLU D 558 -3.80 6.50 10.71
N THR D 559 -4.18 5.23 10.81
CA THR D 559 -5.42 4.73 10.20
C THR D 559 -6.29 3.89 11.13
N ARG D 560 -5.75 3.51 12.28
CA ARG D 560 -6.40 2.53 13.15
C ARG D 560 -7.64 3.05 13.90
N PRO D 561 -8.50 2.11 14.37
CA PRO D 561 -9.62 2.50 15.23
C PRO D 561 -9.13 2.80 16.63
N LEU D 562 -9.89 3.60 17.36
CA LEU D 562 -9.53 3.95 18.74
C LEU D 562 -10.65 3.56 19.71
N ILE D 563 -10.30 2.68 20.64
CA ILE D 563 -11.20 2.25 21.70
C ILE D 563 -10.39 2.34 22.98
N LEU D 564 -10.80 3.18 23.93
CA LEU D 564 -9.99 3.31 25.15
C LEU D 564 -10.04 2.02 25.95
N CYS D 565 -8.88 1.47 26.32
CA CYS D 565 -8.89 0.27 27.16
C CYS D 565 -9.31 0.62 28.59
N GLU D 566 -9.09 1.87 28.98
CA GLU D 566 -9.54 2.39 30.28
C GLU D 566 -9.87 3.86 30.12
N TYR D 567 -11.03 4.26 30.62
CA TYR D 567 -11.37 5.68 30.72
C TYR D 567 -12.39 5.93 31.83
N ALA D 568 -12.70 7.21 32.07
CA ALA D 568 -13.68 7.61 33.06
C ALA D 568 -13.45 6.93 34.41
N HIS D 569 -12.36 7.33 35.07
CA HIS D 569 -11.97 6.73 36.33
C HIS D 569 -13.06 7.02 37.36
N ALA D 570 -13.78 5.99 37.74
CA ALA D 570 -15.00 6.14 38.53
C ALA D 570 -14.73 6.12 40.03
N MET D 571 -13.67 6.79 40.44
CA MET D 571 -13.24 6.74 41.84
C MET D 571 -14.01 7.71 42.71
N GLY D 572 -14.74 7.17 43.69
CA GLY D 572 -15.57 8.00 44.56
C GLY D 572 -16.60 8.77 43.77
N ASN D 573 -16.86 10.00 44.17
CA ASN D 573 -17.77 10.90 43.46
C ASN D 573 -17.12 11.32 42.14
N SER D 574 -17.47 10.61 41.07
CA SER D 574 -16.76 10.78 39.80
C SER D 574 -17.66 10.68 38.56
N LEU D 575 -17.02 10.43 37.42
CA LEU D 575 -17.65 10.41 36.10
C LEU D 575 -18.09 11.77 35.59
N GLY D 576 -17.44 12.83 36.09
CA GLY D 576 -17.64 14.14 35.52
C GLY D 576 -17.03 14.23 34.12
N GLY D 577 -17.84 14.66 33.16
CA GLY D 577 -17.40 14.73 31.76
C GLY D 577 -17.65 13.46 30.96
N PHE D 578 -18.40 12.52 31.54
CA PHE D 578 -18.70 11.25 30.85
C PHE D 578 -19.45 11.45 29.53
N ALA D 579 -20.36 12.41 29.52
CA ALA D 579 -21.14 12.72 28.32
C ALA D 579 -20.26 13.21 27.17
N LYS D 580 -19.12 13.81 27.50
CA LYS D 580 -18.23 14.38 26.50
C LYS D 580 -17.59 13.26 25.68
N TYR D 581 -17.23 12.16 26.34
CA TYR D 581 -16.76 10.99 25.64
C TYR D 581 -17.80 10.48 24.65
N TRP D 582 -19.03 10.30 25.13
CA TRP D 582 -20.05 9.67 24.29
C TRP D 582 -20.48 10.49 23.09
N GLN D 583 -20.39 11.80 23.21
CA GLN D 583 -20.73 12.68 22.10
C GLN D 583 -19.67 12.53 21.01
N ALA D 584 -18.42 12.42 21.43
CA ALA D 584 -17.30 12.21 20.50
C ALA D 584 -17.34 10.82 19.88
N PHE D 585 -17.62 9.80 20.70
CA PHE D 585 -17.84 8.44 20.20
C PHE D 585 -18.88 8.40 19.12
N ARG D 586 -19.93 9.20 19.25
CA ARG D 586 -20.99 9.16 18.25
C ARG D 586 -20.64 9.94 16.99
N GLN D 587 -19.98 11.08 17.14
CA GLN D 587 -19.67 11.93 15.99
C GLN D 587 -18.55 11.38 15.12
N TYR D 588 -17.58 10.71 15.74
CA TYR D 588 -16.40 10.18 15.04
C TYR D 588 -16.51 8.68 14.75
N PRO D 589 -16.68 8.30 13.47
CA PRO D 589 -16.80 6.87 13.15
C PRO D 589 -15.68 6.02 13.77
N ARG D 590 -14.43 6.52 13.78
CA ARG D 590 -13.30 5.74 14.27
C ARG D 590 -13.08 5.75 15.79
N LEU D 591 -13.75 6.65 16.49
CA LEU D 591 -13.77 6.55 17.95
C LEU D 591 -14.87 5.54 18.24
N GLN D 592 -14.48 4.32 18.58
CA GLN D 592 -15.49 3.27 18.72
C GLN D 592 -15.75 2.83 20.15
N GLY D 593 -15.51 3.72 21.10
CA GLY D 593 -15.95 3.52 22.48
C GLY D 593 -14.81 3.36 23.46
N GLY D 594 -15.05 2.59 24.51
CA GLY D 594 -14.02 2.36 25.51
C GLY D 594 -14.52 1.55 26.67
N PHE D 595 -13.60 1.26 27.60
CA PHE D 595 -13.91 0.49 28.79
C PHE D 595 -13.75 1.35 30.04
N VAL D 596 -14.84 1.61 30.76
CA VAL D 596 -14.77 2.37 32.00
C VAL D 596 -13.87 1.68 33.01
N TRP D 597 -13.09 2.45 33.76
CA TRP D 597 -12.41 1.94 34.93
C TRP D 597 -13.13 2.35 36.21
N ASP D 598 -13.92 1.47 36.81
CA ASP D 598 -14.12 0.10 36.39
C ASP D 598 -15.44 -0.38 37.03
N TRP D 599 -15.70 -1.68 37.00
CA TRP D 599 -17.01 -2.18 37.41
C TRP D 599 -17.27 -2.11 38.92
N VAL D 600 -16.40 -2.76 39.72
CA VAL D 600 -16.71 -2.93 41.13
C VAL D 600 -15.59 -2.52 42.08
N ASP D 601 -15.96 -1.76 43.11
CA ASP D 601 -15.05 -1.36 44.20
C ASP D 601 -14.37 -2.59 44.79
N GLN D 602 -13.05 -2.56 44.91
CA GLN D 602 -12.32 -3.64 45.59
C GLN D 602 -12.20 -3.37 47.09
N SER D 603 -13.32 -3.09 47.75
CA SER D 603 -13.34 -2.99 49.21
C SER D 603 -13.60 -4.37 49.83
N LEU D 604 -12.90 -4.67 50.92
CA LEU D 604 -13.06 -5.94 51.66
C LEU D 604 -13.80 -5.76 52.98
N ILE D 605 -14.56 -6.77 53.39
CA ILE D 605 -15.36 -6.67 54.62
C ILE D 605 -14.54 -6.98 55.89
N LYS D 606 -14.39 -5.96 56.74
CA LYS D 606 -13.86 -6.18 58.10
C LYS D 606 -15.00 -6.10 59.12
N TYR D 607 -14.78 -6.70 60.29
CA TYR D 607 -15.77 -6.70 61.38
C TYR D 607 -15.18 -6.01 62.61
N ASP D 608 -15.94 -5.09 63.22
CA ASP D 608 -15.47 -4.30 64.37
C ASP D 608 -15.60 -5.03 65.73
N GLU D 609 -15.45 -4.27 66.82
CA GLU D 609 -15.61 -4.75 68.20
C GLU D 609 -16.96 -5.44 68.49
N ASN D 610 -18.03 -4.96 67.84
CA ASN D 610 -19.39 -5.50 67.99
C ASN D 610 -19.75 -6.60 66.98
N GLY D 611 -18.92 -6.76 65.95
CA GLY D 611 -19.18 -7.73 64.88
C GLY D 611 -20.07 -7.20 63.78
N ASN D 612 -20.05 -5.88 63.58
CA ASN D 612 -20.80 -5.22 62.51
C ASN D 612 -19.93 -4.95 61.29
N PRO D 613 -20.35 -5.44 60.10
CA PRO D 613 -19.55 -5.34 58.87
C PRO D 613 -19.20 -3.90 58.46
N TRP D 614 -17.98 -3.68 57.98
CA TRP D 614 -17.60 -2.41 57.37
C TRP D 614 -16.65 -2.54 56.19
N SER D 615 -16.70 -1.56 55.29
CA SER D 615 -15.94 -1.59 54.05
C SER D 615 -14.51 -1.13 54.27
N ALA D 616 -13.57 -1.96 53.86
CA ALA D 616 -12.15 -1.69 54.06
C ALA D 616 -11.37 -1.57 52.75
N TYR D 617 -10.45 -0.61 52.72
CA TYR D 617 -9.55 -0.42 51.61
C TYR D 617 -8.10 -0.60 52.05
N GLY D 618 -7.16 -0.08 51.26
CA GLY D 618 -5.72 -0.19 51.57
C GLY D 618 -5.31 0.40 52.91
N GLY D 619 -4.46 -0.32 53.64
CA GLY D 619 -3.96 0.11 54.94
C GLY D 619 -4.71 -0.47 56.13
N ASP D 620 -5.91 -1.00 55.88
CA ASP D 620 -6.80 -1.49 56.95
C ASP D 620 -6.52 -2.92 57.43
N PHE D 621 -5.54 -3.58 56.82
CA PHE D 621 -5.15 -4.93 57.21
C PHE D 621 -3.73 -4.99 57.78
N GLY D 622 -3.22 -3.83 58.21
CA GLY D 622 -1.83 -3.69 58.67
C GLY D 622 -0.91 -3.42 57.49
N ASP D 623 -1.45 -3.61 56.29
CA ASP D 623 -0.72 -3.51 55.01
C ASP D 623 -0.07 -2.15 54.74
N THR D 624 1.24 -2.17 54.58
CA THR D 624 2.07 -1.00 54.39
C THR D 624 3.40 -1.41 53.70
N PRO D 625 3.83 -0.69 52.63
CA PRO D 625 3.18 0.46 51.99
C PRO D 625 1.92 0.07 51.21
N ASN D 626 0.90 0.91 51.32
CA ASN D 626 -0.37 0.72 50.63
C ASN D 626 -0.74 1.97 49.83
N ASP D 627 -1.74 1.84 48.96
CA ASP D 627 -2.24 2.96 48.16
C ASP D 627 -3.70 3.32 48.49
N ARG D 628 -3.99 3.25 49.79
CA ARG D 628 -5.25 3.68 50.40
C ARG D 628 -6.50 3.34 49.58
N GLN D 629 -7.36 4.33 49.32
CA GLN D 629 -8.66 4.08 48.70
C GLN D 629 -8.63 3.84 47.17
N PHE D 630 -7.44 3.86 46.57
CA PHE D 630 -7.30 3.69 45.12
C PHE D 630 -7.72 2.32 44.58
N CYS D 631 -8.06 1.40 45.48
CA CYS D 631 -8.63 0.10 45.10
C CYS D 631 -10.13 0.20 44.86
N MET D 632 -10.67 1.40 45.02
CA MET D 632 -12.11 1.62 44.81
C MET D 632 -12.35 2.61 43.68
N ASN D 633 -12.73 2.07 42.52
CA ASN D 633 -13.01 2.89 41.34
C ASN D 633 -14.28 2.43 40.63
N GLY D 634 -15.11 1.69 41.36
CA GLY D 634 -16.25 1.00 40.76
C GLY D 634 -17.44 1.88 40.42
N LEU D 635 -18.20 1.42 39.43
CA LEU D 635 -19.53 1.97 39.17
C LEU D 635 -20.52 1.39 40.19
N VAL D 636 -20.10 0.29 40.84
CA VAL D 636 -20.88 -0.33 41.92
C VAL D 636 -20.03 -0.57 43.17
N PHE D 637 -20.69 -0.57 44.33
CA PHE D 637 -20.09 -0.91 45.62
C PHE D 637 -19.79 -2.38 45.62
N ALA D 638 -18.85 -2.81 46.47
CA ALA D 638 -18.44 -4.23 46.53
C ALA D 638 -19.62 -5.23 46.53
N ASP D 639 -20.76 -4.80 47.08
CA ASP D 639 -21.95 -5.64 47.19
C ASP D 639 -22.92 -5.47 46.01
N ARG D 640 -22.49 -4.72 44.99
CA ARG D 640 -23.22 -4.50 43.74
C ARG D 640 -24.38 -3.50 43.85
N THR D 641 -24.40 -2.75 44.96
CA THR D 641 -25.25 -1.56 45.08
C THR D 641 -24.66 -0.50 44.14
N PRO D 642 -25.52 0.14 43.31
CA PRO D 642 -25.10 1.19 42.39
C PRO D 642 -24.51 2.42 43.06
N HIS D 643 -23.39 2.91 42.53
CA HIS D 643 -22.98 4.29 42.74
C HIS D 643 -23.91 5.15 41.86
N PRO D 644 -24.10 6.44 42.21
CA PRO D 644 -24.88 7.33 41.34
C PRO D 644 -24.31 7.43 39.92
N ALA D 645 -23.00 7.24 39.78
CA ALA D 645 -22.33 7.30 38.48
C ALA D 645 -22.92 6.31 37.48
N LEU D 646 -23.37 5.16 37.97
CA LEU D 646 -23.95 4.13 37.11
C LEU D 646 -25.08 4.64 36.22
N THR D 647 -26.04 5.36 36.82
CA THR D 647 -27.19 5.90 36.08
C THR D 647 -26.72 6.82 34.94
N GLU D 648 -25.62 7.54 35.15
CA GLU D 648 -25.05 8.39 34.12
C GLU D 648 -24.49 7.55 32.97
N ALA D 649 -23.81 6.46 33.32
CA ALA D 649 -23.32 5.51 32.33
C ALA D 649 -24.47 4.88 31.55
N LYS D 650 -25.53 4.48 32.23
CA LYS D 650 -26.69 3.88 31.56
C LYS D 650 -27.28 4.85 30.53
N HIS D 651 -27.40 6.10 30.94
CA HIS D 651 -28.01 7.10 30.11
C HIS D 651 -27.15 7.39 28.89
N GLN D 652 -25.86 7.67 29.11
CA GLN D 652 -25.00 8.03 27.98
C GLN D 652 -24.78 6.87 26.99
N GLN D 653 -24.88 5.64 27.48
CA GLN D 653 -24.74 4.44 26.66
C GLN D 653 -26.07 3.94 26.05
N GLN D 654 -27.16 4.69 26.19
CA GLN D 654 -28.43 4.34 25.55
C GLN D 654 -28.27 3.98 24.07
N PHE D 655 -29.21 3.15 23.58
CA PHE D 655 -29.16 2.62 22.21
C PHE D 655 -30.17 3.32 21.31
N PHE D 656 -30.95 4.23 21.88
CA PHE D 656 -31.86 5.06 21.11
C PHE D 656 -31.54 6.53 21.28
N GLN D 657 -31.42 7.22 20.14
CA GLN D 657 -31.14 8.66 20.13
C GLN D 657 -32.39 9.45 19.78
N PHE D 658 -32.48 10.67 20.31
CA PHE D 658 -33.69 11.42 20.19
C PHE D 658 -33.47 12.85 19.74
N ARG D 659 -34.29 13.28 18.79
CA ARG D 659 -34.37 14.68 18.40
C ARG D 659 -35.84 15.07 18.35
N LEU D 660 -36.12 16.32 18.72
CA LEU D 660 -37.49 16.81 18.71
C LEU D 660 -37.59 18.04 17.82
N SER D 661 -38.54 18.00 16.89
CA SER D 661 -38.79 19.12 16.00
C SER D 661 -40.26 19.45 15.97
N GLY D 662 -40.63 20.49 16.72
CA GLY D 662 -42.02 20.88 16.88
C GLY D 662 -42.77 19.86 17.74
N GLN D 663 -43.52 18.99 17.08
CA GLN D 663 -44.29 17.94 17.78
C GLN D 663 -43.97 16.52 17.27
N THR D 664 -42.95 16.43 16.43
CA THR D 664 -42.46 15.16 15.95
C THR D 664 -41.22 14.74 16.72
N ILE D 665 -41.29 13.56 17.34
CA ILE D 665 -40.11 12.94 17.95
C ILE D 665 -39.47 12.02 16.92
N GLU D 666 -38.17 12.18 16.74
CA GLU D 666 -37.40 11.30 15.88
C GLU D 666 -36.58 10.38 16.77
N VAL D 667 -36.84 9.07 16.66
CA VAL D 667 -36.07 8.04 17.35
C VAL D 667 -35.08 7.39 16.39
N THR D 668 -33.79 7.42 16.70
CA THR D 668 -32.80 6.72 15.88
C THR D 668 -32.23 5.56 16.68
N SER D 669 -32.16 4.39 16.05
CA SER D 669 -31.59 3.21 16.69
C SER D 669 -30.09 3.12 16.47
N GLU D 670 -29.37 2.82 17.54
CA GLU D 670 -27.94 2.59 17.44
C GLU D 670 -27.63 1.10 17.45
N TYR D 671 -28.67 0.26 17.36
CA TYR D 671 -28.47 -1.18 17.24
C TYR D 671 -28.01 -1.50 15.84
N LEU D 672 -27.16 -2.53 15.70
CA LEU D 672 -26.60 -2.91 14.41
C LEU D 672 -27.32 -4.11 13.78
N PHE D 673 -27.98 -4.90 14.61
CA PHE D 673 -28.54 -6.16 14.15
C PHE D 673 -30.03 -6.30 14.44
N ARG D 674 -30.44 -6.03 15.66
CA ARG D 674 -31.82 -6.26 16.08
C ARG D 674 -32.75 -5.08 15.77
N HIS D 675 -34.02 -5.42 15.50
CA HIS D 675 -35.11 -4.45 15.49
C HIS D 675 -35.59 -4.22 16.91
N SER D 676 -36.22 -3.08 17.15
CA SER D 676 -36.76 -2.74 18.46
C SER D 676 -38.07 -3.49 18.72
N ASP D 677 -37.96 -4.82 18.83
CA ASP D 677 -39.14 -5.70 18.89
C ASP D 677 -39.60 -6.01 20.32
N ASN D 678 -39.10 -5.23 21.27
CA ASN D 678 -39.45 -5.33 22.69
C ASN D 678 -39.24 -3.94 23.29
N GLU D 679 -39.97 -2.97 22.75
CA GLU D 679 -39.80 -1.56 23.08
C GLU D 679 -41.07 -0.76 22.81
N LEU D 680 -41.48 0.02 23.81
CA LEU D 680 -42.44 1.09 23.57
C LEU D 680 -41.95 2.39 24.19
N LEU D 681 -42.44 3.49 23.64
CA LEU D 681 -42.10 4.82 24.13
C LEU D 681 -43.25 5.35 24.98
N HIS D 682 -42.95 5.62 26.25
CA HIS D 682 -43.86 6.33 27.15
C HIS D 682 -43.49 7.80 27.06
N TRP D 683 -44.45 8.65 26.76
CA TRP D 683 -44.20 10.10 26.84
C TRP D 683 -45.06 10.72 27.92
N MET D 684 -44.54 11.79 28.51
CA MET D 684 -45.15 12.45 29.66
C MET D 684 -44.86 13.94 29.51
N VAL D 685 -45.90 14.76 29.57
CA VAL D 685 -45.72 16.21 29.54
C VAL D 685 -46.17 16.80 30.87
N ALA D 686 -45.31 17.61 31.48
CA ALA D 686 -45.56 18.12 32.82
C ALA D 686 -45.18 19.59 32.97
N LEU D 687 -45.97 20.30 33.77
CA LEU D 687 -45.71 21.69 34.15
C LEU D 687 -45.22 21.72 35.58
N ASP D 688 -43.97 22.15 35.77
CA ASP D 688 -43.33 22.12 37.09
C ASP D 688 -43.73 20.89 37.91
N GLY D 689 -43.59 19.71 37.31
CA GLY D 689 -43.77 18.44 38.01
C GLY D 689 -45.18 17.88 38.01
N LYS D 690 -46.17 18.74 37.77
CA LYS D 690 -47.57 18.33 37.64
C LYS D 690 -47.83 17.79 36.24
N PRO D 691 -48.33 16.55 36.13
CA PRO D 691 -48.65 15.92 34.85
C PRO D 691 -49.88 16.51 34.15
N LEU D 692 -49.75 16.83 32.88
CA LEU D 692 -50.89 17.21 32.06
C LEU D 692 -51.37 16.03 31.23
N ALA D 693 -50.53 15.61 30.29
CA ALA D 693 -50.86 14.60 29.30
C ALA D 693 -49.78 13.51 29.23
N SER D 694 -50.20 12.29 28.96
CA SER D 694 -49.27 11.17 28.80
C SER D 694 -49.66 10.29 27.61
N GLY D 695 -48.90 9.22 27.36
CA GLY D 695 -49.18 8.34 26.24
C GLY D 695 -48.18 7.23 26.01
N GLU D 696 -48.45 6.43 24.98
CA GLU D 696 -47.60 5.31 24.55
C GLU D 696 -47.62 5.18 23.05
N VAL D 697 -46.47 4.84 22.48
CA VAL D 697 -46.39 4.46 21.08
C VAL D 697 -45.44 3.29 20.99
N PRO D 698 -45.81 2.25 20.25
CA PRO D 698 -44.85 1.17 20.03
C PRO D 698 -43.63 1.68 19.26
N LEU D 699 -42.45 1.17 19.60
CA LEU D 699 -41.25 1.46 18.84
C LEU D 699 -41.05 0.39 17.80
N ASP D 700 -40.96 0.81 16.57
CA ASP D 700 -40.81 -0.09 15.45
C ASP D 700 -39.70 0.50 14.59
N VAL D 701 -38.47 0.37 15.08
CA VAL D 701 -37.32 0.99 14.40
C VAL D 701 -36.21 -0.03 14.13
N ALA D 702 -35.81 -0.08 12.87
CA ALA D 702 -34.80 -1.01 12.39
C ALA D 702 -33.39 -0.61 12.89
N PRO D 703 -32.44 -1.56 12.87
CA PRO D 703 -31.09 -1.18 13.30
C PRO D 703 -30.57 -0.09 12.40
N GLN D 704 -29.96 0.94 13.00
CA GLN D 704 -29.50 2.15 12.28
C GLN D 704 -30.64 2.96 11.66
N GLY D 705 -31.88 2.58 11.94
CA GLY D 705 -33.04 3.20 11.30
C GLY D 705 -33.65 4.34 12.11
N LYS D 706 -34.73 4.89 11.58
CA LYS D 706 -35.44 6.00 12.20
C LYS D 706 -36.91 5.66 12.33
N GLN D 707 -37.56 6.31 13.28
CA GLN D 707 -39.02 6.36 13.35
C GLN D 707 -39.45 7.77 13.76
N LEU D 708 -40.48 8.29 13.10
CA LEU D 708 -41.05 9.59 13.43
C LEU D 708 -42.34 9.36 14.18
N ILE D 709 -42.37 9.82 15.43
CA ILE D 709 -43.56 9.69 16.26
C ILE D 709 -44.18 11.07 16.49
N GLU D 710 -45.40 11.25 15.96
CA GLU D 710 -46.13 12.51 16.09
C GLU D 710 -46.86 12.54 17.42
N LEU D 711 -46.68 13.62 18.16
CA LEU D 711 -47.42 13.86 19.40
C LEU D 711 -48.78 14.47 19.05
N PRO D 712 -49.83 14.13 19.81
CA PRO D 712 -51.14 14.79 19.63
C PRO D 712 -51.09 16.26 20.03
N GLU D 713 -52.22 16.95 19.93
CA GLU D 713 -52.32 18.32 20.43
C GLU D 713 -52.02 18.27 21.93
N LEU D 714 -51.03 19.05 22.34
CA LEU D 714 -50.65 19.13 23.75
C LEU D 714 -51.38 20.34 24.34
N PRO D 715 -52.44 20.09 25.14
CA PRO D 715 -53.29 21.19 25.62
C PRO D 715 -52.47 22.27 26.32
N GLN D 716 -52.58 23.49 25.81
CA GLN D 716 -51.84 24.64 26.35
C GLN D 716 -52.05 24.77 27.86
N PRO D 717 -50.96 25.10 28.58
CA PRO D 717 -51.01 25.15 30.04
C PRO D 717 -51.81 26.35 30.56
N GLU D 718 -52.50 26.15 31.68
CA GLU D 718 -53.35 27.18 32.31
C GLU D 718 -52.70 27.76 33.58
N SER D 719 -51.51 28.36 33.42
CA SER D 719 -50.77 29.08 34.47
C SER D 719 -49.30 29.25 34.11
N ALA D 720 -48.57 29.95 34.97
CA ALA D 720 -47.14 30.18 34.79
C ALA D 720 -46.35 28.89 35.01
N GLY D 721 -45.23 28.77 34.30
CA GLY D 721 -44.33 27.65 34.52
C GLY D 721 -43.63 27.15 33.28
N GLN D 722 -42.85 26.09 33.46
CA GLN D 722 -42.11 25.48 32.36
C GLN D 722 -42.64 24.09 32.03
N LEU D 723 -42.97 23.88 30.76
CA LEU D 723 -43.43 22.57 30.25
C LEU D 723 -42.28 21.64 29.86
N TRP D 724 -42.28 20.44 30.43
CA TRP D 724 -41.23 19.46 30.21
C TRP D 724 -41.75 18.20 29.54
N LEU D 725 -41.21 17.89 28.36
CA LEU D 725 -41.44 16.60 27.72
C LEU D 725 -40.39 15.61 28.20
N THR D 726 -40.85 14.44 28.64
CA THR D 726 -40.02 13.33 29.05
C THR D 726 -40.46 12.07 28.32
N VAL D 727 -39.52 11.44 27.63
CA VAL D 727 -39.75 10.14 26.99
C VAL D 727 -38.96 9.06 27.73
N ARG D 728 -39.53 7.86 27.77
CA ARG D 728 -38.87 6.69 28.32
C ARG D 728 -39.07 5.57 27.32
N VAL D 729 -38.00 4.83 27.03
CA VAL D 729 -38.15 3.61 26.27
C VAL D 729 -38.30 2.54 27.32
N VAL D 730 -39.39 1.77 27.23
CA VAL D 730 -39.66 0.68 28.15
C VAL D 730 -39.75 -0.66 27.40
N GLN D 731 -39.22 -1.71 28.03
CA GLN D 731 -39.29 -3.05 27.49
C GLN D 731 -40.47 -3.78 28.16
N PRO D 732 -41.59 -3.95 27.42
CA PRO D 732 -42.73 -4.54 28.11
C PRO D 732 -42.59 -6.02 28.49
N ASN D 733 -41.65 -6.76 27.87
CA ASN D 733 -41.46 -8.18 28.21
C ASN D 733 -40.15 -8.48 28.91
N ALA D 734 -40.17 -9.51 29.74
CA ALA D 734 -38.97 -9.99 30.42
C ALA D 734 -37.97 -10.61 29.42
N THR D 735 -36.69 -10.58 29.77
CA THR D 735 -35.62 -11.20 28.97
C THR D 735 -34.78 -12.07 29.88
N ALA D 736 -33.71 -12.65 29.34
CA ALA D 736 -32.74 -13.38 30.16
C ALA D 736 -32.02 -12.46 31.17
N TRP D 737 -31.95 -11.16 30.88
CA TRP D 737 -31.13 -10.20 31.61
C TRP D 737 -31.89 -9.01 32.22
N SER D 738 -33.19 -8.90 31.94
CA SER D 738 -34.03 -7.86 32.52
C SER D 738 -35.47 -8.33 32.85
N GLU D 739 -36.16 -7.58 33.72
CA GLU D 739 -37.57 -7.83 34.06
C GLU D 739 -38.50 -7.02 33.18
N ALA D 740 -39.78 -7.39 33.17
CA ALA D 740 -40.79 -6.65 32.44
C ALA D 740 -40.87 -5.25 32.99
N GLY D 741 -40.98 -4.27 32.09
CA GLY D 741 -41.07 -2.88 32.50
C GLY D 741 -39.73 -2.15 32.61
N HIS D 742 -38.63 -2.87 32.33
CA HIS D 742 -37.28 -2.29 32.31
C HIS D 742 -37.22 -1.04 31.45
N ILE D 743 -36.62 0.01 32.00
CA ILE D 743 -36.41 1.24 31.26
C ILE D 743 -34.97 1.20 30.76
N SER D 744 -34.80 1.41 29.45
CA SER D 744 -33.50 1.27 28.78
C SER D 744 -32.95 2.60 28.30
N ALA D 745 -33.83 3.56 28.10
CA ALA D 745 -33.46 4.84 27.55
C ALA D 745 -34.45 5.92 27.97
N TRP D 746 -33.96 7.14 28.19
CA TRP D 746 -34.83 8.29 28.40
C TRP D 746 -34.20 9.56 27.84
N GLN D 747 -35.02 10.62 27.72
CA GLN D 747 -34.57 11.95 27.28
C GLN D 747 -35.61 13.03 27.65
N GLN D 748 -35.14 14.26 27.89
CA GLN D 748 -36.03 15.39 28.24
C GLN D 748 -35.86 16.63 27.36
N TRP D 749 -36.97 17.34 27.14
CA TRP D 749 -36.92 18.66 26.51
C TRP D 749 -37.77 19.66 27.27
N ARG D 750 -37.36 20.92 27.23
CA ARG D 750 -38.21 22.05 27.60
C ARG D 750 -39.11 22.33 26.42
N LEU D 751 -40.42 22.40 26.66
CA LEU D 751 -41.34 22.85 25.63
C LEU D 751 -41.62 24.33 25.86
N ALA D 752 -42.87 24.75 25.68
CA ALA D 752 -43.25 26.14 25.95
C ALA D 752 -43.07 26.54 27.41
N GLU D 753 -42.55 27.74 27.62
CA GLU D 753 -42.49 28.35 28.96
C GLU D 753 -43.43 29.53 29.01
N ASN D 754 -44.21 29.62 30.09
CA ASN D 754 -45.02 30.81 30.35
C ASN D 754 -44.50 31.56 31.58
N LEU D 755 -43.81 32.67 31.32
CA LEU D 755 -43.21 33.48 32.38
C LEU D 755 -44.25 34.11 33.30
N SER D 756 -44.01 34.03 34.61
CA SER D 756 -44.92 34.60 35.60
C SER D 756 -44.88 36.12 35.62
N VAL D 757 -46.00 36.73 35.23
CA VAL D 757 -46.16 38.19 35.24
C VAL D 757 -47.03 38.71 36.38
N THR D 758 -47.65 37.80 37.14
CA THR D 758 -48.60 38.22 38.18
C THR D 758 -47.93 38.70 39.47
N LEU D 759 -48.39 39.83 39.99
CA LEU D 759 -47.96 40.34 41.29
C LEU D 759 -48.56 39.49 42.39
N PRO D 760 -47.76 39.19 43.44
CA PRO D 760 -48.31 38.45 44.59
C PRO D 760 -49.40 39.25 45.31
N ALA D 761 -50.24 38.56 46.07
CA ALA D 761 -51.28 39.22 46.88
C ALA D 761 -50.62 40.21 47.84
N ALA D 762 -50.96 41.49 47.67
CA ALA D 762 -50.32 42.62 48.36
C ALA D 762 -50.19 42.45 49.89
N SER D 763 -49.11 43.04 50.43
CA SER D 763 -48.74 42.90 51.84
C SER D 763 -49.84 43.31 52.81
N HIS D 764 -50.28 42.33 53.61
CA HIS D 764 -51.35 42.52 54.57
C HIS D 764 -50.85 43.35 55.78
N ALA D 765 -49.86 42.82 56.49
CA ALA D 765 -49.20 43.51 57.62
C ALA D 765 -47.77 43.88 57.26
N ILE D 766 -47.07 44.52 58.19
CA ILE D 766 -45.70 44.96 57.95
C ILE D 766 -44.77 44.39 59.03
N PRO D 767 -43.56 43.95 58.63
CA PRO D 767 -42.60 43.42 59.61
C PRO D 767 -41.92 44.54 60.40
N HIS D 768 -41.60 44.25 61.66
CA HIS D 768 -41.06 45.23 62.58
C HIS D 768 -39.57 44.96 62.90
N LEU D 769 -38.76 46.01 62.86
CA LEU D 769 -37.33 45.92 63.13
C LEU D 769 -36.97 46.28 64.59
N THR D 770 -36.18 45.45 65.25
CA THR D 770 -35.72 45.73 66.60
C THR D 770 -34.19 45.79 66.67
N THR D 771 -33.67 47.01 66.73
CA THR D 771 -32.24 47.27 66.78
C THR D 771 -31.67 47.21 68.20
N SER D 772 -30.57 46.47 68.36
CA SER D 772 -29.70 46.59 69.52
C SER D 772 -28.31 46.81 68.95
N GLU D 773 -27.31 47.05 69.79
CA GLU D 773 -25.95 47.25 69.26
C GLU D 773 -25.38 45.97 68.66
N MET D 774 -25.90 44.82 69.09
CA MET D 774 -25.40 43.53 68.63
C MET D 774 -26.32 42.88 67.57
N ASP D 775 -27.57 43.32 67.49
CA ASP D 775 -28.55 42.61 66.71
C ASP D 775 -29.53 43.48 65.97
N PHE D 776 -29.85 43.07 64.74
CA PHE D 776 -31.05 43.48 64.06
C PHE D 776 -32.01 42.30 64.13
N CYS D 777 -33.11 42.46 64.86
CA CYS D 777 -34.18 41.45 64.85
C CYS D 777 -35.36 41.93 64.02
N ILE D 778 -36.02 40.99 63.33
CA ILE D 778 -37.24 41.28 62.58
C ILE D 778 -38.34 40.32 63.01
N GLU D 779 -39.53 40.87 63.27
CA GLU D 779 -40.70 40.10 63.70
C GLU D 779 -41.86 40.29 62.75
N LEU D 780 -42.56 39.20 62.50
CA LEU D 780 -43.84 39.21 61.78
C LEU D 780 -44.61 37.97 62.20
N GLY D 781 -45.74 38.18 62.88
CA GLY D 781 -46.55 37.07 63.38
C GLY D 781 -45.76 36.13 64.26
N ASN D 782 -45.90 34.83 64.00
CA ASN D 782 -45.14 33.78 64.71
C ASN D 782 -43.63 33.74 64.36
N LYS D 783 -43.24 34.52 63.36
CA LYS D 783 -41.90 34.45 62.77
C LYS D 783 -40.92 35.50 63.31
N ARG D 784 -39.70 35.07 63.62
CA ARG D 784 -38.67 35.95 64.16
C ARG D 784 -37.30 35.69 63.52
N TRP D 785 -36.70 36.75 62.95
CA TRP D 785 -35.37 36.70 62.31
C TRP D 785 -34.31 37.49 63.10
N GLN D 786 -33.18 36.85 63.40
CA GLN D 786 -32.08 37.51 64.13
C GLN D 786 -30.77 37.61 63.34
N PHE D 787 -30.32 38.83 63.11
CA PHE D 787 -29.05 39.11 62.45
C PHE D 787 -28.01 39.68 63.42
N ASN D 788 -26.93 38.92 63.62
CA ASN D 788 -25.82 39.37 64.45
C ASN D 788 -24.99 40.45 63.75
N ARG D 789 -24.82 41.59 64.41
CA ARG D 789 -24.15 42.74 63.81
C ARG D 789 -22.62 42.72 63.95
N GLN D 790 -22.13 41.81 64.79
CA GLN D 790 -20.69 41.52 64.86
C GLN D 790 -20.26 40.57 63.72
N SER D 791 -21.00 39.48 63.51
CA SER D 791 -20.64 38.50 62.49
C SER D 791 -21.14 38.90 61.11
N GLY D 792 -22.37 39.41 61.04
CA GLY D 792 -22.98 39.84 59.78
C GLY D 792 -23.91 38.82 59.16
N PHE D 793 -24.17 37.73 59.88
CA PHE D 793 -24.98 36.62 59.38
C PHE D 793 -26.27 36.45 60.13
N LEU D 794 -27.27 35.87 59.45
CA LEU D 794 -28.49 35.39 60.10
C LEU D 794 -28.07 34.31 61.08
N SER D 795 -28.08 34.64 62.37
CA SER D 795 -27.59 33.73 63.40
C SER D 795 -28.70 32.88 64.02
N GLN D 796 -29.94 33.34 63.91
CA GLN D 796 -31.10 32.59 64.40
C GLN D 796 -32.42 32.97 63.74
N MET D 797 -33.32 31.98 63.66
CA MET D 797 -34.70 32.18 63.21
C MET D 797 -35.67 31.39 64.09
N TRP D 798 -36.86 31.95 64.29
CA TRP D 798 -37.88 31.31 65.11
C TRP D 798 -39.22 31.15 64.40
N ILE D 799 -39.81 29.96 64.53
CA ILE D 799 -41.21 29.76 64.19
C ILE D 799 -41.97 29.55 65.49
N GLY D 800 -42.72 30.59 65.88
CA GLY D 800 -43.25 30.66 67.23
C GLY D 800 -42.09 30.94 68.17
N ASP D 801 -41.76 29.94 68.98
CA ASP D 801 -40.65 30.06 69.93
C ASP D 801 -39.62 28.93 69.76
N LYS D 802 -39.85 28.05 68.80
CA LYS D 802 -38.90 26.99 68.44
C LYS D 802 -37.77 27.55 67.58
N LYS D 803 -36.54 27.38 68.04
CA LYS D 803 -35.36 27.83 67.33
C LYS D 803 -35.14 26.95 66.07
N GLN D 804 -34.79 27.60 64.95
CA GLN D 804 -34.69 26.90 63.67
C GLN D 804 -33.26 26.58 63.22
N LEU D 805 -32.27 27.24 63.82
CA LEU D 805 -30.85 27.08 63.46
C LEU D 805 -29.98 26.59 64.61
N LEU D 806 -29.07 25.67 64.31
CA LEU D 806 -27.99 25.31 65.23
C LEU D 806 -26.70 26.07 64.90
N THR D 807 -26.49 26.39 63.63
CA THR D 807 -25.33 27.16 63.18
C THR D 807 -25.83 28.29 62.28
N PRO D 808 -25.26 29.50 62.40
CA PRO D 808 -25.70 30.60 61.53
C PRO D 808 -25.50 30.35 60.03
N LEU D 809 -26.31 31.01 59.21
CA LEU D 809 -26.24 30.95 57.76
C LEU D 809 -25.06 31.75 57.26
N ARG D 810 -24.02 31.06 56.78
CA ARG D 810 -22.79 31.70 56.27
C ARG D 810 -22.47 31.28 54.84
N ASP D 811 -21.78 32.14 54.10
CA ASP D 811 -21.22 31.75 52.79
C ASP D 811 -20.30 30.54 52.91
N GLN D 812 -20.31 29.70 51.88
CA GLN D 812 -19.35 28.61 51.79
C GLN D 812 -18.72 28.60 50.41
N PHE D 813 -17.39 28.47 50.38
CA PHE D 813 -16.63 28.49 49.14
C PHE D 813 -15.83 27.21 48.95
N THR D 814 -16.04 26.24 49.82
CA THR D 814 -15.23 25.03 49.86
C THR D 814 -16.10 23.79 49.95
N ARG D 815 -15.54 22.65 49.59
CA ARG D 815 -16.21 21.36 49.79
C ARG D 815 -15.27 20.37 50.47
N ALA D 816 -15.87 19.37 51.12
CA ALA D 816 -15.12 18.21 51.56
C ALA D 816 -14.56 17.57 50.29
N PRO D 817 -13.22 17.64 50.11
CA PRO D 817 -12.62 17.34 48.82
C PRO D 817 -12.95 15.94 48.35
N LEU D 818 -13.29 15.82 47.06
CA LEU D 818 -13.57 14.51 46.46
C LEU D 818 -12.26 13.81 46.19
N ASP D 819 -12.33 12.53 45.85
CA ASP D 819 -11.12 11.81 45.45
C ASP D 819 -10.39 12.48 44.26
N ASN D 820 -11.17 12.90 43.25
CA ASN D 820 -10.63 13.69 42.12
C ASN D 820 -10.02 15.01 42.56
N ASP D 821 -10.47 15.52 43.69
CA ASP D 821 -9.89 16.73 44.26
C ASP D 821 -8.55 16.42 44.88
N ILE D 822 -8.39 15.20 45.40
CA ILE D 822 -7.17 14.84 46.13
C ILE D 822 -6.08 14.29 45.22
N GLY D 823 -6.45 13.34 44.37
CA GLY D 823 -5.49 12.70 43.48
C GLY D 823 -4.54 11.83 44.26
N VAL D 824 -3.25 11.96 43.96
CA VAL D 824 -2.22 11.17 44.64
C VAL D 824 -1.59 11.91 45.80
N SER D 825 -2.17 13.04 46.18
CA SER D 825 -1.62 13.85 47.28
C SER D 825 -1.85 13.21 48.64
N GLU D 826 -0.79 13.22 49.45
CA GLU D 826 -0.82 12.74 50.83
C GLU D 826 -0.06 13.73 51.73
N ALA D 827 -0.35 13.70 53.03
CA ALA D 827 0.33 14.56 54.02
C ALA D 827 1.84 14.34 54.10
N THR D 828 2.27 13.11 53.83
CA THR D 828 3.70 12.74 53.80
C THR D 828 4.35 13.13 52.48
N ARG D 829 3.56 13.15 51.40
CA ARG D 829 4.03 13.53 50.07
C ARG D 829 2.94 14.32 49.32
N ILE D 830 3.03 15.65 49.41
CA ILE D 830 2.04 16.58 48.84
C ILE D 830 2.17 16.67 47.32
N ASP D 831 1.04 16.62 46.61
CA ASP D 831 0.99 17.00 45.21
C ASP D 831 0.44 18.44 45.11
N PRO D 832 1.34 19.43 44.97
CA PRO D 832 0.91 20.83 45.00
C PRO D 832 -0.01 21.22 43.82
N ASN D 833 -0.11 20.36 42.83
CA ASN D 833 -0.95 20.63 41.66
C ASN D 833 -2.41 20.14 41.80
N ALA D 834 -2.68 19.28 42.80
CA ALA D 834 -4.05 18.82 43.10
C ALA D 834 -4.95 19.99 43.49
N TRP D 835 -6.23 19.89 43.18
CA TRP D 835 -7.14 20.97 43.52
C TRP D 835 -7.15 21.27 45.01
N VAL D 836 -7.18 20.22 45.82
CA VAL D 836 -7.32 20.39 47.27
C VAL D 836 -6.10 21.07 47.85
N GLU D 837 -4.95 20.84 47.24
CA GLU D 837 -3.70 21.45 47.69
C GLU D 837 -3.61 22.91 47.24
N ARG D 838 -4.16 23.20 46.07
CA ARG D 838 -4.28 24.59 45.60
C ARG D 838 -5.19 25.36 46.56
N TRP D 839 -6.25 24.69 47.02
CA TRP D 839 -7.21 25.27 47.96
C TRP D 839 -6.61 25.47 49.35
N LYS D 840 -5.90 24.45 49.85
CA LYS D 840 -5.23 24.53 51.13
C LYS D 840 -4.19 25.66 51.11
N ALA D 841 -3.37 25.71 50.06
CA ALA D 841 -2.31 26.71 49.98
C ALA D 841 -2.81 28.14 49.79
N ALA D 842 -4.02 28.31 49.30
CA ALA D 842 -4.57 29.67 49.13
C ALA D 842 -5.32 30.15 50.38
N GLY D 843 -5.63 29.22 51.29
CA GLY D 843 -6.27 29.55 52.56
C GLY D 843 -7.76 29.30 52.59
N HIS D 844 -8.31 28.82 51.48
CA HIS D 844 -9.77 28.67 51.33
C HIS D 844 -10.45 28.02 52.52
N TYR D 845 -9.81 26.99 53.08
CA TYR D 845 -10.43 26.21 54.15
C TYR D 845 -10.34 26.87 55.52
N GLN D 846 -9.50 27.89 55.65
CA GLN D 846 -9.32 28.59 56.91
C GLN D 846 -9.48 30.10 56.80
N ALA D 847 -9.97 30.55 55.65
CA ALA D 847 -10.27 31.97 55.45
C ALA D 847 -11.31 32.42 56.47
N GLU D 848 -11.12 33.61 57.02
CA GLU D 848 -12.03 34.14 58.04
C GLU D 848 -12.80 35.36 57.57
N ALA D 849 -14.11 35.35 57.82
CA ALA D 849 -14.99 36.42 57.39
C ALA D 849 -14.75 37.71 58.17
N ALA D 850 -14.36 38.76 57.45
CA ALA D 850 -14.27 40.08 58.03
C ALA D 850 -15.49 40.85 57.55
N LEU D 851 -16.30 41.30 58.51
CA LEU D 851 -17.47 42.12 58.19
C LEU D 851 -17.03 43.49 57.71
N LEU D 852 -17.63 43.95 56.61
CA LEU D 852 -17.36 45.27 56.07
C LEU D 852 -18.55 46.22 56.24
N GLN D 853 -19.76 45.64 56.27
CA GLN D 853 -21.00 46.41 56.25
C GLN D 853 -22.16 45.53 56.74
N CYS D 854 -23.04 46.13 57.54
CA CYS D 854 -24.25 45.47 58.04
C CYS D 854 -25.26 46.55 58.44
N THR D 855 -26.19 46.88 57.54
CA THR D 855 -27.19 47.92 57.79
C THR D 855 -28.61 47.38 57.76
N ALA D 856 -29.50 48.03 58.51
CA ALA D 856 -30.93 47.78 58.42
C ALA D 856 -31.67 49.04 57.97
N ASP D 857 -32.67 48.84 57.11
CA ASP D 857 -33.53 49.91 56.63
C ASP D 857 -34.98 49.44 56.67
N THR D 858 -35.89 50.37 56.94
CA THR D 858 -37.33 50.07 56.84
C THR D 858 -37.91 50.72 55.59
N LEU D 859 -38.44 49.88 54.70
CA LEU D 859 -39.18 50.30 53.52
C LEU D 859 -40.68 50.28 53.80
N ALA D 860 -41.48 50.73 52.84
CA ALA D 860 -42.94 50.76 52.98
C ALA D 860 -43.54 49.42 53.41
N ASP D 861 -43.12 48.34 52.77
CA ASP D 861 -43.74 47.04 52.98
C ASP D 861 -42.81 45.94 53.48
N ALA D 862 -41.57 46.31 53.86
CA ALA D 862 -40.56 45.32 54.25
C ALA D 862 -39.37 45.90 55.05
N VAL D 863 -38.55 45.00 55.61
CA VAL D 863 -37.26 45.37 56.20
C VAL D 863 -36.11 44.87 55.32
N LEU D 864 -35.13 45.73 55.07
CA LEU D 864 -33.98 45.42 54.24
C LEU D 864 -32.67 45.37 55.03
N ILE D 865 -32.06 44.18 55.09
CA ILE D 865 -30.71 44.02 55.66
C ILE D 865 -29.71 44.00 54.52
N THR D 866 -28.58 44.67 54.70
CA THR D 866 -27.51 44.71 53.71
C THR D 866 -26.20 44.30 54.37
N THR D 867 -25.46 43.37 53.77
CA THR D 867 -24.18 42.94 54.35
C THR D 867 -23.07 42.85 53.32
N ALA D 868 -21.84 43.11 53.76
CA ALA D 868 -20.66 42.87 52.93
C ALA D 868 -19.56 42.19 53.75
N HIS D 869 -19.02 41.11 53.21
CA HIS D 869 -17.95 40.37 53.88
C HIS D 869 -16.74 40.20 52.98
N ALA D 870 -15.55 40.32 53.57
CA ALA D 870 -14.32 39.95 52.89
C ALA D 870 -13.79 38.70 53.56
N TRP D 871 -13.53 37.68 52.75
CA TRP D 871 -12.81 36.50 53.19
C TRP D 871 -11.37 36.67 52.80
N GLN D 872 -10.51 36.73 53.80
CA GLN D 872 -9.10 36.99 53.60
C GLN D 872 -8.27 35.89 54.25
N HIS D 873 -7.04 35.73 53.78
CA HIS D 873 -6.09 34.79 54.35
C HIS D 873 -4.72 35.43 54.26
N GLN D 874 -4.10 35.63 55.43
CA GLN D 874 -2.77 36.23 55.54
C GLN D 874 -2.60 37.46 54.65
N GLY D 875 -3.58 38.38 54.74
CA GLY D 875 -3.51 39.67 54.04
C GLY D 875 -4.05 39.73 52.62
N LYS D 876 -4.38 38.57 52.05
CA LYS D 876 -4.95 38.47 50.70
C LYS D 876 -6.47 38.33 50.77
N THR D 877 -7.19 39.21 50.09
CA THR D 877 -8.64 39.06 50.01
C THR D 877 -9.01 38.09 48.88
N LEU D 878 -9.62 36.97 49.27
CA LEU D 878 -10.00 35.92 48.33
C LEU D 878 -11.38 36.16 47.74
N PHE D 879 -12.38 36.27 48.62
CA PHE D 879 -13.77 36.43 48.18
C PHE D 879 -14.39 37.63 48.85
N ILE D 880 -15.34 38.27 48.16
CA ILE D 880 -16.15 39.32 48.76
C ILE D 880 -17.62 38.95 48.58
N SER D 881 -18.41 39.07 49.64
CA SER D 881 -19.82 38.68 49.60
C SER D 881 -20.76 39.84 49.91
N ARG D 882 -21.55 40.23 48.92
CA ARG D 882 -22.52 41.32 49.06
C ARG D 882 -23.93 40.76 49.06
N LYS D 883 -24.63 40.95 50.17
CA LYS D 883 -25.95 40.37 50.32
C LYS D 883 -27.00 41.40 50.72
N THR D 884 -28.23 41.18 50.25
CA THR D 884 -29.39 41.84 50.82
C THR D 884 -30.37 40.77 51.26
N TYR D 885 -31.01 41.00 52.40
CA TYR D 885 -32.10 40.16 52.86
C TYR D 885 -33.34 41.05 52.93
N ARG D 886 -34.39 40.66 52.21
CA ARG D 886 -35.60 41.44 52.15
C ARG D 886 -36.77 40.62 52.68
N ILE D 887 -37.19 40.94 53.90
CA ILE D 887 -38.27 40.23 54.60
C ILE D 887 -39.55 41.05 54.50
N ASP D 888 -40.59 40.49 53.85
CA ASP D 888 -41.81 41.27 53.55
C ASP D 888 -43.10 40.84 54.25
N GLY D 889 -44.21 41.50 53.88
CA GLY D 889 -45.51 41.28 54.50
C GLY D 889 -45.95 39.85 54.53
N SER D 890 -45.62 39.12 53.46
CA SER D 890 -46.04 37.72 53.31
C SER D 890 -45.21 36.74 54.16
N GLY D 891 -44.15 37.24 54.80
CA GLY D 891 -43.30 36.41 55.67
C GLY D 891 -42.25 35.63 54.89
N GLN D 892 -41.85 36.17 53.76
CA GLN D 892 -40.87 35.55 52.89
C GLN D 892 -39.60 36.37 52.89
N MET D 893 -38.45 35.70 52.82
CA MET D 893 -37.15 36.36 52.89
C MET D 893 -36.39 36.15 51.59
N ALA D 894 -36.26 37.22 50.80
CA ALA D 894 -35.54 37.18 49.54
C ALA D 894 -34.08 37.52 49.75
N ILE D 895 -33.21 36.51 49.63
CA ILE D 895 -31.77 36.69 49.77
C ILE D 895 -31.13 36.86 48.38
N THR D 896 -30.56 38.02 48.13
CA THR D 896 -29.82 38.30 46.92
C THR D 896 -28.33 38.28 47.26
N VAL D 897 -27.54 37.50 46.52
CA VAL D 897 -26.11 37.35 46.84
C VAL D 897 -25.22 37.68 45.63
N ASP D 898 -24.17 38.47 45.86
CA ASP D 898 -23.18 38.80 44.84
C ASP D 898 -21.75 38.61 45.34
N VAL D 899 -21.03 37.68 44.71
CA VAL D 899 -19.71 37.29 45.18
C VAL D 899 -18.65 37.73 44.18
N GLU D 900 -17.57 38.33 44.68
CA GLU D 900 -16.35 38.56 43.90
C GLU D 900 -15.32 37.50 44.31
N VAL D 901 -14.62 36.93 43.34
CA VAL D 901 -13.54 35.97 43.57
C VAL D 901 -12.29 36.50 42.89
N ALA D 902 -11.21 36.67 43.64
CA ALA D 902 -9.97 37.22 43.07
C ALA D 902 -9.45 36.31 41.95
N SER D 903 -9.19 36.90 40.79
CA SER D 903 -8.82 36.15 39.59
C SER D 903 -7.58 35.26 39.77
N ASP D 904 -6.72 35.63 40.72
CA ASP D 904 -5.46 34.94 40.93
C ASP D 904 -5.55 33.93 42.06
N THR D 905 -6.73 33.81 42.66
CA THR D 905 -6.96 32.71 43.61
C THR D 905 -7.48 31.48 42.86
N PRO D 906 -7.12 30.27 43.33
CA PRO D 906 -7.68 29.07 42.72
C PRO D 906 -9.20 29.11 42.74
N HIS D 907 -9.82 28.84 41.58
CA HIS D 907 -11.27 28.87 41.44
C HIS D 907 -11.88 27.99 42.53
N PRO D 908 -12.92 28.51 43.22
CA PRO D 908 -13.48 27.80 44.37
C PRO D 908 -14.35 26.60 44.00
N ALA D 909 -14.52 25.71 44.97
CA ALA D 909 -15.28 24.51 44.82
C ALA D 909 -16.77 24.81 44.65
N ARG D 910 -17.23 25.88 45.27
CA ARG D 910 -18.65 26.27 45.25
C ARG D 910 -18.78 27.71 45.65
N ILE D 911 -19.89 28.31 45.25
CA ILE D 911 -20.27 29.62 45.74
C ILE D 911 -21.68 29.44 46.27
N GLY D 912 -21.79 29.35 47.59
CA GLY D 912 -23.07 29.05 48.22
C GLY D 912 -23.21 29.52 49.66
N LEU D 913 -24.24 29.01 50.32
CA LEU D 913 -24.51 29.30 51.72
C LEU D 913 -24.72 27.97 52.42
N ASN D 914 -24.36 27.91 53.70
CA ASN D 914 -24.74 26.78 54.52
C ASN D 914 -25.16 27.17 55.94
N CYS D 915 -25.89 26.28 56.58
CA CYS D 915 -26.34 26.44 57.94
C CYS D 915 -26.67 25.06 58.45
N GLN D 916 -26.76 24.91 59.76
CA GLN D 916 -27.18 23.66 60.35
C GLN D 916 -28.57 23.84 60.92
N LEU D 917 -29.57 23.30 60.22
CA LEU D 917 -30.96 23.43 60.64
C LEU D 917 -31.22 22.60 61.88
N ALA D 918 -32.06 23.14 62.76
CA ALA D 918 -32.43 22.47 64.00
C ALA D 918 -33.28 21.24 63.71
N GLN D 919 -34.17 21.39 62.74
CA GLN D 919 -35.12 20.38 62.33
C GLN D 919 -34.46 19.10 61.80
N VAL D 920 -34.99 17.95 62.21
CA VAL D 920 -34.74 16.67 61.53
C VAL D 920 -36.08 16.15 60.97
N ALA D 921 -36.15 16.00 59.65
CA ALA D 921 -37.36 15.53 58.99
C ALA D 921 -37.16 14.19 58.32
N GLU D 922 -38.24 13.58 57.87
CA GLU D 922 -38.18 12.26 57.24
C GLU D 922 -38.03 12.35 55.73
N ARG D 923 -38.68 13.34 55.12
CA ARG D 923 -38.71 13.47 53.67
C ARG D 923 -37.98 14.73 53.19
N VAL D 924 -37.47 14.66 51.95
CA VAL D 924 -36.94 15.83 51.26
C VAL D 924 -37.63 15.83 49.91
N ASN D 925 -38.16 16.98 49.53
CA ASN D 925 -39.01 17.10 48.37
C ASN D 925 -38.51 18.26 47.52
N TRP D 926 -38.17 18.01 46.26
CA TRP D 926 -37.68 19.09 45.43
C TRP D 926 -38.18 19.10 43.99
N LEU D 927 -38.22 20.30 43.41
CA LEU D 927 -38.47 20.47 42.02
C LEU D 927 -37.14 20.75 41.36
N GLY D 928 -36.56 19.71 40.76
CA GLY D 928 -35.30 19.87 40.06
C GLY D 928 -34.78 18.59 39.46
N LEU D 929 -33.50 18.58 39.16
CA LEU D 929 -32.84 17.44 38.55
C LEU D 929 -32.67 16.36 39.59
N GLY D 930 -32.99 15.13 39.22
CA GLY D 930 -32.94 14.03 40.15
C GLY D 930 -33.49 12.76 39.53
N PRO D 931 -33.81 11.76 40.39
CA PRO D 931 -33.77 11.90 41.84
C PRO D 931 -32.39 11.63 42.47
N GLN D 932 -31.49 11.05 41.68
CA GLN D 932 -30.20 10.63 42.21
C GLN D 932 -29.23 11.79 42.27
N GLU D 933 -28.15 11.59 43.02
CA GLU D 933 -27.07 12.54 43.10
C GLU D 933 -26.58 12.94 41.69
N ASN D 934 -26.55 14.24 41.45
CA ASN D 934 -26.03 14.77 40.19
C ASN D 934 -25.20 16.04 40.39
N TYR D 935 -24.21 16.24 39.49
CA TYR D 935 -23.31 17.38 39.57
C TYR D 935 -23.25 18.07 38.21
N PRO D 936 -22.78 19.34 38.17
CA PRO D 936 -22.80 20.09 36.93
C PRO D 936 -22.25 19.33 35.73
N ASP D 937 -21.18 18.57 35.92
CA ASP D 937 -20.56 17.83 34.82
C ASP D 937 -20.97 16.35 34.81
N ARG D 938 -21.97 16.04 35.62
CA ARG D 938 -22.57 14.69 35.65
C ARG D 938 -24.08 14.77 35.98
N LEU D 939 -24.85 15.47 35.15
CA LEU D 939 -26.29 15.60 35.38
C LEU D 939 -27.16 15.21 34.18
N THR D 940 -26.56 14.78 33.08
CA THR D 940 -27.35 14.42 31.90
C THR D 940 -28.45 13.35 32.18
N ALA D 941 -28.10 12.34 32.96
CA ALA D 941 -29.03 11.27 33.35
C ALA D 941 -30.19 11.75 34.20
N ALA D 942 -29.99 12.87 34.88
CA ALA D 942 -30.98 13.41 35.81
C ALA D 942 -32.09 14.10 35.02
N CYS D 943 -33.32 13.90 35.48
CA CYS D 943 -34.50 14.52 34.89
C CYS D 943 -35.10 15.57 35.83
N PHE D 944 -35.52 16.69 35.23
CA PHE D 944 -36.22 17.74 35.93
C PHE D 944 -37.63 17.26 36.21
N ASP D 945 -38.04 17.33 37.47
CA ASP D 945 -39.39 16.97 37.88
C ASP D 945 -39.50 17.22 39.38
N ARG D 946 -40.52 16.64 40.01
CA ARG D 946 -40.77 16.80 41.43
C ARG D 946 -40.41 15.49 42.11
N TRP D 947 -39.36 15.53 42.93
CA TRP D 947 -38.88 14.31 43.61
C TRP D 947 -39.12 14.38 45.11
N ASP D 948 -39.26 13.20 45.72
CA ASP D 948 -39.56 13.07 47.12
C ASP D 948 -38.89 11.79 47.59
N LEU D 949 -37.86 11.94 48.42
CA LEU D 949 -37.12 10.78 48.93
C LEU D 949 -36.93 10.82 50.43
N PRO D 950 -36.67 9.67 51.07
CA PRO D 950 -36.26 9.73 52.48
C PRO D 950 -34.93 10.47 52.59
N LEU D 951 -34.69 11.10 53.74
CA LEU D 951 -33.49 11.92 53.93
C LEU D 951 -32.20 11.15 53.68
N SER D 952 -32.16 9.87 54.03
CA SER D 952 -30.92 9.07 53.88
C SER D 952 -30.48 8.84 52.43
N ASP D 953 -31.42 8.94 51.49
CA ASP D 953 -31.14 8.83 50.06
C ASP D 953 -30.50 10.10 49.49
N MET D 954 -30.55 11.18 50.26
CA MET D 954 -29.92 12.44 49.89
C MET D 954 -28.47 12.44 50.33
N TYR D 955 -28.03 11.29 50.84
CA TYR D 955 -26.64 11.08 51.21
C TYR D 955 -26.13 9.87 50.41
N THR D 956 -24.99 10.03 49.74
CA THR D 956 -24.36 8.89 49.06
C THR D 956 -23.22 8.33 49.94
N PRO D 957 -23.32 7.04 50.32
CA PRO D 957 -22.35 6.42 51.24
C PRO D 957 -21.05 6.01 50.58
N TYR D 958 -20.30 6.99 50.07
CA TYR D 958 -18.97 6.71 49.52
C TYR D 958 -18.09 6.18 50.63
N VAL D 959 -17.30 5.15 50.35
CA VAL D 959 -16.46 4.57 51.38
C VAL D 959 -15.48 5.61 51.91
N PHE D 960 -14.81 6.32 51.02
CA PHE D 960 -14.07 7.49 51.45
C PHE D 960 -15.01 8.70 51.36
N PRO D 961 -15.34 9.28 52.52
CA PRO D 961 -16.37 10.32 52.51
C PRO D 961 -15.89 11.68 52.00
N SER D 962 -16.79 12.37 51.30
CA SER D 962 -16.51 13.63 50.60
C SER D 962 -17.82 14.34 50.32
N GLU D 963 -17.75 15.56 49.82
CA GLU D 963 -18.95 16.23 49.34
C GLU D 963 -19.73 15.23 48.47
N ASN D 964 -21.04 15.15 48.70
CA ASN D 964 -21.86 14.15 48.05
C ASN D 964 -23.33 14.57 48.11
N GLY D 965 -24.16 13.86 47.36
CA GLY D 965 -25.60 14.04 47.45
C GLY D 965 -26.14 15.30 46.80
N LEU D 966 -25.30 16.04 46.10
CA LEU D 966 -25.77 17.27 45.45
C LEU D 966 -26.83 16.97 44.39
N ARG D 967 -27.73 17.94 44.22
CA ARG D 967 -28.76 17.90 43.20
C ARG D 967 -28.76 19.27 42.56
N CYS D 968 -28.70 19.31 41.23
CA CYS D 968 -28.56 20.55 40.50
C CYS D 968 -29.87 21.04 39.90
N GLY D 969 -29.81 22.20 39.23
CA GLY D 969 -30.95 22.80 38.53
C GLY D 969 -32.25 22.74 39.30
N THR D 970 -32.21 23.12 40.58
CA THR D 970 -33.36 23.03 41.45
C THR D 970 -34.05 24.38 41.68
N ARG D 971 -35.37 24.37 41.57
CA ARG D 971 -36.13 25.60 41.64
C ARG D 971 -36.89 25.71 42.96
N GLU D 972 -37.00 24.59 43.66
CA GLU D 972 -37.75 24.54 44.91
C GLU D 972 -37.29 23.38 45.77
N LEU D 973 -36.97 23.68 47.01
CA LEU D 973 -36.62 22.68 48.00
C LEU D 973 -37.57 22.81 49.20
N ASN D 974 -38.10 21.68 49.66
CA ASN D 974 -38.97 21.64 50.83
C ASN D 974 -38.41 20.67 51.84
N TYR D 975 -38.18 21.15 53.07
CA TYR D 975 -37.73 20.28 54.15
C TYR D 975 -38.35 20.70 55.48
N GLY D 976 -39.23 19.85 55.99
CA GLY D 976 -40.02 20.15 57.19
C GLY D 976 -40.91 21.35 56.91
N PRO D 977 -40.78 22.42 57.73
CA PRO D 977 -41.59 23.60 57.52
C PRO D 977 -41.00 24.58 56.50
N HIS D 978 -39.77 24.32 56.06
CA HIS D 978 -39.04 25.24 55.19
C HIS D 978 -39.25 25.00 53.70
N GLN D 979 -39.25 26.09 52.93
CA GLN D 979 -39.20 26.07 51.46
C GLN D 979 -38.20 27.10 50.94
N TRP D 980 -37.35 26.70 49.98
CA TRP D 980 -36.45 27.62 49.29
C TRP D 980 -36.78 27.62 47.80
N ARG D 981 -36.82 28.79 47.19
CA ARG D 981 -37.13 28.92 45.76
C ARG D 981 -36.07 29.77 45.08
N GLY D 982 -35.67 29.36 43.88
CA GLY D 982 -34.64 30.08 43.13
C GLY D 982 -34.12 29.21 42.01
N ASP D 983 -32.81 29.25 41.80
CA ASP D 983 -32.16 28.44 40.77
C ASP D 983 -30.80 28.02 41.31
N PHE D 984 -30.82 26.97 42.13
CA PHE D 984 -29.66 26.58 42.91
C PHE D 984 -29.34 25.09 42.82
N GLN D 985 -28.16 24.72 43.33
CA GLN D 985 -27.81 23.32 43.57
C GLN D 985 -27.78 23.15 45.09
N PHE D 986 -27.98 21.93 45.57
CA PHE D 986 -28.06 21.71 47.01
C PHE D 986 -27.71 20.28 47.41
N ASN D 987 -27.20 20.12 48.63
CA ASN D 987 -27.20 18.82 49.29
C ASN D 987 -27.73 18.97 50.70
N ILE D 988 -28.27 17.89 51.23
CA ILE D 988 -28.86 17.95 52.56
C ILE D 988 -28.62 16.63 53.29
N SER D 989 -28.07 16.70 54.50
CA SER D 989 -27.73 15.49 55.27
C SER D 989 -27.45 15.77 56.73
N ARG D 990 -27.17 14.71 57.47
CA ARG D 990 -26.81 14.77 58.88
C ARG D 990 -25.30 14.91 59.06
N TYR D 991 -24.58 15.19 57.97
CA TYR D 991 -23.12 15.31 58.03
C TYR D 991 -22.63 16.64 57.51
N SER D 992 -21.77 17.30 58.28
CA SER D 992 -21.20 18.58 57.86
C SER D 992 -20.05 18.36 56.88
N GLN D 993 -19.78 19.38 56.06
CA GLN D 993 -18.64 19.34 55.18
C GLN D 993 -17.38 19.07 55.98
N GLN D 994 -17.33 19.64 57.18
CA GLN D 994 -16.18 19.46 58.07
C GLN D 994 -16.00 18.00 58.49
N GLN D 995 -17.08 17.34 58.89
CA GLN D 995 -17.01 15.95 59.31
C GLN D 995 -16.63 15.02 58.15
N LEU D 996 -17.13 15.31 56.95
CA LEU D 996 -16.79 14.54 55.77
C LEU D 996 -15.30 14.59 55.44
N MET D 997 -14.69 15.75 55.56
CA MET D 997 -13.26 15.86 55.25
C MET D 997 -12.36 15.33 56.36
N GLU D 998 -12.83 15.38 57.60
CA GLU D 998 -12.04 14.92 58.74
C GLU D 998 -12.11 13.41 58.96
N THR D 999 -13.03 12.74 58.28
CA THR D 999 -13.26 11.30 58.43
C THR D 999 -12.88 10.49 57.19
N SER D 1000 -12.12 9.42 57.41
CA SER D 1000 -11.54 8.61 56.34
C SER D 1000 -12.46 7.49 55.84
N HIS D 1001 -13.42 7.09 56.67
CA HIS D 1001 -14.28 5.94 56.35
C HIS D 1001 -15.73 6.24 56.63
N ARG D 1002 -16.63 5.67 55.82
CA ARG D 1002 -18.07 5.89 56.00
C ARG D 1002 -18.59 5.36 57.35
N HIS D 1003 -18.15 4.16 57.73
CA HIS D 1003 -18.63 3.53 58.96
C HIS D 1003 -18.29 4.34 60.24
N LEU D 1004 -17.24 5.18 60.16
CA LEU D 1004 -16.81 6.02 61.29
C LEU D 1004 -17.52 7.39 61.40
N LEU D 1005 -18.49 7.66 60.52
CA LEU D 1005 -19.28 8.90 60.59
C LEU D 1005 -20.41 8.72 61.59
N HIS D 1006 -20.68 9.79 62.35
CA HIS D 1006 -21.80 9.80 63.29
C HIS D 1006 -22.76 10.91 62.89
N ALA D 1007 -24.05 10.63 63.02
CA ALA D 1007 -25.08 11.61 62.69
C ALA D 1007 -24.94 12.82 63.61
N GLU D 1008 -24.85 13.99 63.01
CA GLU D 1008 -24.80 15.22 63.78
C GLU D 1008 -26.20 15.65 64.18
N GLU D 1009 -26.27 16.46 65.23
CA GLU D 1009 -27.53 17.08 65.67
C GLU D 1009 -28.13 17.87 64.50
N GLY D 1010 -29.43 17.73 64.27
CA GLY D 1010 -30.10 18.46 63.17
C GLY D 1010 -29.61 18.12 61.77
N THR D 1011 -29.88 19.02 60.82
CA THR D 1011 -29.64 18.75 59.40
C THR D 1011 -28.80 19.83 58.76
N TRP D 1012 -27.65 19.45 58.22
CA TRP D 1012 -26.83 20.38 57.47
C TRP D 1012 -27.39 20.57 56.05
N LEU D 1013 -27.57 21.83 55.70
CA LEU D 1013 -28.03 22.24 54.39
C LEU D 1013 -26.97 23.08 53.69
N ASN D 1014 -26.61 22.67 52.49
CA ASN D 1014 -25.71 23.43 51.65
C ASN D 1014 -26.49 23.83 50.40
N ILE D 1015 -26.65 25.13 50.19
CA ILE D 1015 -27.36 25.61 49.02
C ILE D 1015 -26.40 26.42 48.16
N ASP D 1016 -26.07 25.90 47.00
CA ASP D 1016 -25.12 26.59 46.13
C ASP D 1016 -25.79 27.34 44.99
N GLY D 1017 -25.30 28.54 44.73
CA GLY D 1017 -25.65 29.20 43.48
C GLY D 1017 -24.90 28.47 42.37
N PHE D 1018 -23.63 28.18 42.65
CA PHE D 1018 -22.72 27.61 41.68
C PHE D 1018 -21.84 26.58 42.36
N HIS D 1019 -21.51 25.52 41.64
CA HIS D 1019 -20.71 24.42 42.18
C HIS D 1019 -19.77 23.85 41.11
N MET D 1020 -18.50 23.69 41.47
CA MET D 1020 -17.50 23.15 40.56
C MET D 1020 -17.86 21.75 40.08
N GLY D 1021 -17.47 21.41 38.86
CA GLY D 1021 -17.60 20.05 38.38
C GLY D 1021 -16.77 19.09 39.22
N ILE D 1022 -17.10 17.80 39.15
CA ILE D 1022 -16.38 16.78 39.90
C ILE D 1022 -15.20 16.17 39.13
N GLY D 1023 -15.21 16.28 37.80
CA GLY D 1023 -14.18 15.68 36.94
C GLY D 1023 -14.21 14.15 36.94
N GLY D 1024 -13.09 13.54 36.59
CA GLY D 1024 -13.00 12.09 36.58
C GLY D 1024 -12.31 11.45 35.40
N ASP D 1025 -11.88 12.25 34.42
CA ASP D 1025 -11.10 11.73 33.30
C ASP D 1025 -9.92 10.91 33.80
N ASP D 1026 -9.33 11.37 34.90
CA ASP D 1026 -8.49 10.53 35.76
C ASP D 1026 -8.56 11.00 37.22
N SER D 1027 -7.99 10.21 38.12
CA SER D 1027 -8.01 10.53 39.54
C SER D 1027 -6.62 10.79 40.08
N TRP D 1028 -5.75 11.39 39.25
CA TRP D 1028 -4.38 11.71 39.69
C TRP D 1028 -3.81 13.02 39.13
N SER D 1029 -4.64 13.74 38.37
CA SER D 1029 -4.31 15.07 37.90
C SER D 1029 -5.62 15.84 37.77
N PRO D 1030 -5.58 17.17 37.97
CA PRO D 1030 -6.80 17.95 37.79
C PRO D 1030 -7.52 17.53 36.50
N SER D 1031 -8.83 17.31 36.57
CA SER D 1031 -9.57 16.76 35.46
C SER D 1031 -10.93 17.43 35.27
N VAL D 1032 -11.18 18.50 36.02
CA VAL D 1032 -12.38 19.28 35.78
C VAL D 1032 -12.10 20.22 34.60
N SER D 1033 -12.88 20.03 33.55
CA SER D 1033 -12.77 20.81 32.34
C SER D 1033 -12.99 22.30 32.63
N ALA D 1034 -12.29 23.14 31.87
CA ALA D 1034 -12.39 24.61 31.97
C ALA D 1034 -13.82 25.12 32.18
N GLU D 1035 -14.76 24.59 31.40
CA GLU D 1035 -16.13 25.10 31.39
C GLU D 1035 -16.93 24.76 32.67
N PHE D 1036 -16.39 23.89 33.52
CA PHE D 1036 -17.05 23.54 34.79
C PHE D 1036 -16.32 24.07 36.02
N GLN D 1037 -15.32 24.92 35.79
CA GLN D 1037 -14.62 25.60 36.85
C GLN D 1037 -15.25 26.95 37.07
N LEU D 1038 -15.28 27.39 38.33
CA LEU D 1038 -15.91 28.65 38.70
C LEU D 1038 -14.95 29.83 38.54
N SER D 1039 -14.75 30.22 37.28
CA SER D 1039 -13.73 31.18 36.91
C SER D 1039 -14.29 32.56 36.50
N ALA D 1040 -15.61 32.72 36.47
CA ALA D 1040 -16.23 33.94 35.95
C ALA D 1040 -15.83 35.25 36.65
N GLY D 1041 -15.40 35.15 37.91
CA GLY D 1041 -14.98 36.31 38.69
C GLY D 1041 -16.06 36.89 39.58
N ARG D 1042 -17.23 37.16 38.98
CA ARG D 1042 -18.36 37.77 39.67
C ARG D 1042 -19.59 36.89 39.51
N TYR D 1043 -20.22 36.54 40.63
CA TYR D 1043 -21.33 35.61 40.61
C TYR D 1043 -22.53 36.14 41.34
N HIS D 1044 -23.71 35.86 40.79
CA HIS D 1044 -24.97 36.30 41.35
C HIS D 1044 -25.92 35.11 41.48
N TYR D 1045 -26.61 35.04 42.61
CA TYR D 1045 -27.72 34.12 42.79
C TYR D 1045 -28.72 34.70 43.80
N GLN D 1046 -29.97 34.26 43.73
CA GLN D 1046 -31.01 34.76 44.62
C GLN D 1046 -31.91 33.63 45.09
N LEU D 1047 -32.17 33.63 46.40
CA LEU D 1047 -33.01 32.61 47.02
C LEU D 1047 -34.15 33.30 47.73
N VAL D 1048 -35.27 32.59 47.85
CA VAL D 1048 -36.34 33.03 48.70
C VAL D 1048 -36.54 31.95 49.75
N TRP D 1049 -36.47 32.36 51.02
CA TRP D 1049 -36.72 31.48 52.15
C TRP D 1049 -38.06 31.83 52.79
N CYS D 1050 -38.93 30.83 52.92
CA CYS D 1050 -40.23 31.03 53.57
C CYS D 1050 -40.71 29.77 54.29
N GLN D 1051 -41.50 29.94 55.34
CA GLN D 1051 -42.22 28.81 55.91
C GLN D 1051 -43.48 28.59 55.07
N LYS D 1052 -43.63 27.37 54.54
CA LYS D 1052 -44.87 26.96 53.89
C LYS D 1052 -45.67 26.08 54.87
C1 IPT E . 18.55 -32.66 1.39
C2 IPT E . 18.61 -31.30 2.08
O2 IPT E . 17.60 -30.48 1.52
C3 IPT E . 19.97 -30.62 1.87
O3 IPT E . 20.14 -29.54 2.80
C4 IPT E . 21.17 -31.57 1.96
O4 IPT E . 21.44 -31.85 3.33
C5 IPT E . 20.87 -32.87 1.22
O5 IPT E . 19.69 -33.42 1.79
C6 IPT E . 21.98 -33.93 1.27
O6 IPT E . 23.25 -33.32 1.04
S1 IPT E . 17.04 -33.49 1.85
C1' IPT E . 16.74 -35.10 1.17
C2' IPT E . 15.36 -35.13 0.51
C3' IPT E . 17.82 -35.55 0.17
MG MG F . 18.45 -31.29 6.78
MG MG G . 16.60 -29.29 28.67
NA NA H . 24.76 -33.73 2.95
NA NA I . 20.19 -10.48 -10.68
NA NA J . 31.36 -46.71 -7.33
S DMS K . 28.10 -2.67 11.29
O DMS K . 29.75 -2.33 11.81
C1 DMS K . 27.17 -3.64 12.51
C2 DMS K . 27.15 -1.13 11.32
S DMS L . 30.32 -15.99 -16.86
O DMS L . 31.00 -14.41 -16.37
C1 DMS L . 29.31 -15.78 -18.35
C2 DMS L . 31.64 -16.99 -17.52
S DMS M . 36.86 -10.91 -5.74
O DMS M . 35.57 -9.76 -6.22
C1 DMS M . 36.14 -12.49 -5.23
C2 DMS M . 37.78 -11.44 -7.22
S DMS N . 37.05 -8.68 20.61
O DMS N . 38.46 -9.65 20.03
C1 DMS N . 37.07 -8.68 22.42
C2 DMS N . 37.25 -6.92 20.25
S DMS O . 26.69 12.99 21.56
O DMS O . 26.52 11.21 21.66
C1 DMS O . 27.41 13.57 23.13
C2 DMS O . 28.01 13.47 20.42
S DMS P . 45.64 -24.27 31.00
O DMS P . 44.26 -24.97 30.09
C1 DMS P . 46.47 -23.01 29.98
C2 DMS P . 45.04 -23.27 32.39
S DMS Q . 17.95 0.43 7.09
O DMS Q . 19.65 -0.12 6.92
C1 DMS Q . 17.69 1.98 6.17
C2 DMS Q . 16.87 -0.72 6.19
S DMS R . 21.19 10.03 25.02
O DMS R . 21.21 8.52 25.99
C1 DMS R . 19.98 11.18 25.73
C2 DMS R . 22.71 11.00 25.31
S DMS S . -1.02 -23.91 17.76
O DMS S . -2.24 -23.01 16.78
C1 DMS S . 0.53 -22.98 17.78
C2 DMS S . -1.46 -23.82 19.51
S DMS T . 42.09 -10.26 21.70
O DMS T . 42.87 -11.85 22.03
C1 DMS T . 41.73 -10.19 19.92
C2 DMS T . 40.46 -10.27 22.49
C1 IPT U . 6.15 -2.61 -37.10
C2 IPT U . 4.96 -2.33 -36.17
O2 IPT U . 5.40 -2.35 -34.80
C3 IPT U . 3.79 -3.32 -36.36
O3 IPT U . 2.59 -2.77 -35.82
C4 IPT U . 3.53 -3.67 -37.83
O4 IPT U . 2.80 -2.59 -38.44
C5 IPT U . 4.86 -3.97 -38.53
O5 IPT U . 5.67 -2.81 -38.43
C6 IPT U . 4.75 -4.34 -40.00
O6 IPT U . 3.61 -5.18 -40.23
S1 IPT U . 7.26 -1.23 -37.03
C1' IPT U . 8.75 -1.30 -37.98
C2' IPT U . 9.95 -1.62 -37.08
C3' IPT U . 8.66 -2.23 -39.20
MG MG V . 2.37 1.74 -36.89
MG MG W . -9.70 20.19 -38.32
NA NA X . 1.43 -4.67 -41.76
NA NA Y . -0.73 -17.68 -17.86
NA NA Z . -19.00 -34.75 -23.96
S DMS AA . -22.70 -5.40 -20.36
O DMS AA . -23.44 -6.59 -21.45
C1 DMS AA . -22.23 -6.14 -18.77
C2 DMS AA . -21.08 -4.83 -20.92
S DMS BA . -0.62 -27.59 -26.57
O DMS BA . -1.50 -26.05 -26.62
C1 DMS BA . -0.04 -27.95 -28.24
C2 DMS BA . 0.98 -27.43 -25.71
S DMS CA . -13.53 -22.63 -28.75
O DMS CA . -13.51 -22.79 -26.96
C1 DMS CA . -12.32 -21.41 -29.30
C2 DMS CA . -12.85 -24.16 -29.46
S DMS DA . -29.55 -1.99 -32.47
O DMS DA . -30.64 -2.94 -33.53
C1 DMS DA . -30.07 -0.25 -32.47
C2 DMS DA . -29.89 -2.45 -30.75
S DMS EA . -36.20 0.39 -9.34
O DMS EA . -34.91 0.83 -10.50
C1 DMS EA . -37.68 1.29 -9.87
C2 DMS EA . -36.76 -1.32 -9.57
S DMS FA . -45.66 0.61 -21.25
O DMS FA . -46.73 1.54 -20.15
C1 DMS FA . -45.22 1.64 -22.68
C2 DMS FA . -44.08 0.37 -20.40
S DMS GA . 19.10 -13.38 -32.44
O DMS GA . 19.29 -13.69 -34.21
C1 DMS GA . 18.19 -11.84 -32.21
C2 DMS GA . 17.95 -14.61 -31.75
S DMS HA . -31.22 5.41 -51.20
O DMS HA . -29.61 5.57 -51.95
C1 DMS HA . -32.40 6.48 -52.09
C2 DMS HA . -31.92 3.78 -51.62
S DMS IA . -15.51 -4.07 -11.28
O DMS IA . -16.05 -5.03 -12.68
C1 DMS IA . -15.61 -5.02 -9.74
C2 DMS IA . -13.73 -3.78 -11.39
S DMS JA . -33.20 6.95 -9.20
O DMS JA . -32.59 7.71 -10.71
C1 DMS JA . -33.80 8.24 -8.06
C2 DMS JA . -34.75 6.07 -9.51
S DMS KA . -31.65 -3.35 -36.81
O DMS KA . -30.21 -2.32 -36.43
C1 DMS KA . -31.61 -4.89 -35.87
C2 DMS KA . -33.04 -2.49 -36.05
S DMS LA . -29.17 9.66 -57.41
O DMS LA . -28.74 11.03 -56.32
C1 DMS LA . -27.82 8.44 -57.43
C2 DMS LA . -30.51 8.65 -56.72
C1 IPT MA . -21.35 31.04 -1.47
C2 IPT MA . -20.05 30.62 -2.17
O2 IPT MA . -19.77 29.24 -1.84
C3 IPT MA . -18.86 31.51 -1.78
O3 IPT MA . -17.77 31.24 -2.68
C4 IPT MA . -19.22 33.00 -1.82
O4 IPT MA . -19.20 33.46 -3.18
C5 IPT MA . -20.57 33.25 -1.13
O5 IPT MA . -21.57 32.42 -1.75
C6 IPT MA . -21.09 34.69 -1.11
O6 IPT MA . -20.05 35.66 -0.93
S1 IPT MA . -22.63 30.01 -2.08
C1' IPT MA . -24.31 30.46 -1.68
C2' IPT MA . -25.11 29.23 -1.29
C3' IPT MA . -24.44 31.55 -0.61
MG MG NA . -19.51 30.62 -6.77
MG MG OA . -16.60 29.49 -28.71
NA NA PA . -19.17 37.37 -2.56
NA NA QA . -1.80 21.97 11.93
S DMS RA . 10.83 27.19 -9.32
O DMS RA . 11.25 28.68 -8.45
C1 DMS RA . 11.52 25.75 -8.43
C2 DMS RA . 9.06 26.83 -9.23
S DMS SA . -2.97 33.12 18.89
O DMS SA . -1.27 32.95 18.41
C1 DMS SA . -3.33 32.04 20.30
C2 DMS SA . -3.16 34.72 19.69
S DMS TA . 4.99 37.52 8.44
O DMS TA . 6.36 36.43 8.72
C1 DMS TA . 4.95 38.71 9.79
C2 DMS TA . 5.40 38.55 7.02
S DMS UA . 9.90 38.75 -17.53
O DMS UA . 10.40 40.46 -17.41
C1 DMS UA . 9.91 38.24 -19.26
C2 DMS UA . 11.24 37.71 -16.89
S DMS VA . 25.38 20.26 -18.37
O DMS VA . 23.65 20.71 -18.38
C1 DMS VA . 26.04 20.63 -20.03
C2 DMS VA . 26.34 21.40 -17.33
S DMS WA . -26.21 26.57 14.77
O DMS WA . -27.04 28.17 14.60
C1 DMS WA . -25.98 25.89 13.12
C2 DMS WA . -24.51 26.78 15.37
S DMS XA . 0.35 53.51 -28.01
O DMS XA . -1.00 52.78 -27.07
C1 DMS XA . 1.85 52.48 -28.03
C2 DMS XA . -0.04 53.51 -29.80
S DMS YA . 8.84 16.28 -5.53
O DMS YA . 9.28 18.01 -5.52
C1 DMS YA . 9.91 15.35 -4.38
C2 DMS YA . 7.20 16.05 -4.79
S DMS ZA . 20.60 16.40 -23.40
O DMS ZA . 19.48 17.78 -23.66
C1 DMS ZA . 22.24 16.81 -24.06
C2 DMS ZA . 20.99 16.28 -21.64
S DMS AB . 10.53 43.69 -17.96
O DMS AB . 10.26 45.47 -18.01
C1 DMS AB . 10.48 43.22 -16.21
C2 DMS AB . 9.07 42.84 -18.61
S DMS BB . -19.95 10.29 -19.52
O DMS BB . -19.66 11.67 -18.41
C1 DMS BB . -20.64 8.95 -18.52
C2 DMS BB . -21.34 10.66 -20.64
C1 IPT CB . -3.28 4.37 37.15
C2 IPT CB . -3.46 3.20 36.20
O2 IPT CB . -3.14 3.59 34.87
C3 IPT CB . -4.89 2.65 36.19
O3 IPT CB . -4.88 1.42 35.47
C4 IPT CB . -5.44 2.46 37.61
O4 IPT CB . -4.78 1.35 38.21
C5 IPT CB . -5.22 3.75 38.41
O5 IPT CB . -3.83 4.03 38.42
C6 IPT CB . -5.67 3.72 39.87
O6 IPT CB . -6.93 3.02 40.03
S1 IPT CB . -1.55 4.68 37.36
C1' IPT CB . -1.09 5.97 38.48
C2' IPT CB . -0.33 7.06 37.70
C3' IPT CB . -2.27 6.56 39.24
MG MG DB . -1.08 -0.92 36.90
MG MG EB . 10.00 -19.94 38.28
NA NA FB . -7.52 1.08 41.24
NA NA GB . -17.81 6.16 16.60
S DMS HB . -16.56 -19.01 17.30
O DMS HB . -18.12 -19.26 18.14
C1 DMS HB . -16.65 -17.70 16.06
C2 DMS HB . -15.31 -18.34 18.44
S DMS IB . -27.60 10.28 24.77
O DMS IB . -26.62 8.99 25.50
C1 DMS IB . -28.44 11.18 26.10
C2 DMS IB . -26.58 11.64 24.15
S DMS JB . -28.89 -3.92 25.81
O DMS JB . -28.42 -3.37 24.17
C1 DMS JB . -27.52 -3.65 26.94
C2 DMS JB . -30.13 -2.76 26.45
S DMS KB . -17.49 -27.61 28.59
O DMS KB . -18.74 -27.54 29.86
C1 DMS KB . -16.51 -29.13 28.78
C2 DMS KB . -18.27 -27.83 26.97
S DMS LB . -16.18 -33.01 5.31
O DMS LB . -15.20 -32.09 6.49
C1 DMS LB . -17.94 -32.87 5.63
C2 DMS LB . -16.16 -32.11 3.72
S DMS MB . -6.72 20.82 33.49
O DMS MB . -7.11 21.34 35.17
C1 DMS MB . -5.57 19.41 33.52
C2 DMS MB . -8.24 20.14 32.74
S DMS NB . -14.23 -33.79 48.11
O DMS NB . -13.30 -32.27 48.43
C1 DMS NB . -15.12 -33.64 46.53
C2 DMS NB . -13.11 -35.19 47.76
S DMS OB . -11.38 -12.45 9.14
O DMS OB . -12.23 -13.41 10.40
C1 DMS OB . -12.57 -11.47 8.16
C2 DMS OB . -10.41 -11.11 9.91
S DMS PB . -21.08 -2.65 54.52
O DMS PB . -19.34 -2.71 54.87
C1 DMS PB . -21.64 -4.22 53.78
C2 DMS PB . -22.05 -2.65 56.06
S DMS QB . -8.80 -32.98 5.71
O DMS QB . -7.88 -32.98 7.24
C1 DMS QB . -7.74 -33.59 4.37
C2 DMS QB . -10.06 -34.29 5.68
S DMS RB . -33.29 3.73 35.16
O DMS RB . -34.28 5.19 34.76
C1 DMS RB . -31.74 4.25 35.93
C2 DMS RB . -34.06 2.84 36.55
S DMS SB . -20.40 -29.64 32.47
O DMS SB . -20.90 -29.60 34.20
C1 DMS SB . -21.08 -28.16 31.68
C2 DMS SB . -18.61 -29.36 32.39
S DMS TB . -23.52 -44.34 24.33
O DMS TB . -24.50 -42.85 24.53
C1 DMS TB . -24.67 -45.73 24.08
C2 DMS TB . -22.64 -44.28 22.74
#